data_7WOS
#
_entry.id   7WOS
#
_cell.length_a   1.00
_cell.length_b   1.00
_cell.length_c   1.00
_cell.angle_alpha   90.00
_cell.angle_beta   90.00
_cell.angle_gamma   90.00
#
_symmetry.space_group_name_H-M   'P 1'
#
loop_
_entity.id
_entity.type
_entity.pdbx_description
1 polymer 'Spike glycoprotein'
2 polymer '16L9 Fv'
3 polymer 'GW01 Fv'
4 non-polymer 2-acetamido-2-deoxy-beta-D-glucopyranose
#
loop_
_entity_poly.entity_id
_entity_poly.type
_entity_poly.pdbx_seq_one_letter_code
_entity_poly.pdbx_strand_id
1 'polypeptide(L)'
;MFVFLVLLPLVSSQCVNLTTRTQLPPAYTNSFTRGVYYPDKVFRSSVLHSTQDLFLPFFSNVTWFHVISGTNGTKRFDNP
VLPFNDGVYFASIEKSNIIRGWIFGTTLDSKTQSLLIVNNATNVVIKVCEFQFCNDPFLDHKNNKSWMESEFRVYSSANN
CTFEYVSQPFLMDLEGKQGNFKNLREFVFKNIDGYFKIYSKHTPIIVREPEDLPQGFSALEPLVDLPIGINITRFQTLLA
LHRSYLTPGDSSSGWTAGAAAYYVGYLQPRTFLLKYNENGTITDAVDCALDPLSETKCTLKSFTVEKGIYQTSNFRVQPT
ESIVRFPNITNLCPFDEVFNATRFASVYAWNRKRISNCVADYSVLYNLAPFFTFKCYGVSPTKLNDLCFTNVYADSFVIR
GDEVRQIAPGQTGNIADYNYKLPDDFTGCVIAWNSNKLDSKVSGNYNYLYRLFRKSNLKPFERDISTEIYQAGNKPCNGV
AGFNCYFPLRSYSFRPTYGVGHQPYRVVVLSFELLHAPATVCGPKKSTNLVKNKCVNFNFNGLKGTGVLTESNKKFLPFQ
QFGRDIADTTDAVRDPQTLEILDITPCSFGGVSVITPGTNTSNQVAVLYQGVNCTEVPVAIHADQLTPTWRVYSTGSNVF
QTRAGCLIGAEYVNNSYECDIPIGAGICASYQTQTKSHGSASSVASQSIIAYTMSLGAENSVAYSNNSIAIPTNFTISVT
TEILPVSMTKTSVDCTMYICGDSTECSNLLLQYGSFCTQLKRALTGIAVEQDKNTQEVFAQVKQIYKTPPIKYFGGFNFS
QILPDPSKPSKRSPIEDLLFNKVTLADAGFIKQYGDCLGDIAARDLICAQKFKGLTVLPPLLTDEMIAQYTSALLAGTIT
SGWTFGAGPALQIPFPMQMAYRFNGIGVTQNVLYENQKLIANQFNSAIGKIQDSLSSTPSALGKLQDVVNHNAQALNTLV
KQLSSKFGAISSVLNDIFSRLDPPEAEVQIDRLITGRLQSLQTYVTQQLIRAAEIRASANLAATKMSECVLGQSKRVDFC
GKGYHLMSFPQSAPHGVVFLHVTYVPAQEKNFTTAPAICHDGKAHFPREGVFVSNGTHWFVTQRNFYEPQIITTDNTFVS
GNCDVVIGIVNNTVYDPLQPELDSFKEELDKYFKNHTSPDVDLGDISGINASVVNIQKEIDRLNEVAKNLNESLIDLQEL
GKYEQGSGYIPEAPRDGQAYVRKDGEWVFLSTFLSGLEVLFQGPGGWSHPQFEKGGGSGGGSGGSAWSHPQFEKGGSHHH
HHHHH
;
A,B,C
2 'polypeptide(L)'
;QSVLTQPPSASGSPGQSVTISCTGTSSDFGGYNSVSWYQQHPGKAPKLMIYEVSKRPSGVPDRFSGSKSGNTASLTVSGL
QAEDEADYYCSSYAGSNNFDVFGTGTKVTVLGGGGSGGGGSGGGGSEVQLVESGGGLIQPGGSLRLSCAASGFTVSSNYM
SWVRQAPGKGLEWVSVIYSGGSTYYADSVKGRFTISRDNSENTLYLQMNSLRAEDTAVYYCARGEIQPYYYYGMDVWGQG
TTVTVSS
;
D,F
3 'polypeptide(L)'
;QSVLTQPPSASGTPGQRVTISCSGSSSNIGSNTVNWYQQLPGTAPKLLIYSNNQRPSGVPDRFSGSKSGTSASLAISGLQ
SEDEADYYCAAWDDSLNWVFGGGTKLTVLGGGGSGGGGSGGGGSEVQLVESGGGVVQPGGSLRLSCAASGFRFDDHAMHW
VRQAPGKGLEWVSVISGDGGSTYYADSVKGRFSISRDDSKNSLYLQMNSLRTEDTALYYCAKDRSYGPPDVFNYEYGMDV
WGQGTTVTVSS
;
E,G
#
loop_
_chem_comp.id
_chem_comp.type
_chem_comp.name
_chem_comp.formula
NAG D-saccharide, beta linking 2-acetamido-2-deoxy-beta-D-glucopyranose 'C8 H15 N O6'
#
# COMPACT_ATOMS: atom_id res chain seq x y z
N LEU A 24 5.76 63.60 -19.75
CA LEU A 24 6.79 62.60 -19.99
C LEU A 24 6.20 61.36 -20.65
N PRO A 25 6.23 61.32 -21.98
CA PRO A 25 5.69 60.16 -22.69
C PRO A 25 6.62 58.96 -22.59
N PRO A 26 6.14 57.84 -22.04
CA PRO A 26 6.98 56.64 -21.91
C PRO A 26 7.15 55.96 -23.25
N ALA A 27 8.40 55.86 -23.70
CA ALA A 27 8.72 55.21 -24.96
C ALA A 27 8.95 53.72 -24.73
N TYR A 28 9.46 53.02 -25.74
CA TYR A 28 9.71 51.59 -25.63
C TYR A 28 10.90 51.22 -26.50
N THR A 29 11.67 50.23 -26.03
CA THR A 29 12.84 49.72 -26.74
C THR A 29 12.67 48.22 -26.95
N ASN A 30 13.73 47.59 -27.46
CA ASN A 30 13.72 46.16 -27.75
C ASN A 30 14.68 45.41 -26.82
N SER A 31 14.43 44.12 -26.68
CA SER A 31 15.17 43.23 -25.78
C SER A 31 15.54 41.95 -26.50
N PHE A 32 16.18 42.08 -27.67
CA PHE A 32 16.43 40.98 -28.58
C PHE A 32 16.92 39.71 -27.87
N THR A 33 18.09 39.77 -27.25
CA THR A 33 18.69 38.61 -26.62
C THR A 33 19.32 38.98 -25.28
N ARG A 34 18.62 39.81 -24.50
CA ARG A 34 19.12 40.25 -23.20
C ARG A 34 18.05 40.01 -22.15
N GLY A 35 18.49 39.59 -20.96
CA GLY A 35 17.58 39.34 -19.86
C GLY A 35 17.60 37.91 -19.36
N VAL A 36 18.74 37.24 -19.53
CA VAL A 36 18.91 35.85 -19.12
C VAL A 36 19.95 35.81 -17.99
N TYR A 37 19.64 35.07 -16.94
CA TYR A 37 20.53 34.90 -15.80
C TYR A 37 20.63 33.43 -15.45
N TYR A 38 21.48 33.11 -14.48
CA TYR A 38 21.63 31.73 -14.04
C TYR A 38 20.48 31.35 -13.11
N PRO A 39 19.64 30.40 -13.48
CA PRO A 39 18.51 30.03 -12.61
C PRO A 39 18.96 29.33 -11.34
N ASP A 40 19.89 28.38 -11.47
CA ASP A 40 20.40 27.63 -10.34
C ASP A 40 21.92 27.77 -10.28
N LYS A 41 22.46 27.59 -9.08
CA LYS A 41 23.91 27.70 -8.86
C LYS A 41 24.55 26.32 -8.95
N VAL A 42 24.44 25.72 -10.14
CA VAL A 42 24.96 24.39 -10.41
C VAL A 42 25.85 24.45 -11.64
N PHE A 43 27.02 23.85 -11.56
CA PHE A 43 27.96 23.83 -12.67
C PHE A 43 27.50 22.85 -13.75
N ARG A 44 27.49 23.31 -15.00
CA ARG A 44 27.14 22.47 -16.14
C ARG A 44 28.08 22.80 -17.29
N SER A 45 28.50 21.77 -18.02
CA SER A 45 29.48 21.91 -19.09
C SER A 45 29.03 21.15 -20.32
N SER A 46 29.02 21.83 -21.46
CA SER A 46 28.73 21.22 -22.76
C SER A 46 27.37 20.52 -22.78
N VAL A 47 26.39 21.06 -22.06
CA VAL A 47 25.05 20.51 -22.03
C VAL A 47 24.04 21.61 -22.33
N LEU A 48 22.83 21.20 -22.68
CA LEU A 48 21.73 22.11 -22.98
C LEU A 48 20.67 21.90 -21.90
N HIS A 49 20.54 22.87 -21.00
CA HIS A 49 19.65 22.75 -19.85
C HIS A 49 18.36 23.51 -20.10
N SER A 50 17.22 22.84 -19.87
CA SER A 50 15.91 23.44 -20.02
C SER A 50 15.38 23.82 -18.64
N THR A 51 15.14 25.10 -18.42
CA THR A 51 14.67 25.61 -17.14
C THR A 51 13.34 26.34 -17.33
N GLN A 52 12.58 26.42 -16.24
CA GLN A 52 11.29 27.12 -16.21
C GLN A 52 11.28 28.02 -14.99
N ASP A 53 11.27 29.33 -15.21
CA ASP A 53 11.37 30.28 -14.11
C ASP A 53 11.01 31.67 -14.63
N LEU A 54 11.18 32.67 -13.76
CA LEU A 54 10.89 34.05 -14.13
C LEU A 54 12.04 34.61 -14.95
N PHE A 55 11.77 34.93 -16.22
CA PHE A 55 12.76 35.51 -17.11
C PHE A 55 12.11 36.64 -17.91
N LEU A 56 12.96 37.45 -18.52
CA LEU A 56 12.48 38.53 -19.37
C LEU A 56 12.24 38.01 -20.78
N PRO A 57 11.02 38.08 -21.30
CA PRO A 57 10.76 37.56 -22.65
C PRO A 57 11.52 38.35 -23.70
N PHE A 58 12.06 37.63 -24.69
CA PHE A 58 12.79 38.25 -25.77
C PHE A 58 11.85 39.09 -26.64
N PHE A 59 12.39 40.16 -27.22
CA PHE A 59 11.65 41.06 -28.09
C PHE A 59 10.41 41.62 -27.38
N SER A 60 10.65 42.21 -26.21
CA SER A 60 9.60 42.78 -25.38
C SER A 60 9.69 44.30 -25.40
N ASN A 61 8.74 44.94 -24.73
CA ASN A 61 8.68 46.39 -24.64
C ASN A 61 9.19 46.83 -23.27
N VAL A 62 10.29 47.58 -23.26
CA VAL A 62 10.91 48.08 -22.06
C VAL A 62 10.89 49.60 -22.11
N THR A 63 10.52 50.22 -20.98
CA THR A 63 10.39 51.67 -20.92
C THR A 63 11.74 52.34 -21.20
N TRP A 64 11.67 53.54 -21.78
CA TRP A 64 12.86 54.27 -22.19
C TRP A 64 13.00 55.56 -21.38
N PHE A 65 12.83 55.46 -20.06
CA PHE A 65 12.95 56.62 -19.18
C PHE A 65 14.31 57.28 -19.34
N HIS A 66 14.30 58.57 -19.66
CA HIS A 66 15.51 59.34 -19.89
C HIS A 66 15.75 60.26 -18.70
N VAL A 67 16.98 60.26 -18.19
CA VAL A 67 17.31 60.97 -16.95
C VAL A 67 18.00 62.29 -17.29
N ILE A 68 17.72 62.83 -18.48
CA ILE A 68 18.38 64.06 -18.90
C ILE A 68 17.93 65.22 -18.03
N PHE A 77 14.72 65.33 -15.76
CA PHE A 77 14.24 64.82 -14.49
C PHE A 77 13.20 63.72 -14.73
N ASP A 78 13.29 62.62 -13.97
CA ASP A 78 12.29 61.56 -14.04
C ASP A 78 12.44 60.66 -12.83
N ASN A 79 11.32 60.39 -12.14
CA ASN A 79 11.33 59.48 -11.00
C ASN A 79 9.92 58.97 -10.71
N PRO A 80 9.32 58.18 -11.59
CA PRO A 80 7.98 57.66 -11.33
C PRO A 80 8.03 56.41 -10.45
N VAL A 81 6.88 56.09 -9.87
CA VAL A 81 6.74 54.94 -8.98
C VAL A 81 6.17 53.80 -9.83
N LEU A 82 7.06 52.93 -10.29
CA LEU A 82 6.64 51.80 -11.10
C LEU A 82 6.36 50.58 -10.23
N PRO A 83 5.46 49.69 -10.66
CA PRO A 83 5.16 48.51 -9.86
C PRO A 83 6.33 47.52 -9.86
N PHE A 84 6.26 46.58 -8.92
CA PHE A 84 7.27 45.55 -8.70
C PHE A 84 6.60 44.19 -8.55
N ASN A 85 5.72 43.86 -9.51
CA ASN A 85 4.93 42.63 -9.44
C ASN A 85 5.82 41.41 -9.22
N ASP A 86 6.72 41.14 -10.15
CA ASP A 86 7.64 40.01 -10.01
C ASP A 86 8.89 40.30 -10.84
N GLY A 87 9.94 40.77 -10.18
CA GLY A 87 11.23 40.96 -10.82
C GLY A 87 11.29 42.14 -11.77
N VAL A 88 12.49 42.72 -11.92
CA VAL A 88 12.74 43.80 -12.87
C VAL A 88 14.09 43.57 -13.51
N TYR A 89 14.36 44.33 -14.57
CA TYR A 89 15.56 44.27 -15.38
C TYR A 89 16.22 45.63 -15.45
N PHE A 90 16.45 46.23 -14.28
CA PHE A 90 16.82 47.64 -14.20
C PHE A 90 18.17 47.88 -14.87
N ALA A 91 18.18 48.75 -15.88
CA ALA A 91 19.41 49.19 -16.51
C ALA A 91 19.86 50.50 -15.88
N SER A 92 21.17 50.66 -15.75
CA SER A 92 21.77 51.81 -15.07
C SER A 92 22.82 52.46 -15.95
N ILE A 93 22.46 52.73 -17.20
CA ILE A 93 23.36 53.41 -18.13
C ILE A 93 23.66 54.81 -17.61
N GLU A 94 24.91 55.04 -17.22
CA GLU A 94 25.33 56.32 -16.67
C GLU A 94 26.72 56.63 -17.22
N LYS A 95 27.35 57.67 -16.68
CA LYS A 95 28.71 58.01 -17.06
C LYS A 95 29.69 57.83 -15.91
N SER A 96 29.50 58.54 -14.79
CA SER A 96 30.34 58.35 -13.62
C SER A 96 29.55 57.91 -12.39
N ASN A 97 28.56 58.70 -11.94
CA ASN A 97 27.88 58.42 -10.68
C ASN A 97 26.40 58.80 -10.73
N ILE A 98 25.76 58.68 -11.89
CA ILE A 98 24.41 59.20 -12.06
C ILE A 98 23.40 58.35 -11.28
N ILE A 99 23.47 57.03 -11.47
CA ILE A 99 22.54 56.10 -10.82
C ILE A 99 23.33 55.31 -9.79
N ARG A 100 23.06 55.56 -8.51
CA ARG A 100 23.79 54.91 -7.42
C ARG A 100 22.85 54.48 -6.29
N GLY A 101 21.73 53.88 -6.65
CA GLY A 101 20.84 53.36 -5.62
C GLY A 101 19.44 53.15 -6.12
N TRP A 102 18.71 52.31 -5.39
CA TRP A 102 17.30 52.03 -5.65
C TRP A 102 16.57 51.92 -4.32
N ILE A 103 15.25 51.80 -4.39
CA ILE A 103 14.43 51.63 -3.19
C ILE A 103 13.23 50.78 -3.56
N PHE A 104 12.72 50.03 -2.59
CA PHE A 104 11.58 49.16 -2.80
C PHE A 104 10.56 49.37 -1.69
N GLY A 105 9.36 48.87 -1.90
CA GLY A 105 8.32 48.97 -0.90
C GLY A 105 6.95 48.81 -1.50
N THR A 106 5.99 48.42 -0.64
CA THR A 106 4.61 48.23 -1.05
C THR A 106 3.67 49.32 -0.56
N THR A 107 4.01 50.01 0.53
CA THR A 107 3.19 51.08 1.07
C THR A 107 3.87 52.44 1.01
N LEU A 108 5.13 52.52 1.43
CA LEU A 108 5.91 53.76 1.42
C LEU A 108 5.25 54.86 2.24
N ASP A 109 4.51 54.47 3.28
CA ASP A 109 3.85 55.43 4.17
C ASP A 109 4.05 55.01 5.63
N SER A 110 5.28 54.62 5.97
CA SER A 110 5.65 54.21 7.33
C SER A 110 4.78 53.05 7.81
N LYS A 111 4.43 52.16 6.88
CA LYS A 111 3.61 50.98 7.19
C LYS A 111 4.39 49.68 7.05
N THR A 112 5.22 49.55 6.02
CA THR A 112 6.02 48.36 5.78
C THR A 112 7.49 48.74 5.70
N GLN A 113 8.35 47.73 5.77
CA GLN A 113 9.79 47.96 5.72
C GLN A 113 10.23 48.29 4.30
N SER A 114 11.27 49.13 4.21
CA SER A 114 11.83 49.54 2.93
C SER A 114 13.13 48.79 2.66
N LEU A 115 13.74 49.09 1.50
CA LEU A 115 14.99 48.46 1.11
C LEU A 115 15.79 49.47 0.29
N LEU A 116 16.71 50.18 0.94
CA LEU A 116 17.57 51.13 0.26
C LEU A 116 18.84 50.42 -0.20
N ILE A 117 19.19 50.63 -1.48
CA ILE A 117 20.32 49.95 -2.10
C ILE A 117 21.32 50.99 -2.59
N VAL A 118 21.45 52.09 -1.83
CA VAL A 118 22.33 53.19 -2.19
C VAL A 118 23.73 52.68 -2.48
N ASN A 119 24.42 53.31 -3.43
CA ASN A 119 25.73 52.88 -3.91
C ASN A 119 26.72 54.03 -3.82
N ASN A 120 26.78 54.68 -2.66
CA ASN A 120 27.68 55.81 -2.47
C ASN A 120 29.13 55.33 -2.41
N ALA A 121 30.03 56.27 -2.14
CA ALA A 121 31.46 55.99 -2.15
C ALA A 121 31.80 54.90 -1.14
N THR A 122 32.30 53.77 -1.66
CA THR A 122 32.72 52.59 -0.88
C THR A 122 31.79 52.32 0.31
N ASN A 123 30.49 52.35 0.05
CA ASN A 123 29.50 51.95 1.04
C ASN A 123 28.24 51.51 0.33
N VAL A 124 27.80 50.28 0.61
CA VAL A 124 26.61 49.73 -0.02
C VAL A 124 25.68 49.21 1.08
N VAL A 125 25.77 49.82 2.25
CA VAL A 125 25.02 49.37 3.42
C VAL A 125 23.53 49.39 3.10
N ILE A 126 22.89 48.23 3.14
CA ILE A 126 21.46 48.10 2.89
C ILE A 126 20.73 48.15 4.22
N LYS A 127 19.63 48.89 4.25
CA LYS A 127 18.80 49.02 5.44
C LYS A 127 17.39 48.53 5.14
N VAL A 128 16.82 47.78 6.07
CA VAL A 128 15.50 47.19 5.90
C VAL A 128 14.56 47.79 6.95
N CYS A 129 14.79 49.05 7.30
CA CYS A 129 13.98 49.71 8.31
C CYS A 129 12.61 50.08 7.73
N GLU A 130 11.73 50.58 8.58
CA GLU A 130 10.38 50.98 8.20
C GLU A 130 10.22 52.47 8.47
N PHE A 131 10.05 53.24 7.40
CA PHE A 131 9.95 54.69 7.52
C PHE A 131 9.41 55.26 6.22
N GLN A 132 8.72 56.40 6.34
CA GLN A 132 8.25 57.16 5.18
C GLN A 132 9.26 58.28 4.94
N PHE A 133 10.18 58.05 4.01
CA PHE A 133 11.27 58.99 3.76
C PHE A 133 10.76 60.35 3.28
N CYS A 134 10.18 60.38 2.09
CA CYS A 134 9.67 61.61 1.49
C CYS A 134 8.90 61.23 0.23
N ASN A 135 8.45 62.25 -0.50
CA ASN A 135 7.76 62.06 -1.76
C ASN A 135 8.70 62.15 -2.97
N ASP A 136 9.98 62.45 -2.75
CA ASP A 136 10.96 62.55 -3.82
C ASP A 136 12.36 62.30 -3.27
N PRO A 137 12.79 61.04 -3.20
CA PRO A 137 14.10 60.75 -2.62
C PRO A 137 15.26 61.15 -3.55
N PHE A 138 15.60 62.43 -3.55
CA PHE A 138 16.70 62.93 -4.35
C PHE A 138 18.01 62.81 -3.58
N LEU A 139 19.08 62.52 -4.31
CA LEU A 139 20.40 62.37 -3.70
C LEU A 139 21.50 62.68 -4.70
N GLU A 151 24.13 61.29 1.64
CA GLU A 151 23.76 62.13 2.78
C GLU A 151 22.46 61.65 3.42
N PHE A 152 22.02 62.35 4.45
CA PHE A 152 20.80 62.01 5.17
C PHE A 152 19.55 62.67 4.59
N ARG A 153 19.65 63.24 3.38
CA ARG A 153 18.49 63.86 2.75
C ARG A 153 17.53 62.84 2.14
N VAL A 154 17.89 61.57 2.13
CA VAL A 154 17.00 60.54 1.57
C VAL A 154 15.81 60.32 2.50
N TYR A 155 16.09 59.94 3.74
CA TYR A 155 15.05 59.66 4.73
C TYR A 155 14.96 60.82 5.73
N SER A 156 13.96 60.74 6.61
CA SER A 156 13.74 61.77 7.61
C SER A 156 13.43 61.21 9.00
N SER A 157 13.34 59.90 9.16
CA SER A 157 13.04 59.30 10.45
C SER A 157 13.60 57.89 10.48
N ALA A 158 13.40 57.20 11.60
CA ALA A 158 13.87 55.84 11.78
C ALA A 158 12.87 55.08 12.64
N ASN A 159 13.09 53.77 12.74
CA ASN A 159 12.23 52.89 13.53
C ASN A 159 13.03 51.66 13.91
N ASN A 160 12.35 50.62 14.37
CA ASN A 160 12.98 49.36 14.76
C ASN A 160 13.39 48.60 13.51
N CYS A 161 14.60 48.87 13.03
CA CYS A 161 15.10 48.19 11.84
C CYS A 161 15.38 46.73 12.15
N THR A 162 14.75 45.84 11.38
CA THR A 162 14.86 44.40 11.64
C THR A 162 16.07 43.75 10.98
N PHE A 163 16.70 44.41 10.02
CA PHE A 163 17.83 43.83 9.32
C PHE A 163 18.66 44.94 8.68
N GLU A 164 19.96 44.70 8.59
CA GLU A 164 20.87 45.65 7.94
C GLU A 164 22.10 44.89 7.49
N TYR A 165 22.53 45.13 6.26
CA TYR A 165 23.70 44.48 5.68
C TYR A 165 24.87 45.46 5.63
N VAL A 166 26.06 44.97 6.00
CA VAL A 166 27.24 45.82 6.13
C VAL A 166 28.35 45.35 5.20
N SER A 167 27.97 44.79 4.05
CA SER A 167 28.95 44.29 3.10
C SER A 167 29.88 45.41 2.65
N GLN A 168 31.19 45.15 2.70
CA GLN A 168 32.16 46.18 2.33
C GLN A 168 32.22 46.42 0.82
N PRO A 169 32.34 45.40 -0.04
CA PRO A 169 32.40 45.68 -1.48
C PRO A 169 31.10 46.26 -1.99
N PHE A 170 31.19 47.43 -2.61
CA PHE A 170 29.99 48.10 -3.13
C PHE A 170 29.42 47.33 -4.31
N LEU A 171 28.09 47.31 -4.39
CA LEU A 171 27.38 46.61 -5.46
C LEU A 171 27.15 47.59 -6.61
N MET A 172 28.22 47.80 -7.37
CA MET A 172 28.17 48.72 -8.51
C MET A 172 29.26 48.40 -9.53
N GLN A 178 37.61 57.31 -22.27
CA GLN A 178 37.54 56.79 -23.63
C GLN A 178 36.70 57.71 -24.53
N GLY A 179 36.75 57.46 -25.84
CA GLY A 179 36.01 58.29 -26.76
C GLY A 179 34.57 57.83 -26.93
N ASN A 180 34.37 56.54 -27.21
CA ASN A 180 33.04 56.00 -27.45
C ASN A 180 32.76 54.75 -26.63
N PHE A 181 33.58 54.44 -25.62
CA PHE A 181 33.39 53.26 -24.79
C PHE A 181 32.65 53.66 -23.52
N LYS A 182 31.34 53.46 -23.51
CA LYS A 182 30.52 53.72 -22.34
C LYS A 182 30.45 52.45 -21.50
N ASN A 183 29.56 52.42 -20.51
CA ASN A 183 29.41 51.29 -19.61
C ASN A 183 27.93 50.95 -19.45
N LEU A 184 27.56 49.75 -19.86
CA LEU A 184 26.20 49.25 -19.69
C LEU A 184 26.17 48.28 -18.53
N ARG A 185 25.32 48.56 -17.54
CA ARG A 185 25.19 47.72 -16.36
C ARG A 185 23.72 47.42 -16.12
N GLU A 186 23.40 46.15 -15.92
CA GLU A 186 22.04 45.70 -15.72
C GLU A 186 21.93 44.89 -14.44
N PHE A 187 20.75 44.95 -13.82
CA PHE A 187 20.49 44.30 -12.55
C PHE A 187 19.12 43.63 -12.62
N VAL A 188 19.11 42.31 -12.49
CA VAL A 188 17.88 41.52 -12.47
C VAL A 188 17.46 41.30 -11.04
N PHE A 189 16.23 41.67 -10.71
CA PHE A 189 15.70 41.54 -9.36
C PHE A 189 14.46 40.65 -9.37
N LYS A 190 14.25 39.94 -8.27
CA LYS A 190 13.09 39.07 -8.09
C LYS A 190 12.53 39.28 -6.70
N ASN A 191 11.37 38.68 -6.46
CA ASN A 191 10.65 38.79 -5.20
C ASN A 191 10.46 37.42 -4.55
N ILE A 192 11.52 36.62 -4.53
CA ILE A 192 11.45 35.30 -3.91
C ILE A 192 11.32 35.45 -2.40
N ASP A 193 10.50 34.60 -1.79
CA ASP A 193 10.30 34.66 -0.34
C ASP A 193 11.58 34.36 0.42
N GLY A 194 12.45 33.52 -0.14
CA GLY A 194 13.70 33.18 0.51
C GLY A 194 14.68 34.33 0.54
N TYR A 195 15.14 34.77 -0.62
CA TYR A 195 16.09 35.87 -0.73
C TYR A 195 15.63 36.82 -1.83
N PHE A 196 16.34 37.95 -1.93
CA PHE A 196 15.98 38.96 -2.92
C PHE A 196 16.51 38.62 -4.31
N LYS A 197 17.53 37.77 -4.41
CA LYS A 197 18.08 37.31 -5.69
C LYS A 197 18.57 38.50 -6.52
N ILE A 198 19.59 39.18 -6.00
CA ILE A 198 20.16 40.34 -6.68
C ILE A 198 21.16 39.86 -7.71
N TYR A 199 20.88 40.15 -8.98
CA TYR A 199 21.78 39.86 -10.08
C TYR A 199 22.38 41.15 -10.62
N SER A 200 23.54 41.04 -11.27
CA SER A 200 24.23 42.20 -11.78
C SER A 200 25.18 41.79 -12.90
N LYS A 201 25.37 42.69 -13.86
CA LYS A 201 26.36 42.47 -14.92
C LYS A 201 26.70 43.81 -15.56
N HIS A 202 27.98 44.12 -15.61
CA HIS A 202 28.49 45.36 -16.19
C HIS A 202 29.48 45.03 -17.31
N THR A 203 29.41 45.81 -18.39
CA THR A 203 30.30 45.58 -19.53
C THR A 203 30.43 46.87 -20.32
N PRO A 204 31.59 47.14 -20.92
CA PRO A 204 31.73 48.34 -21.75
C PRO A 204 31.25 48.09 -23.17
N ILE A 205 30.55 49.08 -23.72
CA ILE A 205 30.05 48.99 -25.10
C ILE A 205 31.18 49.38 -26.05
N ILE A 206 31.00 49.10 -27.34
CA ILE A 206 32.03 49.35 -28.33
C ILE A 206 31.69 50.57 -29.17
N VAL A 207 30.47 50.59 -29.73
CA VAL A 207 30.07 51.63 -30.66
C VAL A 207 29.36 52.74 -29.89
N ARG A 208 29.26 53.91 -30.52
CA ARG A 208 28.64 55.09 -29.92
C ARG A 208 27.22 55.31 -30.46
N GLU A 209 26.47 54.24 -30.69
CA GLU A 209 25.10 54.36 -31.14
C GLU A 209 24.25 55.06 -30.07
N PRO A 210 23.10 55.60 -30.45
CA PRO A 210 22.22 56.23 -29.46
C PRO A 210 21.78 55.24 -28.39
N GLU A 211 21.26 55.79 -27.30
CA GLU A 211 20.90 54.98 -26.13
C GLU A 211 19.87 53.92 -26.51
N ASP A 212 20.29 52.66 -26.46
CA ASP A 212 19.46 51.51 -26.78
C ASP A 212 20.20 50.25 -26.37
N LEU A 213 19.45 49.21 -26.05
CA LEU A 213 20.04 47.94 -25.65
C LEU A 213 20.80 47.33 -26.83
N PRO A 214 22.09 47.09 -26.72
CA PRO A 214 22.85 46.55 -27.85
C PRO A 214 22.51 45.09 -28.11
N GLN A 215 23.03 44.58 -29.22
CA GLN A 215 22.81 43.21 -29.64
C GLN A 215 23.90 42.33 -29.06
N GLY A 216 23.52 41.36 -28.23
CA GLY A 216 24.46 40.46 -27.62
C GLY A 216 23.86 39.75 -26.44
N PHE A 217 24.52 38.66 -26.05
CA PHE A 217 24.10 37.83 -24.93
C PHE A 217 25.07 37.98 -23.77
N SER A 218 24.53 38.15 -22.57
CA SER A 218 25.38 38.30 -21.38
C SER A 218 24.56 37.86 -20.17
N ALA A 219 24.95 36.75 -19.55
CA ALA A 219 24.24 36.26 -18.38
C ALA A 219 24.59 37.11 -17.15
N LEU A 220 23.84 36.88 -16.07
CA LEU A 220 24.05 37.59 -14.82
C LEU A 220 24.19 36.59 -13.68
N GLU A 221 25.18 36.83 -12.82
CA GLU A 221 25.46 35.97 -11.69
C GLU A 221 25.02 36.64 -10.38
N PRO A 222 24.57 35.86 -9.40
CA PRO A 222 24.17 36.45 -8.11
C PRO A 222 25.37 37.02 -7.36
N LEU A 223 25.10 38.07 -6.59
CA LEU A 223 26.12 38.71 -5.76
C LEU A 223 25.82 38.56 -4.29
N VAL A 224 24.63 38.98 -3.85
CA VAL A 224 24.23 38.89 -2.45
C VAL A 224 22.82 38.31 -2.37
N ASP A 225 22.50 37.74 -1.22
CA ASP A 225 21.20 37.14 -0.96
C ASP A 225 20.72 37.61 0.41
N LEU A 226 19.75 38.53 0.43
CA LEU A 226 19.23 39.05 1.68
C LEU A 226 18.24 38.08 2.28
N PRO A 227 18.48 37.55 3.48
CA PRO A 227 17.54 36.60 4.08
C PRO A 227 16.30 37.24 4.68
N ILE A 228 16.16 38.55 4.60
CA ILE A 228 15.00 39.23 5.17
C ILE A 228 13.86 39.17 4.16
N GLY A 229 12.67 38.78 4.63
CA GLY A 229 11.50 38.68 3.79
C GLY A 229 10.53 39.82 4.05
N ILE A 230 10.04 40.42 2.97
CA ILE A 230 9.10 41.53 3.06
C ILE A 230 8.36 41.62 1.74
N ASN A 231 7.04 41.85 1.82
CA ASN A 231 6.23 41.99 0.63
C ASN A 231 6.52 43.33 -0.05
N ILE A 232 6.82 43.27 -1.35
CA ILE A 232 7.17 44.45 -2.13
C ILE A 232 6.33 44.46 -3.40
N THR A 233 5.67 45.59 -3.67
CA THR A 233 4.87 45.74 -4.88
C THR A 233 5.31 46.90 -5.76
N ARG A 234 6.13 47.82 -5.26
CA ARG A 234 6.59 48.95 -6.05
C ARG A 234 8.04 49.24 -5.74
N PHE A 235 8.68 50.01 -6.63
CA PHE A 235 10.07 50.40 -6.46
C PHE A 235 10.24 51.83 -6.95
N GLN A 236 11.43 52.37 -6.72
CA GLN A 236 11.74 53.76 -7.04
C GLN A 236 13.24 53.89 -7.27
N THR A 237 13.61 54.45 -8.41
CA THR A 237 15.02 54.68 -8.69
C THR A 237 15.55 55.84 -7.86
N LEU A 238 16.82 55.74 -7.47
CA LEU A 238 17.50 56.77 -6.68
C LEU A 238 18.67 57.29 -7.50
N LEU A 239 18.48 58.43 -8.14
CA LEU A 239 19.49 59.05 -8.99
C LEU A 239 20.14 60.22 -8.28
N ALA A 240 21.40 60.46 -8.61
CA ALA A 240 22.14 61.58 -8.05
C ALA A 240 21.74 62.87 -8.76
N LEU A 241 21.32 63.87 -7.99
CA LEU A 241 20.89 65.15 -8.55
C LEU A 241 22.03 65.82 -9.29
N HIS A 242 23.07 66.23 -8.54
CA HIS A 242 24.30 66.79 -9.11
C HIS A 242 24.01 67.90 -10.11
N ARG A 243 23.22 68.88 -9.67
CA ARG A 243 22.91 70.02 -10.53
C ARG A 243 24.08 71.01 -10.57
N SER A 244 24.53 71.45 -9.39
CA SER A 244 25.64 72.39 -9.27
C SER A 244 25.38 73.68 -10.06
N GLY A 258 20.93 62.85 -24.10
CA GLY A 258 21.05 63.79 -23.00
C GLY A 258 22.18 63.45 -22.05
N ALA A 259 21.83 63.02 -20.84
CA ALA A 259 22.81 62.66 -19.82
C ALA A 259 22.80 61.18 -19.50
N ALA A 260 21.64 60.62 -19.15
CA ALA A 260 21.54 59.20 -18.84
C ALA A 260 20.11 58.74 -19.07
N ALA A 261 19.94 57.43 -19.16
CA ALA A 261 18.63 56.82 -19.35
C ALA A 261 18.64 55.44 -18.71
N TYR A 262 17.56 55.12 -18.00
CA TYR A 262 17.44 53.84 -17.32
C TYR A 262 16.23 53.08 -17.86
N TYR A 263 16.42 51.77 -18.07
CA TYR A 263 15.38 50.91 -18.59
C TYR A 263 14.83 50.03 -17.47
N VAL A 264 13.53 49.77 -17.54
CA VAL A 264 12.83 48.99 -16.52
C VAL A 264 11.93 47.98 -17.20
N GLY A 265 12.14 46.69 -16.92
CA GLY A 265 11.35 45.62 -17.47
C GLY A 265 10.56 44.88 -16.40
N TYR A 266 9.89 43.83 -16.86
CA TYR A 266 9.09 42.98 -15.98
C TYR A 266 9.29 41.52 -16.37
N LEU A 267 9.61 40.70 -15.39
CA LEU A 267 9.82 39.27 -15.63
C LEU A 267 8.49 38.54 -15.74
N GLN A 268 8.53 37.41 -16.43
CA GLN A 268 7.35 36.57 -16.64
C GLN A 268 7.77 35.11 -16.52
N PRO A 269 6.85 34.23 -16.09
CA PRO A 269 7.16 32.80 -16.04
C PRO A 269 7.33 32.21 -17.43
N ARG A 270 8.55 31.84 -17.80
CA ARG A 270 8.83 31.32 -19.12
C ARG A 270 9.80 30.14 -19.01
N THR A 271 9.87 29.37 -20.08
CA THR A 271 10.78 28.24 -20.21
C THR A 271 11.87 28.62 -21.22
N PHE A 272 13.11 28.35 -20.86
CA PHE A 272 14.25 28.64 -21.72
C PHE A 272 15.19 27.44 -21.80
N LEU A 273 15.99 27.41 -22.85
CA LEU A 273 17.00 26.38 -23.07
C LEU A 273 18.35 27.08 -23.17
N LEU A 274 19.20 26.86 -22.18
CA LEU A 274 20.50 27.52 -22.09
C LEU A 274 21.60 26.54 -22.50
N LYS A 275 22.53 27.01 -23.32
CA LYS A 275 23.67 26.21 -23.74
C LYS A 275 24.89 26.61 -22.90
N TYR A 276 25.38 25.67 -22.10
CA TYR A 276 26.57 25.90 -21.30
C TYR A 276 27.83 25.56 -22.08
N ASN A 277 28.87 26.35 -21.87
CA ASN A 277 30.14 26.14 -22.56
C ASN A 277 30.98 25.12 -21.79
N GLU A 278 32.15 24.80 -22.34
CA GLU A 278 33.06 23.87 -21.66
C GLU A 278 33.64 24.49 -20.39
N ASN A 279 33.71 25.82 -20.33
CA ASN A 279 34.19 26.49 -19.12
C ASN A 279 33.12 26.57 -18.04
N GLY A 280 31.85 26.57 -18.41
CA GLY A 280 30.77 26.61 -17.45
C GLY A 280 29.90 27.84 -17.56
N THR A 281 30.07 28.60 -18.64
CA THR A 281 29.31 29.81 -18.87
C THR A 281 28.23 29.56 -19.91
N ILE A 282 27.19 30.40 -19.88
CA ILE A 282 26.06 30.28 -20.79
C ILE A 282 26.40 31.06 -22.05
N THR A 283 26.60 30.36 -23.16
CA THR A 283 26.92 31.02 -24.42
C THR A 283 25.68 31.64 -25.04
N ASP A 284 24.58 30.89 -25.13
CA ASP A 284 23.37 31.39 -25.75
C ASP A 284 22.17 30.70 -25.13
N ALA A 285 20.99 31.19 -25.49
CA ALA A 285 19.74 30.70 -24.95
C ALA A 285 18.66 30.79 -26.01
N VAL A 286 17.67 29.90 -25.90
CA VAL A 286 16.53 29.86 -26.81
C VAL A 286 15.25 29.90 -25.98
N ASP A 287 14.27 30.67 -26.46
CA ASP A 287 13.00 30.82 -25.78
C ASP A 287 12.07 29.66 -26.10
N CYS A 288 10.85 29.82 -25.66
CA CYS A 288 9.95 28.79 -25.85
C CYS A 288 8.66 29.34 -26.27
N ALA A 289 8.59 30.62 -26.54
CA ALA A 289 7.28 31.13 -26.83
C ALA A 289 7.24 32.13 -27.96
N LEU A 290 8.39 32.58 -28.38
CA LEU A 290 8.43 33.48 -29.46
C LEU A 290 8.08 32.73 -30.71
N ASP A 291 8.98 32.71 -31.65
CA ASP A 291 8.69 32.08 -32.92
C ASP A 291 8.36 30.65 -32.77
N PRO A 292 7.81 30.07 -33.81
CA PRO A 292 7.58 28.66 -33.71
C PRO A 292 8.88 27.93 -33.63
N LEU A 293 9.98 28.48 -34.08
CA LEU A 293 11.20 27.73 -33.93
C LEU A 293 11.54 27.70 -32.47
N SER A 294 11.71 28.83 -31.83
CA SER A 294 11.91 28.73 -30.40
C SER A 294 11.03 27.65 -29.79
N GLU A 295 9.82 27.46 -30.34
CA GLU A 295 8.94 26.41 -29.82
C GLU A 295 9.51 25.02 -30.09
N THR A 296 10.05 24.81 -31.29
CA THR A 296 10.68 23.54 -31.62
C THR A 296 11.90 23.29 -30.75
N LYS A 297 12.72 24.32 -30.52
CA LYS A 297 13.88 24.13 -29.66
C LYS A 297 13.51 24.03 -28.18
N CYS A 298 12.28 24.43 -27.81
CA CYS A 298 11.81 24.23 -26.45
C CYS A 298 11.30 22.81 -26.26
N THR A 299 10.52 22.30 -27.22
CA THR A 299 10.01 20.94 -27.12
C THR A 299 11.05 19.88 -27.47
N LEU A 300 12.09 20.25 -28.19
CA LEU A 300 13.19 19.35 -28.54
C LEU A 300 14.50 19.99 -28.13
N LYS A 301 15.24 19.33 -27.24
CA LYS A 301 16.48 19.88 -26.72
C LYS A 301 17.54 19.86 -27.82
N SER A 302 17.73 21.00 -28.46
CA SER A 302 18.71 21.15 -29.53
C SER A 302 18.85 22.63 -29.85
N PHE A 303 19.89 22.95 -30.62
CA PHE A 303 20.13 24.32 -31.06
C PHE A 303 20.15 24.48 -32.57
N THR A 304 20.22 23.38 -33.33
CA THR A 304 20.21 23.42 -34.79
C THR A 304 19.29 22.29 -35.26
N VAL A 305 18.02 22.61 -35.48
CA VAL A 305 17.06 21.58 -35.89
C VAL A 305 17.35 21.12 -37.31
N GLU A 306 16.91 19.90 -37.62
CA GLU A 306 17.08 19.34 -38.94
C GLU A 306 15.87 19.67 -39.82
N LYS A 307 16.03 19.41 -41.11
CA LYS A 307 14.96 19.69 -42.07
C LYS A 307 13.84 18.68 -41.91
N GLY A 308 12.63 19.18 -41.70
CA GLY A 308 11.48 18.31 -41.58
C GLY A 308 10.37 18.95 -40.77
N ILE A 309 9.39 18.13 -40.43
CA ILE A 309 8.22 18.54 -39.67
C ILE A 309 8.28 17.92 -38.28
N TYR A 310 7.97 18.70 -37.26
CA TYR A 310 8.05 18.25 -35.88
C TYR A 310 6.80 18.69 -35.12
N GLN A 311 6.36 17.84 -34.20
CA GLN A 311 5.23 18.15 -33.32
C GLN A 311 5.75 18.90 -32.10
N THR A 312 5.07 20.00 -31.76
CA THR A 312 5.49 20.85 -30.66
C THR A 312 4.48 20.86 -29.52
N SER A 313 3.23 21.21 -29.80
CA SER A 313 2.22 21.31 -28.76
C SER A 313 0.86 20.98 -29.38
N ASN A 314 -0.22 21.32 -28.68
CA ASN A 314 -1.58 21.04 -29.13
C ASN A 314 -2.35 22.35 -29.19
N PHE A 315 -3.04 22.57 -30.30
CA PHE A 315 -3.82 23.79 -30.49
C PHE A 315 -5.12 23.70 -29.69
N ARG A 316 -5.48 24.79 -29.02
CA ARG A 316 -6.71 24.85 -28.24
C ARG A 316 -7.13 26.30 -28.09
N VAL A 317 -8.42 26.57 -28.27
CA VAL A 317 -8.97 27.91 -28.13
C VAL A 317 -9.57 28.05 -26.74
N GLN A 318 -9.21 29.13 -26.05
CA GLN A 318 -9.76 29.31 -24.71
C GLN A 318 -11.06 30.12 -24.78
N PRO A 319 -12.05 29.75 -23.97
CA PRO A 319 -13.32 30.49 -23.97
C PRO A 319 -13.15 31.91 -23.46
N THR A 320 -14.18 32.72 -23.74
CA THR A 320 -14.17 34.12 -23.32
C THR A 320 -15.51 34.56 -22.74
N GLU A 321 -16.35 33.62 -22.31
CA GLU A 321 -17.64 33.97 -21.74
C GLU A 321 -18.09 32.83 -20.84
N SER A 322 -19.09 33.10 -20.00
CA SER A 322 -19.61 32.14 -19.04
C SER A 322 -21.12 32.14 -19.11
N ILE A 323 -21.70 31.02 -19.53
CA ILE A 323 -23.14 30.85 -19.62
C ILE A 323 -23.61 30.11 -18.37
N VAL A 324 -24.40 30.79 -17.55
CA VAL A 324 -24.85 30.24 -16.28
C VAL A 324 -26.37 30.22 -16.23
N ARG A 325 -27.00 30.00 -17.39
CA ARG A 325 -28.45 30.02 -17.49
C ARG A 325 -29.08 29.01 -16.54
N PHE A 326 -29.91 29.49 -15.64
CA PHE A 326 -30.63 28.70 -14.65
C PHE A 326 -32.13 28.77 -14.93
N PRO A 327 -32.91 27.86 -14.32
CA PRO A 327 -34.37 27.91 -14.51
C PRO A 327 -34.95 29.26 -14.09
N ASN A 328 -35.96 29.69 -14.83
CA ASN A 328 -36.56 31.01 -14.65
C ASN A 328 -37.34 31.03 -13.34
N ILE A 329 -36.85 31.80 -12.37
CA ILE A 329 -37.53 31.98 -11.09
C ILE A 329 -36.98 33.24 -10.45
N THR A 330 -37.85 33.96 -9.72
CA THR A 330 -37.46 35.24 -9.15
C THR A 330 -37.76 35.33 -7.66
N ASN A 331 -38.77 34.60 -7.20
CA ASN A 331 -39.18 34.69 -5.80
C ASN A 331 -38.13 34.08 -4.89
N LEU A 332 -38.21 34.43 -3.61
CA LEU A 332 -37.28 33.96 -2.60
C LEU A 332 -37.99 33.04 -1.63
N CYS A 333 -37.34 31.94 -1.28
CA CYS A 333 -37.89 31.00 -0.31
C CYS A 333 -38.03 31.66 1.04
N PRO A 334 -39.24 31.73 1.60
CA PRO A 334 -39.41 32.38 2.92
C PRO A 334 -38.82 31.51 4.02
N PHE A 335 -38.08 32.15 4.93
CA PHE A 335 -37.46 31.46 6.04
C PHE A 335 -38.27 31.55 7.33
N ASP A 336 -39.56 31.91 7.23
CA ASP A 336 -40.40 31.98 8.42
C ASP A 336 -40.98 30.62 8.78
N GLU A 337 -41.29 29.79 7.80
CA GLU A 337 -41.84 28.45 8.04
C GLU A 337 -40.74 27.40 8.19
N VAL A 338 -39.54 27.80 8.56
CA VAL A 338 -38.40 26.89 8.70
C VAL A 338 -37.91 26.98 10.14
N PHE A 339 -36.81 26.29 10.44
CA PHE A 339 -36.28 26.24 11.81
C PHE A 339 -36.06 27.63 12.40
N ASN A 340 -35.85 28.64 11.56
CA ASN A 340 -35.71 30.02 12.02
C ASN A 340 -37.08 30.58 12.38
N ALA A 341 -37.62 30.05 13.47
CA ALA A 341 -38.94 30.44 13.95
C ALA A 341 -39.04 30.07 15.43
N THR A 342 -40.25 30.21 15.98
CA THR A 342 -40.50 29.90 17.38
C THR A 342 -41.02 28.48 17.56
N ARG A 343 -42.11 28.14 16.89
CA ARG A 343 -42.70 26.81 17.02
C ARG A 343 -41.85 25.78 16.29
N PHE A 344 -41.39 24.78 17.02
CA PHE A 344 -40.55 23.71 16.48
C PHE A 344 -41.30 22.39 16.57
N ALA A 345 -40.67 21.34 16.04
CA ALA A 345 -41.24 20.00 16.03
C ALA A 345 -40.35 19.05 16.82
N SER A 346 -40.81 17.81 16.95
CA SER A 346 -40.10 16.78 17.71
C SER A 346 -39.93 15.54 16.85
N VAL A 347 -39.33 14.50 17.44
CA VAL A 347 -39.14 13.24 16.72
C VAL A 347 -40.44 12.48 16.55
N TYR A 348 -41.46 12.80 17.34
CA TYR A 348 -42.75 12.11 17.22
C TYR A 348 -43.48 12.55 15.96
N ALA A 349 -43.57 13.86 15.74
CA ALA A 349 -44.25 14.43 14.58
C ALA A 349 -43.23 15.17 13.74
N TRP A 350 -42.94 14.65 12.55
CA TRP A 350 -41.96 15.27 11.67
C TRP A 350 -42.57 16.47 10.95
N ASN A 351 -41.69 17.37 10.50
CA ASN A 351 -42.07 18.56 9.75
C ASN A 351 -41.34 18.50 8.41
N ARG A 352 -41.94 17.83 7.44
CA ARG A 352 -41.36 17.66 6.11
C ARG A 352 -42.08 18.61 5.16
N LYS A 353 -41.44 19.74 4.86
CA LYS A 353 -42.01 20.78 4.01
C LYS A 353 -41.23 20.81 2.70
N ARG A 354 -41.82 20.24 1.65
CA ARG A 354 -41.21 20.24 0.32
C ARG A 354 -41.41 21.62 -0.29
N ILE A 355 -40.38 22.46 -0.20
CA ILE A 355 -40.46 23.83 -0.70
C ILE A 355 -40.43 23.82 -2.22
N SER A 356 -40.93 24.89 -2.83
CA SER A 356 -41.03 25.02 -4.27
C SER A 356 -39.80 25.74 -4.81
N ASN A 357 -39.82 26.06 -6.11
CA ASN A 357 -38.70 26.72 -6.75
C ASN A 357 -38.54 28.15 -6.23
N CYS A 358 -37.29 28.54 -6.03
CA CYS A 358 -36.97 29.88 -5.54
C CYS A 358 -35.52 30.18 -5.88
N VAL A 359 -35.05 31.36 -5.45
CA VAL A 359 -33.68 31.78 -5.70
C VAL A 359 -32.98 32.02 -4.35
N ALA A 360 -33.37 31.23 -3.35
CA ALA A 360 -32.81 31.39 -2.01
C ALA A 360 -31.31 31.06 -2.01
N ASP A 361 -30.50 32.02 -1.57
CA ASP A 361 -29.06 31.83 -1.48
C ASP A 361 -28.74 31.16 -0.14
N TYR A 362 -27.98 30.07 -0.20
CA TYR A 362 -27.66 29.30 0.99
C TYR A 362 -26.64 29.99 1.89
N SER A 363 -26.05 31.11 1.44
CA SER A 363 -25.10 31.85 2.26
C SER A 363 -25.81 32.91 3.11
N VAL A 364 -26.83 32.46 3.86
CA VAL A 364 -27.60 33.35 4.72
C VAL A 364 -27.48 32.97 6.19
N LEU A 365 -27.44 31.67 6.49
CA LEU A 365 -27.34 31.19 7.87
C LEU A 365 -25.92 31.19 8.41
N TYR A 366 -25.00 31.91 7.75
CA TYR A 366 -23.62 31.98 8.24
C TYR A 366 -23.49 32.80 9.52
N ASN A 367 -24.54 33.51 9.92
CA ASN A 367 -24.56 34.29 11.16
C ASN A 367 -25.66 33.81 12.09
N LEU A 368 -25.80 32.49 12.20
CA LEU A 368 -26.83 31.89 13.04
C LEU A 368 -26.35 31.86 14.48
N ALA A 369 -27.06 31.11 15.33
CA ALA A 369 -26.67 30.99 16.73
C ALA A 369 -25.28 30.36 16.85
N PRO A 370 -24.55 30.67 17.92
CA PRO A 370 -23.22 30.09 18.10
C PRO A 370 -23.21 28.56 17.97
N PHE A 371 -22.04 28.02 17.61
CA PHE A 371 -21.84 26.59 17.41
C PHE A 371 -22.78 26.06 16.33
N PHE A 372 -22.58 26.57 15.11
CA PHE A 372 -23.38 26.17 13.95
C PHE A 372 -22.52 25.21 13.11
N THR A 373 -22.55 23.94 13.49
CA THR A 373 -21.77 22.93 12.78
C THR A 373 -22.39 22.62 11.43
N PHE A 374 -21.52 22.30 10.46
CA PHE A 374 -21.93 21.97 9.10
C PHE A 374 -21.15 20.72 8.68
N LYS A 375 -21.72 19.54 8.96
CA LYS A 375 -21.09 18.27 8.62
C LYS A 375 -21.77 17.70 7.39
N CYS A 376 -21.33 18.17 6.22
CA CYS A 376 -21.85 17.70 4.94
C CYS A 376 -21.09 16.45 4.53
N TYR A 377 -21.78 15.30 4.52
CA TYR A 377 -21.16 14.03 4.17
C TYR A 377 -21.45 13.74 2.70
N GLY A 378 -20.65 14.35 1.83
CA GLY A 378 -20.77 14.13 0.41
C GLY A 378 -20.59 15.39 -0.42
N VAL A 379 -20.90 16.55 0.18
CA VAL A 379 -20.77 17.84 -0.48
C VAL A 379 -19.96 18.77 0.43
N SER A 380 -19.80 20.02 -0.02
CA SER A 380 -19.08 21.02 0.73
C SER A 380 -20.01 22.15 1.15
N PRO A 381 -19.84 22.70 2.36
CA PRO A 381 -20.75 23.78 2.78
C PRO A 381 -20.61 25.04 1.93
N THR A 382 -19.38 25.49 1.69
CA THR A 382 -19.18 26.72 0.90
C THR A 382 -19.49 26.51 -0.58
N LYS A 383 -19.56 25.26 -1.04
CA LYS A 383 -19.83 24.99 -2.45
C LYS A 383 -21.31 25.03 -2.79
N LEU A 384 -22.19 25.16 -1.80
CA LEU A 384 -23.62 25.19 -2.04
C LEU A 384 -24.08 26.58 -2.46
N ASN A 385 -23.46 27.14 -3.50
CA ASN A 385 -23.82 28.46 -4.00
C ASN A 385 -23.91 28.54 -5.51
N ASP A 386 -23.63 27.46 -6.24
CA ASP A 386 -23.69 27.47 -7.69
C ASP A 386 -24.46 26.31 -8.30
N LEU A 387 -24.61 25.19 -7.59
CA LEU A 387 -25.36 24.06 -8.11
C LEU A 387 -26.85 24.26 -7.91
N CYS A 388 -27.63 23.75 -8.87
CA CYS A 388 -29.08 23.85 -8.82
C CYS A 388 -29.64 22.51 -8.35
N PHE A 389 -30.35 22.53 -7.22
CA PHE A 389 -30.91 21.33 -6.63
C PHE A 389 -32.35 21.12 -7.09
N THR A 390 -32.78 19.86 -7.07
CA THR A 390 -34.13 19.52 -7.54
C THR A 390 -35.18 19.89 -6.50
N ASN A 391 -35.11 19.27 -5.31
CA ASN A 391 -36.05 19.55 -4.24
C ASN A 391 -35.35 19.36 -2.90
N VAL A 392 -35.69 20.21 -1.93
CA VAL A 392 -35.13 20.13 -0.58
C VAL A 392 -36.17 19.53 0.34
N TYR A 393 -35.76 18.55 1.13
CA TYR A 393 -36.63 17.85 2.07
C TYR A 393 -36.12 18.14 3.49
N ALA A 394 -36.70 19.14 4.12
CA ALA A 394 -36.29 19.54 5.46
C ALA A 394 -37.02 18.70 6.52
N ASP A 395 -36.53 18.80 7.75
CA ASP A 395 -37.13 18.10 8.88
C ASP A 395 -36.88 18.92 10.14
N SER A 396 -37.59 18.55 11.21
CA SER A 396 -37.52 19.30 12.45
C SER A 396 -37.71 18.35 13.63
N PHE A 397 -36.78 18.41 14.58
CA PHE A 397 -36.87 17.58 15.78
C PHE A 397 -35.99 18.18 16.87
N VAL A 398 -36.29 17.82 18.11
CA VAL A 398 -35.69 18.44 19.29
C VAL A 398 -34.90 17.42 20.10
N ILE A 399 -34.26 16.47 19.40
CA ILE A 399 -33.48 15.44 20.08
C ILE A 399 -32.51 16.09 21.08
N ARG A 400 -32.38 15.46 22.24
CA ARG A 400 -31.65 16.03 23.37
C ARG A 400 -30.44 15.17 23.70
N GLY A 401 -29.32 15.82 24.00
CA GLY A 401 -28.11 15.14 24.43
C GLY A 401 -27.08 15.06 23.33
N ASP A 402 -25.98 14.37 23.66
CA ASP A 402 -24.90 14.15 22.70
C ASP A 402 -25.31 13.20 21.59
N GLU A 403 -26.45 12.52 21.71
CA GLU A 403 -26.91 11.57 20.71
C GLU A 403 -27.17 12.24 19.37
N VAL A 404 -27.00 13.56 19.31
CA VAL A 404 -27.05 14.25 18.03
C VAL A 404 -25.93 13.79 17.11
N ARG A 405 -24.87 13.20 17.68
CA ARG A 405 -23.83 12.63 16.84
C ARG A 405 -24.30 11.36 16.14
N GLN A 406 -25.35 10.71 16.67
CA GLN A 406 -25.91 9.51 16.06
C GLN A 406 -26.82 9.82 14.87
N ILE A 407 -27.17 11.09 14.65
CA ILE A 407 -28.04 11.44 13.53
C ILE A 407 -27.33 11.19 12.20
N ALA A 408 -26.03 11.40 12.16
CA ALA A 408 -25.27 11.16 10.94
C ALA A 408 -25.28 9.68 10.59
N PRO A 409 -25.19 9.34 9.29
CA PRO A 409 -25.17 7.94 8.89
C PRO A 409 -23.97 7.20 9.46
N GLY A 410 -24.06 5.88 9.44
CA GLY A 410 -23.02 5.03 10.00
C GLY A 410 -23.25 4.62 11.45
N GLN A 411 -23.57 5.58 12.30
CA GLN A 411 -23.84 5.27 13.70
C GLN A 411 -25.16 4.53 13.85
N THR A 412 -25.20 3.62 14.81
CA THR A 412 -26.38 2.80 15.08
C THR A 412 -26.81 2.94 16.52
N GLY A 413 -26.86 4.17 17.01
CA GLY A 413 -27.28 4.45 18.37
C GLY A 413 -28.78 4.25 18.55
N ASN A 414 -29.22 4.51 19.78
CA ASN A 414 -30.64 4.33 20.11
C ASN A 414 -31.52 5.28 19.31
N ILE A 415 -31.05 6.52 19.11
CA ILE A 415 -31.80 7.47 18.29
C ILE A 415 -31.85 7.00 16.84
N ALA A 416 -30.71 6.50 16.33
CA ALA A 416 -30.68 5.94 14.99
C ALA A 416 -31.41 4.61 14.90
N ASP A 417 -31.70 3.98 16.04
CA ASP A 417 -32.36 2.68 16.03
C ASP A 417 -33.88 2.82 16.04
N TYR A 418 -34.42 3.51 17.06
CA TYR A 418 -35.87 3.58 17.24
C TYR A 418 -36.35 5.00 17.51
N ASN A 419 -35.63 6.00 17.00
CA ASN A 419 -36.10 7.38 17.08
C ASN A 419 -35.99 8.15 15.77
N TYR A 420 -35.11 7.77 14.87
CA TYR A 420 -34.91 8.46 13.60
C TYR A 420 -34.01 7.60 12.73
N LYS A 421 -34.07 7.83 11.42
CA LYS A 421 -33.24 7.08 10.48
C LYS A 421 -33.19 7.82 9.16
N LEU A 422 -32.02 7.87 8.56
CA LEU A 422 -31.78 8.49 7.26
C LEU A 422 -31.09 7.51 6.33
N PRO A 423 -31.33 7.62 5.03
CA PRO A 423 -30.65 6.74 4.07
C PRO A 423 -29.14 6.98 4.10
N ASP A 424 -28.40 5.95 3.70
CA ASP A 424 -26.94 5.99 3.75
C ASP A 424 -26.36 6.69 2.53
N ASP A 425 -26.84 7.89 2.23
CA ASP A 425 -26.25 8.70 1.18
C ASP A 425 -25.92 10.11 1.63
N PHE A 426 -26.77 10.72 2.46
CA PHE A 426 -26.56 12.05 3.01
C PHE A 426 -26.21 13.06 1.91
N THR A 427 -27.16 13.24 0.99
CA THR A 427 -26.95 14.14 -0.14
C THR A 427 -26.94 15.61 0.27
N GLY A 428 -27.31 15.93 1.50
CA GLY A 428 -27.31 17.31 1.95
C GLY A 428 -26.35 17.56 3.09
N CYS A 429 -26.72 18.45 4.01
CA CYS A 429 -25.92 18.78 5.18
C CYS A 429 -26.78 18.67 6.43
N VAL A 430 -26.14 18.76 7.59
CA VAL A 430 -26.80 18.72 8.88
C VAL A 430 -26.51 20.03 9.61
N ILE A 431 -27.54 20.61 10.21
CA ILE A 431 -27.43 21.86 10.96
C ILE A 431 -27.77 21.59 12.40
N ALA A 432 -26.90 22.02 13.32
CA ALA A 432 -27.11 21.79 14.74
C ALA A 432 -26.53 22.96 15.51
N TRP A 433 -27.37 23.64 16.29
CA TRP A 433 -26.95 24.77 17.10
C TRP A 433 -27.43 24.59 18.53
N ASN A 434 -26.83 25.34 19.44
CA ASN A 434 -27.20 25.27 20.85
C ASN A 434 -28.55 25.93 21.08
N SER A 435 -29.50 25.18 21.63
CA SER A 435 -30.84 25.66 21.92
C SER A 435 -31.09 25.51 23.42
N ASN A 436 -30.74 26.55 24.18
CA ASN A 436 -30.90 26.55 25.62
C ASN A 436 -31.70 27.73 26.16
N LYS A 437 -31.61 28.90 25.53
CA LYS A 437 -32.33 30.07 26.03
C LYS A 437 -33.83 29.96 25.79
N LEU A 438 -34.25 29.20 24.77
CA LEU A 438 -35.66 29.04 24.47
C LEU A 438 -36.27 27.81 25.14
N ASP A 439 -35.46 26.82 25.49
CA ASP A 439 -35.94 25.61 26.14
C ASP A 439 -35.51 25.55 27.61
N SER A 440 -35.26 26.71 28.22
CA SER A 440 -34.83 26.74 29.61
C SER A 440 -35.98 26.42 30.55
N LYS A 441 -37.17 26.95 30.27
CA LYS A 441 -38.32 26.72 31.13
C LYS A 441 -38.75 25.26 31.10
N VAL A 442 -39.33 24.80 32.21
CA VAL A 442 -39.79 23.42 32.33
C VAL A 442 -41.14 23.19 31.67
N SER A 443 -41.74 24.22 31.07
CA SER A 443 -43.03 24.05 30.42
C SER A 443 -42.93 23.27 29.12
N GLY A 444 -41.76 23.24 28.49
CA GLY A 444 -41.55 22.52 27.25
C GLY A 444 -41.20 21.06 27.40
N ASN A 445 -41.38 20.49 28.59
CA ASN A 445 -41.05 19.08 28.80
C ASN A 445 -42.03 18.18 28.06
N TYR A 446 -43.33 18.36 28.31
CA TYR A 446 -44.34 17.55 27.64
C TYR A 446 -44.53 17.91 26.18
N ASN A 447 -43.98 19.05 25.73
CA ASN A 447 -44.08 19.43 24.33
C ASN A 447 -43.01 18.77 23.47
N TYR A 448 -41.96 18.23 24.07
CA TYR A 448 -40.87 17.56 23.37
C TYR A 448 -40.94 16.08 23.71
N LEU A 449 -41.48 15.28 22.79
CA LEU A 449 -41.68 13.85 23.02
C LEU A 449 -40.42 13.07 22.66
N TYR A 450 -40.41 11.80 23.05
CA TYR A 450 -39.28 10.91 22.79
C TYR A 450 -39.79 9.48 22.80
N ARG A 451 -39.70 8.80 21.66
CA ARG A 451 -40.19 7.44 21.55
C ARG A 451 -39.27 6.47 22.30
N LEU A 452 -39.72 5.23 22.42
CA LEU A 452 -38.99 4.18 23.11
C LEU A 452 -38.61 3.08 22.13
N PHE A 453 -38.05 2.00 22.65
CA PHE A 453 -37.57 0.91 21.81
C PHE A 453 -38.72 0.20 21.11
N ARG A 454 -38.44 -0.29 19.90
CA ARG A 454 -39.41 -1.01 19.09
C ARG A 454 -38.85 -2.38 18.74
N LYS A 455 -39.75 -3.37 18.65
CA LYS A 455 -39.35 -4.73 18.33
C LYS A 455 -38.86 -4.90 16.89
N SER A 456 -38.98 -3.86 16.06
CA SER A 456 -38.55 -3.93 14.67
C SER A 456 -37.81 -2.64 14.31
N ASN A 457 -36.85 -2.78 13.40
CA ASN A 457 -36.07 -1.62 12.96
C ASN A 457 -36.92 -0.70 12.10
N LEU A 458 -36.60 0.59 12.17
CA LEU A 458 -37.33 1.60 11.41
C LEU A 458 -36.85 1.63 9.96
N LYS A 459 -37.56 2.42 9.15
CA LYS A 459 -37.26 2.58 7.73
C LYS A 459 -36.84 4.01 7.43
N PRO A 460 -35.80 4.21 6.63
CA PRO A 460 -35.39 5.58 6.27
C PRO A 460 -36.51 6.31 5.52
N PHE A 461 -36.67 7.59 5.86
CA PHE A 461 -37.73 8.42 5.28
C PHE A 461 -39.11 7.82 5.51
N GLU A 462 -39.39 7.50 6.78
CA GLU A 462 -40.67 6.90 7.15
C GLU A 462 -40.99 7.34 8.57
N ARG A 463 -42.11 8.06 8.73
CA ARG A 463 -42.48 8.57 10.04
C ARG A 463 -42.87 7.44 10.97
N ASP A 464 -42.58 7.63 12.27
CA ASP A 464 -42.80 6.60 13.28
C ASP A 464 -43.86 7.03 14.29
N ILE A 465 -44.96 7.60 13.81
CA ILE A 465 -46.05 8.01 14.68
C ILE A 465 -46.72 6.77 15.25
N SER A 466 -46.67 6.62 16.58
CA SER A 466 -47.27 5.49 17.27
C SER A 466 -47.94 5.97 18.54
N THR A 467 -49.09 5.36 18.86
CA THR A 467 -49.84 5.71 20.05
C THR A 467 -50.33 4.51 20.84
N GLU A 468 -49.97 3.29 20.43
CA GLU A 468 -50.39 2.10 21.14
C GLU A 468 -49.45 1.82 22.31
N ILE A 469 -49.70 0.70 22.99
CA ILE A 469 -48.90 0.28 24.14
C ILE A 469 -47.99 -0.86 23.70
N TYR A 470 -46.72 -0.78 24.08
CA TYR A 470 -45.76 -1.81 23.71
C TYR A 470 -46.07 -3.12 24.44
N GLN A 471 -45.77 -4.23 23.79
CA GLN A 471 -46.01 -5.56 24.32
C GLN A 471 -44.67 -6.26 24.49
N ALA A 472 -44.18 -6.34 25.73
CA ALA A 472 -42.93 -7.00 26.00
C ALA A 472 -43.08 -8.51 25.86
N GLY A 473 -42.22 -9.12 25.04
CA GLY A 473 -42.29 -10.54 24.81
C GLY A 473 -43.56 -10.97 24.09
N ASN A 474 -44.44 -11.67 24.80
CA ASN A 474 -45.70 -12.11 24.20
C ASN A 474 -46.88 -11.95 25.16
N LYS A 475 -46.77 -11.08 26.16
CA LYS A 475 -47.84 -10.89 27.14
C LYS A 475 -48.51 -9.54 26.87
N PRO A 476 -49.69 -9.50 26.26
CA PRO A 476 -50.37 -8.22 26.02
C PRO A 476 -50.91 -7.64 27.32
N CYS A 477 -50.42 -6.45 27.67
CA CYS A 477 -50.85 -5.79 28.90
C CYS A 477 -52.22 -5.14 28.77
N ASN A 478 -52.73 -4.99 27.54
CA ASN A 478 -54.08 -4.48 27.29
C ASN A 478 -54.28 -3.08 27.88
N GLY A 479 -53.50 -2.14 27.38
CA GLY A 479 -53.64 -0.75 27.78
C GLY A 479 -53.05 -0.43 29.14
N VAL A 480 -53.51 -1.12 30.17
CA VAL A 480 -53.02 -0.87 31.52
C VAL A 480 -51.57 -1.33 31.63
N ALA A 481 -50.71 -0.44 32.13
CA ALA A 481 -49.28 -0.73 32.22
C ALA A 481 -49.03 -1.77 33.30
N GLY A 482 -48.55 -2.94 32.90
CA GLY A 482 -48.20 -3.98 33.85
C GLY A 482 -46.72 -3.97 34.17
N PHE A 483 -46.00 -4.98 33.68
CA PHE A 483 -44.55 -5.06 33.86
C PHE A 483 -43.88 -4.98 32.51
N ASN A 484 -42.88 -4.11 32.39
CA ASN A 484 -42.08 -3.93 31.19
C ASN A 484 -42.93 -3.54 29.97
N CYS A 485 -44.12 -2.99 30.20
CA CYS A 485 -45.00 -2.57 29.11
C CYS A 485 -45.49 -1.16 29.42
N TYR A 486 -45.08 -0.19 28.61
CA TYR A 486 -45.46 1.20 28.78
C TYR A 486 -45.79 1.78 27.41
N PHE A 487 -46.04 3.09 27.37
CA PHE A 487 -46.32 3.77 26.12
C PHE A 487 -45.05 4.44 25.60
N PRO A 488 -44.73 4.31 24.31
CA PRO A 488 -43.51 4.93 23.80
C PRO A 488 -43.65 6.43 23.62
N LEU A 489 -44.03 7.13 24.69
CA LEU A 489 -44.21 8.59 24.69
C LEU A 489 -43.48 9.20 25.87
N ARG A 490 -42.24 8.77 26.08
CA ARG A 490 -41.43 9.27 27.20
C ARG A 490 -41.13 10.75 27.00
N SER A 491 -41.58 11.57 27.94
CA SER A 491 -41.35 13.01 27.87
C SER A 491 -39.92 13.34 28.29
N TYR A 492 -39.26 14.16 27.49
CA TYR A 492 -37.89 14.57 27.81
C TYR A 492 -37.89 15.56 28.97
N SER A 493 -37.01 15.32 29.94
CA SER A 493 -36.87 16.20 31.10
C SER A 493 -35.84 17.28 30.83
N PHE A 494 -36.15 18.50 31.26
CA PHE A 494 -35.27 19.65 31.08
C PHE A 494 -35.12 20.39 32.39
N ARG A 495 -34.16 21.32 32.42
CA ARG A 495 -33.88 22.11 33.60
C ARG A 495 -33.21 23.40 33.16
N PRO A 496 -33.57 24.54 33.76
CA PRO A 496 -32.93 25.81 33.38
C PRO A 496 -31.43 25.78 33.59
N THR A 497 -30.99 25.48 34.82
CA THR A 497 -29.56 25.40 35.14
C THR A 497 -29.07 23.96 35.02
N TYR A 498 -29.22 23.41 33.82
CA TYR A 498 -28.81 22.05 33.53
C TYR A 498 -27.37 22.03 33.02
N GLY A 499 -26.84 20.82 32.81
CA GLY A 499 -25.49 20.68 32.32
C GLY A 499 -25.35 21.10 30.86
N VAL A 500 -24.09 21.11 30.40
CA VAL A 500 -23.82 21.49 29.02
C VAL A 500 -24.37 20.46 28.05
N GLY A 501 -24.08 19.19 28.29
CA GLY A 501 -24.57 18.13 27.42
C GLY A 501 -26.06 17.88 27.54
N HIS A 502 -26.66 18.22 28.68
CA HIS A 502 -28.09 18.01 28.86
C HIS A 502 -28.94 19.00 28.08
N GLN A 503 -28.34 20.07 27.58
CA GLN A 503 -29.10 21.05 26.81
C GLN A 503 -29.54 20.44 25.47
N PRO A 504 -30.77 20.67 25.05
CA PRO A 504 -31.23 20.14 23.76
C PRO A 504 -30.58 20.88 22.59
N TYR A 505 -30.72 20.27 21.41
CA TYR A 505 -30.17 20.85 20.19
C TYR A 505 -31.17 20.65 19.06
N ARG A 506 -31.71 21.74 18.55
CA ARG A 506 -32.62 21.68 17.41
C ARG A 506 -31.81 21.38 16.15
N VAL A 507 -31.90 20.13 15.68
CA VAL A 507 -31.10 19.65 14.57
C VAL A 507 -32.00 19.55 13.33
N VAL A 508 -31.52 20.11 12.22
CA VAL A 508 -32.20 20.04 10.93
C VAL A 508 -31.36 19.19 10.00
N VAL A 509 -32.02 18.28 9.27
CA VAL A 509 -31.33 17.31 8.44
C VAL A 509 -31.77 17.46 6.99
N LEU A 510 -32.08 18.68 6.58
CA LEU A 510 -32.49 18.93 5.20
C LEU A 510 -31.45 18.41 4.22
N SER A 511 -31.92 17.78 3.15
CA SER A 511 -31.06 17.16 2.15
C SER A 511 -31.50 17.62 0.76
N PHE A 512 -30.73 17.20 -0.25
CA PHE A 512 -31.01 17.57 -1.63
C PHE A 512 -30.98 16.34 -2.54
N GLU A 513 -31.05 16.57 -3.85
CA GLU A 513 -31.04 15.45 -4.80
C GLU A 513 -30.52 15.99 -6.14
N LEU A 514 -29.34 15.55 -6.53
CA LEU A 514 -28.72 15.96 -7.79
C LEU A 514 -28.77 14.80 -8.77
N LEU A 515 -29.66 14.89 -9.75
CA LEU A 515 -29.83 13.85 -10.75
C LEU A 515 -30.45 14.47 -11.99
N HIS A 516 -30.94 13.63 -12.90
CA HIS A 516 -31.42 14.08 -14.20
C HIS A 516 -32.75 14.82 -14.13
N ALA A 517 -33.42 14.84 -12.98
CA ALA A 517 -34.68 15.56 -12.88
C ALA A 517 -34.45 17.06 -12.98
N PRO A 518 -35.41 17.80 -13.53
CA PRO A 518 -35.27 19.26 -13.65
C PRO A 518 -35.17 19.92 -12.28
N ALA A 519 -34.12 20.69 -12.08
CA ALA A 519 -33.91 21.38 -10.81
C ALA A 519 -34.87 22.55 -10.66
N THR A 520 -35.24 22.84 -9.42
CA THR A 520 -36.16 23.92 -9.11
C THR A 520 -35.52 25.02 -8.28
N VAL A 521 -34.80 24.67 -7.21
CA VAL A 521 -34.16 25.64 -6.33
C VAL A 521 -32.70 25.78 -6.76
N CYS A 522 -32.20 27.01 -6.73
CA CYS A 522 -30.81 27.28 -7.07
C CYS A 522 -30.39 28.59 -6.40
N GLY A 523 -29.19 29.06 -6.75
CA GLY A 523 -28.62 30.24 -6.12
C GLY A 523 -28.53 31.43 -7.05
N PRO A 524 -27.51 32.28 -6.87
CA PRO A 524 -27.51 33.49 -7.70
C PRO A 524 -27.19 33.25 -9.16
N LYS A 525 -26.50 34.20 -9.76
CA LYS A 525 -26.11 34.09 -11.17
C LYS A 525 -27.25 34.37 -12.12
N LYS A 526 -27.07 35.39 -12.95
CA LYS A 526 -28.07 35.71 -13.93
C LYS A 526 -28.18 34.54 -14.87
N SER A 527 -29.33 34.36 -15.46
CA SER A 527 -29.43 33.31 -16.43
C SER A 527 -28.37 33.54 -17.46
N THR A 528 -28.14 34.78 -17.82
CA THR A 528 -27.19 35.08 -18.88
C THR A 528 -27.66 34.61 -20.23
N ASN A 529 -27.38 35.40 -21.25
CA ASN A 529 -27.77 35.10 -22.62
C ASN A 529 -27.20 33.75 -23.06
N LEU A 530 -27.50 33.38 -24.31
CA LEU A 530 -27.06 32.12 -24.88
C LEU A 530 -26.55 32.37 -26.29
N VAL A 531 -25.28 32.03 -26.53
CA VAL A 531 -24.70 32.12 -27.86
C VAL A 531 -24.78 30.75 -28.52
N LYS A 532 -24.69 30.74 -29.85
CA LYS A 532 -24.82 29.51 -30.61
C LYS A 532 -23.50 29.08 -31.25
N ASN A 533 -22.93 29.91 -32.12
CA ASN A 533 -21.66 29.58 -32.79
C ASN A 533 -20.52 30.29 -32.07
N LYS A 534 -20.15 29.75 -30.91
CA LYS A 534 -19.06 30.32 -30.12
C LYS A 534 -18.61 29.36 -29.03
N CYS A 535 -17.32 29.06 -28.99
CA CYS A 535 -16.76 28.20 -27.94
C CYS A 535 -16.63 29.01 -26.65
N VAL A 536 -17.53 28.76 -25.70
CA VAL A 536 -17.56 29.44 -24.41
C VAL A 536 -17.81 28.40 -23.32
N ASN A 537 -17.93 28.89 -22.09
CA ASN A 537 -18.23 28.06 -20.94
C ASN A 537 -19.74 28.02 -20.70
N PHE A 538 -20.23 26.85 -20.29
CA PHE A 538 -21.63 26.67 -19.97
C PHE A 538 -21.77 26.04 -18.59
N ASN A 539 -22.84 26.41 -17.89
CA ASN A 539 -23.15 25.97 -16.53
C ASN A 539 -24.60 25.52 -16.45
N PHE A 540 -25.01 24.67 -17.37
CA PHE A 540 -26.41 24.28 -17.50
C PHE A 540 -26.80 23.32 -16.40
N ASN A 541 -27.56 23.83 -15.42
CA ASN A 541 -28.12 23.00 -14.34
C ASN A 541 -27.06 22.19 -13.63
N GLY A 542 -26.00 22.87 -13.19
CA GLY A 542 -24.87 22.24 -12.55
C GLY A 542 -23.88 21.61 -13.50
N LEU A 543 -24.33 21.20 -14.68
CA LEU A 543 -23.44 20.64 -15.70
C LEU A 543 -22.55 21.75 -16.23
N LYS A 544 -21.30 21.77 -15.78
CA LYS A 544 -20.34 22.80 -16.15
C LYS A 544 -19.34 22.23 -17.15
N GLY A 545 -19.06 23.00 -18.19
CA GLY A 545 -18.12 22.56 -19.20
C GLY A 545 -17.78 23.67 -20.17
N THR A 546 -16.99 23.31 -21.18
CA THR A 546 -16.57 24.23 -22.22
C THR A 546 -16.99 23.68 -23.58
N GLY A 547 -17.07 24.57 -24.56
CA GLY A 547 -17.32 24.17 -25.93
C GLY A 547 -18.36 25.05 -26.60
N VAL A 548 -18.86 24.54 -27.73
CA VAL A 548 -19.85 25.26 -28.51
C VAL A 548 -21.22 24.61 -28.32
N LEU A 549 -22.26 25.45 -28.37
CA LEU A 549 -23.64 25.01 -28.18
C LEU A 549 -24.40 25.34 -29.46
N THR A 550 -24.39 24.40 -30.40
CA THR A 550 -25.03 24.61 -31.70
C THR A 550 -26.47 24.14 -31.68
N GLU A 551 -27.18 24.39 -32.77
CA GLU A 551 -28.58 23.97 -32.90
C GLU A 551 -28.63 22.52 -33.34
N SER A 552 -29.43 21.73 -32.65
CA SER A 552 -29.56 20.30 -32.92
C SER A 552 -30.92 19.99 -33.52
N ASN A 553 -30.96 18.98 -34.39
CA ASN A 553 -32.19 18.49 -35.01
C ASN A 553 -32.60 17.14 -34.43
N LYS A 554 -32.40 16.97 -33.13
CA LYS A 554 -32.68 15.70 -32.47
C LYS A 554 -34.19 15.56 -32.24
N LYS A 555 -34.58 14.52 -31.51
CA LYS A 555 -35.97 14.20 -31.23
C LYS A 555 -36.15 13.91 -29.75
N PHE A 556 -35.64 14.81 -28.91
CA PHE A 556 -35.73 14.66 -27.46
C PHE A 556 -37.19 14.53 -27.01
N LEU A 557 -37.48 13.43 -26.31
CA LEU A 557 -38.82 13.22 -25.79
C LEU A 557 -39.08 14.16 -24.61
N PRO A 558 -40.35 14.41 -24.29
CA PRO A 558 -40.66 15.37 -23.21
C PRO A 558 -40.07 15.01 -21.86
N PHE A 559 -39.73 13.74 -21.62
CA PHE A 559 -39.14 13.33 -20.35
C PHE A 559 -37.63 13.19 -20.42
N GLN A 560 -37.04 13.31 -21.60
CA GLN A 560 -35.59 13.18 -21.76
C GLN A 560 -34.96 14.56 -21.66
N GLN A 561 -34.28 14.82 -20.54
CA GLN A 561 -33.65 16.12 -20.31
C GLN A 561 -32.18 16.11 -20.75
N PHE A 562 -31.39 15.19 -20.19
CA PHE A 562 -29.98 15.11 -20.50
C PHE A 562 -29.75 14.16 -21.67
N GLY A 563 -28.49 13.99 -22.05
CA GLY A 563 -28.13 13.11 -23.15
C GLY A 563 -26.64 12.87 -23.22
N ARG A 564 -26.23 11.62 -23.41
CA ARG A 564 -24.84 11.23 -23.48
C ARG A 564 -24.48 10.77 -24.89
N ASP A 565 -23.23 10.39 -25.06
CA ASP A 565 -22.68 9.96 -26.34
C ASP A 565 -22.20 8.51 -26.23
N ILE A 566 -21.51 8.05 -27.27
CA ILE A 566 -20.99 6.68 -27.29
C ILE A 566 -20.07 6.45 -26.10
N ALA A 567 -19.23 7.43 -25.77
CA ALA A 567 -18.29 7.32 -24.66
C ALA A 567 -18.86 7.84 -23.34
N ASP A 568 -20.19 7.86 -23.21
CA ASP A 568 -20.86 8.31 -21.98
C ASP A 568 -20.45 9.74 -21.63
N THR A 569 -20.45 10.60 -22.64
CA THR A 569 -20.12 12.01 -22.47
C THR A 569 -21.29 12.87 -22.93
N THR A 570 -21.56 13.94 -22.19
CA THR A 570 -22.69 14.82 -22.46
C THR A 570 -22.56 15.47 -23.83
N ASP A 571 -23.47 15.12 -24.74
CA ASP A 571 -23.46 15.66 -26.09
C ASP A 571 -24.58 16.66 -26.34
N ALA A 572 -25.74 16.49 -25.71
CA ALA A 572 -26.87 17.39 -25.89
C ALA A 572 -27.60 17.56 -24.57
N VAL A 573 -28.23 18.73 -24.40
CA VAL A 573 -28.93 19.06 -23.17
C VAL A 573 -30.08 19.99 -23.51
N ARG A 574 -31.07 20.05 -22.62
CA ARG A 574 -32.20 20.96 -22.76
C ARG A 574 -32.03 22.16 -21.84
N ASP A 575 -32.30 23.33 -22.38
CA ASP A 575 -32.14 24.57 -21.61
C ASP A 575 -33.19 24.62 -20.50
N PRO A 576 -32.80 24.99 -19.27
CA PRO A 576 -33.80 25.12 -18.19
C PRO A 576 -34.89 26.12 -18.50
N GLN A 577 -34.68 27.02 -19.46
CA GLN A 577 -35.71 27.94 -19.92
C GLN A 577 -36.64 27.22 -20.90
N THR A 578 -37.40 28.00 -21.67
CA THR A 578 -38.34 27.44 -22.65
C THR A 578 -37.70 26.31 -23.46
N LEU A 579 -38.52 25.32 -23.80
CA LEU A 579 -38.04 24.08 -24.41
C LEU A 579 -37.29 24.36 -25.70
N GLU A 580 -36.01 23.99 -25.72
CA GLU A 580 -35.18 24.12 -26.90
C GLU A 580 -34.11 23.05 -26.87
N ILE A 581 -33.86 22.43 -28.02
CA ILE A 581 -32.89 21.36 -28.15
C ILE A 581 -31.58 21.95 -28.67
N LEU A 582 -30.48 21.58 -28.05
CA LEU A 582 -29.15 22.04 -28.42
C LEU A 582 -28.22 20.86 -28.62
N ASP A 583 -27.00 21.18 -29.06
CA ASP A 583 -25.96 20.16 -29.26
C ASP A 583 -24.66 20.73 -28.70
N ILE A 584 -24.11 20.05 -27.71
CA ILE A 584 -22.88 20.49 -27.04
C ILE A 584 -21.70 19.78 -27.70
N THR A 585 -20.90 20.54 -28.45
CA THR A 585 -19.69 20.00 -29.06
C THR A 585 -18.46 20.58 -28.37
N PRO A 586 -17.35 19.83 -28.31
CA PRO A 586 -16.14 20.38 -27.69
C PRO A 586 -15.60 21.55 -28.49
N CYS A 587 -14.73 22.32 -27.85
CA CYS A 587 -14.13 23.49 -28.46
C CYS A 587 -13.25 23.09 -29.65
N SER A 588 -12.84 24.08 -30.43
CA SER A 588 -12.05 23.84 -31.63
C SER A 588 -10.61 23.52 -31.23
N PHE A 589 -10.38 22.25 -30.90
CA PHE A 589 -9.06 21.78 -30.54
C PHE A 589 -8.29 21.34 -31.79
N GLY A 590 -7.10 20.80 -31.57
CA GLY A 590 -6.29 20.32 -32.69
C GLY A 590 -4.85 20.15 -32.27
N GLY A 591 -3.98 20.10 -33.27
CA GLY A 591 -2.55 19.94 -33.03
C GLY A 591 -1.71 20.78 -33.98
N VAL A 592 -0.61 21.34 -33.48
CA VAL A 592 0.26 22.20 -34.27
C VAL A 592 1.51 21.41 -34.67
N SER A 593 1.96 21.61 -35.90
CA SER A 593 3.16 20.99 -36.41
C SER A 593 4.00 22.04 -37.12
N VAL A 594 5.28 22.11 -36.77
CA VAL A 594 6.18 23.12 -37.33
C VAL A 594 7.06 22.46 -38.39
N ILE A 595 7.04 23.02 -39.59
CA ILE A 595 7.88 22.57 -40.69
C ILE A 595 9.04 23.56 -40.83
N THR A 596 10.26 23.05 -40.75
CA THR A 596 11.44 23.88 -40.77
C THR A 596 12.50 23.27 -41.68
N PRO A 597 13.07 24.03 -42.61
CA PRO A 597 14.15 23.50 -43.46
C PRO A 597 15.45 23.27 -42.72
N GLY A 598 15.52 23.56 -41.43
CA GLY A 598 16.73 23.37 -40.67
C GLY A 598 17.36 24.71 -40.32
N THR A 599 17.92 24.80 -39.12
CA THR A 599 18.57 26.02 -38.66
C THR A 599 19.99 26.10 -39.21
N ASN A 600 20.15 25.97 -40.52
CA ASN A 600 21.45 26.04 -41.17
C ASN A 600 21.48 26.95 -42.38
N THR A 601 20.34 27.22 -43.03
CA THR A 601 20.29 28.10 -44.20
C THR A 601 19.20 29.15 -44.13
N SER A 602 18.19 29.00 -43.27
CA SER A 602 17.12 29.97 -43.17
C SER A 602 16.38 29.76 -41.85
N ASN A 603 15.71 30.81 -41.41
CA ASN A 603 14.92 30.79 -40.18
C ASN A 603 13.42 30.85 -40.44
N GLN A 604 12.99 30.71 -41.70
CA GLN A 604 11.59 30.74 -42.05
C GLN A 604 10.96 29.37 -41.80
N VAL A 605 9.81 29.36 -41.14
CA VAL A 605 9.12 28.13 -40.77
C VAL A 605 7.68 28.21 -41.24
N ALA A 606 7.02 27.05 -41.22
CA ALA A 606 5.60 26.96 -41.57
C ALA A 606 4.86 26.25 -40.44
N VAL A 607 3.59 26.60 -40.28
CA VAL A 607 2.74 26.04 -39.23
C VAL A 607 1.62 25.24 -39.88
N LEU A 608 1.29 24.10 -39.28
CA LEU A 608 0.22 23.24 -39.76
C LEU A 608 -0.70 22.92 -38.60
N TYR A 609 -1.96 23.37 -38.69
CA TYR A 609 -2.98 23.08 -37.70
C TYR A 609 -3.82 21.91 -38.20
N GLN A 610 -3.83 20.83 -37.45
CA GLN A 610 -4.56 19.63 -37.84
C GLN A 610 -6.03 19.73 -37.44
N GLY A 611 -6.90 19.29 -38.35
CA GLY A 611 -8.33 19.31 -38.07
C GLY A 611 -8.95 20.69 -38.05
N VAL A 612 -8.40 21.62 -38.83
CA VAL A 612 -8.90 23.00 -38.90
C VAL A 612 -9.22 23.32 -40.35
N ASN A 613 -10.38 23.95 -40.57
CA ASN A 613 -10.84 24.32 -41.90
C ASN A 613 -10.41 25.73 -42.29
N CYS A 614 -9.29 26.22 -41.74
CA CYS A 614 -8.77 27.56 -41.99
C CYS A 614 -9.77 28.65 -41.62
N THR A 615 -10.73 28.34 -40.75
CA THR A 615 -11.72 29.31 -40.30
C THR A 615 -11.73 29.48 -38.79
N GLU A 616 -10.73 28.93 -38.08
CA GLU A 616 -10.67 29.00 -36.64
C GLU A 616 -9.41 29.67 -36.10
N VAL A 617 -8.33 29.71 -36.88
CA VAL A 617 -7.07 30.34 -36.48
C VAL A 617 -6.55 29.73 -35.18
N ASN A 638 1.01 32.40 -46.32
CA ASN A 638 -0.38 32.45 -46.79
C ASN A 638 -1.26 31.48 -46.02
N VAL A 639 -2.36 31.06 -46.63
CA VAL A 639 -3.31 30.14 -46.01
C VAL A 639 -3.68 29.08 -47.04
N PHE A 640 -3.54 27.81 -46.67
CA PHE A 640 -3.84 26.70 -47.56
C PHE A 640 -4.66 25.66 -46.80
N GLN A 641 -5.85 25.35 -47.29
CA GLN A 641 -6.70 24.34 -46.69
C GLN A 641 -6.50 23.02 -47.43
N THR A 642 -5.92 22.04 -46.74
CA THR A 642 -5.67 20.72 -47.30
C THR A 642 -6.35 19.67 -46.43
N ARG A 643 -6.35 18.43 -46.93
CA ARG A 643 -6.96 17.33 -46.19
C ARG A 643 -6.29 17.08 -44.85
N ALA A 644 -5.05 17.56 -44.67
CA ALA A 644 -4.37 17.44 -43.40
C ALA A 644 -4.73 18.56 -42.43
N GLY A 645 -5.27 19.67 -42.93
CA GLY A 645 -5.66 20.77 -42.06
C GLY A 645 -5.47 22.13 -42.70
N CYS A 646 -4.86 23.06 -41.95
CA CYS A 646 -4.61 24.41 -42.44
C CYS A 646 -3.13 24.70 -42.33
N LEU A 647 -2.51 25.07 -43.45
CA LEU A 647 -1.09 25.38 -43.52
C LEU A 647 -0.92 26.88 -43.69
N ILE A 648 -0.03 27.46 -42.86
CA ILE A 648 0.24 28.89 -42.87
C ILE A 648 1.76 29.07 -42.99
N GLY A 649 2.18 29.79 -44.01
CA GLY A 649 3.60 30.07 -44.21
C GLY A 649 4.13 29.50 -45.50
N ALA A 650 3.25 28.98 -46.35
CA ALA A 650 3.63 28.39 -47.62
C ALA A 650 2.63 28.83 -48.68
N GLU A 651 2.90 28.44 -49.93
CA GLU A 651 2.03 28.74 -51.05
C GLU A 651 1.93 27.52 -51.95
N TYR A 652 0.78 27.38 -52.61
CA TYR A 652 0.51 26.22 -53.46
C TYR A 652 0.96 26.54 -54.87
N VAL A 653 2.08 25.95 -55.28
CA VAL A 653 2.59 26.09 -56.64
C VAL A 653 2.03 24.94 -57.48
N ASN A 654 1.71 25.23 -58.74
CA ASN A 654 1.13 24.24 -59.64
C ASN A 654 2.17 23.34 -60.29
N ASN A 655 3.40 23.32 -59.79
CA ASN A 655 4.44 22.47 -60.33
C ASN A 655 4.45 21.13 -59.58
N SER A 656 5.47 20.31 -59.84
CA SER A 656 5.58 19.01 -59.20
C SER A 656 7.05 18.65 -59.05
N TYR A 657 7.45 18.31 -57.83
CA TYR A 657 8.83 17.94 -57.54
C TYR A 657 8.82 16.72 -56.62
N GLU A 658 10.01 16.25 -56.27
CA GLU A 658 10.12 15.14 -55.33
C GLU A 658 9.77 15.60 -53.92
N CYS A 659 9.14 14.71 -53.15
CA CYS A 659 8.69 15.04 -51.80
C CYS A 659 9.91 15.23 -50.90
N ASP A 660 10.15 16.47 -50.49
CA ASP A 660 11.26 16.77 -49.58
C ASP A 660 10.83 16.71 -48.12
N ILE A 661 9.77 17.44 -47.76
CA ILE A 661 9.22 17.39 -46.42
C ILE A 661 7.78 16.91 -46.52
N PRO A 662 7.49 15.68 -46.08
CA PRO A 662 6.12 15.15 -46.23
C PRO A 662 5.13 15.81 -45.29
N ILE A 663 4.25 16.66 -45.83
CA ILE A 663 3.20 17.25 -45.02
C ILE A 663 2.10 16.24 -44.74
N GLY A 664 1.56 15.64 -45.78
CA GLY A 664 0.53 14.62 -45.64
C GLY A 664 -0.55 14.80 -46.69
N ALA A 665 -1.33 13.73 -46.88
CA ALA A 665 -2.44 13.71 -47.83
C ALA A 665 -1.97 14.06 -49.25
N GLY A 666 -0.78 13.58 -49.61
CA GLY A 666 -0.21 13.87 -50.90
C GLY A 666 0.46 15.22 -51.03
N ILE A 667 0.43 16.04 -49.98
CA ILE A 667 1.02 17.37 -50.00
C ILE A 667 2.40 17.30 -49.36
N CYS A 668 3.38 17.90 -50.03
CA CYS A 668 4.76 17.96 -49.56
C CYS A 668 5.24 19.40 -49.59
N ALA A 669 6.37 19.66 -48.94
CA ALA A 669 6.93 21.00 -48.84
C ALA A 669 8.41 20.97 -49.20
N SER A 670 8.92 22.12 -49.65
CA SER A 670 10.32 22.23 -50.02
C SER A 670 10.74 23.69 -49.98
N TYR A 671 11.91 23.95 -49.41
CA TYR A 671 12.46 25.31 -49.35
C TYR A 671 13.18 25.60 -50.66
N GLN A 672 12.50 26.31 -51.56
CA GLN A 672 13.02 26.56 -52.90
C GLN A 672 12.94 28.06 -53.20
N THR A 673 13.23 28.41 -54.45
CA THR A 673 13.20 29.81 -54.89
C THR A 673 11.78 30.23 -55.26
N SER A 686 14.62 35.58 -53.96
CA SER A 686 13.65 35.21 -52.96
C SER A 686 13.63 33.70 -52.74
N GLN A 687 13.73 33.29 -51.48
CA GLN A 687 13.73 31.88 -51.11
C GLN A 687 12.64 31.65 -50.06
N SER A 688 11.67 30.80 -50.39
CA SER A 688 10.56 30.53 -49.50
C SER A 688 10.23 29.05 -49.51
N ILE A 689 9.39 28.64 -48.57
CA ILE A 689 8.95 27.25 -48.45
C ILE A 689 7.69 27.09 -49.27
N ILE A 690 7.80 26.42 -50.42
CA ILE A 690 6.66 26.14 -51.28
C ILE A 690 6.04 24.82 -50.85
N ALA A 691 4.72 24.73 -51.03
CA ALA A 691 3.96 23.53 -50.70
C ALA A 691 3.24 23.06 -51.95
N TYR A 692 3.52 21.83 -52.38
CA TYR A 692 2.95 21.32 -53.63
C TYR A 692 2.48 19.89 -53.48
N THR A 693 2.11 19.28 -54.59
CA THR A 693 1.72 17.87 -54.64
C THR A 693 2.89 17.06 -55.19
N MET A 694 3.32 16.05 -54.45
CA MET A 694 4.47 15.26 -54.85
C MET A 694 4.19 14.51 -56.14
N SER A 695 5.21 14.41 -56.98
CA SER A 695 5.12 13.70 -58.24
C SER A 695 5.70 12.30 -58.10
N LEU A 696 4.98 11.31 -58.64
CA LEU A 696 5.41 9.93 -58.53
C LEU A 696 6.61 9.61 -59.43
N GLY A 697 7.01 10.52 -60.29
CA GLY A 697 8.13 10.33 -61.17
C GLY A 697 7.83 10.86 -62.55
N ALA A 698 8.71 10.53 -63.50
CA ALA A 698 8.51 10.96 -64.87
C ALA A 698 7.38 10.17 -65.52
N GLU A 699 6.91 10.68 -66.66
CA GLU A 699 5.81 10.08 -67.41
C GLU A 699 6.39 9.56 -68.73
N ASN A 700 6.85 8.31 -68.71
CA ASN A 700 7.43 7.67 -69.89
C ASN A 700 6.37 6.80 -70.56
N SER A 701 6.42 6.77 -71.90
CA SER A 701 5.48 5.99 -72.70
C SER A 701 6.28 5.03 -73.57
N VAL A 702 6.25 3.74 -73.21
CA VAL A 702 6.96 2.72 -73.96
C VAL A 702 6.11 2.26 -75.13
N ALA A 703 6.71 2.17 -76.31
CA ALA A 703 5.99 1.72 -77.49
C ALA A 703 5.63 0.25 -77.37
N TYR A 704 4.48 -0.10 -77.96
CA TYR A 704 3.93 -1.46 -77.88
C TYR A 704 3.51 -1.93 -79.27
N SER A 705 4.45 -2.09 -80.13
CA SER A 705 4.08 -2.78 -81.31
C SER A 705 3.58 -4.14 -80.94
N ASN A 706 2.88 -4.76 -81.87
CA ASN A 706 2.81 -6.18 -81.87
C ASN A 706 3.92 -6.72 -82.74
N ASN A 707 4.96 -5.95 -82.92
CA ASN A 707 6.23 -6.45 -83.39
C ASN A 707 7.29 -5.37 -83.38
N SER A 708 8.12 -5.43 -82.37
CA SER A 708 9.19 -4.50 -82.01
C SER A 708 9.74 -4.90 -80.65
N ILE A 709 11.05 -5.07 -80.56
CA ILE A 709 11.72 -5.46 -79.32
C ILE A 709 12.91 -4.54 -79.11
N ALA A 710 13.15 -4.17 -77.85
CA ALA A 710 14.27 -3.31 -77.48
C ALA A 710 15.41 -4.20 -77.00
N ILE A 711 16.46 -4.32 -77.80
CA ILE A 711 17.63 -5.12 -77.48
C ILE A 711 18.72 -4.18 -76.97
N PRO A 712 19.31 -4.44 -75.80
CA PRO A 712 20.38 -3.58 -75.31
C PRO A 712 21.69 -3.83 -76.03
N THR A 713 22.44 -2.75 -76.22
CA THR A 713 23.73 -2.82 -76.91
C THR A 713 24.91 -2.44 -76.03
N ASN A 714 24.73 -2.22 -74.75
CA ASN A 714 25.87 -1.98 -73.90
C ASN A 714 25.46 -2.18 -72.48
N PHE A 715 26.45 -2.36 -71.65
CA PHE A 715 26.31 -2.86 -70.30
C PHE A 715 26.96 -1.89 -69.32
N THR A 716 26.47 -1.90 -68.08
CA THR A 716 27.03 -1.08 -67.01
C THR A 716 27.12 -1.93 -65.75
N ILE A 717 28.30 -2.00 -65.17
CA ILE A 717 28.52 -2.71 -63.91
C ILE A 717 28.35 -1.69 -62.78
N SER A 718 27.23 -1.79 -62.07
CA SER A 718 26.92 -0.85 -61.01
C SER A 718 27.25 -1.45 -59.64
N VAL A 719 27.52 -0.58 -58.68
CA VAL A 719 27.83 -0.99 -57.32
C VAL A 719 26.93 -0.20 -56.38
N THR A 720 25.93 -0.86 -55.82
CA THR A 720 25.03 -0.23 -54.86
C THR A 720 25.56 -0.46 -53.44
N THR A 721 24.75 -0.10 -52.44
CA THR A 721 25.14 -0.29 -51.05
C THR A 721 23.88 -0.39 -50.21
N GLU A 722 23.88 -1.33 -49.26
CA GLU A 722 22.73 -1.55 -48.38
C GLU A 722 23.23 -1.72 -46.95
N ILE A 723 22.67 -0.92 -46.05
CA ILE A 723 23.05 -0.95 -44.64
C ILE A 723 22.01 -1.75 -43.87
N LEU A 724 22.46 -2.75 -43.12
CA LEU A 724 21.55 -3.62 -42.37
C LEU A 724 22.03 -3.73 -40.93
N PRO A 725 21.22 -3.38 -39.94
CA PRO A 725 21.64 -3.55 -38.54
C PRO A 725 21.80 -5.02 -38.20
N VAL A 726 22.80 -5.31 -37.37
CA VAL A 726 23.11 -6.66 -36.96
C VAL A 726 22.75 -6.91 -35.50
N SER A 727 23.10 -5.96 -34.62
CA SER A 727 22.81 -6.12 -33.21
C SER A 727 22.80 -4.75 -32.54
N MET A 728 22.25 -4.72 -31.32
CA MET A 728 22.21 -3.52 -30.51
C MET A 728 23.30 -3.61 -29.43
N THR A 729 23.31 -2.64 -28.52
CA THR A 729 24.24 -2.64 -27.40
C THR A 729 23.65 -3.43 -26.25
N LYS A 730 24.39 -4.42 -25.78
CA LYS A 730 23.93 -5.25 -24.67
C LYS A 730 23.92 -4.44 -23.39
N THR A 731 22.80 -4.49 -22.67
CA THR A 731 22.63 -3.74 -21.43
C THR A 731 22.15 -4.67 -20.33
N SER A 732 22.37 -4.25 -19.09
CA SER A 732 21.94 -5.00 -17.92
C SER A 732 21.76 -4.03 -16.76
N VAL A 733 20.52 -3.90 -16.29
CA VAL A 733 20.19 -2.94 -15.24
C VAL A 733 20.46 -3.57 -13.88
N ASP A 734 20.72 -2.73 -12.90
CA ASP A 734 20.92 -3.15 -11.51
C ASP A 734 19.60 -2.94 -10.79
N CYS A 735 18.85 -4.03 -10.59
CA CYS A 735 17.53 -3.95 -9.98
C CYS A 735 17.59 -3.58 -8.50
N THR A 736 18.77 -3.55 -7.90
CA THR A 736 18.93 -3.12 -6.52
C THR A 736 19.54 -1.73 -6.40
N MET A 737 19.96 -1.13 -7.52
CA MET A 737 20.53 0.21 -7.53
C MET A 737 19.63 1.23 -8.19
N TYR A 738 19.02 0.89 -9.34
CA TYR A 738 18.10 1.81 -10.00
C TYR A 738 16.87 2.06 -9.14
N ILE A 739 16.40 1.06 -8.41
CA ILE A 739 15.24 1.24 -7.56
C ILE A 739 15.60 1.97 -6.28
N CYS A 740 16.77 1.65 -5.70
CA CYS A 740 17.22 2.24 -4.45
C CYS A 740 18.66 2.73 -4.62
N GLY A 741 18.86 4.04 -4.55
CA GLY A 741 20.19 4.59 -4.62
C GLY A 741 20.66 5.13 -3.28
N ASP A 742 21.62 4.43 -2.65
CA ASP A 742 22.11 4.78 -1.31
C ASP A 742 20.96 4.83 -0.32
N SER A 743 20.03 3.89 -0.44
CA SER A 743 18.77 3.89 0.31
C SER A 743 18.50 2.49 0.87
N THR A 744 19.48 1.96 1.61
CA THR A 744 19.46 0.59 2.13
C THR A 744 18.10 0.16 2.67
N GLU A 745 17.34 1.09 3.28
CA GLU A 745 16.00 0.75 3.74
C GLU A 745 15.09 0.41 2.56
N CYS A 746 15.23 1.14 1.45
CA CYS A 746 14.47 0.81 0.26
C CYS A 746 14.81 -0.58 -0.25
N SER A 747 16.09 -0.94 -0.25
CA SER A 747 16.49 -2.29 -0.67
C SER A 747 15.97 -3.34 0.29
N ASN A 748 15.87 -3.01 1.58
CA ASN A 748 15.32 -3.97 2.55
C ASN A 748 13.84 -4.19 2.33
N LEU A 749 13.09 -3.11 2.08
CA LEU A 749 11.65 -3.25 1.85
C LEU A 749 11.34 -3.81 0.46
N LEU A 750 12.29 -3.74 -0.47
CA LEU A 750 12.08 -4.33 -1.79
C LEU A 750 11.91 -5.84 -1.71
N LEU A 751 12.59 -6.49 -0.76
CA LEU A 751 12.46 -7.94 -0.61
C LEU A 751 11.04 -8.31 -0.19
N GLN A 752 10.40 -7.49 0.63
CA GLN A 752 9.01 -7.73 1.01
C GLN A 752 8.01 -7.20 0.00
N TYR A 753 8.43 -6.28 -0.88
CA TYR A 753 7.55 -5.74 -1.90
C TYR A 753 7.28 -6.72 -3.04
N GLY A 754 8.03 -7.82 -3.11
CA GLY A 754 7.85 -8.81 -4.14
C GLY A 754 9.17 -9.15 -4.83
N SER A 755 9.20 -10.34 -5.43
CA SER A 755 10.38 -10.84 -6.12
C SER A 755 10.31 -10.50 -7.61
N PHE A 756 10.22 -9.20 -7.89
CA PHE A 756 10.15 -8.71 -9.26
C PHE A 756 11.53 -8.48 -9.86
N CYS A 757 12.60 -8.57 -9.07
CA CYS A 757 13.95 -8.34 -9.54
C CYS A 757 14.61 -9.62 -10.08
N THR A 758 13.81 -10.59 -10.52
CA THR A 758 14.34 -11.83 -11.06
C THR A 758 14.04 -12.02 -12.53
N GLN A 759 12.82 -11.72 -12.97
CA GLN A 759 12.47 -11.91 -14.38
C GLN A 759 13.07 -10.85 -15.28
N LEU A 760 13.29 -9.63 -14.76
CA LEU A 760 13.81 -8.55 -15.59
C LEU A 760 15.28 -8.78 -15.93
N LYS A 761 16.09 -9.14 -14.94
CA LYS A 761 17.50 -9.42 -15.21
C LYS A 761 17.65 -10.65 -16.09
N ARG A 762 16.79 -11.65 -15.91
CA ARG A 762 16.83 -12.82 -16.77
C ARG A 762 16.44 -12.47 -18.20
N ALA A 763 15.45 -11.60 -18.37
CA ALA A 763 15.07 -11.16 -19.70
C ALA A 763 16.20 -10.38 -20.37
N LEU A 764 16.89 -9.54 -19.60
CA LEU A 764 18.02 -8.80 -20.17
C LEU A 764 19.16 -9.73 -20.55
N THR A 765 19.42 -10.75 -19.73
CA THR A 765 20.44 -11.74 -20.08
C THR A 765 20.04 -12.50 -21.34
N GLY A 766 18.76 -12.84 -21.48
CA GLY A 766 18.29 -13.47 -22.70
C GLY A 766 18.46 -12.58 -23.91
N ILE A 767 18.19 -11.28 -23.75
CA ILE A 767 18.40 -10.34 -24.84
C ILE A 767 19.86 -10.27 -25.23
N ALA A 768 20.75 -10.28 -24.24
CA ALA A 768 22.19 -10.25 -24.53
C ALA A 768 22.62 -11.52 -25.27
N VAL A 769 22.14 -12.68 -24.84
CA VAL A 769 22.48 -13.93 -25.52
C VAL A 769 21.91 -13.92 -26.94
N GLU A 770 20.72 -13.35 -27.12
CA GLU A 770 20.14 -13.24 -28.45
C GLU A 770 20.98 -12.36 -29.35
N GLN A 771 21.47 -11.24 -28.82
CA GLN A 771 22.32 -10.36 -29.62
C GLN A 771 23.64 -11.03 -29.97
N ASP A 772 24.21 -11.79 -29.02
CA ASP A 772 25.43 -12.53 -29.33
C ASP A 772 25.19 -13.57 -30.41
N LYS A 773 24.06 -14.28 -30.34
CA LYS A 773 23.74 -15.27 -31.36
C LYS A 773 23.52 -14.60 -32.72
N ASN A 774 22.91 -13.42 -32.72
CA ASN A 774 22.72 -12.70 -33.98
C ASN A 774 24.06 -12.26 -34.58
N THR A 775 24.98 -11.78 -33.73
CA THR A 775 26.30 -11.42 -34.23
C THR A 775 27.06 -12.64 -34.74
N GLN A 776 26.84 -13.81 -34.13
CA GLN A 776 27.55 -15.01 -34.56
C GLN A 776 26.97 -15.62 -35.84
N GLU A 777 25.65 -15.55 -36.02
CA GLU A 777 25.01 -16.20 -37.16
C GLU A 777 25.14 -15.41 -38.45
N VAL A 778 25.63 -14.17 -38.40
CA VAL A 778 25.72 -13.34 -39.60
C VAL A 778 27.13 -13.43 -40.19
N PHE A 779 28.13 -13.12 -39.38
CA PHE A 779 29.51 -13.10 -39.88
C PHE A 779 30.14 -14.48 -39.84
N ALA A 780 30.02 -15.18 -38.71
CA ALA A 780 30.63 -16.50 -38.54
C ALA A 780 29.76 -17.54 -39.25
N GLN A 781 29.90 -17.59 -40.57
CA GLN A 781 29.20 -18.56 -41.39
C GLN A 781 30.14 -19.54 -42.07
N VAL A 782 31.44 -19.39 -41.89
CA VAL A 782 32.43 -20.29 -42.48
C VAL A 782 33.40 -20.74 -41.38
N LYS A 783 33.91 -21.96 -41.53
CA LYS A 783 34.84 -22.51 -40.55
C LYS A 783 36.27 -22.03 -40.82
N GLN A 784 36.77 -22.29 -42.02
CA GLN A 784 38.14 -21.91 -42.36
C GLN A 784 38.23 -20.42 -42.61
N ILE A 785 39.30 -19.81 -42.09
CA ILE A 785 39.57 -18.40 -42.26
C ILE A 785 40.55 -18.25 -43.42
N TYR A 786 40.06 -17.81 -44.57
CA TYR A 786 40.88 -17.68 -45.76
C TYR A 786 41.65 -16.36 -45.75
N LYS A 787 42.76 -16.34 -46.46
CA LYS A 787 43.62 -15.17 -46.56
C LYS A 787 43.84 -14.83 -48.03
N THR A 788 44.01 -13.53 -48.30
CA THR A 788 44.24 -13.09 -49.67
C THR A 788 45.66 -13.39 -50.10
N PRO A 789 45.88 -13.76 -51.36
CA PRO A 789 47.23 -14.03 -51.84
C PRO A 789 48.09 -12.78 -51.81
N PRO A 790 49.41 -12.93 -51.75
CA PRO A 790 50.27 -11.74 -51.72
C PRO A 790 50.24 -10.93 -53.01
N ILE A 791 50.07 -11.59 -54.16
CA ILE A 791 49.98 -10.89 -55.44
C ILE A 791 48.56 -10.36 -55.61
N LYS A 792 48.41 -9.04 -55.62
CA LYS A 792 47.09 -8.41 -55.74
C LYS A 792 46.80 -8.09 -57.21
N TYR A 793 46.73 -9.15 -58.01
CA TYR A 793 46.36 -9.07 -59.42
C TYR A 793 45.26 -10.10 -59.67
N PHE A 794 44.02 -9.69 -59.42
CA PHE A 794 42.88 -10.59 -59.57
C PHE A 794 42.19 -10.36 -60.93
N GLY A 795 42.94 -10.66 -61.99
CA GLY A 795 42.44 -10.53 -63.34
C GLY A 795 42.51 -9.16 -63.94
N GLY A 796 42.57 -8.11 -63.12
CA GLY A 796 42.61 -6.75 -63.63
C GLY A 796 41.74 -5.80 -62.84
N PHE A 797 41.06 -6.31 -61.83
CA PHE A 797 40.20 -5.50 -60.97
C PHE A 797 40.98 -5.08 -59.73
N ASN A 798 40.73 -3.87 -59.27
CA ASN A 798 41.50 -3.33 -58.17
C ASN A 798 40.67 -3.36 -56.95
N PHE A 799 41.01 -4.30 -56.11
CA PHE A 799 40.29 -4.47 -54.85
C PHE A 799 41.01 -3.82 -53.68
N SER A 800 41.76 -2.74 -53.93
CA SER A 800 42.54 -2.08 -52.89
C SER A 800 41.68 -1.25 -51.95
N GLN A 801 40.35 -1.26 -52.11
CA GLN A 801 39.47 -0.49 -51.24
C GLN A 801 38.57 -1.34 -50.37
N ILE A 802 38.35 -2.60 -50.72
CA ILE A 802 37.48 -3.47 -49.93
C ILE A 802 38.33 -4.46 -49.14
N LEU A 803 39.52 -4.77 -49.65
CA LEU A 803 40.41 -5.68 -48.95
C LEU A 803 41.10 -4.97 -47.79
N PRO A 804 41.41 -5.68 -46.72
CA PRO A 804 42.08 -5.05 -45.58
C PRO A 804 43.49 -4.63 -45.92
N ASP A 805 43.92 -3.50 -45.35
CA ASP A 805 45.25 -2.95 -45.60
C ASP A 805 46.17 -3.30 -44.44
N PRO A 806 47.39 -3.77 -44.71
CA PRO A 806 48.30 -4.12 -43.61
C PRO A 806 48.99 -2.94 -42.96
N SER A 807 49.05 -1.79 -43.64
CA SER A 807 49.75 -0.62 -43.11
C SER A 807 48.88 0.16 -42.14
N LYS A 808 48.35 -0.50 -41.12
CA LYS A 808 47.53 0.13 -40.10
C LYS A 808 47.41 -0.81 -38.92
N PRO A 809 47.21 -0.29 -37.70
CA PRO A 809 47.12 -1.19 -36.54
C PRO A 809 45.81 -1.95 -36.46
N SER A 810 44.72 -1.40 -37.01
CA SER A 810 43.43 -2.07 -36.94
C SER A 810 43.21 -3.09 -38.04
N LYS A 811 43.93 -2.96 -39.16
CA LYS A 811 43.85 -3.90 -40.29
C LYS A 811 42.42 -4.04 -40.80
N ARG A 812 41.89 -2.93 -41.30
CA ARG A 812 40.55 -2.88 -41.87
C ARG A 812 40.58 -2.23 -43.24
N SER A 813 39.48 -2.38 -43.97
CA SER A 813 39.37 -1.80 -45.29
C SER A 813 39.21 -0.27 -45.18
N PRO A 814 39.69 0.47 -46.17
CA PRO A 814 39.49 1.93 -46.15
C PRO A 814 38.03 2.34 -46.08
N ILE A 815 37.14 1.61 -46.78
CA ILE A 815 35.72 1.87 -46.65
C ILE A 815 35.26 1.58 -45.22
N GLU A 816 35.77 0.49 -44.63
CA GLU A 816 35.47 0.22 -43.23
C GLU A 816 36.05 1.29 -42.32
N ASP A 817 37.19 1.87 -42.68
CA ASP A 817 37.74 2.96 -41.89
C ASP A 817 36.84 4.18 -41.94
N LEU A 818 36.29 4.49 -43.12
CA LEU A 818 35.35 5.60 -43.23
C LEU A 818 34.06 5.31 -42.48
N LEU A 819 33.63 4.05 -42.46
CA LEU A 819 32.40 3.69 -41.76
C LEU A 819 32.57 3.81 -40.25
N PHE A 820 33.68 3.29 -39.72
CA PHE A 820 33.93 3.34 -38.28
C PHE A 820 34.24 4.75 -37.78
N ASN A 821 34.62 5.67 -38.68
CA ASN A 821 34.89 7.05 -38.31
C ASN A 821 33.72 7.97 -38.64
N LYS A 822 32.56 7.43 -38.97
CA LYS A 822 31.37 8.20 -39.27
C LYS A 822 30.21 7.93 -38.33
N VAL A 823 30.05 6.70 -37.87
CA VAL A 823 28.97 6.33 -36.96
C VAL A 823 29.43 6.63 -35.54
N THR A 824 28.85 7.66 -34.93
CA THR A 824 29.20 8.04 -33.57
C THR A 824 28.60 7.07 -32.55
N ARG A 844 31.09 15.18 -17.64
CA ARG A 844 31.35 13.76 -17.78
C ARG A 844 30.64 13.21 -19.02
N ASP A 845 31.20 12.17 -19.62
CA ASP A 845 30.63 11.58 -20.82
C ASP A 845 29.29 10.92 -20.51
N LEU A 846 28.54 10.62 -21.57
CA LEU A 846 27.20 10.07 -21.42
C LEU A 846 27.23 8.59 -21.03
N ILE A 847 28.18 7.83 -21.59
CA ILE A 847 28.25 6.39 -21.30
C ILE A 847 28.57 6.16 -19.82
N CYS A 848 29.56 6.89 -19.31
CA CYS A 848 29.91 6.74 -17.90
C CYS A 848 28.79 7.25 -16.99
N ALA A 849 28.09 8.31 -17.40
CA ALA A 849 26.97 8.81 -16.62
C ALA A 849 25.86 7.78 -16.55
N GLN A 850 25.58 7.08 -17.65
CA GLN A 850 24.58 6.03 -17.65
C GLN A 850 25.04 4.84 -16.81
N LYS A 851 26.33 4.50 -16.87
CA LYS A 851 26.86 3.40 -16.08
C LYS A 851 26.78 3.70 -14.59
N PHE A 852 26.97 4.96 -14.20
CA PHE A 852 26.94 5.35 -12.80
C PHE A 852 25.55 5.22 -12.17
N LYS A 853 24.50 5.07 -12.97
CA LYS A 853 23.15 4.93 -12.45
C LYS A 853 22.72 3.48 -12.28
N GLY A 854 23.53 2.53 -12.72
CA GLY A 854 23.19 1.12 -12.69
C GLY A 854 23.02 0.49 -14.05
N LEU A 855 22.83 1.29 -15.09
CA LEU A 855 22.67 0.77 -16.45
C LEU A 855 24.05 0.42 -17.00
N THR A 856 24.44 -0.84 -16.84
CA THR A 856 25.73 -1.33 -17.31
C THR A 856 25.64 -1.69 -18.79
N VAL A 857 26.75 -1.52 -19.49
CA VAL A 857 26.85 -1.81 -20.91
C VAL A 857 27.87 -2.94 -21.08
N LEU A 858 27.37 -4.16 -21.30
CA LEU A 858 28.26 -5.28 -21.47
C LEU A 858 28.94 -5.22 -22.85
N PRO A 859 30.24 -5.46 -22.93
CA PRO A 859 30.92 -5.41 -24.22
C PRO A 859 30.54 -6.60 -25.08
N PRO A 860 30.48 -6.44 -26.39
CA PRO A 860 30.13 -7.56 -27.27
C PRO A 860 31.18 -8.66 -27.22
N LEU A 861 30.75 -9.87 -27.57
CA LEU A 861 31.67 -11.01 -27.58
C LEU A 861 32.71 -10.86 -28.70
N LEU A 862 32.25 -10.78 -29.95
CA LEU A 862 33.14 -10.60 -31.09
C LEU A 862 33.53 -9.14 -31.19
N THR A 863 34.81 -8.86 -30.97
CA THR A 863 35.31 -7.49 -31.06
C THR A 863 35.37 -7.05 -32.52
N ASP A 864 35.76 -5.79 -32.75
CA ASP A 864 35.85 -5.26 -34.10
C ASP A 864 36.91 -5.99 -34.92
N GLU A 865 38.01 -6.41 -34.27
CA GLU A 865 39.06 -7.11 -34.98
C GLU A 865 38.57 -8.46 -35.51
N MET A 866 37.79 -9.19 -34.71
CA MET A 866 37.31 -10.49 -35.15
C MET A 866 36.29 -10.35 -36.28
N ILE A 867 35.43 -9.34 -36.20
CA ILE A 867 34.46 -9.12 -37.27
C ILE A 867 35.20 -8.70 -38.54
N ALA A 868 36.25 -7.89 -38.41
CA ALA A 868 37.04 -7.51 -39.58
C ALA A 868 37.72 -8.73 -40.20
N GLN A 869 38.25 -9.63 -39.36
CA GLN A 869 38.87 -10.84 -39.88
C GLN A 869 37.85 -11.74 -40.57
N TYR A 870 36.64 -11.82 -40.02
CA TYR A 870 35.58 -12.59 -40.66
C TYR A 870 35.22 -12.01 -42.01
N THR A 871 35.08 -10.68 -42.09
CA THR A 871 34.77 -10.05 -43.37
C THR A 871 35.88 -10.26 -44.38
N SER A 872 37.14 -10.19 -43.92
CA SER A 872 38.26 -10.40 -44.83
C SER A 872 38.30 -11.84 -45.32
N ALA A 873 37.99 -12.81 -44.45
CA ALA A 873 37.94 -14.20 -44.87
C ALA A 873 36.83 -14.44 -45.87
N LEU A 874 35.66 -13.84 -45.64
CA LEU A 874 34.56 -13.97 -46.59
C LEU A 874 34.92 -13.36 -47.93
N LEU A 875 35.57 -12.20 -47.92
CA LEU A 875 35.99 -11.56 -49.17
C LEU A 875 37.01 -12.41 -49.91
N ALA A 876 37.97 -12.99 -49.18
CA ALA A 876 38.97 -13.85 -49.82
C ALA A 876 38.33 -15.09 -50.41
N GLY A 877 37.36 -15.67 -49.70
CA GLY A 877 36.65 -16.82 -50.24
C GLY A 877 35.79 -16.48 -51.44
N THR A 878 35.23 -15.27 -51.47
CA THR A 878 34.44 -14.87 -52.63
C THR A 878 35.32 -14.57 -53.83
N ILE A 879 36.52 -14.03 -53.60
CA ILE A 879 37.40 -13.69 -54.71
C ILE A 879 38.09 -14.94 -55.26
N THR A 880 38.80 -15.67 -54.40
CA THR A 880 39.64 -16.77 -54.84
C THR A 880 38.89 -18.08 -55.03
N SER A 881 37.68 -18.21 -54.51
CA SER A 881 36.93 -19.45 -54.64
C SER A 881 35.56 -19.22 -55.27
N GLY A 882 34.96 -18.08 -54.98
CA GLY A 882 33.64 -17.76 -55.52
C GLY A 882 32.52 -18.24 -54.61
N TRP A 883 31.70 -19.17 -55.10
CA TRP A 883 30.60 -19.72 -54.33
C TRP A 883 30.84 -21.18 -53.94
N THR A 884 32.05 -21.69 -54.12
CA THR A 884 32.35 -23.07 -53.79
C THR A 884 32.73 -23.27 -52.34
N PHE A 885 33.28 -22.25 -51.69
CA PHE A 885 33.69 -22.38 -50.29
C PHE A 885 32.51 -22.37 -49.34
N GLY A 886 31.35 -21.90 -49.79
CA GLY A 886 30.18 -21.87 -48.94
C GLY A 886 29.45 -23.19 -48.88
N ALA A 887 29.47 -23.94 -49.98
CA ALA A 887 28.84 -25.25 -50.04
C ALA A 887 29.73 -26.36 -49.54
N GLY A 888 31.05 -26.17 -49.57
CA GLY A 888 31.98 -27.18 -49.11
C GLY A 888 33.40 -26.66 -49.07
N PRO A 889 34.35 -27.47 -49.51
CA PRO A 889 35.75 -27.04 -49.52
C PRO A 889 35.99 -25.98 -50.59
N ALA A 890 36.94 -25.09 -50.30
CA ALA A 890 37.27 -24.03 -51.24
C ALA A 890 37.97 -24.61 -52.47
N LEU A 891 37.59 -24.10 -53.64
CA LEU A 891 38.14 -24.53 -54.91
C LEU A 891 38.73 -23.33 -55.63
N GLN A 892 40.01 -23.43 -56.00
CA GLN A 892 40.67 -22.34 -56.71
C GLN A 892 40.06 -22.17 -58.09
N ILE A 893 39.95 -20.92 -58.51
CA ILE A 893 39.37 -20.58 -59.82
C ILE A 893 39.80 -19.17 -60.19
N PRO A 894 40.25 -18.93 -61.44
CA PRO A 894 40.61 -17.58 -61.84
C PRO A 894 39.40 -16.64 -61.77
N PHE A 895 39.69 -15.38 -61.44
CA PHE A 895 38.61 -14.40 -61.31
C PHE A 895 37.89 -14.12 -62.63
N PRO A 896 38.56 -14.04 -63.79
CA PRO A 896 37.80 -13.91 -65.05
C PRO A 896 36.85 -15.07 -65.29
N MET A 897 37.27 -16.30 -64.96
CA MET A 897 36.38 -17.44 -65.14
C MET A 897 35.18 -17.36 -64.19
N GLN A 898 35.41 -16.90 -62.96
CA GLN A 898 34.30 -16.70 -62.04
C GLN A 898 33.33 -15.64 -62.55
N MET A 899 33.87 -14.55 -63.10
CA MET A 899 33.01 -13.52 -63.68
C MET A 899 32.21 -14.07 -64.86
N ALA A 900 32.84 -14.89 -65.70
CA ALA A 900 32.12 -15.48 -66.82
C ALA A 900 31.02 -16.42 -66.36
N TYR A 901 31.30 -17.23 -65.34
CA TYR A 901 30.28 -18.15 -64.82
C TYR A 901 29.16 -17.40 -64.13
N ARG A 902 29.44 -16.24 -63.53
CA ARG A 902 28.37 -15.44 -62.94
C ARG A 902 27.55 -14.73 -64.01
N PHE A 903 28.20 -14.30 -65.10
CA PHE A 903 27.46 -13.70 -66.21
C PHE A 903 26.58 -14.74 -66.91
N ASN A 904 27.04 -15.98 -66.99
CA ASN A 904 26.23 -17.04 -67.61
C ASN A 904 25.00 -17.39 -66.79
N GLY A 905 24.85 -16.83 -65.59
CA GLY A 905 23.69 -17.10 -64.77
C GLY A 905 22.53 -16.18 -65.04
N ILE A 906 22.82 -14.91 -65.36
CA ILE A 906 21.76 -13.94 -65.64
C ILE A 906 21.22 -14.08 -67.06
N GLY A 907 21.93 -14.75 -67.95
CA GLY A 907 21.47 -14.93 -69.31
C GLY A 907 22.50 -14.55 -70.35
N VAL A 908 23.36 -13.59 -70.01
CA VAL A 908 24.39 -13.15 -70.94
C VAL A 908 25.44 -14.24 -71.09
N THR A 909 25.77 -14.58 -72.32
CA THR A 909 26.79 -15.60 -72.57
C THR A 909 28.17 -15.10 -72.16
N GLN A 910 29.10 -16.04 -72.05
CA GLN A 910 30.45 -15.73 -71.59
C GLN A 910 31.33 -15.16 -72.69
N ASN A 911 30.80 -14.98 -73.90
CA ASN A 911 31.57 -14.38 -74.98
C ASN A 911 31.56 -12.85 -74.92
N VAL A 912 30.95 -12.26 -73.90
CA VAL A 912 30.92 -10.82 -73.74
C VAL A 912 31.96 -10.33 -72.73
N LEU A 913 32.17 -11.11 -71.66
CA LEU A 913 33.17 -10.72 -70.66
C LEU A 913 34.58 -10.85 -71.22
N TYR A 914 34.89 -11.97 -71.86
CA TYR A 914 36.24 -12.19 -72.38
C TYR A 914 36.57 -11.27 -73.55
N GLU A 915 35.55 -10.74 -74.22
CA GLU A 915 35.78 -9.80 -75.32
C GLU A 915 35.70 -8.35 -74.86
N ASN A 916 35.25 -8.09 -73.64
CA ASN A 916 35.18 -6.73 -73.10
C ASN A 916 35.69 -6.71 -71.66
N GLN A 917 36.78 -7.43 -71.40
CA GLN A 917 37.32 -7.51 -70.05
C GLN A 917 37.90 -6.17 -69.60
N LYS A 918 38.54 -5.45 -70.52
CA LYS A 918 39.13 -4.15 -70.16
C LYS A 918 38.06 -3.14 -69.79
N LEU A 919 36.96 -3.09 -70.55
CA LEU A 919 35.89 -2.15 -70.25
C LEU A 919 35.24 -2.48 -68.91
N ILE A 920 34.99 -3.75 -68.64
CA ILE A 920 34.38 -4.15 -67.37
C ILE A 920 35.31 -3.84 -66.21
N ALA A 921 36.61 -4.08 -66.39
CA ALA A 921 37.58 -3.76 -65.35
C ALA A 921 37.63 -2.26 -65.07
N ASN A 922 37.58 -1.44 -66.13
CA ASN A 922 37.60 0.00 -65.94
C ASN A 922 36.32 0.49 -65.28
N GLN A 923 35.18 -0.13 -65.59
CA GLN A 923 33.93 0.26 -64.96
C GLN A 923 33.86 -0.18 -63.51
N PHE A 924 34.49 -1.31 -63.17
CA PHE A 924 34.49 -1.77 -61.79
C PHE A 924 35.49 -0.97 -60.94
N ASN A 925 36.62 -0.59 -61.52
CA ASN A 925 37.60 0.20 -60.79
C ASN A 925 37.16 1.65 -60.62
N SER A 926 36.17 2.10 -61.38
CA SER A 926 35.64 3.45 -61.27
C SER A 926 34.35 3.52 -60.47
N ALA A 927 33.78 2.37 -60.11
CA ALA A 927 32.55 2.34 -59.32
C ALA A 927 32.81 2.13 -57.84
N ILE A 928 33.83 1.35 -57.47
CA ILE A 928 34.14 1.15 -56.06
C ILE A 928 34.68 2.45 -55.46
N GLY A 929 35.43 3.22 -56.25
CA GLY A 929 35.97 4.47 -55.74
C GLY A 929 34.91 5.52 -55.47
N LYS A 930 33.83 5.51 -56.25
CA LYS A 930 32.76 6.49 -56.04
C LYS A 930 31.93 6.18 -54.80
N ILE A 931 31.99 4.94 -54.29
CA ILE A 931 31.24 4.60 -53.09
C ILE A 931 31.74 5.39 -51.89
N GLN A 932 33.07 5.51 -51.76
CA GLN A 932 33.64 6.28 -50.67
C GLN A 932 33.26 7.75 -50.76
N ASP A 933 33.30 8.31 -51.98
CA ASP A 933 32.93 9.71 -52.15
C ASP A 933 31.45 9.92 -51.85
N SER A 934 30.60 8.96 -52.21
CA SER A 934 29.17 9.09 -51.91
C SER A 934 28.91 8.99 -50.41
N LEU A 935 29.61 8.09 -49.72
CA LEU A 935 29.43 7.97 -48.28
C LEU A 935 29.99 9.17 -47.53
N SER A 936 31.03 9.82 -48.08
CA SER A 936 31.61 10.97 -47.40
C SER A 936 30.83 12.24 -47.67
N SER A 937 30.33 12.42 -48.90
CA SER A 937 29.63 13.66 -49.23
C SER A 937 28.22 13.69 -48.64
N THR A 938 27.54 12.56 -48.64
CA THR A 938 26.16 12.51 -48.13
C THR A 938 26.17 12.71 -46.62
N PRO A 939 25.48 13.72 -46.10
CA PRO A 939 25.46 13.91 -44.64
C PRO A 939 24.75 12.79 -43.91
N SER A 940 23.68 12.25 -44.48
CA SER A 940 22.88 11.19 -43.87
C SER A 940 22.99 9.95 -44.76
N ALA A 941 24.02 9.14 -44.50
CA ALA A 941 24.23 7.89 -45.23
C ALA A 941 23.95 6.65 -44.39
N LEU A 942 24.43 6.63 -43.15
CA LEU A 942 24.18 5.50 -42.24
C LEU A 942 22.93 5.82 -41.42
N GLY A 943 21.78 5.66 -42.06
CA GLY A 943 20.51 6.00 -41.45
C GLY A 943 20.14 5.11 -40.27
N LYS A 944 20.03 3.81 -40.50
CA LYS A 944 19.61 2.89 -39.44
C LYS A 944 20.70 2.73 -38.37
N LEU A 945 21.98 2.82 -38.77
CA LEU A 945 23.05 2.70 -37.79
C LEU A 945 23.00 3.84 -36.78
N GLN A 946 22.65 5.04 -37.24
CA GLN A 946 22.48 6.16 -36.30
C GLN A 946 21.13 6.09 -35.59
N ASP A 947 20.11 5.55 -36.26
CA ASP A 947 18.79 5.49 -35.66
C ASP A 947 18.76 4.54 -34.46
N VAL A 948 19.42 3.39 -34.57
CA VAL A 948 19.44 2.44 -33.46
C VAL A 948 20.21 3.02 -32.28
N VAL A 949 21.31 3.74 -32.55
CA VAL A 949 22.07 4.35 -31.48
C VAL A 949 21.27 5.45 -30.81
N ASN A 950 20.55 6.26 -31.59
CA ASN A 950 19.72 7.30 -31.01
C ASN A 950 18.59 6.71 -30.18
N HIS A 951 17.99 5.61 -30.65
CA HIS A 951 16.93 4.96 -29.88
C HIS A 951 17.47 4.40 -28.57
N ASN A 952 18.65 3.76 -28.61
CA ASN A 952 19.24 3.24 -27.38
C ASN A 952 19.57 4.37 -26.41
N ALA A 953 20.11 5.49 -26.93
CA ALA A 953 20.43 6.61 -26.07
C ALA A 953 19.18 7.22 -25.45
N GLN A 954 18.10 7.33 -26.23
CA GLN A 954 16.85 7.86 -25.68
C GLN A 954 16.27 6.93 -24.63
N ALA A 955 16.33 5.62 -24.87
CA ALA A 955 15.81 4.67 -23.89
C ALA A 955 16.62 4.67 -22.61
N LEU A 956 17.94 4.85 -22.71
CA LEU A 956 18.78 4.90 -21.52
C LEU A 956 18.70 6.24 -20.81
N ASN A 957 18.34 7.32 -21.51
CA ASN A 957 18.22 8.63 -20.89
C ASN A 957 16.86 8.84 -20.22
N THR A 958 15.78 8.36 -20.85
CA THR A 958 14.46 8.54 -20.27
C THR A 958 14.31 7.76 -18.97
N LEU A 959 14.89 6.57 -18.92
CA LEU A 959 14.80 5.75 -17.70
C LEU A 959 15.46 6.44 -16.52
N VAL A 960 16.52 7.21 -16.76
CA VAL A 960 17.17 7.93 -15.68
C VAL A 960 16.46 9.24 -15.39
N LYS A 961 15.94 9.90 -16.44
CA LYS A 961 15.24 11.16 -16.25
C LYS A 961 13.94 10.98 -15.48
N GLN A 962 13.30 9.82 -15.61
CA GLN A 962 12.07 9.57 -14.87
C GLN A 962 12.29 9.28 -13.39
N LEU A 963 13.53 9.38 -12.91
CA LEU A 963 13.81 9.23 -11.48
C LEU A 963 13.70 10.54 -10.72
N SER A 964 13.84 11.68 -11.39
CA SER A 964 13.77 12.98 -10.75
C SER A 964 12.37 13.60 -10.86
N SER A 965 11.33 12.76 -10.92
CA SER A 965 9.95 13.22 -11.02
C SER A 965 9.16 12.62 -9.87
N LYS A 966 8.50 13.49 -9.10
CA LYS A 966 7.73 13.04 -7.94
C LYS A 966 6.52 12.22 -8.40
N PHE A 967 6.52 10.93 -8.06
CA PHE A 967 5.42 10.04 -8.41
C PHE A 967 4.29 10.08 -7.38
N GLY A 968 4.25 11.11 -6.53
CA GLY A 968 3.22 11.21 -5.53
C GLY A 968 3.76 11.65 -4.18
N ALA A 969 5.08 11.54 -4.00
CA ALA A 969 5.72 11.93 -2.76
C ALA A 969 6.03 13.43 -2.78
N ILE A 970 6.56 13.92 -1.66
CA ILE A 970 6.92 15.33 -1.57
C ILE A 970 8.22 15.65 -2.30
N SER A 971 9.05 14.65 -2.56
CA SER A 971 10.31 14.87 -3.28
C SER A 971 10.73 13.56 -3.94
N SER A 972 11.82 13.64 -4.70
CA SER A 972 12.34 12.46 -5.39
C SER A 972 13.44 11.77 -4.61
N VAL A 973 14.22 12.52 -3.83
CA VAL A 973 15.31 11.92 -3.06
C VAL A 973 14.74 11.06 -1.94
N LEU A 974 15.24 9.83 -1.84
CA LEU A 974 14.74 8.91 -0.81
C LEU A 974 15.25 9.28 0.58
N ASN A 975 16.48 9.78 0.67
CA ASN A 975 17.04 10.13 1.97
C ASN A 975 16.30 11.31 2.58
N ASP A 976 15.93 12.30 1.77
CA ASP A 976 15.19 13.44 2.29
C ASP A 976 13.80 13.05 2.77
N ILE A 977 13.20 12.03 2.16
CA ILE A 977 11.89 11.55 2.62
C ILE A 977 12.03 10.72 3.88
N PHE A 978 13.05 9.86 3.96
CA PHE A 978 13.25 9.05 5.15
C PHE A 978 13.68 9.88 6.34
N SER A 979 14.33 11.02 6.10
CA SER A 979 14.81 11.86 7.19
C SER A 979 13.72 12.76 7.75
N ARG A 980 13.16 13.63 6.90
CA ARG A 980 12.19 14.62 7.35
C ARG A 980 10.75 14.10 7.21
N LEU A 981 10.50 12.94 7.79
CA LEU A 981 9.16 12.35 7.80
C LEU A 981 9.17 11.13 8.73
N ASP A 982 8.04 10.87 9.34
CA ASP A 982 7.89 9.71 10.22
C ASP A 982 7.71 8.44 9.38
N PRO A 983 8.09 7.29 9.92
CA PRO A 983 7.99 6.04 9.15
C PRO A 983 6.58 5.74 8.64
N PRO A 984 5.54 5.79 9.49
CA PRO A 984 4.22 5.35 9.00
C PRO A 984 3.67 6.19 7.87
N GLU A 985 3.95 7.50 7.83
CA GLU A 985 3.49 8.32 6.72
C GLU A 985 4.38 8.16 5.50
N ALA A 986 5.69 8.02 5.70
CA ALA A 986 6.61 7.85 4.59
C ALA A 986 6.49 6.48 3.93
N GLU A 987 5.85 5.52 4.60
CA GLU A 987 5.67 4.19 4.01
C GLU A 987 4.78 4.23 2.76
N VAL A 988 3.83 5.17 2.69
CA VAL A 988 3.00 5.31 1.51
C VAL A 988 3.76 5.99 0.38
N GLN A 989 4.53 7.02 0.70
CA GLN A 989 5.31 7.71 -0.32
C GLN A 989 6.38 6.81 -0.93
N ILE A 990 7.08 6.04 -0.09
CA ILE A 990 8.10 5.14 -0.64
C ILE A 990 7.46 4.04 -1.45
N ASP A 991 6.25 3.59 -1.07
CA ASP A 991 5.56 2.59 -1.87
C ASP A 991 5.15 3.14 -3.22
N ARG A 992 4.63 4.37 -3.26
CA ARG A 992 4.31 5.00 -4.53
C ARG A 992 5.54 5.17 -5.40
N LEU A 993 6.66 5.59 -4.81
CA LEU A 993 7.89 5.76 -5.57
C LEU A 993 8.41 4.45 -6.14
N ILE A 994 8.41 3.39 -5.32
CA ILE A 994 8.92 2.11 -5.80
C ILE A 994 7.96 1.52 -6.85
N THR A 995 6.66 1.76 -6.71
CA THR A 995 5.72 1.29 -7.73
C THR A 995 5.96 2.02 -9.05
N GLY A 996 6.14 3.33 -9.00
CA GLY A 996 6.43 4.08 -10.21
C GLY A 996 7.74 3.64 -10.86
N ARG A 997 8.77 3.39 -10.05
CA ARG A 997 10.05 2.97 -10.60
C ARG A 997 9.96 1.57 -11.22
N LEU A 998 9.23 0.67 -10.57
CA LEU A 998 9.05 -0.66 -11.15
C LEU A 998 8.24 -0.60 -12.44
N GLN A 999 7.24 0.29 -12.49
CA GLN A 999 6.48 0.46 -13.74
C GLN A 999 7.37 0.99 -14.85
N SER A 1000 8.22 1.97 -14.54
CA SER A 1000 9.13 2.50 -15.53
C SER A 1000 10.12 1.43 -16.01
N LEU A 1001 10.61 0.61 -15.09
CA LEU A 1001 11.55 -0.45 -15.48
C LEU A 1001 10.86 -1.50 -16.33
N GLN A 1002 9.61 -1.84 -16.01
CA GLN A 1002 8.85 -2.78 -16.83
C GLN A 1002 8.61 -2.21 -18.23
N THR A 1003 8.28 -0.92 -18.32
CA THR A 1003 8.11 -0.29 -19.63
C THR A 1003 9.40 -0.34 -20.42
N TYR A 1004 10.53 -0.05 -19.76
CA TYR A 1004 11.83 -0.12 -20.43
C TYR A 1004 12.12 -1.54 -20.92
N VAL A 1005 11.82 -2.54 -20.10
CA VAL A 1005 12.07 -3.93 -20.49
C VAL A 1005 11.20 -4.31 -21.69
N THR A 1006 9.94 -3.88 -21.69
CA THR A 1006 9.07 -4.19 -22.82
C THR A 1006 9.55 -3.52 -24.10
N GLN A 1007 9.95 -2.25 -24.01
CA GLN A 1007 10.49 -1.56 -25.18
C GLN A 1007 11.76 -2.24 -25.68
N GLN A 1008 12.63 -2.66 -24.76
CA GLN A 1008 13.84 -3.36 -25.16
C GLN A 1008 13.53 -4.69 -25.81
N LEU A 1009 12.49 -5.40 -25.33
CA LEU A 1009 12.10 -6.65 -25.95
C LEU A 1009 11.58 -6.44 -27.37
N ILE A 1010 10.76 -5.40 -27.57
CA ILE A 1010 10.25 -5.12 -28.90
C ILE A 1010 11.38 -4.75 -29.84
N ARG A 1011 12.29 -3.89 -29.37
CA ARG A 1011 13.43 -3.49 -30.20
C ARG A 1011 14.35 -4.67 -30.49
N ALA A 1012 14.50 -5.60 -29.53
CA ALA A 1012 15.33 -6.77 -29.76
C ALA A 1012 14.69 -7.71 -30.76
N ALA A 1013 13.36 -7.83 -30.74
CA ALA A 1013 12.68 -8.62 -31.76
C ALA A 1013 12.87 -8.01 -33.14
N GLU A 1014 12.76 -6.67 -33.24
CA GLU A 1014 13.00 -6.02 -34.52
C GLU A 1014 14.44 -6.23 -34.99
N ILE A 1015 15.40 -6.11 -34.07
CA ILE A 1015 16.80 -6.30 -34.42
C ILE A 1015 17.06 -7.75 -34.83
N ARG A 1016 16.37 -8.70 -34.19
CA ARG A 1016 16.53 -10.10 -34.58
C ARG A 1016 15.98 -10.35 -35.97
N ALA A 1017 14.83 -9.75 -36.30
CA ALA A 1017 14.30 -9.88 -37.66
C ALA A 1017 15.27 -9.28 -38.67
N SER A 1018 15.81 -8.09 -38.37
CA SER A 1018 16.76 -7.46 -39.28
C SER A 1018 18.02 -8.29 -39.44
N ALA A 1019 18.49 -8.91 -38.35
CA ALA A 1019 19.71 -9.70 -38.41
C ALA A 1019 19.48 -11.00 -39.18
N ASN A 1020 18.31 -11.61 -39.04
CA ASN A 1020 17.98 -12.78 -39.85
C ASN A 1020 17.91 -12.41 -41.32
N LEU A 1021 17.31 -11.26 -41.64
CA LEU A 1021 17.28 -10.81 -43.03
C LEU A 1021 18.68 -10.58 -43.56
N ALA A 1022 19.56 -9.96 -42.75
CA ALA A 1022 20.92 -9.69 -43.19
C ALA A 1022 21.71 -10.97 -43.38
N ALA A 1023 21.51 -11.95 -42.50
CA ALA A 1023 22.20 -13.23 -42.64
C ALA A 1023 21.73 -13.96 -43.89
N THR A 1024 20.43 -13.96 -44.16
CA THR A 1024 19.91 -14.57 -45.38
C THR A 1024 20.48 -13.88 -46.61
N LYS A 1025 20.54 -12.54 -46.58
CA LYS A 1025 21.09 -11.81 -47.72
C LYS A 1025 22.57 -12.11 -47.93
N MET A 1026 23.34 -12.21 -46.85
CA MET A 1026 24.75 -12.53 -46.98
C MET A 1026 24.96 -13.95 -47.46
N SER A 1027 24.10 -14.88 -47.05
CA SER A 1027 24.24 -16.27 -47.47
C SER A 1027 23.76 -16.50 -48.90
N GLU A 1028 22.84 -15.67 -49.40
CA GLU A 1028 22.32 -15.85 -50.75
C GLU A 1028 23.01 -14.99 -51.80
N CYS A 1029 23.58 -13.85 -51.41
CA CYS A 1029 24.22 -12.95 -52.36
C CYS A 1029 25.74 -13.12 -52.40
N VAL A 1030 26.38 -13.37 -51.27
CA VAL A 1030 27.83 -13.50 -51.23
C VAL A 1030 28.26 -14.95 -51.45
N LEU A 1031 27.53 -15.91 -50.88
CA LEU A 1031 27.85 -17.33 -51.03
C LEU A 1031 27.24 -17.94 -52.29
N GLY A 1032 26.85 -17.12 -53.25
CA GLY A 1032 26.26 -17.63 -54.47
C GLY A 1032 25.55 -16.54 -55.23
N GLN A 1033 25.18 -16.86 -56.47
CA GLN A 1033 24.50 -15.93 -57.36
C GLN A 1033 23.00 -16.14 -57.20
N SER A 1034 22.34 -15.23 -56.51
CA SER A 1034 20.90 -15.30 -56.28
C SER A 1034 20.17 -14.63 -57.44
N LYS A 1035 19.16 -15.32 -57.97
CA LYS A 1035 18.35 -14.80 -59.07
C LYS A 1035 17.14 -14.03 -58.59
N ARG A 1036 17.01 -13.81 -57.28
CA ARG A 1036 15.88 -13.04 -56.75
C ARG A 1036 16.03 -11.57 -57.13
N VAL A 1037 14.96 -11.01 -57.70
CA VAL A 1037 15.00 -9.63 -58.18
C VAL A 1037 15.00 -8.67 -57.00
N ASP A 1038 15.88 -7.66 -57.08
CA ASP A 1038 15.98 -6.57 -56.12
C ASP A 1038 16.51 -7.03 -54.77
N PHE A 1039 16.69 -8.33 -54.59
CA PHE A 1039 17.18 -8.85 -53.32
C PHE A 1039 18.65 -8.49 -53.13
N CYS A 1040 19.51 -8.87 -54.06
CA CYS A 1040 20.93 -8.51 -54.01
C CYS A 1040 21.18 -7.23 -54.81
N GLY A 1041 20.50 -6.17 -54.40
CA GLY A 1041 20.62 -4.89 -55.07
C GLY A 1041 19.76 -4.79 -56.31
N LYS A 1042 19.57 -3.56 -56.77
CA LYS A 1042 18.76 -3.31 -57.95
C LYS A 1042 19.50 -3.75 -59.20
N GLY A 1043 18.82 -4.50 -60.06
CA GLY A 1043 19.41 -5.00 -61.29
C GLY A 1043 19.76 -6.47 -61.18
N TYR A 1044 20.34 -6.97 -62.26
CA TYR A 1044 20.77 -8.37 -62.31
C TYR A 1044 21.94 -8.59 -61.38
N HIS A 1045 21.76 -9.43 -60.37
CA HIS A 1045 22.79 -9.65 -59.35
C HIS A 1045 23.96 -10.41 -59.95
N LEU A 1046 25.17 -9.90 -59.72
CA LEU A 1046 26.40 -10.56 -60.15
C LEU A 1046 27.28 -10.95 -58.97
N MET A 1047 27.61 -9.99 -58.10
CA MET A 1047 28.48 -10.26 -56.95
C MET A 1047 27.97 -9.50 -55.74
N SER A 1048 28.64 -9.71 -54.61
CA SER A 1048 28.33 -9.02 -53.37
C SER A 1048 29.52 -9.12 -52.44
N PHE A 1049 29.89 -8.02 -51.83
CA PHE A 1049 31.04 -7.96 -50.92
C PHE A 1049 30.62 -7.37 -49.59
N PRO A 1050 30.53 -8.16 -48.53
CA PRO A 1050 30.10 -7.63 -47.24
C PRO A 1050 31.24 -6.96 -46.48
N GLN A 1051 30.87 -5.95 -45.69
CA GLN A 1051 31.82 -5.24 -44.84
C GLN A 1051 31.17 -4.94 -43.51
N SER A 1052 32.00 -4.73 -42.50
CA SER A 1052 31.51 -4.46 -41.15
C SER A 1052 31.24 -2.98 -40.96
N ALA A 1053 30.51 -2.67 -39.89
CA ALA A 1053 30.23 -1.30 -39.49
C ALA A 1053 29.75 -1.34 -38.04
N PRO A 1054 29.88 -0.23 -37.30
CA PRO A 1054 29.45 -0.24 -35.90
C PRO A 1054 28.01 -0.72 -35.74
N HIS A 1055 27.86 -1.90 -35.17
CA HIS A 1055 26.55 -2.55 -34.97
C HIS A 1055 25.78 -2.63 -36.29
N GLY A 1056 26.46 -3.10 -37.34
CA GLY A 1056 25.78 -3.25 -38.62
C GLY A 1056 26.70 -3.82 -39.68
N VAL A 1057 26.08 -4.17 -40.81
CA VAL A 1057 26.77 -4.73 -41.96
C VAL A 1057 26.42 -3.88 -43.18
N VAL A 1058 27.37 -3.79 -44.12
CA VAL A 1058 27.21 -3.00 -45.34
C VAL A 1058 27.45 -3.92 -46.52
N PHE A 1059 26.49 -3.97 -47.43
CA PHE A 1059 26.60 -4.78 -48.64
C PHE A 1059 26.86 -3.88 -49.84
N LEU A 1060 27.69 -4.38 -50.76
CA LEU A 1060 28.10 -3.63 -51.94
C LEU A 1060 27.79 -4.43 -53.20
N HIS A 1061 26.55 -4.90 -53.32
CA HIS A 1061 26.12 -5.76 -54.41
C HIS A 1061 26.53 -5.19 -55.76
N VAL A 1062 27.37 -5.93 -56.47
CA VAL A 1062 27.78 -5.59 -57.83
C VAL A 1062 26.74 -6.16 -58.78
N THR A 1063 26.03 -5.28 -59.49
CA THR A 1063 24.91 -5.65 -60.34
C THR A 1063 25.18 -5.25 -61.78
N TYR A 1064 24.35 -5.78 -62.68
CA TYR A 1064 24.45 -5.60 -64.12
C TYR A 1064 23.24 -4.82 -64.61
N VAL A 1065 23.48 -3.75 -65.38
CA VAL A 1065 22.38 -2.93 -65.89
C VAL A 1065 22.54 -2.73 -67.39
N PRO A 1066 21.54 -3.07 -68.19
CA PRO A 1066 21.62 -2.78 -69.63
C PRO A 1066 21.49 -1.30 -69.90
N ALA A 1067 21.96 -0.89 -71.08
CA ALA A 1067 21.89 0.51 -71.49
C ALA A 1067 22.11 0.58 -72.99
N GLN A 1068 21.74 1.73 -73.57
CA GLN A 1068 21.87 1.99 -74.99
C GLN A 1068 21.13 0.94 -75.83
N GLU A 1069 19.82 0.85 -75.59
CA GLU A 1069 19.00 -0.12 -76.28
C GLU A 1069 18.66 0.38 -77.68
N LYS A 1070 18.26 -0.56 -78.54
CA LYS A 1070 17.88 -0.27 -79.91
C LYS A 1070 16.65 -1.09 -80.27
N ASN A 1071 15.76 -0.50 -81.07
CA ASN A 1071 14.53 -1.14 -81.47
C ASN A 1071 14.75 -2.00 -82.71
N PHE A 1072 14.11 -3.17 -82.74
CA PHE A 1072 14.21 -4.08 -83.87
C PHE A 1072 12.83 -4.67 -84.14
N THR A 1073 12.69 -5.23 -85.33
CA THR A 1073 11.45 -5.90 -85.75
C THR A 1073 11.55 -7.38 -85.41
N THR A 1074 10.84 -7.81 -84.38
CA THR A 1074 10.89 -9.18 -83.92
C THR A 1074 9.81 -10.03 -84.57
N ALA A 1075 9.86 -11.34 -84.29
CA ALA A 1075 8.90 -12.30 -84.80
C ALA A 1075 8.93 -13.53 -83.92
N PRO A 1076 7.79 -14.18 -83.68
CA PRO A 1076 7.81 -15.38 -82.82
C PRO A 1076 8.65 -16.51 -83.40
N ALA A 1077 8.45 -16.85 -84.66
CA ALA A 1077 9.18 -17.93 -85.31
C ALA A 1077 9.35 -17.61 -86.78
N ILE A 1078 10.21 -18.38 -87.44
CA ILE A 1078 10.44 -18.22 -88.88
C ILE A 1078 9.89 -19.44 -89.60
N CYS A 1079 9.61 -19.26 -90.88
CA CYS A 1079 9.02 -20.31 -91.71
C CYS A 1079 10.02 -20.76 -92.76
N HIS A 1080 10.29 -22.06 -92.80
CA HIS A 1080 11.16 -22.65 -93.80
C HIS A 1080 10.32 -23.05 -95.01
N ASP A 1081 10.91 -23.83 -95.92
CA ASP A 1081 10.19 -24.25 -97.13
C ASP A 1081 8.98 -25.10 -96.79
N GLY A 1082 9.09 -25.94 -95.76
CA GLY A 1082 7.99 -26.82 -95.41
C GLY A 1082 7.77 -27.00 -93.92
N LYS A 1083 8.55 -26.29 -93.10
CA LYS A 1083 8.45 -26.40 -91.66
C LYS A 1083 8.73 -25.05 -91.03
N ALA A 1084 8.66 -24.99 -89.70
CA ALA A 1084 8.90 -23.78 -88.94
C ALA A 1084 10.12 -23.96 -88.05
N HIS A 1085 10.62 -22.83 -87.54
CA HIS A 1085 11.80 -22.82 -86.68
C HIS A 1085 11.61 -21.77 -85.59
N PHE A 1086 11.83 -22.18 -84.34
CA PHE A 1086 11.76 -21.35 -83.15
C PHE A 1086 13.15 -21.13 -82.57
N PRO A 1087 13.40 -19.96 -81.99
CA PRO A 1087 14.72 -19.72 -81.39
C PRO A 1087 14.94 -20.61 -80.16
N ARG A 1088 16.06 -21.33 -80.17
CA ARG A 1088 16.38 -22.20 -79.04
C ARG A 1088 16.71 -21.38 -77.79
N GLU A 1089 17.71 -20.50 -77.91
CA GLU A 1089 18.10 -19.60 -76.81
C GLU A 1089 18.45 -18.26 -77.43
N GLY A 1090 17.47 -17.37 -77.49
CA GLY A 1090 17.65 -16.05 -78.07
C GLY A 1090 16.33 -15.52 -78.59
N VAL A 1091 16.44 -14.54 -79.49
CA VAL A 1091 15.28 -13.90 -80.09
C VAL A 1091 15.61 -13.54 -81.54
N PHE A 1092 14.61 -13.67 -82.40
CA PHE A 1092 14.76 -13.32 -83.81
C PHE A 1092 14.50 -11.82 -83.99
N VAL A 1093 15.53 -11.11 -84.43
CA VAL A 1093 15.43 -9.67 -84.68
C VAL A 1093 15.70 -9.42 -86.17
N SER A 1094 15.45 -8.19 -86.59
CA SER A 1094 15.66 -7.81 -87.98
C SER A 1094 16.02 -6.34 -88.04
N ASN A 1095 16.83 -6.00 -89.03
CA ASN A 1095 17.35 -4.69 -89.16
C ASN A 1095 16.80 -4.15 -90.43
N GLY A 1096 15.56 -4.47 -90.69
CA GLY A 1096 14.86 -3.99 -91.88
C GLY A 1096 15.06 -4.81 -93.13
N THR A 1097 16.32 -5.17 -93.42
CA THR A 1097 16.64 -5.93 -94.61
C THR A 1097 16.71 -7.43 -94.34
N HIS A 1098 17.57 -7.84 -93.42
CA HIS A 1098 17.80 -9.25 -93.11
C HIS A 1098 17.32 -9.57 -91.71
N TRP A 1099 17.32 -10.87 -91.40
CA TRP A 1099 16.94 -11.37 -90.09
C TRP A 1099 18.12 -12.06 -89.43
N PHE A 1100 18.19 -11.97 -88.11
CA PHE A 1100 19.26 -12.58 -87.33
C PHE A 1100 18.70 -13.08 -86.01
N VAL A 1101 19.50 -13.84 -85.29
CA VAL A 1101 19.15 -14.35 -83.97
C VAL A 1101 20.15 -13.81 -82.96
N THR A 1102 19.65 -13.19 -81.91
CA THR A 1102 20.48 -12.56 -80.89
C THR A 1102 20.13 -13.15 -79.51
N GLN A 1103 20.82 -12.64 -78.50
CA GLN A 1103 20.57 -13.04 -77.12
C GLN A 1103 19.37 -12.28 -76.57
N ARG A 1104 19.07 -12.47 -75.29
CA ARG A 1104 17.94 -11.79 -74.66
C ARG A 1104 18.35 -10.56 -73.85
N ASN A 1105 19.63 -10.42 -73.51
CA ASN A 1105 20.10 -9.29 -72.71
C ASN A 1105 21.33 -8.62 -73.30
N PHE A 1106 21.74 -8.99 -74.51
CA PHE A 1106 22.90 -8.37 -75.13
C PHE A 1106 22.80 -8.55 -76.64
N TYR A 1107 23.09 -7.48 -77.37
CA TYR A 1107 23.02 -7.51 -78.83
C TYR A 1107 24.20 -8.30 -79.39
N GLU A 1108 23.91 -9.37 -80.13
CA GLU A 1108 24.94 -10.18 -80.77
C GLU A 1108 24.33 -10.81 -82.01
N PRO A 1109 24.42 -10.13 -83.16
CA PRO A 1109 23.80 -10.67 -84.38
C PRO A 1109 24.56 -11.90 -84.88
N GLN A 1110 23.81 -12.97 -85.11
CA GLN A 1110 24.37 -14.21 -85.62
C GLN A 1110 23.50 -14.72 -86.77
N ILE A 1111 24.15 -15.42 -87.71
CA ILE A 1111 23.42 -15.98 -88.84
C ILE A 1111 22.47 -17.07 -88.37
N ILE A 1112 21.37 -17.23 -89.10
CA ILE A 1112 20.35 -18.21 -88.76
C ILE A 1112 20.74 -19.54 -89.38
N THR A 1113 21.18 -20.48 -88.54
CA THR A 1113 21.57 -21.81 -88.97
C THR A 1113 20.78 -22.85 -88.19
N THR A 1114 20.86 -24.10 -88.64
CA THR A 1114 20.15 -25.19 -87.98
C THR A 1114 20.96 -25.72 -86.79
N ASP A 1115 21.39 -24.82 -85.91
CA ASP A 1115 22.13 -25.20 -84.71
C ASP A 1115 21.54 -24.51 -83.50
N ASN A 1116 20.90 -23.36 -83.72
CA ASN A 1116 20.27 -22.59 -82.65
C ASN A 1116 18.75 -22.55 -82.80
N THR A 1117 18.18 -23.45 -83.58
CA THR A 1117 16.74 -23.53 -83.77
C THR A 1117 16.29 -24.98 -83.68
N PHE A 1118 15.01 -25.16 -83.37
CA PHE A 1118 14.40 -26.49 -83.30
C PHE A 1118 13.08 -26.47 -84.05
N VAL A 1119 12.83 -27.52 -84.82
CA VAL A 1119 11.64 -27.60 -85.64
C VAL A 1119 10.48 -28.13 -84.80
N SER A 1120 9.31 -27.50 -84.95
CA SER A 1120 8.10 -27.94 -84.24
C SER A 1120 6.90 -27.50 -85.08
N GLY A 1121 6.28 -28.45 -85.76
CA GLY A 1121 5.13 -28.15 -86.59
C GLY A 1121 5.52 -27.42 -87.87
N ASN A 1122 4.50 -26.93 -88.55
CA ASN A 1122 4.65 -26.19 -89.79
C ASN A 1122 4.01 -24.81 -89.65
N CYS A 1123 4.05 -24.04 -90.74
CA CYS A 1123 3.60 -22.65 -90.73
C CYS A 1123 2.09 -22.58 -91.01
N ASP A 1124 1.32 -23.10 -90.06
CA ASP A 1124 -0.13 -23.07 -90.18
C ASP A 1124 -0.86 -22.70 -88.90
N VAL A 1125 -0.20 -22.71 -87.73
CA VAL A 1125 -0.87 -22.43 -86.47
C VAL A 1125 -0.31 -21.18 -85.79
N VAL A 1126 1.01 -20.98 -85.87
CA VAL A 1126 1.64 -19.84 -85.21
C VAL A 1126 1.21 -18.55 -85.90
N ILE A 1127 0.74 -17.58 -85.12
CA ILE A 1127 0.27 -16.30 -85.63
C ILE A 1127 1.43 -15.32 -85.61
N GLY A 1128 1.69 -14.69 -86.76
CA GLY A 1128 2.76 -13.73 -86.86
C GLY A 1128 4.09 -14.28 -87.31
N ILE A 1129 4.11 -15.45 -87.94
CA ILE A 1129 5.35 -16.07 -88.39
C ILE A 1129 5.76 -15.47 -89.72
N VAL A 1130 7.04 -15.14 -89.84
CA VAL A 1130 7.59 -14.52 -91.05
C VAL A 1130 8.34 -15.57 -91.85
N ASN A 1131 8.42 -15.39 -93.14
CA ASN A 1131 9.12 -16.35 -93.91
C ASN A 1131 10.54 -15.97 -93.77
N ASN A 1132 11.40 -16.90 -94.10
CA ASN A 1132 12.83 -16.67 -94.21
C ASN A 1132 13.47 -17.95 -94.76
N THR A 1133 14.79 -17.99 -94.80
CA THR A 1133 15.55 -19.14 -95.30
C THR A 1133 16.67 -19.45 -94.33
N VAL A 1134 16.55 -20.58 -93.62
CA VAL A 1134 17.61 -20.98 -92.71
C VAL A 1134 18.81 -21.49 -93.51
N TYR A 1135 19.97 -21.52 -92.83
CA TYR A 1135 21.21 -21.98 -93.42
C TYR A 1135 21.57 -23.35 -92.87
N ASP A 1136 22.13 -24.20 -93.73
CA ASP A 1136 22.55 -25.54 -93.34
C ASP A 1136 24.06 -25.61 -93.28
N PRO A 1137 24.64 -25.98 -92.13
CA PRO A 1137 26.11 -26.04 -92.05
C PRO A 1137 26.73 -27.09 -92.96
N LEU A 1138 25.98 -28.14 -93.30
CA LEU A 1138 26.51 -29.19 -94.16
C LEU A 1138 26.47 -28.82 -95.63
N GLN A 1139 25.65 -27.83 -96.02
CA GLN A 1139 25.55 -27.45 -97.42
C GLN A 1139 26.88 -26.96 -98.00
N PRO A 1140 27.63 -26.05 -97.37
CA PRO A 1140 28.92 -25.66 -97.96
C PRO A 1140 29.97 -26.75 -97.85
N GLU A 1141 29.92 -27.57 -96.80
CA GLU A 1141 30.89 -28.64 -96.64
C GLU A 1141 30.71 -29.73 -97.68
N LEU A 1142 29.46 -30.02 -98.04
CA LEU A 1142 29.14 -31.04 -99.04
C LEU A 1142 29.29 -30.46 -100.45
N ASP A 1143 30.52 -30.11 -100.80
CA ASP A 1143 30.85 -29.54 -102.10
C ASP A 1143 31.27 -30.60 -103.11
N SER A 1144 30.88 -31.84 -102.91
CA SER A 1144 31.23 -32.92 -103.82
C SER A 1144 30.39 -32.86 -105.10
N LEU B 24 40.95 -26.20 30.46
CA LEU B 24 41.26 -26.99 29.27
C LEU B 24 41.41 -26.08 28.05
N PRO B 25 42.34 -26.44 27.17
CA PRO B 25 42.50 -25.72 25.89
C PRO B 25 41.58 -26.28 24.83
N PRO B 26 40.34 -25.79 24.73
CA PRO B 26 39.37 -26.42 23.81
C PRO B 26 39.83 -26.32 22.37
N ALA B 27 39.90 -27.47 21.71
CA ALA B 27 40.32 -27.53 20.30
C ALA B 27 39.14 -27.17 19.41
N TYR B 28 39.32 -27.31 18.10
CA TYR B 28 38.28 -27.00 17.13
C TYR B 28 38.41 -27.94 15.94
N THR B 29 37.27 -28.40 15.43
CA THR B 29 37.21 -29.29 14.28
C THR B 29 36.36 -28.67 13.19
N ASN B 30 36.55 -29.17 11.97
CA ASN B 30 35.83 -28.69 10.80
C ASN B 30 34.54 -29.50 10.66
N SER B 31 33.40 -28.84 10.86
CA SER B 31 32.11 -29.48 10.76
C SER B 31 31.72 -29.62 9.29
N PHE B 32 31.48 -30.85 8.84
CA PHE B 32 31.06 -31.10 7.48
C PHE B 32 29.56 -30.84 7.36
N THR B 33 28.96 -31.27 6.25
CA THR B 33 27.55 -31.01 6.00
C THR B 33 26.72 -31.87 6.96
N ARG B 34 26.29 -31.26 8.06
CA ARG B 34 25.49 -31.93 9.08
C ARG B 34 24.73 -30.89 9.87
N GLY B 35 23.47 -31.20 10.19
CA GLY B 35 22.63 -30.31 10.96
C GLY B 35 21.48 -29.69 10.20
N VAL B 36 21.19 -30.14 8.98
CA VAL B 36 20.10 -29.60 8.18
C VAL B 36 18.81 -30.26 8.65
N TYR B 37 18.05 -29.56 9.49
CA TYR B 37 16.80 -30.08 10.02
C TYR B 37 15.62 -29.60 9.18
N TYR B 38 14.48 -30.25 9.39
CA TYR B 38 13.26 -29.86 8.71
C TYR B 38 12.72 -28.56 9.29
N PRO B 39 12.55 -27.51 8.48
CA PRO B 39 12.05 -26.24 9.02
C PRO B 39 10.59 -26.36 9.48
N ASP B 40 9.78 -27.08 8.70
CA ASP B 40 8.38 -27.28 9.04
C ASP B 40 7.96 -28.71 8.73
N LYS B 41 6.67 -28.99 8.85
CA LYS B 41 6.11 -30.31 8.57
C LYS B 41 5.26 -30.22 7.31
N VAL B 42 5.92 -30.36 6.16
CA VAL B 42 5.27 -30.30 4.86
C VAL B 42 5.85 -31.38 3.96
N PHE B 43 5.00 -32.23 3.40
CA PHE B 43 5.45 -33.29 2.52
C PHE B 43 5.85 -32.73 1.17
N ARG B 44 7.03 -33.10 0.69
CA ARG B 44 7.53 -32.68 -0.61
C ARG B 44 8.20 -33.86 -1.27
N SER B 45 7.92 -34.05 -2.57
CA SER B 45 8.42 -35.20 -3.30
C SER B 45 9.12 -34.73 -4.57
N SER B 46 10.42 -35.01 -4.66
CA SER B 46 11.22 -34.75 -5.85
C SER B 46 11.16 -33.27 -6.25
N VAL B 47 11.46 -32.39 -5.29
CA VAL B 47 11.50 -30.96 -5.51
C VAL B 47 12.77 -30.40 -4.88
N LEU B 48 12.95 -29.08 -4.99
CA LEU B 48 14.08 -28.38 -4.40
C LEU B 48 13.53 -27.17 -3.67
N HIS B 49 13.65 -27.15 -2.34
CA HIS B 49 13.09 -26.10 -1.52
C HIS B 49 14.20 -25.21 -0.99
N SER B 50 14.11 -23.91 -1.30
CA SER B 50 15.10 -22.93 -0.86
C SER B 50 14.57 -22.23 0.38
N THR B 51 15.03 -22.66 1.55
CA THR B 51 14.57 -22.11 2.82
C THR B 51 15.55 -21.07 3.34
N GLN B 52 15.03 -20.15 4.14
CA GLN B 52 15.83 -19.10 4.77
C GLN B 52 15.51 -19.12 6.26
N ASP B 53 16.44 -19.61 7.07
CA ASP B 53 16.19 -19.79 8.49
C ASP B 53 17.52 -20.02 9.21
N LEU B 54 17.45 -20.38 10.49
CA LEU B 54 18.63 -20.61 11.30
C LEU B 54 19.17 -22.01 11.01
N PHE B 55 20.32 -22.08 10.37
CA PHE B 55 20.98 -23.35 10.08
C PHE B 55 22.45 -23.26 10.43
N LEU B 56 23.11 -24.42 10.44
CA LEU B 56 24.53 -24.49 10.73
C LEU B 56 25.32 -24.28 9.44
N PRO B 57 26.18 -23.26 9.37
CA PRO B 57 26.95 -23.04 8.14
C PRO B 57 27.90 -24.20 7.87
N PHE B 58 27.93 -24.63 6.61
CA PHE B 58 28.81 -25.73 6.22
C PHE B 58 30.27 -25.31 6.30
N PHE B 59 31.13 -26.27 6.66
CA PHE B 59 32.57 -26.06 6.78
C PHE B 59 32.88 -24.92 7.76
N SER B 60 32.37 -25.08 8.97
CA SER B 60 32.60 -24.14 10.07
C SER B 60 33.44 -24.82 11.14
N ASN B 61 33.74 -24.05 12.19
CA ASN B 61 34.56 -24.53 13.30
C ASN B 61 33.65 -24.86 14.49
N VAL B 62 33.80 -26.06 15.03
CA VAL B 62 33.03 -26.51 16.18
C VAL B 62 34.01 -26.93 17.27
N THR B 63 33.76 -26.46 18.50
CA THR B 63 34.66 -26.76 19.61
C THR B 63 34.68 -28.26 19.88
N TRP B 64 35.87 -28.76 20.25
CA TRP B 64 36.12 -30.18 20.44
C TRP B 64 36.23 -30.55 21.92
N PHE B 65 35.36 -29.96 22.74
CA PHE B 65 35.35 -30.25 24.18
C PHE B 65 35.29 -31.75 24.43
N HIS B 66 36.33 -32.27 25.07
CA HIS B 66 36.46 -33.69 25.35
C HIS B 66 36.01 -33.99 26.78
N VAL B 67 35.22 -35.06 26.94
CA VAL B 67 34.63 -35.40 28.22
C VAL B 67 35.42 -36.54 28.85
N ILE B 68 36.70 -36.65 28.48
CA ILE B 68 37.52 -37.75 28.97
C ILE B 68 37.72 -37.64 30.49
N PHE B 77 37.34 -34.26 32.65
CA PHE B 77 36.37 -33.37 33.27
C PHE B 77 36.20 -32.10 32.44
N ASP B 78 34.94 -31.72 32.17
CA ASP B 78 34.67 -30.49 31.44
C ASP B 78 33.21 -30.12 31.64
N ASN B 79 32.95 -28.85 31.95
CA ASN B 79 31.59 -28.35 32.11
C ASN B 79 31.55 -26.83 31.96
N PRO B 80 31.80 -26.31 30.77
CA PRO B 80 31.80 -24.85 30.59
C PRO B 80 30.40 -24.32 30.33
N VAL B 81 30.30 -22.99 30.31
CA VAL B 81 29.06 -22.29 30.03
C VAL B 81 29.20 -21.64 28.66
N LEU B 82 28.28 -21.98 27.75
CA LEU B 82 28.36 -21.48 26.39
C LEU B 82 27.28 -20.44 26.11
N PRO B 83 27.57 -19.44 25.28
CA PRO B 83 26.55 -18.44 24.94
C PRO B 83 25.55 -19.02 23.93
N PHE B 84 24.26 -18.89 24.25
CA PHE B 84 23.18 -19.37 23.38
C PHE B 84 22.62 -18.14 22.65
N ASN B 85 23.07 -17.96 21.41
CA ASN B 85 22.65 -16.80 20.63
C ASN B 85 21.29 -17.02 19.99
N ASP B 86 21.18 -18.04 19.14
CA ASP B 86 19.91 -18.32 18.49
C ASP B 86 19.64 -19.80 18.27
N GLY B 87 20.50 -20.69 18.72
CA GLY B 87 20.34 -22.11 18.53
C GLY B 87 21.71 -22.78 18.51
N VAL B 88 21.74 -24.03 18.98
CA VAL B 88 22.98 -24.78 19.09
C VAL B 88 22.81 -26.15 18.46
N TYR B 89 23.95 -26.77 18.14
CA TYR B 89 24.00 -28.10 17.56
C TYR B 89 24.86 -28.98 18.48
N PHE B 90 24.20 -29.68 19.39
CA PHE B 90 24.88 -30.55 20.35
C PHE B 90 25.05 -31.94 19.76
N ALA B 91 26.22 -32.53 20.00
CA ALA B 91 26.54 -33.87 19.53
C ALA B 91 26.88 -34.74 20.73
N SER B 92 26.83 -36.05 20.51
CA SER B 92 27.11 -37.00 21.59
C SER B 92 27.53 -38.33 20.97
N ILE B 93 28.73 -38.79 21.32
CA ILE B 93 29.24 -40.07 20.84
C ILE B 93 29.44 -40.97 22.05
N GLU B 94 28.58 -40.82 23.05
CA GLU B 94 28.67 -41.61 24.27
C GLU B 94 28.50 -43.09 23.96
N LYS B 95 28.96 -43.94 24.88
CA LYS B 95 28.86 -45.39 24.70
C LYS B 95 27.46 -45.87 25.09
N SER B 96 27.12 -45.78 26.37
CA SER B 96 25.78 -46.13 26.83
C SER B 96 25.05 -44.96 27.44
N ASN B 97 25.58 -44.34 28.50
CA ASN B 97 24.89 -43.27 29.21
C ASN B 97 25.84 -42.18 29.67
N ILE B 98 26.92 -41.94 28.93
CA ILE B 98 27.95 -41.00 29.39
C ILE B 98 27.39 -39.59 29.43
N ILE B 99 26.85 -39.11 28.32
CA ILE B 99 26.35 -37.75 28.20
C ILE B 99 24.83 -37.80 28.25
N ARG B 100 24.25 -37.27 29.33
CA ARG B 100 22.81 -37.22 29.51
C ARG B 100 22.44 -35.95 30.25
N GLY B 101 21.51 -35.19 29.70
CA GLY B 101 20.96 -34.02 30.38
C GLY B 101 21.35 -32.72 29.69
N TRP B 102 20.56 -31.68 29.98
CA TRP B 102 20.80 -30.34 29.47
C TRP B 102 20.35 -29.34 30.52
N ILE B 103 21.13 -28.26 30.66
CA ILE B 103 20.89 -27.27 31.70
C ILE B 103 20.66 -25.90 31.07
N PHE B 104 19.99 -25.88 29.91
CA PHE B 104 19.68 -24.63 29.23
C PHE B 104 19.04 -23.63 30.18
N GLY B 105 19.43 -22.36 30.03
CA GLY B 105 18.90 -21.32 30.89
C GLY B 105 19.42 -19.97 30.46
N THR B 106 18.98 -18.95 31.20
CA THR B 106 19.39 -17.57 30.92
C THR B 106 20.52 -17.12 31.85
N THR B 107 20.32 -17.22 33.16
CA THR B 107 21.32 -16.83 34.14
C THR B 107 21.70 -17.94 35.10
N LEU B 108 21.01 -19.08 35.08
CA LEU B 108 21.28 -20.20 35.99
C LEU B 108 21.23 -19.75 37.45
N ASP B 109 20.28 -18.87 37.75
CA ASP B 109 20.09 -18.33 39.09
C ASP B 109 18.68 -18.63 39.57
N SER B 110 18.43 -18.32 40.84
CA SER B 110 17.11 -18.53 41.42
C SER B 110 16.13 -17.41 41.09
N LYS B 111 16.63 -16.28 40.60
CA LYS B 111 15.75 -15.17 40.24
C LYS B 111 14.94 -15.50 38.99
N THR B 112 15.62 -15.86 37.91
CA THR B 112 14.98 -16.20 36.64
C THR B 112 14.82 -17.72 36.53
N GLN B 113 14.00 -18.13 35.58
CA GLN B 113 13.75 -19.54 35.35
C GLN B 113 14.88 -20.16 34.54
N SER B 114 14.82 -21.48 34.37
CA SER B 114 15.82 -22.22 33.61
C SER B 114 15.16 -23.47 33.05
N LEU B 115 15.98 -24.36 32.47
CA LEU B 115 15.49 -25.60 31.89
C LEU B 115 16.48 -26.70 32.19
N LEU B 116 16.00 -27.79 32.76
CA LEU B 116 16.84 -28.90 33.22
C LEU B 116 16.32 -30.23 32.67
N ILE B 117 16.07 -30.26 31.36
CA ILE B 117 15.64 -31.47 30.69
C ILE B 117 16.67 -32.57 30.89
N VAL B 118 16.29 -33.66 31.55
CA VAL B 118 17.18 -34.77 31.82
C VAL B 118 16.57 -36.04 31.24
N ASN B 119 17.42 -37.05 31.05
CA ASN B 119 17.03 -38.34 30.50
C ASN B 119 17.37 -39.42 31.53
N ASN B 120 16.38 -39.82 32.31
CA ASN B 120 16.58 -40.84 33.33
C ASN B 120 16.08 -42.18 32.79
N ALA B 121 16.08 -43.20 33.64
CA ALA B 121 15.80 -44.57 33.22
C ALA B 121 14.49 -44.66 32.46
N THR B 122 14.60 -44.96 31.16
CA THR B 122 13.48 -45.02 30.21
C THR B 122 12.42 -43.95 30.46
N ASN B 123 12.89 -42.72 30.67
CA ASN B 123 11.98 -41.59 30.76
C ASN B 123 12.76 -40.29 30.58
N VAL B 124 12.04 -39.23 30.25
CA VAL B 124 12.61 -37.90 30.06
C VAL B 124 11.83 -36.93 30.93
N VAL B 125 12.55 -36.06 31.65
CA VAL B 125 11.95 -35.06 32.52
C VAL B 125 12.23 -33.68 31.94
N ILE B 126 11.17 -32.90 31.73
CA ILE B 126 11.26 -31.56 31.19
C ILE B 126 10.55 -30.63 32.17
N LYS B 127 11.32 -29.85 32.92
CA LYS B 127 10.77 -28.89 33.86
C LYS B 127 11.41 -27.53 33.63
N VAL B 128 10.58 -26.48 33.63
CA VAL B 128 11.05 -25.12 33.48
C VAL B 128 11.11 -24.40 34.82
N CYS B 129 11.21 -25.14 35.92
CA CYS B 129 11.26 -24.55 37.24
C CYS B 129 12.55 -23.75 37.42
N GLU B 130 12.53 -22.84 38.40
CA GLU B 130 13.66 -21.96 38.67
C GLU B 130 14.57 -22.55 39.75
N PHE B 131 15.06 -23.77 39.48
CA PHE B 131 16.04 -24.41 40.34
C PHE B 131 17.43 -23.90 39.96
N GLN B 132 18.01 -23.06 40.82
CA GLN B 132 19.29 -22.44 40.52
C GLN B 132 20.40 -23.47 40.37
N PHE B 133 20.77 -24.12 41.47
CA PHE B 133 21.82 -25.14 41.54
C PHE B 133 21.88 -25.61 42.99
N CYS B 134 22.65 -26.68 43.23
CA CYS B 134 22.96 -27.09 44.58
C CYS B 134 24.45 -26.98 44.89
N ASN B 135 25.30 -27.72 44.18
CA ASN B 135 26.74 -27.51 44.27
C ASN B 135 27.42 -27.41 42.92
N ASP B 136 26.97 -28.20 41.94
CA ASP B 136 27.61 -28.31 40.64
C ASP B 136 26.75 -29.16 39.70
N PRO B 137 26.76 -28.90 38.40
CA PRO B 137 25.98 -29.74 37.48
C PRO B 137 26.61 -31.12 37.27
N PHE B 138 26.36 -32.04 38.18
CA PHE B 138 26.88 -33.40 38.09
C PHE B 138 25.79 -34.39 38.47
N LEU B 139 25.88 -35.59 37.90
CA LEU B 139 24.94 -36.65 38.23
C LEU B 139 25.54 -38.03 37.91
N GLU B 151 20.08 -40.49 40.57
CA GLU B 151 20.00 -39.52 41.66
C GLU B 151 19.90 -38.09 41.12
N PHE B 152 19.06 -37.28 41.77
CA PHE B 152 18.85 -35.89 41.36
C PHE B 152 19.77 -34.96 42.14
N ARG B 153 21.07 -35.21 42.00
CA ARG B 153 22.09 -34.41 42.66
C ARG B 153 22.48 -33.18 41.86
N VAL B 154 21.70 -32.81 40.85
CA VAL B 154 22.01 -31.62 40.06
C VAL B 154 21.58 -30.35 40.77
N TYR B 155 20.44 -30.40 41.47
CA TYR B 155 19.92 -29.24 42.18
C TYR B 155 19.28 -29.70 43.49
N SER B 156 19.18 -28.76 44.43
CA SER B 156 18.52 -29.03 45.71
C SER B 156 17.86 -27.73 46.17
N SER B 157 16.59 -27.58 45.83
CA SER B 157 15.79 -26.41 46.19
C SER B 157 14.34 -26.71 45.86
N ALA B 158 13.48 -25.71 46.07
CA ALA B 158 12.05 -25.87 45.80
C ALA B 158 11.46 -24.49 45.55
N ASN B 159 10.92 -24.27 44.35
CA ASN B 159 10.30 -23.00 43.99
C ASN B 159 9.09 -23.30 43.11
N ASN B 160 8.62 -22.29 42.39
CA ASN B 160 7.40 -22.49 41.65
C ASN B 160 7.65 -22.70 40.21
N CYS B 161 7.09 -23.78 39.72
CA CYS B 161 7.40 -24.33 38.41
C CYS B 161 6.31 -23.96 37.40
N THR B 162 6.57 -24.29 36.13
CA THR B 162 5.63 -24.03 35.06
C THR B 162 5.37 -25.22 34.14
N PHE B 163 6.17 -26.28 34.22
CA PHE B 163 5.99 -27.43 33.37
C PHE B 163 6.63 -28.64 34.05
N GLU B 164 5.96 -29.79 33.94
CA GLU B 164 6.42 -31.05 34.53
C GLU B 164 6.26 -32.19 33.54
N TYR B 165 6.72 -31.97 32.30
CA TYR B 165 6.54 -32.94 31.21
C TYR B 165 7.37 -34.19 31.53
N VAL B 166 6.66 -35.26 31.88
CA VAL B 166 7.29 -36.55 32.14
C VAL B 166 7.00 -37.43 30.93
N SER B 167 7.92 -37.46 29.97
CA SER B 167 7.73 -38.23 28.75
C SER B 167 8.20 -39.66 28.99
N GLN B 168 7.27 -40.62 28.83
CA GLN B 168 7.65 -42.03 28.98
C GLN B 168 8.60 -42.50 27.89
N PRO B 169 8.36 -42.23 26.61
CA PRO B 169 9.36 -42.64 25.59
C PRO B 169 10.62 -41.80 25.71
N PHE B 170 11.74 -42.48 25.97
CA PHE B 170 13.01 -41.80 26.12
C PHE B 170 13.53 -41.30 24.78
N LEU B 171 14.25 -40.17 24.83
CA LEU B 171 14.80 -39.56 23.62
C LEU B 171 16.09 -40.22 23.16
N MET B 172 16.68 -41.08 23.97
CA MET B 172 17.94 -41.74 23.60
C MET B 172 17.74 -43.25 23.43
N GLN B 178 28.08 -55.89 19.05
CA GLN B 178 28.59 -54.72 18.37
C GLN B 178 29.73 -54.08 19.15
N GLY B 179 30.93 -54.62 18.98
CA GLY B 179 32.11 -54.12 19.67
C GLY B 179 32.55 -52.76 19.18
N ASN B 180 33.01 -52.69 17.93
CA ASN B 180 33.48 -51.44 17.33
C ASN B 180 32.37 -50.71 16.60
N PHE B 181 31.25 -50.48 17.30
CA PHE B 181 30.09 -49.80 16.74
C PHE B 181 29.60 -48.78 17.77
N LYS B 182 30.03 -47.53 17.60
CA LYS B 182 29.60 -46.46 18.50
C LYS B 182 28.22 -45.96 18.06
N ASN B 183 27.75 -44.88 18.69
CA ASN B 183 26.44 -44.33 18.39
C ASN B 183 26.53 -42.81 18.46
N LEU B 184 26.12 -42.15 17.38
CA LEU B 184 26.12 -40.69 17.31
C LEU B 184 24.70 -40.17 17.50
N ARG B 185 24.56 -39.10 18.28
CA ARG B 185 23.27 -38.48 18.57
C ARG B 185 23.40 -36.98 18.39
N GLU B 186 22.68 -36.43 17.41
CA GLU B 186 22.70 -35.00 17.13
C GLU B 186 21.40 -34.36 17.59
N PHE B 187 21.52 -33.18 18.17
CA PHE B 187 20.38 -32.44 18.72
C PHE B 187 20.51 -30.98 18.32
N VAL B 188 19.53 -30.48 17.57
CA VAL B 188 19.47 -29.08 17.20
C VAL B 188 18.48 -28.39 18.13
N PHE B 189 18.98 -27.43 18.90
CA PHE B 189 18.14 -26.66 19.82
C PHE B 189 17.91 -25.28 19.23
N LYS B 190 16.64 -24.90 19.08
CA LYS B 190 16.27 -23.60 18.56
C LYS B 190 15.21 -22.99 19.47
N ASN B 191 15.24 -21.67 19.61
CA ASN B 191 14.29 -20.94 20.45
C ASN B 191 13.63 -19.86 19.62
N ILE B 192 12.30 -19.83 19.64
CA ILE B 192 11.54 -18.80 18.93
C ILE B 192 10.67 -18.06 19.93
N ASP B 193 9.86 -17.12 19.44
CA ASP B 193 9.10 -16.24 20.31
C ASP B 193 8.20 -17.01 21.28
N GLY B 194 7.79 -18.23 20.91
CA GLY B 194 6.90 -18.97 21.78
C GLY B 194 7.13 -20.47 21.85
N TYR B 195 8.28 -20.95 21.40
CA TYR B 195 8.55 -22.38 21.41
C TYR B 195 10.04 -22.64 21.59
N PHE B 196 10.35 -23.81 22.17
CA PHE B 196 11.73 -24.26 22.31
C PHE B 196 11.84 -25.60 21.58
N LYS B 197 12.15 -25.52 20.30
CA LYS B 197 12.17 -26.71 19.45
C LYS B 197 13.49 -27.47 19.61
N ILE B 198 13.38 -28.79 19.71
CA ILE B 198 14.53 -29.68 19.87
C ILE B 198 14.41 -30.79 18.85
N TYR B 199 15.19 -30.70 17.78
CA TYR B 199 15.27 -31.77 16.79
C TYR B 199 16.38 -32.75 17.18
N SER B 200 16.18 -34.02 16.84
CA SER B 200 17.13 -35.04 17.25
C SER B 200 17.27 -36.08 16.15
N LYS B 201 18.42 -36.75 16.13
CA LYS B 201 18.64 -37.85 15.21
C LYS B 201 19.73 -38.77 15.78
N HIS B 202 19.49 -40.08 15.69
CA HIS B 202 20.40 -41.09 16.22
C HIS B 202 20.90 -41.93 15.05
N THR B 203 22.20 -41.83 14.77
CA THR B 203 22.82 -42.59 13.69
C THR B 203 23.87 -43.53 14.27
N PRO B 204 23.77 -44.84 14.03
CA PRO B 204 24.78 -45.77 14.54
C PRO B 204 26.04 -45.82 13.68
N ILE B 205 26.97 -44.90 13.92
CA ILE B 205 28.19 -44.87 13.12
C ILE B 205 28.98 -46.17 13.30
N ILE B 206 29.79 -46.50 12.30
CA ILE B 206 30.50 -47.77 12.24
C ILE B 206 32.01 -47.57 12.25
N VAL B 207 32.52 -46.58 11.51
CA VAL B 207 33.96 -46.40 11.38
C VAL B 207 34.56 -46.06 12.74
N ARG B 208 35.70 -46.70 13.05
CA ARG B 208 36.40 -46.49 14.30
C ARG B 208 37.61 -45.56 14.14
N GLU B 209 37.50 -44.58 13.24
CA GLU B 209 38.57 -43.61 13.03
C GLU B 209 38.71 -42.71 14.26
N PRO B 210 39.76 -41.90 14.32
CA PRO B 210 39.86 -40.89 15.38
C PRO B 210 38.59 -40.05 15.45
N GLU B 211 38.24 -39.64 16.67
CA GLU B 211 36.97 -38.98 16.94
C GLU B 211 36.81 -37.71 16.13
N ASP B 212 35.88 -37.72 15.18
CA ASP B 212 35.61 -36.57 14.32
C ASP B 212 34.26 -36.79 13.65
N LEU B 213 33.67 -35.70 13.17
CA LEU B 213 32.38 -35.79 12.50
C LEU B 213 32.53 -36.58 11.21
N PRO B 214 31.71 -37.61 10.98
CA PRO B 214 31.86 -38.44 9.78
C PRO B 214 31.40 -37.73 8.51
N GLN B 215 31.48 -38.44 7.38
CA GLN B 215 31.08 -37.91 6.09
C GLN B 215 29.73 -38.50 5.70
N GLY B 216 28.73 -37.64 5.55
CA GLY B 216 27.40 -38.09 5.16
C GLY B 216 26.28 -37.19 5.65
N PHE B 217 25.31 -36.95 4.79
CA PHE B 217 24.17 -36.11 5.14
C PHE B 217 23.22 -36.88 6.06
N SER B 218 22.72 -36.20 7.09
CA SER B 218 21.80 -36.81 8.04
C SER B 218 20.93 -35.71 8.64
N ALA B 219 19.67 -35.66 8.23
CA ALA B 219 18.74 -34.69 8.77
C ALA B 219 18.28 -35.10 10.18
N LEU B 220 17.51 -34.24 10.81
CA LEU B 220 16.99 -34.49 12.15
C LEU B 220 15.47 -34.40 12.13
N GLU B 221 14.84 -35.28 12.91
CA GLU B 221 13.39 -35.36 12.96
C GLU B 221 12.87 -34.71 14.24
N PRO B 222 11.82 -33.88 14.16
CA PRO B 222 11.28 -33.26 15.37
C PRO B 222 10.59 -34.29 16.26
N LEU B 223 10.83 -34.16 17.55
CA LEU B 223 10.21 -35.06 18.52
C LEU B 223 9.46 -34.32 19.62
N VAL B 224 9.95 -33.15 20.05
CA VAL B 224 9.32 -32.37 21.10
C VAL B 224 9.15 -30.94 20.61
N ASP B 225 8.06 -30.30 21.03
CA ASP B 225 7.70 -28.96 20.61
C ASP B 225 7.28 -28.12 21.81
N LEU B 226 8.12 -28.11 22.85
CA LEU B 226 7.87 -27.43 24.11
C LEU B 226 7.36 -26.00 23.91
N PRO B 227 6.10 -25.73 24.25
CA PRO B 227 5.54 -24.38 24.07
C PRO B 227 5.83 -23.41 25.21
N ILE B 228 6.76 -23.73 26.11
CA ILE B 228 7.06 -22.82 27.20
C ILE B 228 7.82 -21.60 26.67
N GLY B 229 7.43 -20.42 27.14
CA GLY B 229 8.08 -19.20 26.73
C GLY B 229 9.01 -18.63 27.77
N ILE B 230 10.32 -18.76 27.54
CA ILE B 230 11.33 -18.27 28.48
C ILE B 230 12.60 -17.97 27.71
N ASN B 231 13.20 -16.82 28.00
CA ASN B 231 14.43 -16.42 27.33
C ASN B 231 15.58 -17.30 27.79
N ILE B 232 16.34 -17.83 26.84
CA ILE B 232 17.48 -18.70 27.11
C ILE B 232 18.71 -18.12 26.44
N THR B 233 19.78 -17.93 27.21
CA THR B 233 21.01 -17.36 26.70
C THR B 233 22.26 -18.14 27.08
N ARG B 234 22.18 -19.10 28.00
CA ARG B 234 23.33 -19.85 28.46
C ARG B 234 23.06 -21.35 28.34
N PHE B 235 24.10 -22.08 27.94
CA PHE B 235 24.03 -23.53 27.79
C PHE B 235 25.05 -24.17 28.71
N GLN B 236 24.60 -25.12 29.53
CA GLN B 236 25.45 -25.85 30.44
C GLN B 236 25.25 -27.35 30.22
N THR B 237 26.34 -28.07 30.07
CA THR B 237 26.31 -29.52 29.85
C THR B 237 26.76 -30.24 31.11
N LEU B 238 26.50 -31.56 31.14
CA LEU B 238 26.87 -32.38 32.29
C LEU B 238 26.87 -33.84 31.85
N LEU B 239 27.72 -34.62 32.50
CA LEU B 239 27.86 -36.04 32.21
C LEU B 239 27.53 -36.86 33.45
N ALA B 240 27.13 -38.10 33.21
CA ALA B 240 26.85 -39.05 34.29
C ALA B 240 28.16 -39.49 34.91
N LEU B 241 28.51 -38.88 36.05
CA LEU B 241 29.78 -39.16 36.70
C LEU B 241 29.88 -40.62 37.16
N HIS B 242 29.03 -41.01 38.11
CA HIS B 242 28.96 -42.37 38.61
C HIS B 242 30.34 -42.87 39.08
N ARG B 243 30.86 -42.20 40.11
CA ARG B 243 32.14 -42.61 40.68
C ARG B 243 32.00 -43.88 41.50
N SER B 244 31.02 -43.90 42.41
CA SER B 244 30.76 -45.04 43.29
C SER B 244 32.00 -45.43 44.09
N GLY B 258 39.93 -41.74 25.88
CA GLY B 258 38.87 -40.99 25.20
C GLY B 258 37.52 -41.65 25.31
N ALA B 259 36.78 -41.33 26.38
CA ALA B 259 35.46 -41.91 26.57
C ALA B 259 34.45 -41.32 25.59
N ALA B 260 34.26 -40.01 25.64
CA ALA B 260 33.33 -39.34 24.75
C ALA B 260 33.69 -37.87 24.65
N ALA B 261 33.18 -37.22 23.62
CA ALA B 261 33.40 -35.79 23.40
C ALA B 261 32.21 -35.22 22.66
N TYR B 262 31.62 -34.16 23.22
CA TYR B 262 30.45 -33.53 22.62
C TYR B 262 30.86 -32.35 21.75
N TYR B 263 30.19 -32.21 20.62
CA TYR B 263 30.42 -31.09 19.70
C TYR B 263 29.26 -30.11 19.83
N VAL B 264 29.58 -28.83 19.98
CA VAL B 264 28.59 -27.78 20.17
C VAL B 264 28.90 -26.68 19.17
N GLY B 265 27.99 -26.47 18.21
CA GLY B 265 28.14 -25.42 17.22
C GLY B 265 27.27 -24.21 17.53
N TYR B 266 27.10 -23.38 16.51
CA TYR B 266 26.28 -22.18 16.61
C TYR B 266 25.54 -21.96 15.30
N LEU B 267 24.22 -21.76 15.40
CA LEU B 267 23.41 -21.56 14.21
C LEU B 267 23.46 -20.11 13.77
N GLN B 268 23.21 -19.90 12.48
CA GLN B 268 23.22 -18.59 11.86
C GLN B 268 22.07 -18.49 10.86
N PRO B 269 21.51 -17.29 10.67
CA PRO B 269 20.44 -17.13 9.68
C PRO B 269 20.97 -17.16 8.26
N ARG B 270 20.72 -18.24 7.54
CA ARG B 270 21.22 -18.40 6.18
C ARG B 270 20.15 -19.07 5.31
N THR B 271 20.46 -19.14 4.02
CA THR B 271 19.60 -19.77 3.02
C THR B 271 20.22 -21.08 2.58
N PHE B 272 19.39 -22.13 2.50
CA PHE B 272 19.85 -23.45 2.09
C PHE B 272 18.83 -24.06 1.13
N LEU B 273 19.33 -24.68 0.08
CA LEU B 273 18.50 -25.37 -0.90
C LEU B 273 18.55 -26.87 -0.61
N LEU B 274 17.41 -27.43 -0.21
CA LEU B 274 17.32 -28.82 0.20
C LEU B 274 16.61 -29.63 -0.88
N LYS B 275 17.07 -30.86 -1.08
CA LYS B 275 16.47 -31.78 -2.04
C LYS B 275 15.63 -32.81 -1.29
N TYR B 276 14.35 -32.91 -1.67
CA TYR B 276 13.44 -33.88 -1.08
C TYR B 276 13.34 -35.11 -1.96
N ASN B 277 13.37 -36.28 -1.33
CA ASN B 277 13.27 -37.53 -2.06
C ASN B 277 11.82 -37.84 -2.40
N GLU B 278 11.62 -38.86 -3.24
CA GLU B 278 10.27 -39.27 -3.60
C GLU B 278 9.52 -39.85 -2.40
N ASN B 279 10.25 -40.20 -1.40
CA ASN B 279 9.57 -40.76 -0.32
C ASN B 279 9.00 -39.58 0.35
N GLY B 280 9.84 -38.65 0.69
CA GLY B 280 9.45 -37.50 1.48
C GLY B 280 10.51 -37.04 2.45
N THR B 281 11.72 -37.58 2.33
CA THR B 281 12.83 -37.23 3.20
C THR B 281 13.87 -36.42 2.45
N ILE B 282 14.65 -35.66 3.20
CA ILE B 282 15.70 -34.83 2.62
C ILE B 282 16.94 -35.68 2.40
N THR B 283 17.46 -35.67 1.17
CA THR B 283 18.65 -36.43 0.83
C THR B 283 19.93 -35.61 0.96
N ASP B 284 19.88 -34.33 0.58
CA ASP B 284 21.06 -33.48 0.66
C ASP B 284 20.62 -32.03 0.65
N ALA B 285 21.59 -31.15 0.93
CA ALA B 285 21.34 -29.72 1.02
C ALA B 285 22.60 -28.98 0.57
N VAL B 286 22.40 -27.80 -0.01
CA VAL B 286 23.48 -26.97 -0.50
C VAL B 286 23.32 -25.56 0.06
N ASP B 287 24.43 -25.00 0.54
CA ASP B 287 24.41 -23.64 1.07
C ASP B 287 24.23 -22.64 -0.06
N CYS B 288 23.96 -21.38 0.32
CA CYS B 288 23.74 -20.32 -0.64
C CYS B 288 24.85 -19.27 -0.67
N ALA B 289 25.61 -19.14 0.42
CA ALA B 289 26.69 -18.14 0.48
C ALA B 289 28.00 -18.76 0.94
N LEU B 290 28.22 -20.05 0.67
CA LEU B 290 29.47 -20.69 1.07
C LEU B 290 30.58 -20.44 0.06
N ASP B 291 30.26 -20.59 -1.23
CA ASP B 291 31.24 -20.41 -2.30
C ASP B 291 30.49 -20.02 -3.56
N PRO B 292 31.18 -19.47 -4.56
CA PRO B 292 30.50 -19.12 -5.82
C PRO B 292 29.73 -20.26 -6.44
N LEU B 293 30.23 -21.50 -6.34
CA LEU B 293 29.47 -22.65 -6.83
C LEU B 293 28.18 -22.83 -6.04
N SER B 294 28.24 -22.62 -4.73
CA SER B 294 27.02 -22.68 -3.92
C SER B 294 26.05 -21.58 -4.30
N GLU B 295 26.57 -20.38 -4.58
CA GLU B 295 25.70 -19.28 -5.01
C GLU B 295 25.05 -19.59 -6.34
N THR B 296 25.78 -20.24 -7.26
CA THR B 296 25.21 -20.62 -8.54
C THR B 296 24.13 -21.67 -8.37
N LYS B 297 24.40 -22.70 -7.55
CA LYS B 297 23.39 -23.72 -7.28
C LYS B 297 22.23 -23.18 -6.46
N CYS B 298 22.38 -22.03 -5.81
CA CYS B 298 21.30 -21.41 -5.06
C CYS B 298 20.42 -20.52 -5.93
N THR B 299 21.02 -19.74 -6.82
CA THR B 299 20.23 -18.85 -7.68
C THR B 299 19.46 -19.63 -8.74
N LEU B 300 19.87 -20.85 -9.05
CA LEU B 300 19.17 -21.71 -10.01
C LEU B 300 18.72 -22.98 -9.30
N LYS B 301 17.44 -23.31 -9.45
CA LYS B 301 16.89 -24.47 -8.76
C LYS B 301 17.35 -25.77 -9.41
N SER B 302 18.64 -26.08 -9.30
CA SER B 302 19.20 -27.29 -9.87
C SER B 302 20.59 -27.56 -9.28
N PHE B 303 20.82 -28.79 -8.81
CA PHE B 303 22.13 -29.15 -8.28
C PHE B 303 23.11 -29.57 -9.35
N THR B 304 22.66 -29.80 -10.57
CA THR B 304 23.51 -30.15 -11.70
C THR B 304 23.56 -28.94 -12.63
N VAL B 305 24.49 -28.03 -12.38
CA VAL B 305 24.63 -26.81 -13.16
C VAL B 305 25.35 -27.15 -14.46
N GLU B 306 24.79 -26.68 -15.57
CA GLU B 306 25.40 -26.94 -16.88
C GLU B 306 26.67 -26.11 -17.04
N LYS B 307 27.42 -26.44 -18.09
CA LYS B 307 28.68 -25.76 -18.37
C LYS B 307 28.40 -24.38 -18.96
N GLY B 308 28.94 -23.35 -18.35
CA GLY B 308 28.77 -22.00 -18.86
C GLY B 308 28.96 -20.97 -17.77
N ILE B 309 28.60 -19.74 -18.10
CA ILE B 309 28.70 -18.59 -17.20
C ILE B 309 27.30 -18.16 -16.81
N TYR B 310 27.09 -17.93 -15.52
CA TYR B 310 25.79 -17.54 -14.99
C TYR B 310 25.94 -16.30 -14.12
N GLN B 311 25.00 -15.38 -14.26
CA GLN B 311 25.04 -14.12 -13.52
C GLN B 311 24.44 -14.33 -12.13
N THR B 312 25.29 -14.25 -11.11
CA THR B 312 24.85 -14.37 -9.73
C THR B 312 24.53 -12.97 -9.18
N SER B 313 24.38 -12.86 -7.86
CA SER B 313 24.05 -11.60 -7.24
C SER B 313 25.16 -10.57 -7.46
N ASN B 314 24.77 -9.30 -7.43
CA ASN B 314 25.69 -8.19 -7.66
C ASN B 314 26.43 -7.84 -6.37
N PHE B 315 27.58 -7.20 -6.53
CA PHE B 315 28.41 -6.78 -5.42
C PHE B 315 28.55 -5.26 -5.42
N ARG B 316 28.73 -4.70 -4.22
CA ARG B 316 28.89 -3.27 -4.04
C ARG B 316 29.69 -3.03 -2.78
N VAL B 317 30.83 -2.35 -2.91
CA VAL B 317 31.70 -2.09 -1.77
C VAL B 317 31.04 -1.04 -0.88
N GLN B 318 30.76 -1.41 0.37
CA GLN B 318 30.15 -0.48 1.31
C GLN B 318 31.19 0.51 1.82
N PRO B 319 30.78 1.75 2.09
CA PRO B 319 31.73 2.75 2.59
C PRO B 319 32.23 2.39 3.99
N THR B 320 33.34 3.02 4.36
CA THR B 320 33.96 2.83 5.66
C THR B 320 33.91 4.06 6.54
N GLU B 321 34.41 5.19 6.05
CA GLU B 321 34.41 6.44 6.79
C GLU B 321 33.27 7.33 6.31
N SER B 322 33.05 8.42 7.05
CA SER B 322 31.99 9.38 6.74
C SER B 322 32.46 10.76 7.18
N ILE B 323 32.55 11.68 6.23
CA ILE B 323 33.02 13.04 6.49
C ILE B 323 31.85 14.00 6.28
N VAL B 324 31.75 14.99 7.17
CA VAL B 324 30.72 16.02 7.10
C VAL B 324 31.45 17.36 7.20
N ARG B 325 31.71 17.99 6.05
CA ARG B 325 32.48 19.23 5.98
C ARG B 325 31.53 20.39 5.75
N PHE B 326 31.55 21.36 6.67
CA PHE B 326 30.76 22.57 6.58
C PHE B 326 31.68 23.78 6.34
N PRO B 327 31.11 24.95 6.00
CA PRO B 327 32.03 26.10 5.80
C PRO B 327 32.83 26.55 7.02
N ASN B 328 33.94 27.27 6.84
CA ASN B 328 34.70 27.85 7.95
C ASN B 328 33.74 28.66 8.71
N ILE B 329 34.03 28.90 9.98
CA ILE B 329 33.08 29.59 10.83
C ILE B 329 33.54 31.02 11.13
N THR B 330 32.62 31.96 10.98
CA THR B 330 32.98 33.37 11.06
C THR B 330 31.74 34.16 11.47
N ASN B 331 31.90 35.48 11.58
CA ASN B 331 30.82 36.39 11.97
C ASN B 331 30.21 35.96 13.30
N LEU B 332 31.02 36.01 14.35
CA LEU B 332 30.59 35.60 15.67
C LEU B 332 29.54 36.56 16.22
N CYS B 333 28.69 36.03 17.10
CA CYS B 333 27.64 36.83 17.71
C CYS B 333 28.25 37.89 18.63
N PRO B 334 27.56 39.02 18.81
CA PRO B 334 28.09 40.06 19.70
C PRO B 334 27.79 39.80 21.17
N PHE B 335 27.40 38.55 21.49
CA PHE B 335 27.08 38.20 22.87
C PHE B 335 28.26 38.43 23.80
N ASP B 336 29.48 38.28 23.29
CA ASP B 336 30.66 38.54 24.11
C ASP B 336 30.68 39.98 24.62
N GLU B 337 30.15 40.92 23.83
CA GLU B 337 30.06 42.30 24.27
C GLU B 337 28.83 42.57 25.12
N VAL B 338 27.94 41.60 25.26
CA VAL B 338 26.71 41.79 26.06
C VAL B 338 26.95 41.39 27.51
N PHE B 339 27.56 40.24 27.74
CA PHE B 339 27.81 39.74 29.09
C PHE B 339 29.05 40.32 29.73
N ASN B 340 29.60 41.42 29.20
CA ASN B 340 30.80 42.04 29.74
C ASN B 340 30.62 43.55 29.66
N ALA B 341 30.17 44.16 30.76
CA ALA B 341 29.95 45.60 30.83
C ALA B 341 29.90 46.00 32.30
N THR B 342 29.62 47.28 32.54
CA THR B 342 29.48 47.81 33.89
C THR B 342 28.04 48.20 34.23
N ARG B 343 27.43 49.04 33.40
CA ARG B 343 26.02 49.42 33.55
C ARG B 343 25.23 48.71 32.46
N PHE B 344 24.38 47.77 32.87
CA PHE B 344 23.68 46.93 31.90
C PHE B 344 22.32 47.51 31.51
N ALA B 345 21.41 47.64 32.47
CA ALA B 345 20.06 48.11 32.21
C ALA B 345 19.26 48.28 33.49
N SER B 346 18.02 48.73 33.37
CA SER B 346 17.08 48.82 34.47
C SER B 346 15.80 48.08 34.10
N VAL B 347 14.93 47.89 35.08
CA VAL B 347 13.70 47.13 34.84
C VAL B 347 12.65 47.94 34.09
N TYR B 348 12.68 49.27 34.20
CA TYR B 348 11.72 50.10 33.48
C TYR B 348 12.21 50.49 32.09
N ALA B 349 13.52 50.40 31.84
CA ALA B 349 14.09 50.66 30.51
C ALA B 349 15.12 49.56 30.26
N TRP B 350 14.68 48.46 29.67
CA TRP B 350 15.52 47.30 29.40
C TRP B 350 15.80 47.20 27.90
N ASN B 351 17.01 46.74 27.60
CA ASN B 351 17.42 46.59 26.20
C ASN B 351 16.60 45.52 25.50
N ARG B 352 16.52 45.64 24.18
CA ARG B 352 15.76 44.73 23.32
C ARG B 352 16.61 44.33 22.13
N LYS B 353 17.85 43.92 22.39
CA LYS B 353 18.82 43.69 21.32
C LYS B 353 18.35 42.57 20.40
N ARG B 354 18.15 42.90 19.14
CA ARG B 354 17.73 41.93 18.12
C ARG B 354 18.99 41.38 17.45
N ILE B 355 19.40 40.18 17.86
CA ILE B 355 20.63 39.56 17.36
C ILE B 355 20.26 38.53 16.31
N SER B 356 20.96 38.54 15.18
CA SER B 356 20.73 37.60 14.11
C SER B 356 21.98 37.54 13.23
N ASN B 357 21.95 36.64 12.26
CA ASN B 357 23.01 36.48 11.27
C ASN B 357 24.36 36.17 11.95
N CYS B 358 24.39 35.06 12.67
CA CYS B 358 25.60 34.59 13.31
C CYS B 358 25.41 33.13 13.69
N VAL B 359 26.52 32.49 14.10
CA VAL B 359 26.50 31.11 14.55
C VAL B 359 26.42 31.16 16.07
N ALA B 360 25.19 31.06 16.58
CA ALA B 360 24.94 31.16 18.02
C ALA B 360 25.45 29.90 18.71
N ASP B 361 26.64 29.97 19.28
CA ASP B 361 27.25 28.85 20.00
C ASP B 361 26.96 29.03 21.48
N TYR B 362 25.87 28.41 21.95
CA TYR B 362 25.46 28.53 23.34
C TYR B 362 26.39 27.80 24.30
N SER B 363 27.25 26.91 23.78
CA SER B 363 28.19 26.22 24.66
C SER B 363 29.25 27.16 25.22
N VAL B 364 29.54 28.25 24.51
CA VAL B 364 30.52 29.21 25.01
C VAL B 364 29.97 29.99 26.19
N LEU B 365 28.64 30.12 26.29
CA LEU B 365 28.03 30.87 27.38
C LEU B 365 28.23 30.18 28.73
N TYR B 366 28.62 28.91 28.74
CA TYR B 366 28.87 28.19 29.98
C TYR B 366 30.24 28.50 30.58
N ASN B 367 31.03 29.36 29.93
CA ASN B 367 32.36 29.70 30.45
C ASN B 367 32.68 31.18 30.34
N LEU B 368 31.71 32.02 29.97
CA LEU B 368 31.98 33.45 29.87
C LEU B 368 32.03 34.09 31.26
N ALA B 369 30.94 33.99 32.02
CA ALA B 369 30.85 34.56 33.35
C ALA B 369 30.30 33.51 34.31
N PRO B 370 30.64 33.62 35.60
CA PRO B 370 30.12 32.65 36.58
C PRO B 370 28.63 32.81 36.81
N PHE B 371 27.83 32.33 35.87
CA PHE B 371 26.38 32.43 35.99
C PHE B 371 25.88 31.59 37.16
N PHE B 372 24.75 31.99 37.73
CA PHE B 372 24.11 31.28 38.83
C PHE B 372 22.76 30.70 38.47
N THR B 373 22.32 30.87 37.22
CA THR B 373 21.02 30.34 36.78
C THR B 373 21.09 30.13 35.28
N PHE B 374 20.81 28.90 34.84
CA PHE B 374 20.84 28.54 33.43
C PHE B 374 19.64 27.65 33.10
N LYS B 375 18.46 28.05 33.58
CA LYS B 375 17.25 27.31 33.32
C LYS B 375 16.66 27.73 31.98
N CYS B 376 16.37 26.75 31.12
CA CYS B 376 15.76 26.99 29.82
C CYS B 376 14.43 26.26 29.77
N TYR B 377 13.35 27.01 29.53
CA TYR B 377 12.01 26.43 29.60
C TYR B 377 11.64 25.69 28.31
N GLY B 378 12.03 26.22 27.16
CA GLY B 378 11.58 25.67 25.89
C GLY B 378 12.21 24.35 25.52
N VAL B 379 13.52 24.35 25.26
CA VAL B 379 14.24 23.17 24.80
C VAL B 379 15.49 22.99 25.67
N SER B 380 16.26 21.95 25.35
CA SER B 380 17.51 21.60 26.01
C SER B 380 18.68 22.33 25.36
N PRO B 381 19.67 22.75 26.15
CA PRO B 381 20.83 23.44 25.56
C PRO B 381 21.63 22.57 24.60
N THR B 382 21.60 21.24 24.78
CA THR B 382 22.30 20.36 23.85
C THR B 382 21.63 20.37 22.47
N LYS B 383 20.30 20.35 22.45
CA LYS B 383 19.57 20.41 21.19
C LYS B 383 19.37 21.83 20.69
N LEU B 384 19.68 22.85 21.51
CA LEU B 384 19.52 24.23 21.07
C LEU B 384 20.53 24.61 20.01
N ASN B 385 21.71 23.99 20.02
CA ASN B 385 22.76 24.30 19.06
C ASN B 385 22.50 23.70 17.68
N ASP B 386 21.40 22.96 17.50
CA ASP B 386 21.07 22.35 16.22
C ASP B 386 19.70 22.78 15.72
N LEU B 387 19.20 23.94 16.16
CA LEU B 387 17.90 24.45 15.76
C LEU B 387 18.08 25.87 15.22
N CYS B 388 17.58 26.11 14.02
CA CYS B 388 17.68 27.43 13.41
C CYS B 388 16.63 28.37 13.96
N PHE B 389 16.95 29.66 13.94
CA PHE B 389 16.03 30.69 14.40
C PHE B 389 16.18 31.93 13.50
N THR B 390 15.18 32.80 13.55
CA THR B 390 15.20 34.01 12.75
C THR B 390 15.99 35.11 13.43
N ASN B 391 15.60 35.47 14.66
CA ASN B 391 16.27 36.52 15.41
C ASN B 391 15.96 36.32 16.89
N VAL B 392 16.96 36.53 17.73
CA VAL B 392 16.82 36.38 19.17
C VAL B 392 16.74 37.77 19.81
N TYR B 393 15.76 37.95 20.69
CA TYR B 393 15.57 39.21 21.41
C TYR B 393 16.22 39.06 22.79
N ALA B 394 17.34 39.75 22.99
CA ALA B 394 18.02 39.77 24.29
C ALA B 394 17.48 40.93 25.11
N ASP B 395 16.94 40.61 26.29
CA ASP B 395 16.40 41.61 27.20
C ASP B 395 17.06 41.43 28.56
N SER B 396 17.80 42.45 28.99
CA SER B 396 18.55 42.39 30.24
C SER B 396 18.02 43.41 31.23
N PHE B 397 18.11 43.07 32.51
CA PHE B 397 17.68 43.96 33.58
C PHE B 397 18.40 43.54 34.87
N VAL B 398 18.14 44.28 35.93
CA VAL B 398 18.78 44.05 37.23
C VAL B 398 17.70 44.00 38.29
N ILE B 399 17.64 42.89 39.04
CA ILE B 399 16.69 42.71 40.12
C ILE B 399 17.43 42.17 41.33
N ARG B 400 16.72 42.09 42.46
CA ARG B 400 17.31 41.59 43.70
C ARG B 400 17.41 40.06 43.65
N GLY B 401 17.96 39.50 44.72
CA GLY B 401 18.10 38.06 44.79
C GLY B 401 16.79 37.34 45.01
N ASP B 402 15.92 37.91 45.85
CA ASP B 402 14.61 37.32 46.12
C ASP B 402 13.62 37.53 44.99
N GLU B 403 13.96 38.36 44.00
CA GLU B 403 13.08 38.63 42.88
C GLU B 403 13.39 37.76 41.66
N VAL B 404 14.45 36.95 41.72
CA VAL B 404 14.78 36.07 40.60
C VAL B 404 13.70 35.00 40.43
N ARG B 405 13.09 34.55 41.52
CA ARG B 405 12.04 33.55 41.43
C ARG B 405 10.78 34.09 40.76
N GLN B 406 10.59 35.41 40.74
CA GLN B 406 9.42 35.99 40.11
C GLN B 406 9.48 35.96 38.59
N ILE B 407 10.66 35.77 38.02
CA ILE B 407 10.81 35.70 36.57
C ILE B 407 10.46 34.29 36.11
N ALA B 408 9.21 34.09 35.69
CA ALA B 408 8.72 32.79 35.28
C ALA B 408 7.66 32.99 34.21
N PRO B 409 7.42 31.98 33.37
CA PRO B 409 6.37 32.13 32.35
C PRO B 409 4.98 32.13 32.95
N GLY B 410 4.60 33.24 33.58
CA GLY B 410 3.31 33.37 34.22
C GLY B 410 3.41 33.35 35.73
N GLN B 411 3.38 34.52 36.35
CA GLN B 411 3.52 34.66 37.79
C GLN B 411 3.22 36.10 38.17
N THR B 412 2.69 36.29 39.38
CA THR B 412 2.38 37.61 39.90
C THR B 412 3.47 38.06 40.88
N GLY B 413 3.54 39.36 41.07
CA GLY B 413 4.53 39.94 41.97
C GLY B 413 4.77 41.39 41.67
N ASN B 414 5.56 42.01 42.54
CA ASN B 414 5.88 43.43 42.38
C ASN B 414 6.73 43.69 41.14
N ILE B 415 7.44 42.69 40.64
CA ILE B 415 8.26 42.85 39.44
C ILE B 415 7.77 41.98 38.29
N ALA B 416 7.05 40.89 38.56
CA ALA B 416 6.64 39.98 37.49
C ALA B 416 5.54 40.58 36.62
N ASP B 417 4.66 41.39 37.19
CA ASP B 417 3.55 41.97 36.44
C ASP B 417 3.61 43.49 36.38
N TYR B 418 4.71 44.10 36.84
CA TYR B 418 4.86 45.55 36.81
C TYR B 418 6.03 46.04 35.97
N ASN B 419 7.02 45.20 35.71
CA ASN B 419 8.19 45.63 34.94
C ASN B 419 8.48 44.73 33.74
N TYR B 420 8.26 43.43 33.87
CA TYR B 420 8.54 42.51 32.77
C TYR B 420 7.79 41.22 33.02
N LYS B 421 6.93 40.84 32.08
CA LYS B 421 6.10 39.64 32.19
C LYS B 421 6.38 38.71 31.02
N LEU B 422 6.42 37.40 31.31
CA LEU B 422 6.67 36.39 30.30
C LEU B 422 5.45 35.50 30.16
N PRO B 423 4.86 35.39 28.97
CA PRO B 423 3.72 34.49 28.78
C PRO B 423 4.12 33.02 28.87
N ASP B 424 3.16 32.12 28.72
CA ASP B 424 3.43 30.69 28.77
C ASP B 424 3.85 30.14 27.41
N ASP B 425 4.83 30.80 26.79
CA ASP B 425 5.38 30.32 25.52
C ASP B 425 6.88 30.60 25.39
N PHE B 426 7.55 30.97 26.48
CA PHE B 426 8.96 31.35 26.41
C PHE B 426 9.81 30.13 26.13
N THR B 427 10.46 30.11 24.96
CA THR B 427 11.30 29.01 24.53
C THR B 427 12.79 29.26 24.76
N GLY B 428 13.15 30.38 25.38
CA GLY B 428 14.55 30.70 25.63
C GLY B 428 15.03 30.22 26.98
N CYS B 429 15.89 31.02 27.62
CA CYS B 429 16.44 30.70 28.93
C CYS B 429 16.29 31.92 29.84
N VAL B 430 16.59 31.69 31.13
CA VAL B 430 16.43 32.72 32.15
C VAL B 430 17.81 33.01 32.75
N ILE B 431 18.85 32.91 31.91
CA ILE B 431 20.23 33.10 32.36
C ILE B 431 20.35 34.35 33.21
N ALA B 432 20.98 34.20 34.38
CA ALA B 432 21.14 35.30 35.31
C ALA B 432 22.37 35.03 36.17
N TRP B 433 22.91 36.11 36.76
CA TRP B 433 24.08 35.99 37.61
C TRP B 433 24.18 37.19 38.53
N ASN B 434 24.75 36.96 39.71
CA ASN B 434 24.96 38.04 40.67
C ASN B 434 26.04 38.99 40.17
N SER B 435 25.80 40.28 40.37
CA SER B 435 26.73 41.33 39.96
C SER B 435 27.12 42.21 41.14
N ASN B 436 27.28 41.59 42.31
CA ASN B 436 27.65 42.32 43.53
C ASN B 436 29.17 42.37 43.71
N LYS B 437 29.87 42.82 42.67
CA LYS B 437 31.32 42.95 42.75
C LYS B 437 31.76 44.32 42.24
N LEU B 438 30.95 44.91 41.34
CA LEU B 438 31.27 46.21 40.78
C LEU B 438 30.07 47.15 40.72
N ASP B 439 28.87 46.70 41.08
CA ASP B 439 27.67 47.52 41.05
C ASP B 439 27.17 47.86 42.46
N SER B 440 28.10 47.98 43.42
CA SER B 440 27.72 48.27 44.80
C SER B 440 28.88 49.00 45.46
N LYS B 441 28.74 50.32 45.61
CA LYS B 441 29.71 51.14 46.32
C LYS B 441 28.97 51.96 47.37
N VAL B 442 29.69 52.36 48.42
CA VAL B 442 29.08 53.12 49.52
C VAL B 442 29.18 54.58 49.12
N SER B 443 28.24 55.02 48.29
CA SER B 443 28.11 56.44 47.95
C SER B 443 26.67 56.87 47.70
N GLY B 444 25.69 55.99 47.88
CA GLY B 444 24.31 56.30 47.55
C GLY B 444 23.92 55.74 46.19
N ASN B 445 23.16 54.63 46.20
CA ASN B 445 22.79 53.95 44.97
C ASN B 445 21.39 54.40 44.52
N TYR B 446 21.30 55.69 44.21
CA TYR B 446 20.06 56.27 43.71
C TYR B 446 20.09 56.37 42.18
N ASN B 447 20.20 55.21 41.55
CA ASN B 447 20.27 55.11 40.10
C ASN B 447 19.23 54.19 39.51
N TYR B 448 18.89 53.09 40.20
CA TYR B 448 17.92 52.14 39.70
C TYR B 448 16.53 52.47 40.24
N LEU B 449 15.56 51.62 39.90
CA LEU B 449 14.18 51.76 40.36
C LEU B 449 13.46 50.47 39.99
N TYR B 450 12.23 50.33 40.51
CA TYR B 450 11.43 49.15 40.21
C TYR B 450 9.95 49.47 39.98
N ARG B 451 9.56 50.74 39.95
CA ARG B 451 8.20 51.16 39.63
C ARG B 451 7.19 50.51 40.59
N LEU B 452 7.30 50.89 41.85
CA LEU B 452 6.43 50.34 42.88
C LEU B 452 4.96 50.63 42.61
N PHE B 453 4.66 51.79 42.03
CA PHE B 453 3.28 52.20 41.77
C PHE B 453 2.91 51.92 40.32
N ARG B 454 1.69 51.43 40.13
CA ARG B 454 1.17 51.13 38.80
C ARG B 454 -0.35 51.04 38.87
N LYS B 455 -0.99 51.24 37.73
CA LYS B 455 -2.44 51.18 37.64
C LYS B 455 -2.95 49.76 37.43
N SER B 456 -2.30 48.99 36.57
CA SER B 456 -2.71 47.62 36.29
C SER B 456 -1.51 46.87 35.72
N ASN B 457 -1.72 45.58 35.47
CA ASN B 457 -0.67 44.74 34.92
C ASN B 457 -0.38 45.14 33.47
N LEU B 458 0.90 45.26 33.14
CA LEU B 458 1.30 45.62 31.79
C LEU B 458 1.24 44.40 30.88
N LYS B 459 1.19 44.67 29.57
CA LYS B 459 1.23 43.60 28.60
C LYS B 459 2.60 42.91 28.67
N PRO B 460 2.65 41.57 28.59
CA PRO B 460 3.94 40.88 28.63
C PRO B 460 4.82 41.29 27.46
N PHE B 461 6.12 41.37 27.73
CA PHE B 461 7.11 41.80 26.75
C PHE B 461 6.81 43.21 26.24
N GLU B 462 6.72 44.14 27.19
CA GLU B 462 6.46 45.54 26.88
C GLU B 462 7.32 46.41 27.78
N ARG B 463 7.80 47.52 27.22
CA ARG B 463 8.65 48.46 27.94
C ARG B 463 7.93 49.81 27.99
N ASP B 464 7.65 50.28 29.21
CA ASP B 464 6.94 51.54 29.43
C ASP B 464 7.94 52.55 29.98
N ILE B 465 8.43 53.43 29.11
CA ILE B 465 9.38 54.47 29.50
C ILE B 465 8.56 55.74 29.79
N SER B 466 8.17 55.89 31.04
CA SER B 466 7.38 57.03 31.46
C SER B 466 7.93 57.58 32.77
N THR B 467 7.66 58.87 33.02
CA THR B 467 8.11 59.52 34.24
C THR B 467 7.04 60.42 34.86
N GLU B 468 5.79 60.32 34.43
CA GLU B 468 4.74 61.16 34.97
C GLU B 468 4.40 60.76 36.40
N ILE B 469 3.87 61.72 37.16
CA ILE B 469 3.50 61.47 38.55
C ILE B 469 2.28 60.56 38.59
N TYR B 470 2.33 59.55 39.46
CA TYR B 470 1.24 58.61 39.60
C TYR B 470 -0.01 59.32 40.14
N GLN B 471 -1.10 59.25 39.39
CA GLN B 471 -2.36 59.87 39.77
C GLN B 471 -3.30 58.80 40.29
N ALA B 472 -3.60 58.84 41.59
CA ALA B 472 -4.48 57.85 42.22
C ALA B 472 -5.94 58.29 42.19
N GLY B 473 -6.41 58.69 41.03
CA GLY B 473 -7.81 59.02 40.81
C GLY B 473 -8.36 60.16 41.65
N ASN B 474 -9.64 60.46 41.43
CA ASN B 474 -10.44 61.43 42.20
C ASN B 474 -9.74 62.77 42.39
N LYS B 475 -8.79 63.10 41.52
CA LYS B 475 -8.14 64.42 41.54
C LYS B 475 -7.32 64.63 40.28
N PRO B 476 -7.45 65.78 39.62
CA PRO B 476 -6.58 66.09 38.48
C PRO B 476 -5.22 66.57 38.94
N CYS B 477 -4.20 65.73 38.74
CA CYS B 477 -2.84 66.04 39.16
C CYS B 477 -2.06 66.53 37.95
N ASN B 478 -1.97 67.86 37.81
CA ASN B 478 -1.14 68.49 36.80
C ASN B 478 0.33 68.60 37.23
N GLY B 479 0.71 67.82 38.25
CA GLY B 479 2.04 67.83 38.80
C GLY B 479 2.07 68.39 40.20
N VAL B 480 2.03 67.49 41.19
CA VAL B 480 2.02 67.84 42.60
C VAL B 480 2.46 66.61 43.37
N ALA B 481 3.06 66.82 44.55
CA ALA B 481 3.48 65.71 45.41
C ALA B 481 2.97 65.97 46.82
N GLY B 482 1.70 65.60 47.07
CA GLY B 482 1.21 65.50 48.43
C GLY B 482 -0.17 64.90 48.55
N PHE B 483 -0.28 63.85 49.36
CA PHE B 483 -1.55 63.32 49.86
C PHE B 483 -2.45 62.74 48.78
N ASN B 484 -2.11 62.94 47.50
CA ASN B 484 -2.90 62.37 46.41
C ASN B 484 -2.07 61.81 45.27
N CYS B 485 -0.85 62.27 45.05
CA CYS B 485 -0.06 61.89 43.88
C CYS B 485 1.41 61.87 44.27
N TYR B 486 2.06 60.74 44.09
CA TYR B 486 3.44 60.55 44.53
C TYR B 486 4.28 60.04 43.37
N PHE B 487 5.58 59.95 43.61
CA PHE B 487 6.52 59.46 42.61
C PHE B 487 6.32 57.96 42.42
N PRO B 488 5.88 57.49 41.25
CA PRO B 488 5.69 56.05 41.04
C PRO B 488 6.98 55.25 40.95
N LEU B 489 8.13 55.88 41.15
CA LEU B 489 9.42 55.20 41.08
C LEU B 489 10.12 55.28 42.43
N ARG B 490 10.87 54.22 42.76
CA ARG B 490 11.61 54.16 44.01
C ARG B 490 12.88 53.38 43.80
N SER B 491 14.01 53.94 44.23
CA SER B 491 15.30 53.32 44.02
C SER B 491 15.53 52.19 45.02
N TYR B 492 16.51 51.35 44.70
CA TYR B 492 16.88 50.24 45.56
C TYR B 492 17.77 50.74 46.71
N SER B 493 18.24 49.80 47.52
CA SER B 493 19.13 50.08 48.66
C SER B 493 20.29 49.12 48.67
N PHE B 494 20.90 48.91 47.50
CA PHE B 494 22.02 47.98 47.38
C PHE B 494 23.24 48.53 48.09
N ARG B 495 23.77 47.76 49.05
CA ARG B 495 24.96 48.12 49.80
C ARG B 495 25.93 46.95 49.79
N PRO B 496 27.23 47.22 49.76
CA PRO B 496 28.22 46.12 49.74
C PRO B 496 28.19 45.28 51.01
N THR B 497 27.99 45.91 52.17
CA THR B 497 28.00 45.17 53.43
C THR B 497 26.64 44.57 53.74
N TYR B 498 26.08 43.83 52.79
CA TYR B 498 24.81 43.14 52.96
C TYR B 498 25.01 41.65 52.69
N GLY B 499 23.89 40.91 52.72
CA GLY B 499 23.88 39.49 52.45
C GLY B 499 23.17 39.17 51.14
N VAL B 500 23.30 37.90 50.74
CA VAL B 500 22.65 37.45 49.51
C VAL B 500 21.13 37.48 49.69
N GLY B 501 20.42 37.74 48.59
CA GLY B 501 18.98 37.88 48.59
C GLY B 501 18.51 39.28 48.22
N HIS B 502 19.31 40.29 48.55
CA HIS B 502 19.01 41.68 48.19
C HIS B 502 20.20 42.33 47.49
N GLN B 503 20.93 41.54 46.70
CA GLN B 503 22.11 41.97 45.98
C GLN B 503 21.77 42.24 44.52
N PRO B 504 22.61 43.01 43.81
CA PRO B 504 22.36 43.24 42.37
C PRO B 504 22.55 41.96 41.58
N TYR B 505 21.47 41.48 40.96
CA TYR B 505 21.46 40.30 40.13
C TYR B 505 21.05 40.69 38.72
N ARG B 506 21.95 40.50 37.76
CA ARG B 506 21.67 40.80 36.36
C ARG B 506 21.01 39.58 35.72
N VAL B 507 19.79 39.77 35.21
CA VAL B 507 19.01 38.71 34.57
C VAL B 507 18.82 39.08 33.11
N VAL B 508 19.18 38.16 32.22
CA VAL B 508 19.05 38.37 30.78
C VAL B 508 18.26 37.21 30.20
N VAL B 509 17.19 37.54 29.48
CA VAL B 509 16.35 36.54 28.80
C VAL B 509 16.58 36.65 27.31
N LEU B 510 16.45 35.51 26.62
CA LEU B 510 16.67 35.41 25.18
C LEU B 510 15.38 34.86 24.56
N SER B 511 14.49 35.77 24.18
CA SER B 511 13.24 35.37 23.55
C SER B 511 13.49 34.93 22.12
N PHE B 512 12.88 33.81 21.73
CA PHE B 512 12.98 33.26 20.40
C PHE B 512 11.68 33.44 19.64
N GLU B 513 11.77 33.50 18.32
CA GLU B 513 10.60 33.68 17.48
C GLU B 513 10.86 33.01 16.12
N LEU B 514 9.78 32.50 15.53
CA LEU B 514 9.84 31.84 14.21
C LEU B 514 8.64 32.32 13.41
N LEU B 515 8.82 33.41 12.66
CA LEU B 515 7.78 33.96 11.80
C LEU B 515 7.94 33.39 10.39
N HIS B 516 7.20 33.96 9.44
CA HIS B 516 7.26 33.53 8.04
C HIS B 516 8.43 34.19 7.32
N ALA B 517 9.62 33.97 7.87
CA ALA B 517 10.86 34.52 7.35
C ALA B 517 11.95 33.47 7.44
N PRO B 518 12.89 33.47 6.50
CA PRO B 518 13.99 32.49 6.55
C PRO B 518 14.83 32.68 7.80
N ALA B 519 15.16 31.56 8.45
CA ALA B 519 15.94 31.61 9.67
C ALA B 519 17.39 31.97 9.37
N THR B 520 17.95 32.85 10.19
CA THR B 520 19.32 33.32 10.02
C THR B 520 20.29 32.59 10.96
N VAL B 521 20.03 32.65 12.26
CA VAL B 521 20.89 32.02 13.26
C VAL B 521 20.47 30.56 13.42
N CYS B 522 21.45 29.66 13.35
CA CYS B 522 21.22 28.24 13.52
C CYS B 522 22.05 27.64 14.65
N GLY B 523 23.31 28.05 14.79
CA GLY B 523 24.18 27.52 15.82
C GLY B 523 25.52 27.13 15.28
N PRO B 524 26.34 26.48 16.12
CA PRO B 524 27.67 26.05 15.66
C PRO B 524 27.61 24.92 14.65
N LYS B 525 28.74 24.62 14.02
CA LYS B 525 28.80 23.56 13.01
C LYS B 525 29.88 22.56 13.35
N LYS B 526 30.12 21.61 12.45
CA LYS B 526 31.14 20.59 12.64
C LYS B 526 31.88 20.36 11.33
N SER B 527 33.12 19.91 11.44
CA SER B 527 33.95 19.64 10.26
C SER B 527 34.90 18.50 10.57
N THR B 528 35.30 17.78 9.52
CA THR B 528 36.21 16.66 9.64
C THR B 528 37.33 16.80 8.61
N ASN B 529 38.39 16.02 8.81
CA ASN B 529 39.52 16.06 7.89
C ASN B 529 39.11 15.51 6.52
N LEU B 530 39.53 16.20 5.47
CA LEU B 530 39.21 15.79 4.10
C LEU B 530 39.99 14.53 3.75
N VAL B 531 39.29 13.42 3.58
CA VAL B 531 39.94 12.16 3.23
C VAL B 531 40.34 12.19 1.75
N LYS B 532 41.22 11.26 1.39
CA LYS B 532 41.69 11.13 0.01
C LYS B 532 40.65 10.34 -0.79
N ASN B 533 41.01 9.95 -2.01
CA ASN B 533 40.12 9.18 -2.87
C ASN B 533 39.82 7.82 -2.24
N LYS B 534 38.58 7.61 -1.80
CA LYS B 534 38.21 6.38 -1.13
C LYS B 534 36.68 6.29 -1.10
N CYS B 535 36.18 5.06 -1.06
CA CYS B 535 34.75 4.81 -0.98
C CYS B 535 34.23 5.17 0.42
N VAL B 536 33.76 6.40 0.59
CA VAL B 536 33.31 6.92 1.87
C VAL B 536 32.04 7.74 1.67
N ASN B 537 31.47 8.19 2.78
CA ASN B 537 30.27 9.01 2.76
C ASN B 537 30.63 10.49 2.75
N PHE B 538 29.77 11.30 2.14
CA PHE B 538 29.92 12.74 2.12
C PHE B 538 28.59 13.40 2.44
N ASN B 539 28.64 14.50 3.18
CA ASN B 539 27.47 15.25 3.60
C ASN B 539 27.70 16.75 3.43
N PHE B 540 28.26 17.13 2.29
CA PHE B 540 28.63 18.53 2.05
C PHE B 540 27.38 19.39 1.94
N ASN B 541 27.13 20.22 2.94
CA ASN B 541 26.00 21.16 2.96
C ASN B 541 24.67 20.46 2.73
N GLY B 542 24.51 19.27 3.31
CA GLY B 542 23.30 18.50 3.16
C GLY B 542 23.26 17.57 1.97
N LEU B 543 24.24 17.69 1.05
CA LEU B 543 24.30 16.82 -0.13
C LEU B 543 24.82 15.46 0.33
N LYS B 544 23.91 14.67 0.89
CA LYS B 544 24.26 13.37 1.42
C LYS B 544 24.46 12.36 0.29
N GLY B 545 25.50 11.54 0.43
CA GLY B 545 25.73 10.50 -0.55
C GLY B 545 26.96 9.70 -0.20
N THR B 546 27.26 8.71 -1.06
CA THR B 546 28.44 7.88 -0.92
C THR B 546 29.21 7.89 -2.22
N GLY B 547 30.51 7.61 -2.13
CA GLY B 547 31.33 7.52 -3.31
C GLY B 547 32.77 7.91 -2.99
N VAL B 548 33.49 8.26 -4.06
CA VAL B 548 34.91 8.59 -3.99
C VAL B 548 35.08 10.05 -4.41
N LEU B 549 35.87 10.80 -3.64
CA LEU B 549 36.15 12.21 -3.92
C LEU B 549 37.56 12.29 -4.49
N THR B 550 37.66 12.48 -5.80
CA THR B 550 38.94 12.54 -6.48
C THR B 550 39.27 13.98 -6.87
N GLU B 551 40.54 14.20 -7.20
CA GLU B 551 41.00 15.52 -7.60
C GLU B 551 40.56 15.81 -9.03
N SER B 552 39.77 16.87 -9.19
CA SER B 552 39.24 17.25 -10.49
C SER B 552 39.97 18.48 -11.01
N ASN B 553 40.00 18.61 -12.34
CA ASN B 553 40.64 19.74 -13.01
C ASN B 553 39.62 20.71 -13.61
N LYS B 554 38.36 20.62 -13.19
CA LYS B 554 37.34 21.51 -13.73
C LYS B 554 37.50 22.92 -13.18
N LYS B 555 37.18 23.90 -14.02
CA LYS B 555 37.29 25.32 -13.67
C LYS B 555 35.88 25.82 -13.34
N PHE B 556 35.52 25.74 -12.06
CA PHE B 556 34.22 26.20 -11.62
C PHE B 556 34.16 27.73 -11.58
N LEU B 557 32.95 28.25 -11.73
CA LEU B 557 32.74 29.69 -11.64
C LEU B 557 32.89 30.15 -10.19
N PRO B 558 33.25 31.43 -9.97
CA PRO B 558 33.44 31.90 -8.60
C PRO B 558 32.16 31.93 -7.77
N PHE B 559 31.02 31.71 -8.41
CA PHE B 559 29.73 31.70 -7.73
C PHE B 559 29.02 30.36 -7.74
N GLN B 560 29.45 29.41 -8.56
CA GLN B 560 28.83 28.10 -8.62
C GLN B 560 29.53 27.15 -7.65
N GLN B 561 28.75 26.52 -6.77
CA GLN B 561 29.30 25.59 -5.78
C GLN B 561 29.11 24.14 -6.20
N PHE B 562 27.89 23.73 -6.50
CA PHE B 562 27.61 22.35 -6.84
C PHE B 562 27.96 22.08 -8.31
N GLY B 563 27.65 20.87 -8.76
CA GLY B 563 27.89 20.49 -10.14
C GLY B 563 27.20 19.17 -10.48
N ARG B 564 26.49 19.15 -11.61
CA ARG B 564 25.72 17.96 -11.98
C ARG B 564 26.04 17.52 -13.40
N ASP B 565 25.27 16.55 -13.90
CA ASP B 565 25.44 16.02 -15.25
C ASP B 565 24.10 16.04 -15.96
N ILE B 566 24.01 15.35 -17.11
CA ILE B 566 22.74 15.27 -17.84
C ILE B 566 21.63 14.69 -16.97
N ALA B 567 21.98 13.94 -15.92
CA ALA B 567 21.01 13.43 -14.96
C ALA B 567 21.00 14.30 -13.70
N ASP B 568 20.02 14.04 -12.84
CA ASP B 568 19.85 14.80 -11.61
C ASP B 568 20.69 14.20 -10.49
N THR B 569 22.00 14.14 -10.72
CA THR B 569 22.95 13.61 -9.76
C THR B 569 24.16 14.54 -9.69
N THR B 570 24.68 14.74 -8.48
CA THR B 570 25.83 15.60 -8.29
C THR B 570 27.09 14.94 -8.86
N ASP B 571 27.85 15.70 -9.63
CA ASP B 571 29.08 15.21 -10.25
C ASP B 571 30.34 15.67 -9.50
N ALA B 572 30.45 16.97 -9.24
CA ALA B 572 31.60 17.53 -8.54
C ALA B 572 31.14 18.68 -7.67
N VAL B 573 31.93 19.00 -6.65
CA VAL B 573 31.57 20.03 -5.69
C VAL B 573 32.84 20.65 -5.13
N ARG B 574 32.75 21.92 -4.75
CA ARG B 574 33.87 22.63 -4.14
C ARG B 574 33.73 22.61 -2.62
N ASP B 575 34.88 22.57 -1.95
CA ASP B 575 34.90 22.52 -0.50
C ASP B 575 34.50 23.87 0.08
N PRO B 576 33.46 23.95 0.90
CA PRO B 576 32.98 25.26 1.37
C PRO B 576 33.86 25.91 2.43
N GLN B 577 34.89 25.22 2.93
CA GLN B 577 35.74 25.79 3.97
C GLN B 577 37.21 25.91 3.59
N THR B 578 37.62 25.38 2.44
CA THR B 578 38.99 25.56 1.97
C THR B 578 39.09 25.89 0.49
N LEU B 579 37.97 26.01 -0.22
CA LEU B 579 37.94 26.39 -1.63
C LEU B 579 38.76 25.40 -2.47
N GLU B 580 38.32 24.15 -2.46
CA GLU B 580 38.96 23.08 -3.23
C GLU B 580 37.89 22.27 -3.94
N ILE B 581 38.04 22.13 -5.25
CA ILE B 581 37.07 21.37 -6.05
C ILE B 581 37.44 19.90 -6.03
N LEU B 582 36.42 19.04 -6.04
CA LEU B 582 36.60 17.60 -6.01
C LEU B 582 35.50 16.95 -6.81
N ASP B 583 35.87 15.99 -7.66
CA ASP B 583 34.89 15.24 -8.43
C ASP B 583 34.37 14.08 -7.60
N ILE B 584 33.05 13.92 -7.60
CA ILE B 584 32.37 12.88 -6.84
C ILE B 584 31.98 11.77 -7.80
N THR B 585 32.60 10.60 -7.64
CA THR B 585 32.22 9.47 -8.47
C THR B 585 31.56 8.38 -7.63
N PRO B 586 30.54 7.71 -8.16
CA PRO B 586 29.89 6.64 -7.39
C PRO B 586 30.89 5.54 -7.03
N CYS B 587 30.77 5.04 -5.81
CA CYS B 587 31.69 4.03 -5.31
C CYS B 587 31.59 2.74 -6.13
N SER B 588 32.61 1.91 -5.99
CA SER B 588 32.74 0.73 -6.84
C SER B 588 31.61 -0.26 -6.61
N PHE B 589 31.05 -0.77 -7.71
CA PHE B 589 30.01 -1.78 -7.66
C PHE B 589 30.04 -2.53 -9.00
N GLY B 590 29.21 -3.56 -9.10
CA GLY B 590 29.11 -4.29 -10.35
C GLY B 590 28.43 -5.62 -10.15
N GLY B 591 28.51 -6.45 -11.19
CA GLY B 591 27.94 -7.78 -11.17
C GLY B 591 29.00 -8.86 -10.97
N VAL B 592 28.58 -9.98 -10.41
CA VAL B 592 29.46 -11.10 -10.12
C VAL B 592 28.94 -12.31 -10.88
N SER B 593 29.64 -12.70 -11.94
CA SER B 593 29.30 -13.88 -12.72
C SER B 593 30.18 -15.05 -12.31
N VAL B 594 29.63 -16.25 -12.42
CA VAL B 594 30.34 -17.48 -12.07
C VAL B 594 30.43 -18.35 -13.31
N ILE B 595 31.66 -18.73 -13.67
CA ILE B 595 31.92 -19.62 -14.78
C ILE B 595 32.20 -21.00 -14.23
N THR B 596 31.39 -21.98 -14.64
CA THR B 596 31.50 -23.34 -14.13
C THR B 596 31.55 -24.31 -15.31
N PRO B 597 32.54 -25.21 -15.36
CA PRO B 597 32.58 -26.21 -16.43
C PRO B 597 31.48 -27.26 -16.35
N GLY B 598 30.58 -27.17 -15.36
CA GLY B 598 29.53 -28.15 -15.21
C GLY B 598 29.69 -28.98 -13.95
N THR B 599 28.59 -29.22 -13.23
CA THR B 599 28.65 -30.01 -12.01
C THR B 599 28.62 -31.50 -12.34
N ASN B 600 29.45 -31.93 -13.28
CA ASN B 600 29.55 -33.33 -13.65
C ASN B 600 30.99 -33.83 -13.77
N THR B 601 31.97 -32.94 -13.82
CA THR B 601 33.38 -33.34 -13.93
C THR B 601 34.26 -32.79 -12.82
N SER B 602 34.01 -31.56 -12.35
CA SER B 602 34.82 -30.96 -11.30
C SER B 602 33.97 -29.96 -10.55
N ASN B 603 34.58 -29.33 -9.53
CA ASN B 603 33.90 -28.34 -8.71
C ASN B 603 34.62 -27.00 -8.70
N GLN B 604 35.65 -26.83 -9.53
CA GLN B 604 36.36 -25.55 -9.60
C GLN B 604 35.59 -24.56 -10.46
N VAL B 605 35.43 -23.34 -9.96
CA VAL B 605 34.70 -22.29 -10.64
C VAL B 605 35.56 -21.05 -10.72
N ALA B 606 35.22 -20.18 -11.67
CA ALA B 606 35.90 -18.90 -11.84
C ALA B 606 34.91 -17.76 -11.57
N VAL B 607 35.43 -16.66 -11.05
CA VAL B 607 34.63 -15.49 -10.70
C VAL B 607 34.97 -14.36 -11.67
N LEU B 608 33.93 -13.63 -12.11
CA LEU B 608 34.09 -12.52 -13.03
C LEU B 608 33.39 -11.30 -12.43
N TYR B 609 34.17 -10.29 -12.06
CA TYR B 609 33.65 -9.03 -11.56
C TYR B 609 33.60 -8.04 -12.72
N GLN B 610 32.40 -7.65 -13.13
CA GLN B 610 32.23 -6.76 -14.26
C GLN B 610 32.53 -5.32 -13.87
N GLY B 611 33.26 -4.63 -14.74
CA GLY B 611 33.58 -3.23 -14.50
C GLY B 611 34.56 -3.00 -13.36
N VAL B 612 35.38 -3.98 -13.06
CA VAL B 612 36.22 -3.82 -11.94
C VAL B 612 37.64 -3.96 -12.43
N ASN B 613 38.50 -3.09 -12.00
CA ASN B 613 39.85 -3.10 -12.46
C ASN B 613 40.65 -4.03 -11.60
N CYS B 614 39.95 -4.90 -10.90
CA CYS B 614 40.48 -5.77 -9.88
C CYS B 614 40.86 -4.97 -8.68
N THR B 615 41.61 -3.95 -8.94
CA THR B 615 42.27 -3.19 -7.88
C THR B 615 41.31 -2.72 -6.79
N GLU B 616 40.01 -2.89 -6.98
CA GLU B 616 39.02 -2.45 -6.00
C GLU B 616 37.96 -3.53 -5.79
N VAL B 617 38.40 -4.77 -5.65
CA VAL B 617 37.48 -5.89 -5.43
C VAL B 617 36.97 -5.88 -4.01
N ASN B 638 44.41 -17.17 -9.93
CA ASN B 638 45.15 -16.06 -10.49
C ASN B 638 44.25 -14.85 -10.73
N VAL B 639 44.83 -13.77 -11.22
CA VAL B 639 44.12 -12.52 -11.49
C VAL B 639 44.35 -12.15 -12.94
N PHE B 640 43.26 -11.82 -13.65
CA PHE B 640 43.35 -11.44 -15.05
C PHE B 640 42.52 -10.18 -15.27
N GLN B 641 43.09 -9.21 -15.98
CA GLN B 641 42.41 -7.96 -16.30
C GLN B 641 42.05 -7.98 -17.78
N THR B 642 40.75 -8.09 -18.08
CA THR B 642 40.27 -8.09 -19.44
C THR B 642 39.51 -6.79 -19.73
N ARG B 643 38.98 -6.69 -20.95
CA ARG B 643 38.18 -5.54 -21.34
C ARG B 643 36.74 -5.63 -20.86
N ALA B 644 36.37 -6.73 -20.19
CA ALA B 644 35.02 -6.89 -19.66
C ALA B 644 34.98 -6.89 -18.14
N GLY B 645 36.13 -7.03 -17.48
CA GLY B 645 36.15 -7.03 -16.02
C GLY B 645 37.37 -7.78 -15.52
N CYS B 646 37.31 -8.17 -14.26
CA CYS B 646 38.39 -8.89 -13.60
C CYS B 646 38.00 -10.36 -13.45
N LEU B 647 38.93 -11.25 -13.77
CA LEU B 647 38.71 -12.69 -13.71
C LEU B 647 39.61 -13.28 -12.63
N ILE B 648 39.01 -14.06 -11.74
CA ILE B 648 39.72 -14.71 -10.63
C ILE B 648 39.48 -16.20 -10.72
N GLY B 649 40.56 -16.97 -10.75
CA GLY B 649 40.49 -18.42 -10.78
C GLY B 649 41.00 -19.06 -12.05
N ALA B 650 41.34 -18.29 -13.08
CA ALA B 650 41.82 -18.83 -14.34
C ALA B 650 43.13 -18.14 -14.73
N GLU B 651 43.76 -18.68 -15.76
CA GLU B 651 45.02 -18.14 -16.27
C GLU B 651 44.92 -17.98 -17.78
N TYR B 652 45.61 -16.96 -18.30
CA TYR B 652 45.55 -16.63 -19.71
C TYR B 652 46.69 -17.35 -20.44
N VAL B 653 46.34 -18.34 -21.24
CA VAL B 653 47.32 -19.06 -22.05
C VAL B 653 47.51 -18.31 -23.37
N ASN B 654 48.72 -18.41 -23.93
CA ASN B 654 49.05 -17.74 -25.18
C ASN B 654 48.66 -18.56 -26.41
N ASN B 655 47.77 -19.53 -26.25
CA ASN B 655 47.31 -20.34 -27.37
C ASN B 655 46.00 -19.75 -27.91
N SER B 656 45.34 -20.48 -28.81
CA SER B 656 44.10 -20.01 -29.41
C SER B 656 43.27 -21.25 -29.80
N TYR B 657 42.28 -21.57 -28.98
CA TYR B 657 41.39 -22.69 -29.21
C TYR B 657 39.98 -22.18 -29.48
N GLU B 658 39.07 -23.11 -29.73
CA GLU B 658 37.68 -22.75 -29.98
C GLU B 658 37.01 -22.25 -28.70
N CYS B 659 36.07 -21.34 -28.87
CA CYS B 659 35.38 -20.75 -27.71
C CYS B 659 34.42 -21.76 -27.12
N ASP B 660 34.58 -22.05 -25.83
CA ASP B 660 33.71 -22.97 -25.11
C ASP B 660 32.74 -22.25 -24.18
N ILE B 661 33.25 -21.41 -23.30
CA ILE B 661 32.44 -20.59 -22.41
C ILE B 661 32.73 -19.13 -22.71
N PRO B 662 31.81 -18.43 -23.39
CA PRO B 662 32.08 -17.04 -23.79
C PRO B 662 32.13 -16.11 -22.59
N ILE B 663 33.30 -15.51 -22.37
CA ILE B 663 33.46 -14.51 -21.31
C ILE B 663 33.13 -13.11 -21.84
N GLY B 664 33.73 -12.73 -22.95
CA GLY B 664 33.48 -11.43 -23.56
C GLY B 664 34.76 -10.80 -24.06
N ALA B 665 34.60 -9.76 -24.87
CA ALA B 665 35.73 -9.00 -25.44
C ALA B 665 36.67 -9.92 -26.20
N GLY B 666 36.12 -10.93 -26.88
CA GLY B 666 36.90 -11.88 -27.63
C GLY B 666 37.61 -12.93 -26.80
N ILE B 667 37.34 -12.99 -25.50
CA ILE B 667 37.98 -13.95 -24.60
C ILE B 667 36.94 -14.96 -24.16
N CYS B 668 37.30 -16.24 -24.20
CA CYS B 668 36.46 -17.32 -23.69
C CYS B 668 37.27 -18.16 -22.71
N ALA B 669 36.63 -19.18 -22.15
CA ALA B 669 37.26 -20.02 -21.15
C ALA B 669 36.95 -21.48 -21.42
N SER B 670 37.78 -22.36 -20.84
CA SER B 670 37.59 -23.80 -20.97
C SER B 670 38.19 -24.47 -19.74
N TYR B 671 37.98 -25.78 -19.64
CA TYR B 671 38.50 -26.59 -18.55
C TYR B 671 39.38 -27.68 -19.16
N GLN B 672 40.69 -27.44 -19.18
CA GLN B 672 41.62 -28.35 -19.84
C GLN B 672 42.86 -28.53 -18.98
N THR B 673 43.66 -29.53 -19.34
CA THR B 673 44.89 -29.82 -18.62
C THR B 673 45.93 -28.73 -18.84
N SER B 686 47.00 -32.26 -14.96
CA SER B 686 46.33 -31.37 -14.02
C SER B 686 45.25 -30.54 -14.71
N GLN B 687 44.00 -30.95 -14.53
CA GLN B 687 42.88 -30.23 -15.14
C GLN B 687 42.64 -28.91 -14.41
N SER B 688 42.51 -27.83 -15.18
CA SER B 688 42.30 -26.51 -14.61
C SER B 688 41.52 -25.65 -15.59
N ILE B 689 40.98 -24.56 -15.06
CA ILE B 689 40.21 -23.61 -15.86
C ILE B 689 41.17 -22.61 -16.48
N ILE B 690 41.16 -22.52 -17.81
CA ILE B 690 42.02 -21.59 -18.55
C ILE B 690 41.14 -20.64 -19.33
N ALA B 691 41.72 -19.48 -19.66
CA ALA B 691 41.07 -18.47 -20.49
C ALA B 691 41.95 -18.14 -21.67
N TYR B 692 41.34 -17.87 -22.81
CA TYR B 692 42.11 -17.64 -24.03
C TYR B 692 41.27 -16.86 -25.03
N THR B 693 41.97 -16.25 -25.99
CA THR B 693 41.30 -15.54 -27.08
C THR B 693 40.69 -16.55 -28.04
N MET B 694 39.58 -16.15 -28.67
CA MET B 694 38.86 -17.02 -29.58
C MET B 694 39.71 -17.34 -30.81
N SER B 695 39.42 -18.49 -31.41
CA SER B 695 40.07 -18.93 -32.64
C SER B 695 39.00 -19.00 -33.73
N LEU B 696 39.05 -18.07 -34.68
CA LEU B 696 38.05 -18.01 -35.73
C LEU B 696 38.17 -19.16 -36.73
N GLY B 697 39.24 -19.95 -36.66
CA GLY B 697 39.44 -21.06 -37.57
C GLY B 697 40.88 -21.17 -38.00
N ALA B 698 41.17 -22.28 -38.68
CA ALA B 698 42.51 -22.53 -39.18
C ALA B 698 42.78 -21.72 -40.43
N GLU B 699 44.03 -21.75 -40.89
CA GLU B 699 44.44 -21.02 -42.09
C GLU B 699 44.31 -21.94 -43.30
N ASN B 700 43.52 -21.51 -44.28
CA ASN B 700 43.27 -22.28 -45.50
C ASN B 700 43.41 -21.38 -46.72
N SER B 701 44.52 -20.64 -46.77
CA SER B 701 44.77 -19.74 -47.89
C SER B 701 44.90 -20.53 -49.18
N VAL B 702 43.98 -20.29 -50.11
CA VAL B 702 43.98 -20.99 -51.39
C VAL B 702 45.07 -20.42 -52.29
N ALA B 703 45.80 -21.31 -52.96
CA ALA B 703 46.90 -20.89 -53.84
C ALA B 703 46.32 -20.40 -55.16
N TYR B 704 45.84 -19.16 -55.14
CA TYR B 704 45.28 -18.54 -56.33
C TYR B 704 46.39 -18.22 -57.32
N SER B 705 46.05 -18.33 -58.61
CA SER B 705 46.99 -18.06 -59.69
C SER B 705 46.22 -17.59 -60.91
N ASN B 706 46.90 -17.29 -61.98
CA ASN B 706 46.19 -16.82 -63.14
C ASN B 706 45.51 -17.95 -63.85
N ASN B 707 46.04 -19.15 -63.72
CA ASN B 707 45.38 -20.29 -64.35
C ASN B 707 45.55 -21.49 -63.40
N SER B 708 44.53 -21.70 -62.57
CA SER B 708 44.53 -22.81 -61.61
C SER B 708 43.10 -23.11 -61.22
N ILE B 709 42.59 -24.27 -61.62
CA ILE B 709 41.22 -24.67 -61.31
C ILE B 709 41.27 -25.89 -60.39
N ALA B 710 40.28 -25.99 -59.51
CA ALA B 710 40.16 -27.11 -58.58
C ALA B 710 38.83 -27.80 -58.88
N ILE B 711 38.89 -28.98 -59.46
CA ILE B 711 37.71 -29.73 -59.89
C ILE B 711 37.52 -30.91 -58.94
N PRO B 712 36.34 -31.11 -58.36
CA PRO B 712 36.11 -32.27 -57.52
C PRO B 712 36.02 -33.55 -58.34
N THR B 713 36.38 -34.66 -57.69
CA THR B 713 36.40 -35.96 -58.35
C THR B 713 35.53 -37.01 -57.66
N ASN B 714 34.78 -36.63 -56.65
CA ASN B 714 33.91 -37.58 -56.04
C ASN B 714 32.95 -36.87 -55.14
N PHE B 715 31.83 -37.52 -54.94
CA PHE B 715 30.68 -36.93 -54.25
C PHE B 715 30.58 -37.46 -52.83
N THR B 716 30.12 -36.59 -51.93
CA THR B 716 29.97 -36.90 -50.51
C THR B 716 28.61 -36.43 -50.01
N ILE B 717 27.54 -36.80 -50.72
CA ILE B 717 26.19 -36.42 -50.35
C ILE B 717 25.94 -36.74 -48.88
N SER B 718 25.54 -35.73 -48.11
CA SER B 718 25.33 -35.86 -46.68
C SER B 718 23.89 -35.51 -46.34
N VAL B 719 23.54 -35.70 -45.07
CA VAL B 719 22.21 -35.41 -44.55
C VAL B 719 22.35 -34.62 -43.26
N THR B 720 21.84 -33.40 -43.25
CA THR B 720 21.85 -32.55 -42.07
C THR B 720 20.44 -32.41 -41.51
N THR B 721 20.37 -31.94 -40.27
CA THR B 721 19.09 -31.76 -39.58
C THR B 721 18.89 -30.30 -39.22
N GLU B 722 17.62 -29.88 -39.19
CA GLU B 722 17.26 -28.52 -38.83
C GLU B 722 15.96 -28.55 -38.03
N ILE B 723 15.98 -27.97 -36.84
CA ILE B 723 14.83 -27.97 -35.95
C ILE B 723 14.16 -26.61 -36.01
N LEU B 724 12.83 -26.59 -36.06
CA LEU B 724 12.11 -25.32 -36.13
C LEU B 724 10.82 -25.38 -35.31
N PRO B 725 10.65 -24.51 -34.31
CA PRO B 725 9.39 -24.48 -33.57
C PRO B 725 8.26 -23.95 -34.43
N VAL B 726 7.10 -24.59 -34.34
CA VAL B 726 5.95 -24.23 -35.16
C VAL B 726 4.75 -23.92 -34.28
N SER B 727 4.71 -24.51 -33.08
CA SER B 727 3.55 -24.41 -32.21
C SER B 727 3.95 -23.78 -30.88
N MET B 728 2.96 -23.66 -29.99
CA MET B 728 3.16 -23.07 -28.68
C MET B 728 2.02 -23.51 -27.78
N THR B 729 2.33 -23.68 -26.49
CA THR B 729 1.33 -24.06 -25.50
C THR B 729 0.29 -22.96 -25.37
N LYS B 730 -0.95 -23.27 -25.76
CA LYS B 730 -2.04 -22.30 -25.70
C LYS B 730 -2.53 -22.19 -24.27
N THR B 731 -2.52 -20.98 -23.73
CA THR B 731 -2.95 -20.72 -22.36
C THR B 731 -4.15 -19.78 -22.34
N SER B 732 -4.80 -19.72 -21.18
CA SER B 732 -5.95 -18.86 -20.98
C SER B 732 -6.15 -18.66 -19.48
N VAL B 733 -6.42 -17.42 -19.08
CA VAL B 733 -6.59 -17.09 -17.67
C VAL B 733 -8.01 -16.55 -17.46
N ASP B 734 -8.34 -16.36 -16.18
CA ASP B 734 -9.65 -15.84 -15.79
C ASP B 734 -9.46 -14.86 -14.64
N CYS B 735 -10.03 -13.66 -14.79
CA CYS B 735 -9.87 -12.64 -13.76
C CYS B 735 -10.63 -13.01 -12.49
N THR B 736 -11.80 -13.63 -12.63
CA THR B 736 -12.61 -13.98 -11.46
C THR B 736 -12.01 -15.11 -10.64
N MET B 737 -10.90 -15.69 -11.07
CA MET B 737 -10.26 -16.77 -10.33
C MET B 737 -8.80 -16.47 -9.99
N TYR B 738 -8.06 -15.86 -10.91
CA TYR B 738 -6.65 -15.54 -10.64
C TYR B 738 -6.53 -14.29 -9.77
N ILE B 739 -7.27 -13.23 -10.12
CA ILE B 739 -7.19 -12.00 -9.34
C ILE B 739 -7.87 -12.18 -7.99
N CYS B 740 -9.03 -12.82 -7.98
CA CYS B 740 -9.81 -13.04 -6.75
C CYS B 740 -9.99 -14.53 -6.54
N GLY B 741 -9.48 -15.05 -5.43
CA GLY B 741 -9.66 -16.44 -5.10
C GLY B 741 -10.64 -16.67 -3.96
N ASP B 742 -11.85 -17.11 -4.30
CA ASP B 742 -12.91 -17.37 -3.32
C ASP B 742 -13.18 -16.15 -2.45
N SER B 743 -13.48 -15.03 -3.10
CA SER B 743 -13.75 -13.77 -2.40
C SER B 743 -14.81 -13.00 -3.17
N THR B 744 -15.86 -12.59 -2.46
CA THR B 744 -16.94 -11.83 -3.07
C THR B 744 -16.66 -10.33 -3.07
N GLU B 745 -16.05 -9.81 -2.00
CA GLU B 745 -15.70 -8.40 -1.96
C GLU B 745 -14.65 -8.07 -3.03
N CYS B 746 -13.69 -8.98 -3.23
CA CYS B 746 -12.72 -8.80 -4.31
C CYS B 746 -13.40 -8.78 -5.67
N SER B 747 -14.40 -9.64 -5.86
CA SER B 747 -15.12 -9.67 -7.13
C SER B 747 -15.90 -8.38 -7.34
N ASN B 748 -16.53 -7.87 -6.28
CA ASN B 748 -17.25 -6.60 -6.41
C ASN B 748 -16.30 -5.44 -6.71
N LEU B 749 -15.12 -5.45 -6.07
CA LEU B 749 -14.14 -4.40 -6.35
C LEU B 749 -13.63 -4.49 -7.79
N LEU B 750 -13.42 -5.71 -8.29
CA LEU B 750 -12.96 -5.87 -9.66
C LEU B 750 -14.04 -5.43 -10.65
N LEU B 751 -15.31 -5.73 -10.35
CA LEU B 751 -16.39 -5.26 -11.21
C LEU B 751 -16.51 -3.74 -11.19
N GLN B 752 -16.29 -3.14 -10.02
CA GLN B 752 -16.32 -1.68 -9.93
C GLN B 752 -15.04 -1.04 -10.47
N TYR B 753 -13.98 -1.83 -10.67
CA TYR B 753 -12.72 -1.30 -11.17
C TYR B 753 -12.72 -1.08 -12.67
N GLY B 754 -13.83 -1.36 -13.36
CA GLY B 754 -13.93 -1.18 -14.78
C GLY B 754 -13.84 -2.49 -15.53
N SER B 755 -14.09 -2.40 -16.84
CA SER B 755 -14.05 -3.57 -17.73
C SER B 755 -12.67 -3.76 -18.35
N PHE B 756 -11.64 -3.83 -17.50
CA PHE B 756 -10.29 -4.03 -17.99
C PHE B 756 -10.04 -5.47 -18.39
N CYS B 757 -10.79 -6.41 -17.82
CA CYS B 757 -10.65 -7.83 -18.13
C CYS B 757 -11.43 -8.22 -19.38
N THR B 758 -11.21 -7.47 -20.46
CA THR B 758 -11.84 -7.77 -21.73
C THR B 758 -10.79 -7.76 -22.83
N GLN B 759 -9.71 -7.00 -22.62
CA GLN B 759 -8.61 -6.98 -23.57
C GLN B 759 -7.72 -8.21 -23.41
N LEU B 760 -7.52 -8.65 -22.17
CA LEU B 760 -6.61 -9.78 -21.93
C LEU B 760 -7.20 -11.08 -22.47
N LYS B 761 -8.48 -11.34 -22.22
CA LYS B 761 -9.11 -12.54 -22.75
C LYS B 761 -9.14 -12.53 -24.26
N ARG B 762 -9.40 -11.36 -24.86
CA ARG B 762 -9.41 -11.26 -26.32
C ARG B 762 -8.01 -11.48 -26.89
N ALA B 763 -6.99 -10.97 -26.22
CA ALA B 763 -5.62 -11.20 -26.67
C ALA B 763 -5.24 -12.67 -26.56
N LEU B 764 -5.65 -13.34 -25.49
CA LEU B 764 -5.38 -14.76 -25.34
C LEU B 764 -6.11 -15.57 -26.40
N THR B 765 -7.35 -15.20 -26.71
CA THR B 765 -8.08 -15.88 -27.77
C THR B 765 -7.41 -15.68 -29.12
N GLY B 766 -6.93 -14.47 -29.39
CA GLY B 766 -6.19 -14.23 -30.62
C GLY B 766 -4.91 -15.04 -30.70
N ILE B 767 -4.19 -15.15 -29.58
CA ILE B 767 -2.98 -15.96 -29.55
C ILE B 767 -3.31 -17.42 -29.81
N ALA B 768 -4.40 -17.91 -29.23
CA ALA B 768 -4.80 -19.31 -29.46
C ALA B 768 -5.17 -19.54 -30.92
N VAL B 769 -5.91 -18.62 -31.52
CA VAL B 769 -6.26 -18.75 -32.94
C VAL B 769 -5.02 -18.72 -33.81
N GLU B 770 -4.06 -17.85 -33.48
CA GLU B 770 -2.82 -17.77 -34.24
C GLU B 770 -2.03 -19.06 -34.13
N GLN B 771 -1.96 -19.64 -32.93
CA GLN B 771 -1.22 -20.89 -32.76
C GLN B 771 -1.92 -22.05 -33.45
N ASP B 772 -3.26 -22.03 -33.51
CA ASP B 772 -3.97 -23.06 -34.26
C ASP B 772 -3.78 -22.90 -35.75
N LYS B 773 -3.66 -21.66 -36.24
CA LYS B 773 -3.46 -21.43 -37.67
C LYS B 773 -2.02 -21.72 -38.09
N ASN B 774 -1.06 -21.53 -37.18
CA ASN B 774 0.34 -21.79 -37.52
C ASN B 774 0.59 -23.28 -37.75
N THR B 775 -0.05 -24.15 -36.96
CA THR B 775 0.12 -25.58 -37.14
C THR B 775 -0.55 -26.09 -38.41
N GLN B 776 -1.42 -25.31 -39.03
CA GLN B 776 -2.09 -25.68 -40.26
C GLN B 776 -1.44 -25.08 -41.50
N GLU B 777 -0.94 -23.85 -41.40
CA GLU B 777 -0.30 -23.21 -42.55
C GLU B 777 1.07 -23.78 -42.85
N VAL B 778 1.60 -24.66 -42.00
CA VAL B 778 2.92 -25.24 -42.23
C VAL B 778 2.78 -26.68 -42.70
N PHE B 779 2.09 -27.50 -41.92
CA PHE B 779 1.95 -28.92 -42.26
C PHE B 779 0.88 -29.13 -43.33
N ALA B 780 -0.33 -28.62 -43.10
CA ALA B 780 -1.45 -28.83 -44.02
C ALA B 780 -1.27 -27.93 -45.24
N GLN B 781 -0.41 -28.38 -46.15
CA GLN B 781 -0.17 -27.68 -47.41
C GLN B 781 -0.63 -28.46 -48.63
N VAL B 782 -0.77 -29.77 -48.53
CA VAL B 782 -1.24 -30.59 -49.63
C VAL B 782 -2.73 -30.86 -49.45
N LYS B 783 -3.43 -31.01 -50.57
CA LYS B 783 -4.87 -31.25 -50.52
C LYS B 783 -5.18 -32.71 -50.19
N GLN B 784 -4.70 -33.64 -51.02
CA GLN B 784 -4.98 -35.05 -50.85
C GLN B 784 -3.91 -35.69 -49.95
N ILE B 785 -4.33 -36.74 -49.24
CA ILE B 785 -3.43 -37.48 -48.36
C ILE B 785 -2.89 -38.69 -49.13
N TYR B 786 -1.58 -38.76 -49.29
CA TYR B 786 -0.93 -39.83 -50.02
C TYR B 786 -0.42 -40.90 -49.07
N LYS B 787 -0.30 -42.12 -49.58
CA LYS B 787 0.17 -43.26 -48.80
C LYS B 787 1.32 -43.93 -49.52
N THR B 788 2.23 -44.52 -48.74
CA THR B 788 3.38 -45.20 -49.32
C THR B 788 2.94 -46.52 -49.95
N PRO B 789 3.53 -46.91 -51.07
CA PRO B 789 3.18 -48.18 -51.70
C PRO B 789 3.67 -49.35 -50.87
N PRO B 790 3.06 -50.54 -51.02
CA PRO B 790 3.51 -51.69 -50.23
C PRO B 790 4.92 -52.13 -50.58
N ILE B 791 5.22 -52.20 -51.88
CA ILE B 791 6.57 -52.59 -52.32
C ILE B 791 7.52 -51.44 -52.02
N LYS B 792 8.35 -51.60 -50.99
CA LYS B 792 9.27 -50.55 -50.56
C LYS B 792 10.66 -50.77 -51.17
N TYR B 793 10.72 -50.68 -52.49
CA TYR B 793 11.96 -50.76 -53.25
C TYR B 793 12.08 -49.49 -54.07
N PHE B 794 12.65 -48.44 -53.47
CA PHE B 794 12.77 -47.14 -54.12
C PHE B 794 14.16 -46.97 -54.74
N GLY B 795 14.44 -47.83 -55.73
CA GLY B 795 15.69 -47.77 -56.46
C GLY B 795 16.90 -48.36 -55.76
N GLY B 796 16.85 -48.49 -54.43
CA GLY B 796 17.97 -49.03 -53.69
C GLY B 796 18.20 -48.31 -52.38
N PHE B 797 17.44 -47.24 -52.15
CA PHE B 797 17.53 -46.48 -50.91
C PHE B 797 16.63 -47.09 -49.85
N ASN B 798 17.06 -46.91 -48.63
CA ASN B 798 16.34 -47.43 -47.51
C ASN B 798 15.70 -46.32 -46.79
N PHE B 799 14.41 -46.36 -46.79
CA PHE B 799 13.65 -45.37 -46.04
C PHE B 799 12.90 -45.99 -44.86
N SER B 800 13.47 -47.04 -44.26
CA SER B 800 12.83 -47.74 -43.16
C SER B 800 12.95 -47.02 -41.83
N GLN B 801 13.39 -45.75 -41.83
CA GLN B 801 13.53 -44.98 -40.60
C GLN B 801 12.75 -43.68 -40.59
N ILE B 802 12.37 -43.14 -41.74
CA ILE B 802 11.62 -41.89 -41.79
C ILE B 802 10.16 -42.21 -42.09
N LEU B 803 9.91 -43.32 -42.79
CA LEU B 803 8.54 -43.71 -43.10
C LEU B 803 7.86 -44.24 -41.84
N PRO B 804 6.55 -44.02 -41.71
CA PRO B 804 5.84 -44.48 -40.51
C PRO B 804 5.83 -46.00 -40.42
N ASP B 805 6.20 -46.51 -39.25
CA ASP B 805 6.25 -47.95 -39.03
C ASP B 805 4.91 -48.45 -38.55
N PRO B 806 4.32 -49.46 -39.20
CA PRO B 806 3.00 -49.93 -38.77
C PRO B 806 3.02 -50.70 -37.45
N SER B 807 4.18 -51.18 -37.01
CA SER B 807 4.27 -51.95 -35.78
C SER B 807 4.48 -51.03 -34.56
N LYS B 808 3.61 -50.04 -34.42
CA LYS B 808 3.62 -49.15 -33.27
C LYS B 808 2.26 -48.48 -33.19
N PRO B 809 1.81 -48.08 -31.99
CA PRO B 809 0.44 -47.56 -31.84
C PRO B 809 0.14 -46.33 -32.68
N SER B 810 0.90 -45.25 -32.49
CA SER B 810 0.53 -43.96 -33.09
C SER B 810 1.23 -43.72 -34.42
N LYS B 811 1.22 -44.73 -35.30
CA LYS B 811 1.59 -44.62 -36.71
C LYS B 811 2.78 -43.70 -36.99
N ARG B 812 3.83 -43.78 -36.17
CA ARG B 812 5.00 -42.93 -36.34
C ARG B 812 6.19 -43.76 -36.82
N SER B 813 7.32 -43.07 -36.98
CA SER B 813 8.57 -43.66 -37.43
C SER B 813 9.57 -43.72 -36.28
N PRO B 814 10.61 -44.56 -36.39
CA PRO B 814 11.61 -44.61 -35.32
C PRO B 814 12.26 -43.27 -35.01
N ILE B 815 12.56 -42.47 -36.04
CA ILE B 815 13.12 -41.14 -35.81
C ILE B 815 12.10 -40.25 -35.10
N GLU B 816 10.84 -40.31 -35.54
CA GLU B 816 9.80 -39.52 -34.86
C GLU B 816 9.60 -40.00 -33.43
N ASP B 817 9.70 -41.31 -33.20
CA ASP B 817 9.57 -41.82 -31.83
C ASP B 817 10.70 -41.32 -30.95
N LEU B 818 11.93 -41.34 -31.48
CA LEU B 818 13.08 -40.87 -30.70
C LEU B 818 12.99 -39.36 -30.45
N LEU B 819 12.43 -38.60 -31.40
CA LEU B 819 12.28 -37.17 -31.20
C LEU B 819 11.14 -36.85 -30.23
N PHE B 820 10.11 -37.69 -30.19
CA PHE B 820 9.00 -37.46 -29.25
C PHE B 820 9.38 -37.85 -27.83
N ASN B 821 10.08 -38.96 -27.67
CA ASN B 821 10.53 -39.40 -26.35
C ASN B 821 11.89 -38.81 -26.00
N LYS B 822 11.99 -37.48 -26.12
CA LYS B 822 13.20 -36.78 -25.72
C LYS B 822 12.82 -35.51 -24.96
N VAL B 823 11.73 -34.87 -25.38
CA VAL B 823 11.24 -33.64 -24.76
C VAL B 823 10.23 -34.02 -23.69
N THR B 824 10.50 -33.63 -22.45
CA THR B 824 9.61 -33.93 -21.34
C THR B 824 8.47 -32.91 -21.25
N ARG B 844 0.87 -34.20 -6.93
CA ARG B 844 0.41 -33.54 -8.15
C ARG B 844 1.58 -32.86 -8.87
N ASP B 845 1.63 -33.04 -10.19
CA ASP B 845 2.69 -32.44 -10.99
C ASP B 845 2.47 -30.93 -11.12
N LEU B 846 3.39 -30.28 -11.84
CA LEU B 846 3.33 -28.83 -11.98
C LEU B 846 2.26 -28.39 -12.97
N ILE B 847 2.09 -29.11 -14.08
CA ILE B 847 1.10 -28.72 -15.07
C ILE B 847 -0.30 -28.79 -14.50
N CYS B 848 -0.61 -29.87 -13.78
CA CYS B 848 -1.92 -30.01 -13.18
C CYS B 848 -2.17 -28.96 -12.10
N ALA B 849 -1.14 -28.61 -11.33
CA ALA B 849 -1.30 -27.55 -10.32
C ALA B 849 -1.54 -26.20 -10.99
N GLN B 850 -0.82 -25.90 -12.08
CA GLN B 850 -1.05 -24.66 -12.79
C GLN B 850 -2.44 -24.62 -13.40
N LYS B 851 -2.94 -25.75 -13.89
CA LYS B 851 -4.29 -25.80 -14.41
C LYS B 851 -5.32 -25.60 -13.30
N PHE B 852 -5.08 -26.18 -12.12
CA PHE B 852 -5.97 -26.00 -10.99
C PHE B 852 -5.93 -24.60 -10.40
N LYS B 853 -4.83 -23.87 -10.59
CA LYS B 853 -4.72 -22.51 -10.12
C LYS B 853 -5.41 -21.50 -11.03
N GLY B 854 -5.60 -21.84 -12.31
CA GLY B 854 -6.23 -20.94 -13.25
C GLY B 854 -5.53 -20.93 -14.60
N LEU B 855 -4.24 -21.26 -14.60
CA LEU B 855 -3.44 -21.31 -15.82
C LEU B 855 -3.73 -22.63 -16.55
N THR B 856 -4.89 -22.66 -17.21
CA THR B 856 -5.34 -23.85 -17.91
C THR B 856 -4.81 -23.86 -19.33
N VAL B 857 -4.47 -25.06 -19.82
CA VAL B 857 -3.92 -25.24 -21.16
C VAL B 857 -5.02 -25.81 -22.05
N LEU B 858 -5.32 -25.10 -23.14
CA LEU B 858 -6.31 -25.59 -24.08
C LEU B 858 -5.71 -26.63 -25.01
N PRO B 859 -6.45 -27.67 -25.36
CA PRO B 859 -5.92 -28.71 -26.25
C PRO B 859 -5.82 -28.19 -27.67
N PRO B 860 -4.73 -28.52 -28.38
CA PRO B 860 -4.58 -28.06 -29.76
C PRO B 860 -5.60 -28.71 -30.68
N LEU B 861 -5.84 -28.06 -31.81
CA LEU B 861 -6.78 -28.58 -32.79
C LEU B 861 -6.21 -29.82 -33.48
N LEU B 862 -5.06 -29.68 -34.13
CA LEU B 862 -4.39 -30.79 -34.79
C LEU B 862 -3.69 -31.64 -33.73
N THR B 863 -4.15 -32.88 -33.56
CA THR B 863 -3.55 -33.79 -32.60
C THR B 863 -2.23 -34.34 -33.14
N ASP B 864 -1.55 -35.12 -32.31
CA ASP B 864 -0.27 -35.69 -32.74
C ASP B 864 -0.46 -36.71 -33.86
N GLU B 865 -1.56 -37.47 -33.82
CA GLU B 865 -1.80 -38.44 -34.88
C GLU B 865 -2.05 -37.75 -36.21
N MET B 866 -2.77 -36.63 -36.20
CA MET B 866 -3.03 -35.90 -37.45
C MET B 866 -1.75 -35.29 -38.00
N ILE B 867 -0.88 -34.78 -37.14
CA ILE B 867 0.40 -34.24 -37.60
C ILE B 867 1.26 -35.36 -38.17
N ALA B 868 1.24 -36.53 -37.53
CA ALA B 868 1.99 -37.68 -38.04
C ALA B 868 1.46 -38.10 -39.40
N GLN B 869 0.14 -38.10 -39.57
CA GLN B 869 -0.44 -38.47 -40.86
C GLN B 869 -0.09 -37.44 -41.94
N TYR B 870 -0.07 -36.15 -41.57
CA TYR B 870 0.33 -35.12 -42.52
C TYR B 870 1.78 -35.31 -42.95
N THR B 871 2.66 -35.60 -41.98
CA THR B 871 4.06 -35.83 -42.32
C THR B 871 4.24 -37.08 -43.18
N SER B 872 3.47 -38.14 -42.91
CA SER B 872 3.55 -39.34 -43.73
C SER B 872 3.07 -39.05 -45.16
N ALA B 873 2.01 -38.27 -45.29
CA ALA B 873 1.52 -37.90 -46.62
C ALA B 873 2.54 -37.05 -47.37
N LEU B 874 3.20 -36.12 -46.66
CA LEU B 874 4.24 -35.31 -47.29
C LEU B 874 5.41 -36.19 -47.75
N LEU B 875 5.82 -37.14 -46.91
CA LEU B 875 6.90 -38.04 -47.31
C LEU B 875 6.50 -38.90 -48.51
N ALA B 876 5.27 -39.39 -48.53
CA ALA B 876 4.81 -40.20 -49.66
C ALA B 876 4.77 -39.38 -50.93
N GLY B 877 4.32 -38.13 -50.85
CA GLY B 877 4.32 -37.26 -52.02
C GLY B 877 5.70 -36.88 -52.49
N THR B 878 6.64 -36.76 -51.56
CA THR B 878 8.02 -36.42 -51.93
C THR B 878 8.72 -37.61 -52.56
N ILE B 879 8.42 -38.82 -52.10
CA ILE B 879 9.10 -40.00 -52.62
C ILE B 879 8.48 -40.45 -53.93
N THR B 880 7.15 -40.61 -53.96
CA THR B 880 6.50 -41.13 -55.15
C THR B 880 6.35 -40.06 -56.24
N SER B 881 5.76 -38.92 -55.89
CA SER B 881 5.51 -37.87 -56.87
C SER B 881 6.72 -36.98 -57.11
N GLY B 882 7.53 -36.74 -56.09
CA GLY B 882 8.73 -35.91 -56.25
C GLY B 882 8.42 -34.44 -55.96
N TRP B 883 8.51 -33.59 -56.98
CA TRP B 883 8.26 -32.16 -56.85
C TRP B 883 7.04 -31.69 -57.63
N THR B 884 6.19 -32.61 -58.10
CA THR B 884 5.02 -32.26 -58.88
C THR B 884 3.73 -32.26 -58.05
N PHE B 885 3.75 -32.82 -56.84
CA PHE B 885 2.57 -32.85 -56.00
C PHE B 885 2.33 -31.54 -55.26
N GLY B 886 3.28 -30.62 -55.30
CA GLY B 886 3.12 -29.33 -54.64
C GLY B 886 2.68 -28.24 -55.59
N ALA B 887 2.64 -28.55 -56.88
CA ALA B 887 2.22 -27.60 -57.90
C ALA B 887 0.99 -28.07 -58.67
N GLY B 888 0.36 -29.15 -58.23
CA GLY B 888 -0.82 -29.67 -58.89
C GLY B 888 -1.05 -31.13 -58.56
N PRO B 889 -1.45 -31.92 -59.57
CA PRO B 889 -1.68 -33.34 -59.33
C PRO B 889 -0.38 -34.12 -59.20
N ALA B 890 -0.46 -35.22 -58.46
CA ALA B 890 0.70 -36.07 -58.25
C ALA B 890 1.04 -36.82 -59.53
N LEU B 891 2.34 -36.87 -59.85
CA LEU B 891 2.83 -37.53 -61.05
C LEU B 891 3.79 -38.63 -60.66
N GLN B 892 3.47 -39.86 -61.07
CA GLN B 892 4.35 -40.99 -60.78
C GLN B 892 5.69 -40.83 -61.50
N ILE B 893 6.77 -41.15 -60.78
CA ILE B 893 8.12 -41.04 -61.32
C ILE B 893 9.06 -41.89 -60.48
N PRO B 894 9.94 -42.68 -61.09
CA PRO B 894 10.90 -43.46 -60.30
C PRO B 894 11.83 -42.56 -59.51
N PHE B 895 12.21 -43.05 -58.33
CA PHE B 895 13.10 -42.31 -57.42
C PHE B 895 14.50 -42.14 -58.01
N PRO B 896 15.08 -43.14 -58.68
CA PRO B 896 16.35 -42.89 -59.38
C PRO B 896 16.25 -41.77 -60.41
N MET B 897 15.20 -41.79 -61.25
CA MET B 897 15.00 -40.70 -62.19
C MET B 897 14.72 -39.38 -61.49
N GLN B 898 14.03 -39.43 -60.34
CA GLN B 898 13.77 -38.22 -59.57
C GLN B 898 15.08 -37.58 -59.13
N MET B 899 15.99 -38.37 -58.56
CA MET B 899 17.28 -37.81 -58.14
C MET B 899 18.14 -37.42 -59.33
N ALA B 900 18.02 -38.14 -60.45
CA ALA B 900 18.76 -37.76 -61.65
C ALA B 900 18.31 -36.42 -62.19
N TYR B 901 17.01 -36.12 -62.09
CA TYR B 901 16.51 -34.81 -62.50
C TYR B 901 16.79 -33.73 -61.46
N ARG B 902 16.85 -34.08 -60.18
CA ARG B 902 17.24 -33.12 -59.16
C ARG B 902 18.71 -32.76 -59.24
N PHE B 903 19.56 -33.68 -59.72
CA PHE B 903 20.97 -33.34 -59.91
C PHE B 903 21.16 -32.25 -60.96
N ASN B 904 20.23 -32.15 -61.92
CA ASN B 904 20.33 -31.13 -62.95
C ASN B 904 20.07 -29.73 -62.44
N GLY B 905 19.78 -29.56 -61.15
CA GLY B 905 19.56 -28.24 -60.58
C GLY B 905 20.81 -27.68 -59.94
N ILE B 906 21.84 -28.51 -59.81
CA ILE B 906 23.10 -28.09 -59.21
C ILE B 906 24.26 -28.14 -60.19
N GLY B 907 24.07 -28.65 -61.40
CA GLY B 907 25.11 -28.73 -62.41
C GLY B 907 25.52 -30.14 -62.76
N VAL B 908 25.48 -31.06 -61.80
CA VAL B 908 25.87 -32.44 -62.05
C VAL B 908 24.85 -33.10 -62.95
N THR B 909 25.31 -33.71 -64.03
CA THR B 909 24.42 -34.37 -64.98
C THR B 909 23.90 -35.69 -64.41
N GLN B 910 23.02 -36.34 -65.15
CA GLN B 910 22.40 -37.57 -64.68
C GLN B 910 23.27 -38.80 -64.92
N ASN B 911 24.29 -38.70 -65.77
CA ASN B 911 25.16 -39.85 -66.02
C ASN B 911 26.02 -40.20 -64.81
N VAL B 912 26.19 -39.28 -63.86
CA VAL B 912 26.91 -39.60 -62.64
C VAL B 912 26.06 -40.51 -61.76
N LEU B 913 24.78 -40.17 -61.60
CA LEU B 913 23.89 -41.01 -60.80
C LEU B 913 23.63 -42.35 -61.49
N TYR B 914 23.37 -42.32 -62.80
CA TYR B 914 23.07 -43.54 -63.53
C TYR B 914 24.27 -44.48 -63.61
N GLU B 915 25.40 -44.05 -63.06
CA GLU B 915 26.59 -44.89 -62.97
C GLU B 915 27.03 -45.20 -61.55
N ASN B 916 26.70 -44.35 -60.57
CA ASN B 916 27.10 -44.57 -59.18
C ASN B 916 25.89 -44.59 -58.25
N GLN B 917 24.74 -45.08 -58.74
CA GLN B 917 23.57 -45.23 -57.89
C GLN B 917 23.85 -46.09 -56.67
N LYS B 918 24.68 -47.12 -56.82
CA LYS B 918 25.00 -47.99 -55.68
C LYS B 918 25.72 -47.21 -54.59
N LEU B 919 26.77 -46.47 -54.96
CA LEU B 919 27.49 -45.68 -53.97
C LEU B 919 26.61 -44.58 -53.38
N ILE B 920 25.74 -43.99 -54.20
CA ILE B 920 24.84 -42.95 -53.70
C ILE B 920 23.90 -43.53 -52.66
N ALA B 921 23.35 -44.71 -52.92
CA ALA B 921 22.44 -45.35 -51.97
C ALA B 921 23.18 -45.75 -50.70
N ASN B 922 24.42 -46.23 -50.84
CA ASN B 922 25.21 -46.60 -49.66
C ASN B 922 25.48 -45.37 -48.79
N GLN B 923 25.87 -44.26 -49.42
CA GLN B 923 26.12 -43.03 -48.66
C GLN B 923 24.84 -42.50 -48.03
N PHE B 924 23.71 -42.61 -48.73
CA PHE B 924 22.45 -42.15 -48.17
C PHE B 924 22.06 -42.98 -46.96
N ASN B 925 22.22 -44.30 -47.04
CA ASN B 925 21.91 -45.15 -45.89
C ASN B 925 22.85 -44.87 -44.72
N SER B 926 24.14 -44.65 -45.01
CA SER B 926 25.08 -44.32 -43.95
C SER B 926 24.72 -43.00 -43.27
N ALA B 927 24.31 -42.00 -44.06
CA ALA B 927 23.91 -40.73 -43.47
C ALA B 927 22.62 -40.85 -42.67
N ILE B 928 21.66 -41.63 -43.15
CA ILE B 928 20.42 -41.84 -42.40
C ILE B 928 20.72 -42.53 -41.07
N GLY B 929 21.66 -43.48 -41.08
CA GLY B 929 22.06 -44.11 -39.82
C GLY B 929 22.77 -43.16 -38.89
N LYS B 930 23.66 -42.33 -39.44
CA LYS B 930 24.36 -41.35 -38.62
C LYS B 930 23.41 -40.32 -38.03
N ILE B 931 22.29 -40.06 -38.72
CA ILE B 931 21.29 -39.15 -38.17
C ILE B 931 20.76 -39.69 -36.84
N GLN B 932 20.34 -40.96 -36.83
CA GLN B 932 19.88 -41.57 -35.58
C GLN B 932 21.01 -41.69 -34.56
N ASP B 933 22.23 -41.95 -35.02
CA ASP B 933 23.36 -42.04 -34.11
C ASP B 933 23.61 -40.71 -33.41
N SER B 934 23.43 -39.60 -34.12
CA SER B 934 23.66 -38.29 -33.53
C SER B 934 22.46 -37.85 -32.68
N LEU B 935 21.24 -38.25 -33.06
CA LEU B 935 20.07 -37.88 -32.27
C LEU B 935 20.04 -38.60 -30.93
N SER B 936 20.65 -39.78 -30.84
CA SER B 936 20.72 -40.53 -29.60
C SER B 936 21.74 -39.95 -28.62
N SER B 937 22.61 -39.04 -29.07
CA SER B 937 23.61 -38.43 -28.21
C SER B 937 23.56 -36.92 -28.35
N THR B 938 24.56 -36.22 -27.78
CA THR B 938 24.67 -34.76 -27.82
C THR B 938 23.37 -34.11 -27.35
N PRO B 939 23.10 -34.12 -26.04
CA PRO B 939 21.82 -33.55 -25.55
C PRO B 939 21.62 -32.09 -25.93
N SER B 940 22.68 -31.36 -26.26
CA SER B 940 22.56 -29.98 -26.69
C SER B 940 22.27 -29.88 -28.19
N ALA B 941 21.25 -30.62 -28.64
CA ALA B 941 20.81 -30.59 -30.03
C ALA B 941 19.39 -30.10 -30.19
N LEU B 942 18.44 -30.65 -29.43
CA LEU B 942 17.05 -30.20 -29.44
C LEU B 942 16.84 -29.07 -28.44
N GLY B 943 17.66 -28.03 -28.54
CA GLY B 943 17.61 -26.93 -27.60
C GLY B 943 16.54 -25.91 -27.92
N LYS B 944 16.32 -25.65 -29.21
CA LYS B 944 15.34 -24.64 -29.61
C LYS B 944 13.91 -25.12 -29.40
N LEU B 945 13.68 -26.42 -29.31
CA LEU B 945 12.35 -26.91 -28.95
C LEU B 945 12.13 -26.85 -27.45
N GLN B 946 13.16 -27.18 -26.66
CA GLN B 946 13.05 -27.07 -25.21
C GLN B 946 13.02 -25.62 -24.75
N ASP B 947 13.49 -24.69 -25.59
CA ASP B 947 13.57 -23.29 -25.18
C ASP B 947 12.19 -22.72 -24.93
N VAL B 948 11.26 -22.91 -25.87
CA VAL B 948 9.91 -22.36 -25.71
C VAL B 948 9.18 -23.05 -24.56
N VAL B 949 9.43 -24.35 -24.37
CA VAL B 949 8.79 -25.07 -23.26
C VAL B 949 9.29 -24.53 -21.93
N ASN B 950 10.60 -24.33 -21.79
CA ASN B 950 11.16 -23.79 -20.56
C ASN B 950 10.69 -22.36 -20.33
N HIS B 951 10.56 -21.57 -21.40
CA HIS B 951 10.07 -20.21 -21.25
C HIS B 951 8.63 -20.18 -20.78
N ASN B 952 7.77 -21.04 -21.35
CA ASN B 952 6.39 -21.10 -20.90
C ASN B 952 6.29 -21.58 -19.45
N ALA B 953 7.11 -22.58 -19.10
CA ALA B 953 7.11 -23.07 -17.73
C ALA B 953 7.55 -21.98 -16.75
N GLN B 954 8.59 -21.23 -17.10
CA GLN B 954 9.05 -20.16 -16.24
C GLN B 954 8.01 -19.05 -16.12
N ALA B 955 7.34 -18.72 -17.24
CA ALA B 955 6.29 -17.70 -17.18
C ALA B 955 5.15 -18.13 -16.28
N LEU B 956 4.70 -19.38 -16.41
CA LEU B 956 3.63 -19.87 -15.55
C LEU B 956 4.06 -19.93 -14.09
N ASN B 957 5.31 -20.34 -13.82
CA ASN B 957 5.79 -20.38 -12.45
C ASN B 957 5.85 -18.98 -11.85
N THR B 958 6.31 -17.99 -12.62
CA THR B 958 6.34 -16.63 -12.13
C THR B 958 4.93 -16.09 -11.88
N LEU B 959 4.00 -16.40 -12.78
CA LEU B 959 2.64 -15.89 -12.64
C LEU B 959 1.92 -16.55 -11.46
N VAL B 960 2.27 -17.80 -11.14
CA VAL B 960 1.67 -18.46 -9.98
C VAL B 960 2.39 -18.11 -8.68
N LYS B 961 3.66 -17.71 -8.74
CA LYS B 961 4.39 -17.32 -7.54
C LYS B 961 4.09 -15.88 -7.14
N GLN B 962 3.79 -15.02 -8.11
CA GLN B 962 3.47 -13.63 -7.79
C GLN B 962 2.12 -13.46 -7.09
N LEU B 963 1.40 -14.55 -6.85
CA LEU B 963 0.16 -14.47 -6.08
C LEU B 963 0.39 -14.41 -4.58
N SER B 964 1.54 -14.89 -4.11
CA SER B 964 1.89 -14.84 -2.69
C SER B 964 2.85 -13.70 -2.38
N SER B 965 3.16 -12.86 -3.36
CA SER B 965 4.06 -11.72 -3.16
C SER B 965 3.23 -10.51 -2.77
N LYS B 966 3.57 -9.91 -1.62
CA LYS B 966 2.81 -8.78 -1.12
C LYS B 966 3.18 -7.51 -1.89
N PHE B 967 2.19 -6.93 -2.57
CA PHE B 967 2.35 -5.62 -3.20
C PHE B 967 2.07 -4.48 -2.23
N GLY B 968 2.12 -4.75 -0.94
CA GLY B 968 1.81 -3.77 0.08
C GLY B 968 0.53 -4.12 0.81
N ALA B 969 0.66 -4.76 1.96
CA ALA B 969 -0.49 -5.25 2.73
C ALA B 969 -0.03 -5.80 4.07
N ILE B 970 -0.98 -6.23 4.91
CA ILE B 970 -0.63 -6.85 6.18
C ILE B 970 -0.29 -8.32 6.02
N SER B 971 -0.74 -8.96 4.95
CA SER B 971 -0.48 -10.38 4.71
C SER B 971 -0.69 -10.66 3.22
N SER B 972 -0.68 -11.94 2.87
CA SER B 972 -0.87 -12.36 1.48
C SER B 972 -2.23 -12.99 1.22
N VAL B 973 -3.01 -13.29 2.26
CA VAL B 973 -4.32 -13.90 2.12
C VAL B 973 -5.38 -12.82 2.18
N LEU B 974 -6.33 -12.87 1.24
CA LEU B 974 -7.39 -11.87 1.21
C LEU B 974 -8.32 -11.99 2.42
N ASN B 975 -8.52 -13.21 2.93
CA ASN B 975 -9.40 -13.39 4.08
C ASN B 975 -8.80 -12.75 5.33
N ASP B 976 -7.48 -12.84 5.49
CA ASP B 976 -6.84 -12.23 6.65
C ASP B 976 -6.94 -10.71 6.61
N ILE B 977 -6.90 -10.12 5.42
CA ILE B 977 -7.04 -8.66 5.30
C ILE B 977 -8.49 -8.25 5.49
N PHE B 978 -9.43 -9.05 4.99
CA PHE B 978 -10.85 -8.72 5.13
C PHE B 978 -11.34 -8.92 6.56
N SER B 979 -10.69 -9.79 7.33
CA SER B 979 -11.12 -10.08 8.68
C SER B 979 -10.39 -9.21 9.72
N ARG B 980 -9.06 -9.29 9.74
CA ARG B 980 -8.26 -8.59 10.74
C ARG B 980 -7.94 -7.16 10.31
N LEU B 981 -8.96 -6.40 9.96
CA LEU B 981 -8.82 -5.01 9.57
C LEU B 981 -10.20 -4.36 9.57
N ASP B 982 -10.21 -3.05 9.32
CA ASP B 982 -11.43 -2.27 9.24
C ASP B 982 -11.69 -1.86 7.79
N PRO B 983 -12.95 -1.69 7.40
CA PRO B 983 -13.29 -1.41 6.00
C PRO B 983 -12.56 -0.18 5.45
N PRO B 984 -12.50 0.95 6.17
CA PRO B 984 -11.80 2.10 5.59
C PRO B 984 -10.35 1.85 5.26
N GLU B 985 -9.67 0.98 6.01
CA GLU B 985 -8.31 0.59 5.67
C GLU B 985 -8.24 -0.67 4.82
N ALA B 986 -9.23 -1.55 4.92
CA ALA B 986 -9.25 -2.76 4.11
C ALA B 986 -9.43 -2.42 2.64
N GLU B 987 -10.28 -1.45 2.33
CA GLU B 987 -10.49 -1.06 0.94
C GLU B 987 -9.23 -0.46 0.31
N VAL B 988 -8.34 0.11 1.13
CA VAL B 988 -7.08 0.62 0.61
C VAL B 988 -6.02 -0.47 0.54
N GLN B 989 -6.02 -1.39 1.50
CA GLN B 989 -5.01 -2.47 1.49
C GLN B 989 -5.27 -3.46 0.36
N ILE B 990 -6.55 -3.76 0.08
CA ILE B 990 -6.86 -4.70 -0.98
C ILE B 990 -6.69 -4.06 -2.36
N ASP B 991 -6.76 -2.72 -2.44
CA ASP B 991 -6.59 -2.05 -3.72
C ASP B 991 -5.17 -2.22 -4.25
N ARG B 992 -4.18 -2.16 -3.36
CA ARG B 992 -2.79 -2.36 -3.78
C ARG B 992 -2.59 -3.74 -4.39
N LEU B 993 -3.15 -4.78 -3.76
CA LEU B 993 -3.06 -6.13 -4.30
C LEU B 993 -3.84 -6.30 -5.60
N ILE B 994 -5.05 -5.72 -5.68
CA ILE B 994 -5.84 -5.81 -6.91
C ILE B 994 -5.19 -5.06 -8.06
N THR B 995 -4.37 -4.05 -7.77
CA THR B 995 -3.63 -3.37 -8.82
C THR B 995 -2.36 -4.14 -9.18
N GLY B 996 -1.65 -4.68 -8.20
CA GLY B 996 -0.45 -5.44 -8.48
C GLY B 996 -0.72 -6.70 -9.28
N ARG B 997 -1.80 -7.42 -8.94
CA ARG B 997 -2.14 -8.62 -9.70
C ARG B 997 -2.57 -8.28 -11.12
N LEU B 998 -3.30 -7.18 -11.29
CA LEU B 998 -3.68 -6.77 -12.64
C LEU B 998 -2.46 -6.37 -13.46
N GLN B 999 -1.50 -5.68 -12.83
CA GLN B 999 -0.28 -5.32 -13.54
C GLN B 999 0.54 -6.55 -13.91
N SER B 1000 0.59 -7.54 -13.01
CA SER B 1000 1.31 -8.77 -13.30
C SER B 1000 0.65 -9.53 -14.45
N LEU B 1001 -0.68 -9.57 -14.46
CA LEU B 1001 -1.39 -10.25 -15.54
C LEU B 1001 -1.19 -9.52 -16.86
N GLN B 1002 -1.17 -8.19 -16.84
CA GLN B 1002 -0.90 -7.43 -18.06
C GLN B 1002 0.51 -7.68 -18.56
N THR B 1003 1.48 -7.74 -17.65
CA THR B 1003 2.85 -8.06 -18.05
C THR B 1003 2.94 -9.44 -18.65
N TYR B 1004 2.24 -10.42 -18.06
CA TYR B 1004 2.22 -11.76 -18.62
C TYR B 1004 1.61 -11.78 -20.01
N VAL B 1005 0.51 -11.03 -20.20
CA VAL B 1005 -0.13 -10.99 -21.50
C VAL B 1005 0.79 -10.35 -22.54
N THR B 1006 1.51 -9.29 -22.15
CA THR B 1006 2.44 -8.65 -23.08
C THR B 1006 3.58 -9.60 -23.45
N GLN B 1007 4.14 -10.31 -22.47
CA GLN B 1007 5.19 -11.27 -22.77
C GLN B 1007 4.68 -12.38 -23.67
N GLN B 1008 3.46 -12.86 -23.42
CA GLN B 1008 2.88 -13.89 -24.27
C GLN B 1008 2.67 -13.38 -25.69
N LEU B 1009 2.27 -12.12 -25.84
CA LEU B 1009 2.09 -11.56 -27.18
C LEU B 1009 3.42 -11.45 -27.91
N ILE B 1010 4.47 -11.01 -27.22
CA ILE B 1010 5.78 -10.91 -27.86
C ILE B 1010 6.29 -12.30 -28.26
N ARG B 1011 6.13 -13.28 -27.37
CA ARG B 1011 6.56 -14.63 -27.68
C ARG B 1011 5.74 -15.23 -28.81
N ALA B 1012 4.45 -14.90 -28.87
CA ALA B 1012 3.61 -15.40 -29.95
C ALA B 1012 4.00 -14.77 -31.29
N ALA B 1013 4.39 -13.49 -31.27
CA ALA B 1013 4.89 -12.87 -32.50
C ALA B 1013 6.18 -13.53 -32.97
N GLU B 1014 7.11 -13.80 -32.03
CA GLU B 1014 8.34 -14.48 -32.38
C GLU B 1014 8.06 -15.86 -32.95
N ILE B 1015 7.16 -16.62 -32.32
CA ILE B 1015 6.85 -17.95 -32.79
C ILE B 1015 6.10 -17.90 -34.12
N ARG B 1016 5.32 -16.85 -34.36
CA ARG B 1016 4.67 -16.69 -35.65
C ARG B 1016 5.69 -16.44 -36.75
N ALA B 1017 6.70 -15.61 -36.47
CA ALA B 1017 7.78 -15.41 -37.43
C ALA B 1017 8.52 -16.72 -37.70
N SER B 1018 8.80 -17.47 -36.64
CA SER B 1018 9.49 -18.75 -36.81
C SER B 1018 8.64 -19.73 -37.61
N ALA B 1019 7.32 -19.72 -37.40
CA ALA B 1019 6.44 -20.64 -38.12
C ALA B 1019 6.33 -20.24 -39.59
N ASN B 1020 6.32 -18.93 -39.88
CA ASN B 1020 6.34 -18.49 -41.27
C ASN B 1020 7.63 -18.91 -41.95
N LEU B 1021 8.76 -18.79 -41.24
CA LEU B 1021 10.03 -19.25 -41.81
C LEU B 1021 10.00 -20.75 -42.06
N ALA B 1022 9.45 -21.52 -41.11
CA ALA B 1022 9.38 -22.97 -41.28
C ALA B 1022 8.48 -23.35 -42.44
N ALA B 1023 7.36 -22.64 -42.61
CA ALA B 1023 6.47 -22.91 -43.72
C ALA B 1023 7.14 -22.60 -45.05
N THR B 1024 7.87 -21.47 -45.12
CA THR B 1024 8.61 -21.15 -46.34
C THR B 1024 9.65 -22.22 -46.65
N LYS B 1025 10.36 -22.69 -45.62
CA LYS B 1025 11.37 -23.72 -45.83
C LYS B 1025 10.75 -25.03 -46.28
N MET B 1026 9.60 -25.41 -45.69
CA MET B 1026 8.95 -26.65 -46.11
C MET B 1026 8.37 -26.54 -47.52
N SER B 1027 7.94 -25.35 -47.92
CA SER B 1027 7.39 -25.17 -49.26
C SER B 1027 8.46 -25.03 -50.33
N GLU B 1028 9.66 -24.57 -49.98
CA GLU B 1028 10.71 -24.39 -50.96
C GLU B 1028 11.74 -25.51 -50.98
N CYS B 1029 11.83 -26.31 -49.93
CA CYS B 1029 12.80 -27.40 -49.85
C CYS B 1029 12.17 -28.77 -50.05
N VAL B 1030 10.98 -29.00 -49.50
CA VAL B 1030 10.33 -30.31 -49.62
C VAL B 1030 9.48 -30.39 -50.88
N LEU B 1031 8.72 -29.34 -51.18
CA LEU B 1031 7.86 -29.31 -52.36
C LEU B 1031 8.62 -29.06 -53.65
N GLY B 1032 9.95 -29.01 -53.60
CA GLY B 1032 10.74 -28.78 -54.79
C GLY B 1032 12.17 -28.47 -54.43
N GLN B 1033 13.00 -28.42 -55.47
CA GLN B 1033 14.43 -28.15 -55.31
C GLN B 1033 14.64 -26.64 -55.33
N SER B 1034 15.29 -26.12 -54.29
CA SER B 1034 15.57 -24.70 -54.17
C SER B 1034 17.05 -24.45 -54.47
N LYS B 1035 17.31 -23.41 -55.28
CA LYS B 1035 18.67 -23.02 -55.63
C LYS B 1035 19.20 -21.90 -54.75
N ARG B 1036 18.73 -21.83 -53.50
CA ARG B 1036 19.17 -20.82 -52.55
C ARG B 1036 20.23 -21.43 -51.64
N VAL B 1037 21.34 -20.71 -51.48
CA VAL B 1037 22.45 -21.22 -50.68
C VAL B 1037 22.10 -21.15 -49.20
N ASP B 1038 22.44 -22.22 -48.47
CA ASP B 1038 22.30 -22.32 -47.02
C ASP B 1038 20.84 -22.37 -46.57
N PHE B 1039 19.91 -22.22 -47.51
CA PHE B 1039 18.49 -22.25 -47.16
C PHE B 1039 18.05 -23.68 -46.82
N CYS B 1040 18.20 -24.61 -47.76
CA CYS B 1040 17.86 -26.01 -47.53
C CYS B 1040 19.13 -26.76 -47.16
N GLY B 1041 19.57 -26.57 -45.93
CA GLY B 1041 20.78 -27.21 -45.44
C GLY B 1041 22.04 -26.57 -45.97
N LYS B 1042 23.17 -27.09 -45.52
CA LYS B 1042 24.49 -26.60 -45.90
C LYS B 1042 24.99 -27.41 -47.09
N GLY B 1043 25.12 -26.75 -48.25
CA GLY B 1043 25.59 -27.38 -49.45
C GLY B 1043 24.56 -27.30 -50.57
N TYR B 1044 24.83 -28.04 -51.64
CA TYR B 1044 23.93 -28.10 -52.78
C TYR B 1044 22.70 -28.90 -52.41
N HIS B 1045 21.56 -28.23 -52.31
CA HIS B 1045 20.32 -28.89 -51.87
C HIS B 1045 19.86 -29.91 -52.90
N LEU B 1046 19.55 -31.12 -52.42
CA LEU B 1046 19.00 -32.17 -53.26
C LEU B 1046 17.57 -32.53 -52.85
N MET B 1047 17.37 -32.90 -51.58
CA MET B 1047 16.05 -33.29 -51.10
C MET B 1047 15.86 -32.81 -49.67
N SER B 1048 14.60 -32.80 -49.23
CA SER B 1048 14.27 -32.42 -47.86
C SER B 1048 13.07 -33.23 -47.39
N PHE B 1049 13.20 -33.85 -46.22
CA PHE B 1049 12.14 -34.68 -45.66
C PHE B 1049 11.66 -34.08 -44.35
N PRO B 1050 10.37 -33.80 -44.20
CA PRO B 1050 9.86 -33.29 -42.93
C PRO B 1050 9.48 -34.39 -41.96
N GLN B 1051 9.60 -34.08 -40.67
CA GLN B 1051 9.24 -35.00 -39.60
C GLN B 1051 8.59 -34.22 -38.47
N SER B 1052 7.59 -34.83 -37.84
CA SER B 1052 6.88 -34.18 -36.75
C SER B 1052 7.77 -34.12 -35.50
N ALA B 1053 7.45 -33.17 -34.63
CA ALA B 1053 8.19 -32.96 -33.39
C ALA B 1053 7.28 -32.22 -32.43
N PRO B 1054 7.39 -32.48 -31.11
CA PRO B 1054 6.52 -31.81 -30.15
C PRO B 1054 6.61 -30.29 -30.24
N HIS B 1055 5.53 -29.66 -30.67
CA HIS B 1055 5.48 -28.21 -30.87
C HIS B 1055 6.57 -27.74 -31.81
N GLY B 1056 6.84 -28.51 -32.86
CA GLY B 1056 7.86 -28.13 -33.80
C GLY B 1056 7.91 -29.08 -34.98
N VAL B 1057 8.97 -28.93 -35.77
CA VAL B 1057 9.19 -29.74 -36.96
C VAL B 1057 10.69 -29.94 -37.14
N VAL B 1058 11.06 -31.04 -37.80
CA VAL B 1058 12.45 -31.40 -38.02
C VAL B 1058 12.61 -31.68 -39.52
N PHE B 1059 13.44 -30.87 -40.18
CA PHE B 1059 13.75 -31.10 -41.59
C PHE B 1059 15.07 -31.83 -41.72
N LEU B 1060 15.06 -32.92 -42.48
CA LEU B 1060 16.26 -33.66 -42.84
C LEU B 1060 16.61 -33.28 -44.26
N HIS B 1061 17.68 -32.50 -44.43
CA HIS B 1061 18.11 -32.01 -45.73
C HIS B 1061 19.21 -32.91 -46.27
N VAL B 1062 18.92 -33.59 -47.38
CA VAL B 1062 19.90 -34.40 -48.09
C VAL B 1062 20.54 -33.48 -49.12
N THR B 1063 21.83 -33.18 -48.94
CA THR B 1063 22.53 -32.20 -49.76
C THR B 1063 23.76 -32.83 -50.41
N TYR B 1064 24.21 -32.18 -51.48
CA TYR B 1064 25.37 -32.62 -52.26
C TYR B 1064 26.58 -31.81 -51.83
N VAL B 1065 27.62 -32.50 -51.37
CA VAL B 1065 28.84 -31.84 -50.92
C VAL B 1065 30.03 -32.41 -51.71
N PRO B 1066 30.68 -31.61 -52.55
CA PRO B 1066 31.84 -32.11 -53.28
C PRO B 1066 33.04 -32.32 -52.35
N ALA B 1067 33.92 -33.22 -52.78
CA ALA B 1067 35.13 -33.52 -52.01
C ALA B 1067 36.13 -34.20 -52.94
N GLN B 1068 37.33 -34.39 -52.42
CA GLN B 1068 38.44 -35.00 -53.15
C GLN B 1068 38.71 -34.25 -54.46
N GLU B 1069 39.07 -32.99 -54.32
CA GLU B 1069 39.31 -32.12 -55.47
C GLU B 1069 40.74 -32.29 -55.96
N LYS B 1070 40.94 -31.99 -57.25
CA LYS B 1070 42.26 -32.05 -57.87
C LYS B 1070 42.51 -30.76 -58.63
N ASN B 1071 43.78 -30.36 -58.70
CA ASN B 1071 44.16 -29.12 -59.37
C ASN B 1071 44.52 -29.40 -60.82
N PHE B 1072 44.12 -28.47 -61.70
CA PHE B 1072 44.41 -28.57 -63.11
C PHE B 1072 44.64 -27.17 -63.68
N THR B 1073 45.36 -27.13 -64.80
CA THR B 1073 45.59 -25.87 -65.51
C THR B 1073 44.40 -25.57 -66.41
N THR B 1074 43.86 -24.36 -66.28
CA THR B 1074 42.67 -23.95 -67.01
C THR B 1074 42.99 -22.81 -67.97
N ALA B 1075 42.06 -22.57 -68.90
CA ALA B 1075 42.19 -21.52 -69.90
C ALA B 1075 40.80 -21.01 -70.23
N PRO B 1076 40.64 -19.71 -70.47
CA PRO B 1076 39.30 -19.19 -70.79
C PRO B 1076 38.73 -19.75 -72.09
N ALA B 1077 39.53 -19.82 -73.14
CA ALA B 1077 39.07 -20.29 -74.43
C ALA B 1077 40.22 -20.98 -75.15
N ILE B 1078 39.91 -21.59 -76.29
CA ILE B 1078 40.91 -22.25 -77.12
C ILE B 1078 40.96 -21.56 -78.47
N CYS B 1079 42.11 -21.65 -79.13
CA CYS B 1079 42.33 -20.99 -80.41
C CYS B 1079 42.60 -22.04 -81.47
N HIS B 1080 41.64 -22.21 -82.38
CA HIS B 1080 41.82 -23.08 -83.53
C HIS B 1080 42.52 -22.30 -84.64
N ASP B 1081 42.53 -22.85 -85.86
CA ASP B 1081 43.19 -22.21 -86.99
C ASP B 1081 42.37 -21.01 -87.43
N GLY B 1082 42.60 -19.89 -86.76
CA GLY B 1082 41.93 -18.64 -87.07
C GLY B 1082 40.60 -18.44 -86.37
N LYS B 1083 40.15 -19.40 -85.56
CA LYS B 1083 38.88 -19.31 -84.86
C LYS B 1083 39.10 -19.47 -83.36
N ALA B 1084 38.22 -18.86 -82.58
CA ALA B 1084 38.28 -18.93 -81.12
C ALA B 1084 37.03 -19.65 -80.62
N HIS B 1085 37.24 -20.67 -79.79
CA HIS B 1085 36.15 -21.49 -79.26
C HIS B 1085 36.06 -21.32 -77.76
N PHE B 1086 34.85 -21.03 -77.26
CA PHE B 1086 34.52 -20.88 -75.85
C PHE B 1086 33.62 -22.02 -75.40
N PRO B 1087 33.81 -22.55 -74.20
CA PRO B 1087 32.97 -23.64 -73.71
C PRO B 1087 31.52 -23.21 -73.58
N ARG B 1088 30.62 -24.20 -73.68
CA ARG B 1088 29.19 -23.96 -73.56
C ARG B 1088 28.65 -24.27 -72.18
N GLU B 1089 28.87 -25.49 -71.68
CA GLU B 1089 28.41 -25.89 -70.36
C GLU B 1089 29.49 -26.67 -69.63
N GLY B 1090 30.73 -26.20 -69.71
CA GLY B 1090 31.83 -26.89 -69.08
C GLY B 1090 33.00 -25.96 -68.82
N VAL B 1091 34.08 -26.56 -68.35
CA VAL B 1091 35.31 -25.84 -68.02
C VAL B 1091 36.47 -26.56 -68.69
N PHE B 1092 37.38 -25.78 -69.29
CA PHE B 1092 38.56 -26.33 -69.93
C PHE B 1092 39.63 -26.64 -68.89
N VAL B 1093 40.11 -27.89 -68.90
CA VAL B 1093 41.17 -28.32 -67.99
C VAL B 1093 42.28 -28.95 -68.82
N SER B 1094 43.45 -29.07 -68.20
CA SER B 1094 44.63 -29.63 -68.86
C SER B 1094 45.42 -30.44 -67.86
N ASN B 1095 45.74 -31.68 -68.24
CA ASN B 1095 46.50 -32.57 -67.41
C ASN B 1095 47.90 -32.54 -67.92
N GLY B 1096 48.48 -31.38 -67.89
CA GLY B 1096 49.86 -31.21 -68.33
C GLY B 1096 50.00 -31.03 -69.83
N THR B 1097 49.74 -32.10 -70.58
CA THR B 1097 49.91 -32.08 -72.04
C THR B 1097 48.59 -31.91 -72.77
N HIS B 1098 47.63 -32.80 -72.52
CA HIS B 1098 46.36 -32.78 -73.24
C HIS B 1098 45.37 -31.83 -72.59
N TRP B 1099 44.37 -31.43 -73.37
CA TRP B 1099 43.30 -30.55 -72.92
C TRP B 1099 41.96 -31.25 -73.06
N PHE B 1100 41.08 -31.01 -72.09
CA PHE B 1100 39.74 -31.60 -72.10
C PHE B 1100 38.75 -30.59 -71.55
N VAL B 1101 37.47 -30.94 -71.64
CA VAL B 1101 36.38 -30.13 -71.12
C VAL B 1101 35.59 -30.97 -70.13
N THR B 1102 35.44 -30.46 -68.90
CA THR B 1102 34.76 -31.17 -67.84
C THR B 1102 33.57 -30.33 -67.35
N GLN B 1103 32.92 -30.80 -66.29
CA GLN B 1103 31.82 -30.09 -65.69
C GLN B 1103 32.31 -29.17 -64.58
N ARG B 1104 31.41 -28.31 -64.09
CA ARG B 1104 31.74 -27.37 -63.04
C ARG B 1104 31.59 -27.94 -61.64
N ASN B 1105 31.07 -29.16 -61.51
CA ASN B 1105 30.89 -29.77 -60.19
C ASN B 1105 31.32 -31.22 -60.13
N PHE B 1106 31.85 -31.79 -61.21
CA PHE B 1106 32.30 -33.18 -61.20
C PHE B 1106 33.29 -33.37 -62.34
N TYR B 1107 34.39 -34.07 -62.05
CA TYR B 1107 35.43 -34.29 -63.05
C TYR B 1107 34.98 -35.35 -64.05
N GLU B 1108 34.95 -34.98 -65.33
CA GLU B 1108 34.57 -35.91 -66.39
C GLU B 1108 35.26 -35.46 -67.67
N PRO B 1109 36.44 -36.02 -67.96
CA PRO B 1109 37.19 -35.58 -69.14
C PRO B 1109 36.50 -36.01 -70.42
N GLN B 1110 36.31 -35.06 -71.33
CA GLN B 1110 35.71 -35.32 -72.63
C GLN B 1110 36.53 -34.61 -73.70
N ILE B 1111 36.73 -35.29 -74.83
CA ILE B 1111 37.49 -34.71 -75.93
C ILE B 1111 36.73 -33.51 -76.50
N ILE B 1112 37.49 -32.48 -76.87
CA ILE B 1112 36.88 -31.26 -77.39
C ILE B 1112 36.33 -31.54 -78.79
N THR B 1113 35.03 -31.31 -78.97
CA THR B 1113 34.36 -31.52 -80.25
C THR B 1113 33.53 -30.30 -80.56
N THR B 1114 33.07 -30.21 -81.81
CA THR B 1114 32.22 -29.10 -82.22
C THR B 1114 30.77 -29.34 -81.83
N ASP B 1115 30.54 -29.69 -80.56
CA ASP B 1115 29.21 -29.86 -80.02
C ASP B 1115 29.01 -29.22 -78.66
N ASN B 1116 30.08 -28.86 -77.94
CA ASN B 1116 29.96 -28.20 -76.64
C ASN B 1116 30.81 -26.93 -76.58
N THR B 1117 31.29 -26.43 -77.72
CA THR B 1117 32.07 -25.21 -77.78
C THR B 1117 31.54 -24.35 -78.92
N PHE B 1118 31.35 -23.06 -78.65
CA PHE B 1118 30.83 -22.13 -79.64
C PHE B 1118 31.90 -21.14 -80.06
N VAL B 1119 31.80 -20.68 -81.30
CA VAL B 1119 32.77 -19.76 -81.90
C VAL B 1119 32.24 -18.34 -81.80
N SER B 1120 33.08 -17.42 -81.31
CA SER B 1120 32.71 -16.01 -81.20
C SER B 1120 33.99 -15.19 -81.28
N GLY B 1121 34.23 -14.60 -82.45
CA GLY B 1121 35.42 -13.80 -82.66
C GLY B 1121 36.64 -14.63 -83.00
N ASN B 1122 37.79 -13.97 -82.91
CA ASN B 1122 39.08 -14.59 -83.18
C ASN B 1122 40.00 -14.40 -81.98
N CYS B 1123 41.21 -14.92 -82.08
CA CYS B 1123 42.16 -14.94 -80.97
C CYS B 1123 42.96 -13.63 -80.96
N ASP B 1124 42.27 -12.55 -80.62
CA ASP B 1124 42.89 -11.23 -80.53
C ASP B 1124 42.52 -10.44 -79.29
N VAL B 1125 41.39 -10.73 -78.64
CA VAL B 1125 40.92 -9.96 -77.49
C VAL B 1125 40.97 -10.78 -76.21
N VAL B 1126 40.71 -12.09 -76.29
CA VAL B 1126 40.70 -12.92 -75.10
C VAL B 1126 42.13 -13.08 -74.57
N ILE B 1127 42.30 -12.81 -73.27
CA ILE B 1127 43.61 -12.87 -72.64
C ILE B 1127 43.78 -14.24 -72.00
N GLY B 1128 44.90 -14.89 -72.30
CA GLY B 1128 45.19 -16.21 -71.76
C GLY B 1128 44.66 -17.36 -72.58
N ILE B 1129 44.39 -17.17 -73.86
CA ILE B 1129 43.86 -18.22 -74.71
C ILE B 1129 45.00 -19.10 -75.20
N VAL B 1130 44.79 -20.41 -75.20
CA VAL B 1130 45.80 -21.36 -75.61
C VAL B 1130 45.53 -21.77 -77.06
N ASN B 1131 46.57 -22.32 -77.65
CA ASN B 1131 46.42 -22.89 -78.94
C ASN B 1131 46.21 -24.30 -78.64
N ASN B 1132 45.10 -24.79 -79.11
CA ASN B 1132 44.81 -26.22 -79.13
C ASN B 1132 43.91 -26.52 -80.31
N THR B 1133 43.92 -27.78 -80.73
CA THR B 1133 43.14 -28.23 -81.88
C THR B 1133 41.79 -28.78 -81.42
N VAL B 1134 40.80 -28.69 -82.30
CA VAL B 1134 39.45 -29.15 -82.01
C VAL B 1134 39.11 -30.27 -82.96
N TYR B 1135 38.14 -31.09 -82.57
CA TYR B 1135 37.67 -32.22 -83.36
C TYR B 1135 36.30 -31.89 -83.94
N ASP B 1136 36.06 -32.33 -85.18
CA ASP B 1136 34.79 -32.12 -85.85
C ASP B 1136 34.33 -33.46 -86.41
N PRO B 1137 33.13 -33.94 -86.07
CA PRO B 1137 32.65 -35.25 -86.53
C PRO B 1137 32.15 -35.25 -87.97
N LEU B 1138 32.92 -34.66 -88.86
CA LEU B 1138 32.62 -34.65 -90.29
C LEU B 1138 33.78 -35.12 -91.15
N GLN B 1139 35.02 -34.81 -90.75
CA GLN B 1139 36.16 -35.27 -91.54
C GLN B 1139 36.33 -36.78 -91.49
N PRO B 1140 36.31 -37.45 -90.32
CA PRO B 1140 36.41 -38.91 -90.35
C PRO B 1140 35.18 -39.59 -90.93
N GLU B 1141 34.00 -38.98 -90.79
CA GLU B 1141 32.80 -39.57 -91.35
C GLU B 1141 32.79 -39.47 -92.87
N LEU B 1142 33.03 -38.27 -93.40
CA LEU B 1142 33.07 -38.04 -94.84
C LEU B 1142 34.47 -38.30 -95.39
N ASP B 1143 34.92 -39.55 -95.24
CA ASP B 1143 36.23 -39.95 -95.70
C ASP B 1143 36.25 -41.30 -96.41
N SER B 1144 35.09 -41.92 -96.61
CA SER B 1144 35.04 -43.22 -97.28
C SER B 1144 33.78 -43.34 -98.13
N PRO C 26 -56.95 -19.21 -10.79
CA PRO C 26 -55.92 -18.48 -11.56
C PRO C 26 -55.72 -19.05 -12.97
N ALA C 27 -54.68 -18.61 -13.64
CA ALA C 27 -54.37 -19.06 -14.99
C ALA C 27 -52.86 -18.96 -15.20
N TYR C 28 -52.43 -19.10 -16.46
CA TYR C 28 -51.02 -19.05 -16.79
C TYR C 28 -50.86 -18.65 -18.25
N THR C 29 -50.01 -17.67 -18.50
CA THR C 29 -49.69 -17.24 -19.86
C THR C 29 -48.17 -17.04 -19.93
N ASN C 30 -47.71 -16.48 -21.04
CA ASN C 30 -46.28 -16.30 -21.28
C ASN C 30 -45.95 -14.83 -21.49
N SER C 31 -44.66 -14.54 -21.45
CA SER C 31 -44.12 -13.18 -21.53
C SER C 31 -43.06 -13.11 -22.63
N PHE C 32 -43.43 -13.56 -23.83
CA PHE C 32 -42.49 -13.77 -24.94
C PHE C 32 -41.49 -12.62 -25.09
N THR C 33 -41.97 -11.42 -25.40
CA THR C 33 -41.09 -10.25 -25.50
C THR C 33 -41.91 -9.02 -25.14
N ARG C 34 -41.85 -8.65 -23.86
CA ARG C 34 -42.55 -7.49 -23.33
C ARG C 34 -42.05 -7.22 -21.93
N GLY C 35 -42.30 -5.99 -21.46
CA GLY C 35 -41.89 -5.60 -20.13
C GLY C 35 -40.53 -4.93 -20.05
N VAL C 36 -40.10 -4.26 -21.11
CA VAL C 36 -38.82 -3.58 -21.17
C VAL C 36 -39.09 -2.09 -21.06
N TYR C 37 -38.86 -1.52 -19.89
CA TYR C 37 -39.09 -0.10 -19.66
C TYR C 37 -37.82 0.69 -19.94
N TYR C 38 -38.00 2.00 -20.08
CA TYR C 38 -36.86 2.87 -20.33
C TYR C 38 -36.02 3.03 -19.07
N PRO C 39 -34.69 2.98 -19.19
CA PRO C 39 -33.84 3.31 -18.04
C PRO C 39 -33.82 4.80 -17.76
N ASP C 40 -32.91 5.25 -16.91
CA ASP C 40 -32.74 6.68 -16.66
C ASP C 40 -32.72 7.47 -17.96
N LYS C 41 -33.30 8.65 -17.94
CA LYS C 41 -33.56 9.42 -19.16
C LYS C 41 -32.24 9.96 -19.70
N VAL C 42 -31.66 9.23 -20.64
CA VAL C 42 -30.44 9.63 -21.33
C VAL C 42 -30.66 9.39 -22.82
N PHE C 43 -30.59 10.46 -23.61
CA PHE C 43 -30.83 10.36 -25.05
C PHE C 43 -29.70 9.57 -25.71
N ARG C 44 -30.07 8.47 -26.36
CA ARG C 44 -29.12 7.62 -27.07
C ARG C 44 -29.68 7.29 -28.45
N SER C 45 -28.84 7.44 -29.48
CA SER C 45 -29.24 7.20 -30.86
C SER C 45 -28.28 6.20 -31.49
N SER C 46 -28.82 5.07 -31.92
CA SER C 46 -28.05 4.02 -32.61
C SER C 46 -26.86 3.57 -31.77
N VAL C 47 -27.16 3.08 -30.57
CA VAL C 47 -26.16 2.58 -29.64
C VAL C 47 -26.55 1.17 -29.20
N LEU C 48 -25.67 0.54 -28.44
CA LEU C 48 -25.89 -0.80 -27.88
C LEU C 48 -25.49 -0.73 -26.41
N HIS C 49 -26.46 -0.40 -25.55
CA HIS C 49 -26.19 -0.19 -24.14
C HIS C 49 -26.48 -1.48 -23.35
N SER C 50 -25.83 -1.60 -22.20
CA SER C 50 -26.05 -2.73 -21.30
C SER C 50 -26.31 -2.20 -19.90
N THR C 51 -27.52 -2.41 -19.40
CA THR C 51 -27.94 -1.82 -18.13
C THR C 51 -28.35 -2.91 -17.15
N GLN C 52 -27.82 -2.82 -15.92
CA GLN C 52 -28.18 -3.72 -14.84
C GLN C 52 -29.23 -3.02 -13.98
N ASP C 53 -30.45 -3.56 -13.99
CA ASP C 53 -31.56 -2.92 -13.29
C ASP C 53 -32.54 -4.01 -12.86
N LEU C 54 -33.75 -3.61 -12.51
CA LEU C 54 -34.82 -4.53 -12.10
C LEU C 54 -35.74 -4.72 -13.30
N PHE C 55 -35.49 -5.77 -14.07
CA PHE C 55 -36.22 -6.01 -15.31
C PHE C 55 -37.04 -7.30 -15.20
N LEU C 56 -37.90 -7.51 -16.20
CA LEU C 56 -38.73 -8.70 -16.26
C LEU C 56 -38.09 -9.73 -17.17
N PRO C 57 -37.76 -10.91 -16.68
CA PRO C 57 -37.12 -11.92 -17.55
C PRO C 57 -38.08 -12.41 -18.63
N PHE C 58 -37.53 -12.62 -19.82
CA PHE C 58 -38.33 -13.14 -20.92
C PHE C 58 -38.68 -14.61 -20.68
N PHE C 59 -39.80 -15.03 -21.28
CA PHE C 59 -40.31 -16.40 -21.12
C PHE C 59 -40.50 -16.75 -19.65
N SER C 60 -41.15 -15.86 -18.92
CA SER C 60 -41.38 -16.02 -17.49
C SER C 60 -42.81 -16.49 -17.24
N ASN C 61 -43.09 -16.82 -15.98
CA ASN C 61 -44.40 -17.27 -15.55
C ASN C 61 -45.22 -16.08 -15.07
N VAL C 62 -46.48 -16.02 -15.51
CA VAL C 62 -47.36 -14.93 -15.15
C VAL C 62 -48.49 -15.48 -14.28
N THR C 63 -49.31 -14.58 -13.75
CA THR C 63 -50.41 -14.89 -12.85
C THR C 63 -51.72 -14.34 -13.39
N TRP C 64 -51.99 -14.63 -14.67
CA TRP C 64 -53.22 -14.19 -15.34
C TRP C 64 -54.44 -14.52 -14.51
N PHE C 65 -55.23 -13.48 -14.20
CA PHE C 65 -56.46 -13.60 -13.45
C PHE C 65 -57.63 -13.10 -14.28
N HIS C 66 -58.73 -13.83 -14.25
CA HIS C 66 -59.93 -13.49 -15.03
C HIS C 66 -60.90 -12.79 -14.08
N VAL C 67 -61.08 -11.48 -14.28
CA VAL C 67 -61.92 -10.67 -13.41
C VAL C 67 -63.28 -10.39 -14.05
N ILE C 68 -63.73 -11.27 -14.95
CA ILE C 68 -65.03 -11.07 -15.59
C ILE C 68 -66.15 -11.13 -14.55
N PHE C 77 -65.52 -12.28 -10.76
CA PHE C 77 -64.97 -11.82 -9.50
C PHE C 77 -63.56 -12.33 -9.30
N ASP C 78 -62.58 -11.41 -9.24
CA ASP C 78 -61.20 -11.80 -8.99
C ASP C 78 -60.48 -10.59 -8.39
N ASN C 79 -60.29 -10.60 -7.07
CA ASN C 79 -59.61 -9.52 -6.36
C ASN C 79 -58.67 -10.11 -5.32
N PRO C 80 -57.51 -10.61 -5.76
CA PRO C 80 -56.55 -11.18 -4.82
C PRO C 80 -55.54 -10.14 -4.34
N VAL C 81 -54.93 -10.45 -3.19
CA VAL C 81 -53.87 -9.63 -2.62
C VAL C 81 -52.55 -10.31 -2.93
N LEU C 82 -51.74 -9.69 -3.79
CA LEU C 82 -50.51 -10.35 -4.16
C LEU C 82 -49.31 -9.71 -3.46
N PRO C 83 -48.37 -10.52 -2.98
CA PRO C 83 -47.21 -9.96 -2.27
C PRO C 83 -46.30 -9.20 -3.23
N PHE C 84 -46.15 -7.90 -2.99
CA PHE C 84 -45.30 -7.06 -3.81
C PHE C 84 -43.84 -7.26 -3.43
N ASN C 85 -43.01 -7.58 -4.42
CA ASN C 85 -41.60 -7.89 -4.22
C ASN C 85 -40.73 -7.00 -5.11
N ASP C 86 -41.01 -5.69 -5.08
CA ASP C 86 -40.26 -4.69 -5.85
C ASP C 86 -40.39 -4.96 -7.35
N GLY C 87 -41.63 -4.99 -7.82
CA GLY C 87 -41.90 -5.18 -9.23
C GLY C 87 -43.32 -5.62 -9.53
N VAL C 88 -43.86 -5.16 -10.64
CA VAL C 88 -45.22 -5.51 -11.05
C VAL C 88 -45.31 -5.32 -12.56
N TYR C 89 -46.23 -6.05 -13.18
CA TYR C 89 -46.44 -6.02 -14.63
C TYR C 89 -47.92 -5.90 -14.95
N PHE C 90 -48.58 -4.94 -14.30
CA PHE C 90 -50.00 -4.72 -14.54
C PHE C 90 -50.23 -4.32 -16.00
N ALA C 91 -50.89 -5.19 -16.75
CA ALA C 91 -51.10 -5.04 -18.19
C ALA C 91 -52.57 -5.29 -18.54
N SER C 92 -53.46 -4.60 -17.82
CA SER C 92 -54.89 -4.79 -18.01
C SER C 92 -55.32 -4.49 -19.45
N ILE C 93 -56.44 -5.08 -19.85
CA ILE C 93 -57.05 -4.84 -21.15
C ILE C 93 -58.53 -4.58 -20.89
N GLU C 94 -58.90 -3.30 -20.79
CA GLU C 94 -60.27 -2.89 -20.54
C GLU C 94 -60.85 -2.28 -21.81
N LYS C 95 -62.13 -1.90 -21.74
CA LYS C 95 -62.81 -1.25 -22.85
C LYS C 95 -63.13 0.21 -22.55
N SER C 96 -63.91 0.48 -21.50
CA SER C 96 -64.15 1.85 -21.07
C SER C 96 -63.66 2.12 -19.65
N ASN C 97 -64.17 1.37 -18.66
CA ASN C 97 -63.78 1.60 -17.26
C ASN C 97 -63.73 0.30 -16.47
N ILE C 98 -63.35 -0.81 -17.10
CA ILE C 98 -63.42 -2.11 -16.45
C ILE C 98 -62.51 -2.15 -15.22
N ILE C 99 -61.21 -1.95 -15.42
CA ILE C 99 -60.23 -1.96 -14.34
C ILE C 99 -59.73 -0.54 -14.13
N ARG C 100 -59.81 -0.06 -12.89
CA ARG C 100 -59.39 1.29 -12.56
C ARG C 100 -59.00 1.32 -11.09
N GLY C 101 -57.71 1.47 -10.82
CA GLY C 101 -57.23 1.53 -9.45
C GLY C 101 -56.01 0.67 -9.20
N TRP C 102 -54.98 1.25 -8.60
CA TRP C 102 -53.73 0.55 -8.31
C TRP C 102 -53.28 0.85 -6.89
N ILE C 103 -54.20 0.73 -5.93
CA ILE C 103 -53.88 1.01 -4.54
C ILE C 103 -52.91 -0.05 -4.02
N PHE C 104 -51.84 0.41 -3.38
CA PHE C 104 -50.82 -0.45 -2.80
C PHE C 104 -50.94 -0.45 -1.28
N GLY C 105 -50.02 -1.17 -0.63
CA GLY C 105 -50.00 -1.26 0.82
C GLY C 105 -49.83 -2.67 1.33
N THR C 106 -49.30 -2.81 2.54
CA THR C 106 -49.04 -4.11 3.14
C THR C 106 -50.17 -4.57 4.06
N THR C 107 -50.47 -3.79 5.10
CA THR C 107 -51.52 -4.13 6.06
C THR C 107 -52.63 -3.10 5.92
N LEU C 108 -53.66 -3.45 5.15
CA LEU C 108 -54.70 -2.50 4.78
C LEU C 108 -55.84 -2.47 5.81
N ASP C 109 -55.50 -2.33 7.09
CA ASP C 109 -56.53 -2.15 8.12
C ASP C 109 -56.40 -0.81 8.83
N SER C 110 -55.29 -0.55 9.52
CA SER C 110 -55.13 0.73 10.19
C SER C 110 -53.70 1.26 10.22
N LYS C 111 -52.73 0.57 9.61
CA LYS C 111 -51.32 0.90 9.84
C LYS C 111 -50.51 1.01 8.55
N THR C 112 -51.15 1.29 7.41
CA THR C 112 -50.44 1.44 6.15
C THR C 112 -50.97 2.65 5.40
N GLN C 113 -50.07 3.45 4.88
CA GLN C 113 -50.47 4.60 4.07
C GLN C 113 -51.05 4.13 2.74
N SER C 114 -52.00 4.90 2.23
CA SER C 114 -52.69 4.58 0.99
C SER C 114 -51.91 5.10 -0.21
N LEU C 115 -52.08 4.41 -1.33
CA LEU C 115 -51.41 4.76 -2.59
C LEU C 115 -52.40 4.68 -3.74
N LEU C 116 -53.55 5.36 -3.58
CA LEU C 116 -54.56 5.37 -4.63
C LEU C 116 -54.01 5.99 -5.91
N ILE C 117 -54.15 5.27 -7.02
CA ILE C 117 -53.74 5.77 -8.32
C ILE C 117 -54.97 5.82 -9.23
N VAL C 118 -56.14 6.05 -8.63
CA VAL C 118 -57.38 6.09 -9.39
C VAL C 118 -57.29 7.17 -10.47
N ASN C 119 -57.86 6.87 -11.65
CA ASN C 119 -57.78 7.74 -12.81
C ASN C 119 -59.17 7.93 -13.43
N ASN C 120 -60.12 8.39 -12.61
CA ASN C 120 -61.47 8.64 -13.09
C ASN C 120 -61.47 9.79 -14.10
N ALA C 121 -62.64 10.08 -14.64
CA ALA C 121 -62.76 11.06 -15.71
C ALA C 121 -62.34 12.46 -15.26
N THR C 122 -62.49 12.77 -13.98
CA THR C 122 -62.15 14.10 -13.48
C THR C 122 -60.66 14.38 -13.62
N ASN C 123 -59.84 13.66 -12.88
CA ASN C 123 -58.38 13.83 -12.89
C ASN C 123 -57.78 12.68 -12.12
N VAL C 124 -56.45 12.71 -11.97
CA VAL C 124 -55.77 11.67 -11.21
C VAL C 124 -56.01 11.87 -9.72
N VAL C 125 -56.12 10.75 -8.99
CA VAL C 125 -56.44 10.80 -7.58
C VAL C 125 -55.26 10.27 -6.77
N ILE C 126 -54.04 10.52 -7.26
CA ILE C 126 -52.85 10.12 -6.53
C ILE C 126 -52.85 10.81 -5.18
N LYS C 127 -52.83 10.01 -4.11
CA LYS C 127 -52.89 10.55 -2.75
C LYS C 127 -52.23 9.55 -1.81
N VAL C 128 -51.24 10.01 -1.05
CA VAL C 128 -50.55 9.18 -0.08
C VAL C 128 -51.06 9.43 1.34
N CYS C 129 -52.27 9.99 1.47
CA CYS C 129 -52.82 10.33 2.78
C CYS C 129 -52.98 9.08 3.64
N GLU C 130 -52.50 9.16 4.88
CA GLU C 130 -52.67 8.08 5.84
C GLU C 130 -54.05 8.19 6.47
N PHE C 131 -54.85 7.13 6.34
CA PHE C 131 -56.20 7.11 6.87
C PHE C 131 -56.57 5.67 7.23
N GLN C 132 -57.81 5.49 7.66
CA GLN C 132 -58.32 4.15 7.96
C GLN C 132 -58.44 3.36 6.66
N PHE C 133 -57.53 2.43 6.44
CA PHE C 133 -57.49 1.68 5.19
C PHE C 133 -58.67 0.71 5.13
N CYS C 134 -59.47 0.85 4.08
CA CYS C 134 -60.65 0.01 3.89
C CYS C 134 -60.24 -1.36 3.33
N ASN C 135 -61.23 -2.25 3.24
CA ASN C 135 -61.03 -3.59 2.71
C ASN C 135 -62.02 -3.94 1.60
N ASP C 136 -62.76 -2.96 1.08
CA ASP C 136 -63.73 -3.21 0.03
C ASP C 136 -63.08 -3.05 -1.33
N PRO C 137 -62.95 -4.12 -2.12
CA PRO C 137 -62.30 -3.99 -3.43
C PRO C 137 -63.18 -3.35 -4.50
N PHE C 138 -64.49 -3.26 -4.27
CA PHE C 138 -65.39 -2.69 -5.26
C PHE C 138 -65.53 -1.18 -5.06
N LEU C 139 -65.73 -0.48 -6.17
CA LEU C 139 -65.92 0.97 -6.15
C LEU C 139 -67.40 1.34 -6.23
N GLU C 151 -69.17 5.37 -7.34
CA GLU C 151 -68.54 6.57 -6.83
C GLU C 151 -67.49 6.25 -5.77
N PHE C 152 -67.14 7.24 -4.96
CA PHE C 152 -66.11 7.08 -3.92
C PHE C 152 -66.70 6.29 -2.76
N ARG C 153 -66.86 4.98 -3.00
CA ARG C 153 -67.44 4.11 -1.98
C ARG C 153 -66.40 3.57 -1.01
N VAL C 154 -65.16 3.45 -1.45
CA VAL C 154 -64.11 2.93 -0.58
C VAL C 154 -63.70 3.94 0.48
N TYR C 155 -64.14 5.19 0.35
CA TYR C 155 -63.82 6.21 1.35
C TYR C 155 -64.58 5.90 2.64
N SER C 156 -63.83 5.71 3.73
CA SER C 156 -64.42 5.40 5.02
C SER C 156 -64.19 6.51 6.05
N SER C 157 -62.94 6.90 6.28
CA SER C 157 -62.63 7.95 7.25
C SER C 157 -61.25 8.49 6.94
N ALA C 158 -61.17 9.77 6.59
CA ALA C 158 -59.91 10.41 6.22
C ALA C 158 -59.23 10.94 7.47
N ASN C 159 -57.99 10.53 7.69
CA ASN C 159 -57.17 11.00 8.79
C ASN C 159 -56.17 12.03 8.27
N ASN C 160 -55.24 12.43 9.13
CA ASN C 160 -54.24 13.43 8.74
C ASN C 160 -53.38 12.89 7.61
N CYS C 161 -53.10 13.76 6.63
CA CYS C 161 -52.34 13.39 5.45
C CYS C 161 -50.88 13.81 5.61
N THR C 162 -50.06 13.46 4.63
CA THR C 162 -48.65 13.81 4.63
C THR C 162 -48.27 14.48 3.31
N PHE C 163 -48.92 14.07 2.22
CA PHE C 163 -48.62 14.60 0.90
C PHE C 163 -49.74 14.23 -0.06
N GLU C 164 -49.90 15.02 -1.10
CA GLU C 164 -50.91 14.76 -2.13
C GLU C 164 -50.37 15.21 -3.48
N TYR C 165 -50.99 14.71 -4.54
CA TYR C 165 -50.56 15.04 -5.90
C TYR C 165 -51.79 15.03 -6.80
N VAL C 166 -52.21 16.21 -7.23
CA VAL C 166 -53.35 16.36 -8.14
C VAL C 166 -52.77 16.60 -9.54
N SER C 167 -52.80 15.57 -10.38
CA SER C 167 -52.24 15.64 -11.72
C SER C 167 -53.36 15.83 -12.74
N GLN C 168 -53.17 16.80 -13.64
CA GLN C 168 -54.10 17.06 -14.72
C GLN C 168 -53.94 16.09 -15.88
N PRO C 169 -52.70 15.75 -16.32
CA PRO C 169 -52.57 14.78 -17.40
C PRO C 169 -52.92 13.37 -16.96
N PHE C 170 -54.21 13.04 -16.97
CA PHE C 170 -54.69 11.73 -16.55
C PHE C 170 -53.95 10.61 -17.28
N LEU C 171 -53.65 9.54 -16.55
CA LEU C 171 -52.88 8.44 -17.12
C LEU C 171 -53.71 7.64 -18.11
N MET C 172 -54.97 7.37 -17.80
CA MET C 172 -55.84 6.59 -18.67
C MET C 172 -56.23 7.41 -19.90
N GLN C 178 -62.10 3.99 -31.46
CA GLN C 178 -61.99 3.15 -32.65
C GLN C 178 -63.33 2.49 -32.95
N GLY C 179 -63.84 1.71 -31.99
CA GLY C 179 -65.16 1.13 -32.12
C GLY C 179 -65.26 -0.32 -31.68
N ASN C 180 -64.23 -1.12 -31.93
CA ASN C 180 -64.22 -2.50 -31.48
C ASN C 180 -62.90 -2.96 -30.87
N PHE C 181 -61.82 -2.21 -31.02
CA PHE C 181 -60.53 -2.62 -30.48
C PHE C 181 -60.35 -2.05 -29.08
N LYS C 182 -59.83 -2.88 -28.19
CA LYS C 182 -59.59 -2.48 -26.80
C LYS C 182 -58.26 -1.75 -26.70
N ASN C 183 -57.80 -1.51 -25.48
CA ASN C 183 -56.53 -0.82 -25.26
C ASN C 183 -55.77 -1.49 -24.12
N LEU C 184 -54.45 -1.52 -24.24
CA LEU C 184 -53.59 -2.10 -23.23
C LEU C 184 -53.22 -1.04 -22.19
N ARG C 185 -53.01 -1.49 -20.96
CA ARG C 185 -52.76 -0.60 -19.82
C ARG C 185 -51.47 -0.97 -19.11
N GLU C 186 -50.39 -1.12 -19.88
CA GLU C 186 -49.09 -1.42 -19.30
C GLU C 186 -48.68 -0.35 -18.29
N PHE C 187 -48.63 -0.72 -17.01
CA PHE C 187 -48.36 0.21 -15.92
C PHE C 187 -47.36 -0.38 -14.95
N VAL C 188 -46.23 -0.87 -15.48
CA VAL C 188 -45.17 -1.41 -14.64
C VAL C 188 -44.72 -0.36 -13.64
N PHE C 189 -44.86 -0.67 -12.36
CA PHE C 189 -44.44 0.22 -11.27
C PHE C 189 -43.25 -0.39 -10.56
N LYS C 190 -42.48 0.45 -9.88
CA LYS C 190 -41.40 -0.03 -9.04
C LYS C 190 -41.07 1.00 -7.97
N ASN C 191 -40.52 0.53 -6.87
CA ASN C 191 -40.17 1.38 -5.73
C ASN C 191 -38.68 1.24 -5.45
N ILE C 192 -37.99 2.38 -5.39
CA ILE C 192 -36.56 2.41 -5.10
C ILE C 192 -36.35 3.17 -3.80
N ASP C 193 -35.11 3.27 -3.34
CA ASP C 193 -34.82 4.01 -2.11
C ASP C 193 -35.18 5.49 -2.21
N GLY C 194 -35.34 6.00 -3.44
CA GLY C 194 -35.70 7.39 -3.63
C GLY C 194 -37.17 7.57 -3.97
N TYR C 195 -37.45 7.78 -5.26
CA TYR C 195 -38.82 8.04 -5.70
C TYR C 195 -39.54 6.72 -5.99
N PHE C 196 -40.71 6.81 -6.59
CA PHE C 196 -41.50 5.65 -7.01
C PHE C 196 -41.68 5.73 -8.53
N LYS C 197 -40.98 4.85 -9.25
CA LYS C 197 -40.98 4.94 -10.71
C LYS C 197 -42.26 4.32 -11.27
N ILE C 198 -42.91 5.05 -12.17
CA ILE C 198 -44.15 4.64 -12.80
C ILE C 198 -44.00 4.80 -14.30
N TYR C 199 -44.19 3.70 -15.04
CA TYR C 199 -44.06 3.69 -16.48
C TYR C 199 -45.40 3.33 -17.12
N SER C 200 -45.60 3.78 -18.35
CA SER C 200 -46.83 3.51 -19.07
C SER C 200 -46.61 3.74 -20.55
N LYS C 201 -47.35 3.01 -21.37
CA LYS C 201 -47.26 3.13 -22.83
C LYS C 201 -48.48 2.48 -23.45
N HIS C 202 -49.09 3.17 -24.41
CA HIS C 202 -50.23 2.63 -25.15
C HIS C 202 -49.73 2.02 -26.45
N THR C 203 -50.20 0.82 -26.76
CA THR C 203 -49.76 0.06 -27.92
C THR C 203 -50.97 -0.56 -28.60
N PRO C 204 -50.94 -0.68 -29.93
CA PRO C 204 -52.08 -1.30 -30.64
C PRO C 204 -52.25 -2.75 -30.25
N ILE C 205 -53.44 -3.07 -29.75
CA ILE C 205 -53.78 -4.41 -29.28
C ILE C 205 -54.92 -4.96 -30.14
N ILE C 206 -54.84 -4.69 -31.45
CA ILE C 206 -55.86 -5.14 -32.38
C ILE C 206 -56.17 -6.61 -32.18
N VAL C 207 -57.42 -6.99 -32.48
CA VAL C 207 -57.93 -8.32 -32.14
C VAL C 207 -56.98 -9.41 -32.61
N ARG C 208 -56.84 -10.43 -31.78
CA ARG C 208 -55.89 -11.52 -32.02
C ARG C 208 -56.47 -12.79 -31.40
N GLU C 209 -55.61 -13.79 -31.19
CA GLU C 209 -55.97 -15.06 -30.56
C GLU C 209 -56.54 -14.83 -29.17
N PRO C 210 -57.14 -15.87 -28.54
CA PRO C 210 -57.69 -15.70 -27.18
C PRO C 210 -56.78 -14.98 -26.21
N GLU C 211 -57.37 -14.39 -25.17
CA GLU C 211 -56.69 -13.46 -24.27
C GLU C 211 -55.35 -14.01 -23.79
N ASP C 212 -54.28 -13.31 -24.13
CA ASP C 212 -52.93 -13.65 -23.73
C ASP C 212 -52.02 -12.46 -24.03
N LEU C 213 -50.82 -12.48 -23.48
CA LEU C 213 -49.88 -11.42 -23.74
C LEU C 213 -49.40 -11.50 -25.19
N PRO C 214 -49.61 -10.47 -26.00
CA PRO C 214 -49.22 -10.56 -27.41
C PRO C 214 -47.71 -10.54 -27.59
N GLN C 215 -47.29 -11.01 -28.76
CA GLN C 215 -45.87 -11.07 -29.11
C GLN C 215 -45.51 -9.80 -29.87
N GLY C 216 -44.85 -8.88 -29.18
CA GLY C 216 -44.45 -7.61 -29.77
C GLY C 216 -43.72 -6.71 -28.80
N PHE C 217 -42.64 -6.09 -29.25
CA PHE C 217 -41.84 -5.24 -28.38
C PHE C 217 -42.46 -3.85 -28.26
N SER C 218 -42.45 -3.32 -27.05
CA SER C 218 -43.00 -1.98 -26.80
C SER C 218 -42.35 -1.45 -25.52
N ALA C 219 -41.56 -0.40 -25.66
CA ALA C 219 -40.88 0.18 -24.51
C ALA C 219 -41.88 0.96 -23.64
N LEU C 220 -41.48 1.19 -22.39
CA LEU C 220 -42.32 1.88 -21.41
C LEU C 220 -41.61 3.14 -20.96
N GLU C 221 -42.23 4.31 -21.23
CA GLU C 221 -41.65 5.57 -20.80
C GLU C 221 -42.26 6.02 -19.48
N PRO C 222 -41.46 6.68 -18.62
CA PRO C 222 -41.99 7.11 -17.33
C PRO C 222 -42.87 8.35 -17.47
N LEU C 223 -43.94 8.38 -16.67
CA LEU C 223 -44.86 9.51 -16.63
C LEU C 223 -44.73 10.34 -15.37
N VAL C 224 -44.82 9.72 -14.20
CA VAL C 224 -44.70 10.42 -12.93
C VAL C 224 -43.59 9.77 -12.11
N ASP C 225 -42.96 10.57 -11.26
CA ASP C 225 -41.83 10.15 -10.44
C ASP C 225 -41.99 10.67 -9.02
N LEU C 226 -43.18 10.46 -8.46
CA LEU C 226 -43.47 10.97 -7.12
C LEU C 226 -42.64 10.22 -6.08
N PRO C 227 -42.07 10.92 -5.10
CA PRO C 227 -41.30 10.26 -4.06
C PRO C 227 -42.18 9.55 -3.06
N ILE C 228 -41.61 8.52 -2.43
CA ILE C 228 -42.29 7.75 -1.41
C ILE C 228 -41.24 7.01 -0.60
N GLY C 229 -41.59 6.66 0.65
CA GLY C 229 -40.67 5.96 1.51
C GLY C 229 -41.34 4.91 2.37
N ILE C 230 -42.48 4.39 1.92
CA ILE C 230 -43.22 3.40 2.69
C ILE C 230 -42.64 2.01 2.46
N ASN C 231 -42.83 1.14 3.45
CA ASN C 231 -42.41 -0.26 3.36
C ASN C 231 -43.54 -1.06 2.73
N ILE C 232 -43.58 -1.04 1.41
CA ILE C 232 -44.63 -1.70 0.64
C ILE C 232 -44.21 -3.13 0.32
N THR C 233 -45.06 -4.08 0.66
CA THR C 233 -44.79 -5.49 0.39
C THR C 233 -45.97 -6.24 -0.22
N ARG C 234 -47.13 -5.60 -0.35
CA ARG C 234 -48.32 -6.25 -0.88
C ARG C 234 -49.06 -5.27 -1.80
N PHE C 235 -50.01 -5.80 -2.56
CA PHE C 235 -50.78 -4.99 -3.50
C PHE C 235 -52.15 -5.62 -3.71
N GLN C 236 -53.18 -4.79 -3.65
CA GLN C 236 -54.56 -5.21 -3.88
C GLN C 236 -55.18 -4.37 -4.98
N THR C 237 -55.76 -5.04 -5.98
CA THR C 237 -56.38 -4.35 -7.09
C THR C 237 -57.82 -3.97 -6.74
N LEU C 238 -58.45 -3.23 -7.65
CA LEU C 238 -59.82 -2.77 -7.44
C LEU C 238 -60.42 -2.38 -8.79
N LEU C 239 -61.70 -2.70 -8.97
CA LEU C 239 -62.43 -2.37 -10.18
C LEU C 239 -63.64 -1.51 -9.83
N ALA C 240 -64.28 -0.98 -10.86
CA ALA C 240 -65.45 -0.13 -10.69
C ALA C 240 -66.66 -0.95 -10.24
N ALA C 259 -64.57 -8.89 -19.53
CA ALA C 259 -63.44 -9.18 -20.39
C ALA C 259 -62.16 -8.55 -19.86
N ALA C 260 -61.74 -8.99 -18.68
CA ALA C 260 -60.54 -8.46 -18.05
C ALA C 260 -59.33 -9.33 -18.38
N ALA C 261 -58.15 -8.73 -18.32
CA ALA C 261 -56.89 -9.38 -18.62
C ALA C 261 -55.86 -9.06 -17.55
N TYR C 262 -56.26 -9.24 -16.29
CA TYR C 262 -55.38 -8.97 -15.14
C TYR C 262 -54.08 -9.75 -15.24
N TYR C 263 -52.97 -9.02 -15.39
CA TYR C 263 -51.64 -9.62 -15.51
C TYR C 263 -50.75 -9.05 -14.41
N VAL C 264 -49.99 -9.94 -13.76
CA VAL C 264 -49.03 -9.53 -12.74
C VAL C 264 -47.75 -10.34 -12.95
N GLY C 265 -46.63 -9.63 -13.12
CA GLY C 265 -45.35 -10.28 -13.28
C GLY C 265 -44.27 -9.66 -12.43
N TYR C 266 -43.65 -10.45 -11.57
CA TYR C 266 -42.63 -9.93 -10.66
C TYR C 266 -41.33 -9.67 -11.41
N LEU C 267 -40.61 -8.63 -10.97
CA LEU C 267 -39.36 -8.26 -11.59
C LEU C 267 -38.20 -9.02 -10.94
N GLN C 268 -36.99 -8.74 -11.43
CA GLN C 268 -35.79 -9.44 -10.96
C GLN C 268 -34.57 -8.60 -11.35
N PRO C 269 -33.54 -8.53 -10.50
CA PRO C 269 -32.33 -7.80 -10.88
C PRO C 269 -31.54 -8.53 -11.96
N ARG C 270 -31.53 -7.99 -13.17
CA ARG C 270 -30.81 -8.59 -14.28
C ARG C 270 -30.20 -7.49 -15.14
N THR C 271 -29.31 -7.91 -16.04
CA THR C 271 -28.66 -7.03 -16.99
C THR C 271 -29.27 -7.25 -18.37
N PHE C 272 -29.72 -6.17 -19.00
CA PHE C 272 -30.37 -6.23 -20.30
C PHE C 272 -29.56 -5.42 -21.32
N LEU C 273 -29.49 -5.95 -22.54
CA LEU C 273 -28.83 -5.29 -23.66
C LEU C 273 -29.91 -4.61 -24.50
N LEU C 274 -29.84 -3.29 -24.59
CA LEU C 274 -30.85 -2.49 -25.26
C LEU C 274 -30.23 -1.80 -26.48
N LYS C 275 -30.95 -1.83 -27.60
CA LYS C 275 -30.56 -1.13 -28.81
C LYS C 275 -31.53 0.01 -29.08
N TYR C 276 -30.98 1.21 -29.31
CA TYR C 276 -31.77 2.39 -29.60
C TYR C 276 -31.79 2.66 -31.10
N ASN C 277 -32.92 3.16 -31.58
CA ASN C 277 -33.08 3.49 -32.99
C ASN C 277 -32.66 4.94 -33.24
N GLU C 278 -32.58 5.30 -34.52
CA GLU C 278 -32.21 6.66 -34.90
C GLU C 278 -33.26 7.68 -34.46
N ASN C 279 -34.41 7.24 -34.08
CA ASN C 279 -35.38 8.21 -33.72
C ASN C 279 -35.51 8.24 -32.21
N GLY C 280 -34.56 7.66 -31.52
CA GLY C 280 -34.52 7.67 -30.07
C GLY C 280 -35.57 6.77 -29.43
N THR C 281 -35.56 5.49 -29.79
CA THR C 281 -36.51 4.53 -29.24
C THR C 281 -35.89 3.14 -29.26
N ILE C 282 -36.35 2.29 -28.36
CA ILE C 282 -35.84 0.93 -28.23
C ILE C 282 -36.68 0.02 -29.12
N THR C 283 -36.00 -0.80 -29.92
CA THR C 283 -36.67 -1.71 -30.85
C THR C 283 -36.69 -3.15 -30.36
N ASP C 284 -35.61 -3.62 -29.75
CA ASP C 284 -35.54 -4.99 -29.23
C ASP C 284 -34.67 -4.99 -27.99
N ALA C 285 -34.48 -6.18 -27.42
CA ALA C 285 -33.69 -6.31 -26.19
C ALA C 285 -33.15 -7.73 -26.09
N VAL C 286 -32.07 -7.86 -25.33
CA VAL C 286 -31.44 -9.15 -25.05
C VAL C 286 -31.42 -9.35 -23.55
N ASP C 287 -31.91 -10.51 -23.09
CA ASP C 287 -32.02 -10.77 -21.66
C ASP C 287 -30.65 -10.98 -21.01
N CYS C 288 -29.67 -11.46 -21.77
CA CYS C 288 -28.28 -11.69 -21.35
C CYS C 288 -28.15 -12.91 -20.45
N ALA C 289 -29.26 -13.52 -20.03
CA ALA C 289 -29.19 -14.71 -19.18
C ALA C 289 -30.23 -15.77 -19.52
N LEU C 290 -31.09 -15.54 -20.51
CA LEU C 290 -32.17 -16.48 -20.80
C LEU C 290 -31.63 -17.79 -21.38
N ASP C 291 -30.81 -17.69 -22.41
CA ASP C 291 -30.28 -18.86 -23.09
C ASP C 291 -28.83 -18.57 -23.46
N PRO C 292 -28.03 -19.62 -23.73
CA PRO C 292 -26.63 -19.39 -24.12
C PRO C 292 -26.48 -18.48 -25.33
N LEU C 293 -27.45 -18.46 -26.24
CA LEU C 293 -27.38 -17.54 -27.36
C LEU C 293 -27.48 -16.09 -26.89
N SER C 294 -28.35 -15.82 -25.92
CA SER C 294 -28.44 -14.48 -25.36
C SER C 294 -27.16 -14.08 -24.65
N GLU C 295 -26.54 -15.03 -23.93
CA GLU C 295 -25.28 -14.74 -23.26
C GLU C 295 -24.17 -14.49 -24.28
N THR C 296 -24.18 -15.19 -25.41
CA THR C 296 -23.18 -14.95 -26.45
C THR C 296 -23.38 -13.58 -27.09
N LYS C 297 -24.62 -13.24 -27.43
CA LYS C 297 -24.90 -11.91 -27.97
C LYS C 297 -24.65 -10.81 -26.95
N CYS C 298 -24.65 -11.15 -25.66
CA CYS C 298 -24.45 -10.16 -24.61
C CYS C 298 -22.96 -9.81 -24.44
N THR C 299 -22.11 -10.82 -24.44
CA THR C 299 -20.66 -10.61 -24.28
C THR C 299 -19.98 -10.19 -25.58
N LEU C 300 -20.73 -10.07 -26.68
CA LEU C 300 -20.19 -9.64 -27.95
C LEU C 300 -20.61 -8.23 -28.35
N LYS C 301 -21.54 -7.63 -27.62
CA LYS C 301 -22.04 -6.27 -27.91
C LYS C 301 -22.59 -6.19 -29.34
N SER C 302 -23.48 -7.12 -29.66
CA SER C 302 -24.10 -7.16 -30.99
C SER C 302 -25.37 -7.99 -30.91
N PHE C 303 -26.24 -7.80 -31.90
CA PHE C 303 -27.49 -8.53 -32.00
C PHE C 303 -27.46 -9.62 -33.06
N THR C 304 -26.30 -9.85 -33.68
CA THR C 304 -26.15 -10.89 -34.71
C THR C 304 -24.75 -11.48 -34.56
N VAL C 305 -24.65 -12.61 -33.88
CA VAL C 305 -23.37 -13.27 -33.66
C VAL C 305 -23.03 -14.13 -34.87
N GLU C 306 -21.77 -14.07 -35.30
CA GLU C 306 -21.33 -14.83 -36.46
C GLU C 306 -21.14 -16.30 -36.10
N LYS C 307 -20.84 -17.10 -37.12
CA LYS C 307 -20.63 -18.52 -36.94
C LYS C 307 -19.27 -18.79 -36.31
N GLY C 308 -19.24 -19.62 -35.29
CA GLY C 308 -18.00 -19.99 -34.65
C GLY C 308 -18.23 -20.26 -33.17
N ILE C 309 -17.11 -20.36 -32.44
CA ILE C 309 -17.11 -20.62 -31.01
C ILE C 309 -16.68 -19.35 -30.29
N TYR C 310 -17.44 -18.97 -29.26
CA TYR C 310 -17.18 -17.77 -28.50
C TYR C 310 -17.17 -18.08 -27.01
N GLN C 311 -16.23 -17.48 -26.29
CA GLN C 311 -16.09 -17.72 -24.87
C GLN C 311 -17.18 -16.99 -24.09
N THR C 312 -17.46 -17.50 -22.90
CA THR C 312 -18.46 -16.92 -22.01
C THR C 312 -17.89 -16.95 -20.59
N SER C 313 -18.76 -16.74 -19.60
CA SER C 313 -18.31 -16.68 -18.21
C SER C 313 -17.77 -18.03 -17.75
N ASN C 314 -16.95 -17.97 -16.70
CA ASN C 314 -16.35 -19.17 -16.13
C ASN C 314 -17.31 -19.82 -15.15
N PHE C 315 -17.49 -21.13 -15.26
CA PHE C 315 -18.39 -21.86 -14.37
C PHE C 315 -17.58 -22.60 -13.31
N ARG C 316 -18.19 -22.73 -12.13
CA ARG C 316 -17.54 -23.37 -11.00
C ARG C 316 -18.60 -23.78 -10.00
N VAL C 317 -18.50 -25.01 -9.50
CA VAL C 317 -19.46 -25.51 -8.51
C VAL C 317 -19.05 -25.02 -7.13
N GLN C 318 -20.05 -24.61 -6.33
CA GLN C 318 -19.79 -24.13 -4.99
C GLN C 318 -19.92 -25.27 -3.98
N PRO C 319 -19.18 -25.20 -2.87
CA PRO C 319 -19.28 -26.24 -1.84
C PRO C 319 -20.66 -26.27 -1.21
N THR C 320 -20.93 -27.36 -0.49
CA THR C 320 -22.22 -27.56 0.16
C THR C 320 -22.12 -27.46 1.68
N GLU C 321 -21.24 -28.24 2.30
CA GLU C 321 -21.03 -28.20 3.75
C GLU C 321 -19.58 -27.83 4.03
N SER C 322 -19.24 -27.78 5.32
CA SER C 322 -17.90 -27.42 5.77
C SER C 322 -17.43 -28.48 6.76
N ILE C 323 -16.38 -29.21 6.39
CA ILE C 323 -15.81 -30.25 7.24
C ILE C 323 -14.71 -29.64 8.09
N VAL C 324 -14.82 -29.77 9.40
CA VAL C 324 -13.84 -29.27 10.35
C VAL C 324 -13.45 -30.43 11.25
N ARG C 325 -12.23 -30.94 11.06
CA ARG C 325 -11.73 -32.06 11.85
C ARG C 325 -10.51 -31.61 12.64
N PHE C 326 -10.57 -31.77 13.96
CA PHE C 326 -9.51 -31.41 14.88
C PHE C 326 -9.02 -32.66 15.61
N PRO C 327 -7.82 -32.63 16.19
CA PRO C 327 -7.32 -33.81 16.91
C PRO C 327 -8.22 -34.20 18.07
N ASN C 328 -8.00 -35.40 18.58
CA ASN C 328 -8.87 -35.97 19.56
C ASN C 328 -8.73 -35.21 20.84
N ILE C 329 -9.80 -35.17 21.64
CA ILE C 329 -9.77 -34.52 22.95
C ILE C 329 -9.07 -35.46 23.92
N THR C 330 -7.79 -35.22 24.18
CA THR C 330 -7.00 -36.03 25.09
C THR C 330 -6.33 -35.13 26.11
N ASN C 331 -5.63 -35.74 27.07
CA ASN C 331 -4.95 -35.03 28.15
C ASN C 331 -5.92 -34.14 28.91
N LEU C 332 -6.91 -34.78 29.54
CA LEU C 332 -7.93 -34.06 30.28
C LEU C 332 -7.34 -33.41 31.52
N CYS C 333 -7.97 -32.33 31.96
CA CYS C 333 -7.51 -31.61 33.14
C CYS C 333 -7.73 -32.47 34.39
N PRO C 334 -6.92 -32.26 35.43
CA PRO C 334 -7.09 -33.04 36.67
C PRO C 334 -8.20 -32.50 37.56
N PHE C 335 -9.07 -31.66 36.99
CA PHE C 335 -10.16 -31.08 37.77
C PHE C 335 -11.05 -32.16 38.37
N ASP C 336 -11.17 -33.31 37.71
CA ASP C 336 -11.97 -34.40 38.25
C ASP C 336 -11.42 -34.88 39.59
N GLU C 337 -10.11 -34.82 39.78
CA GLU C 337 -9.51 -35.18 41.06
C GLU C 337 -9.55 -34.04 42.07
N VAL C 338 -9.96 -32.84 41.65
CA VAL C 338 -10.03 -31.70 42.55
C VAL C 338 -11.36 -31.63 43.27
N PHE C 339 -12.47 -31.72 42.52
CA PHE C 339 -13.81 -31.61 43.07
C PHE C 339 -14.27 -32.87 43.78
N ASN C 340 -13.38 -33.84 44.01
CA ASN C 340 -13.75 -35.10 44.65
C ASN C 340 -12.64 -35.49 45.61
N ALA C 341 -12.84 -35.24 46.89
CA ALA C 341 -11.88 -35.58 47.93
C ALA C 341 -12.61 -35.58 49.27
N THR C 342 -11.86 -35.71 50.36
CA THR C 342 -12.40 -35.70 51.71
C THR C 342 -12.01 -34.45 52.49
N ARG C 343 -10.71 -34.17 52.59
CA ARG C 343 -10.20 -32.96 53.21
C ARG C 343 -9.67 -32.06 52.10
N PHE C 344 -10.37 -30.95 51.85
CA PHE C 344 -10.06 -30.12 50.69
C PHE C 344 -9.03 -29.05 51.03
N ALA C 345 -9.37 -28.13 51.94
CA ALA C 345 -8.50 -27.02 52.29
C ALA C 345 -9.08 -26.19 53.43
N SER C 346 -8.36 -25.15 53.83
CA SER C 346 -8.83 -24.18 54.80
C SER C 346 -8.58 -22.78 54.25
N VAL C 347 -9.16 -21.78 54.93
CA VAL C 347 -9.04 -20.41 54.44
C VAL C 347 -7.68 -19.80 54.73
N TYR C 348 -6.97 -20.26 55.75
CA TYR C 348 -5.63 -19.75 56.03
C TYR C 348 -4.55 -20.49 55.26
N ALA C 349 -4.82 -21.71 54.80
CA ALA C 349 -3.88 -22.49 53.98
C ALA C 349 -4.71 -23.11 52.86
N TRP C 350 -4.82 -22.39 51.74
CA TRP C 350 -5.60 -22.82 50.60
C TRP C 350 -4.69 -23.22 49.45
N ASN C 351 -5.12 -24.23 48.71
CA ASN C 351 -4.34 -24.72 47.58
C ASN C 351 -4.25 -23.67 46.48
N ARG C 352 -3.20 -23.78 45.67
CA ARG C 352 -2.92 -22.87 44.57
C ARG C 352 -2.56 -23.66 43.33
N LYS C 353 -3.39 -24.65 43.00
CA LYS C 353 -3.05 -25.59 41.93
C LYS C 353 -2.92 -24.88 40.59
N ARG C 354 -1.74 -24.93 40.00
CA ARG C 354 -1.47 -24.31 38.70
C ARG C 354 -1.70 -25.37 37.62
N ILE C 355 -2.86 -25.31 36.97
CA ILE C 355 -3.24 -26.28 35.95
C ILE C 355 -2.96 -25.69 34.58
N SER C 356 -2.33 -26.47 33.72
CA SER C 356 -2.01 -26.02 32.36
C SER C 356 -1.84 -27.25 31.48
N ASN C 357 -1.76 -26.99 30.17
CA ASN C 357 -1.56 -28.02 29.15
C ASN C 357 -2.67 -29.07 29.21
N CYS C 358 -3.90 -28.60 28.99
CA CYS C 358 -5.06 -29.48 28.91
C CYS C 358 -6.16 -28.76 28.17
N VAL C 359 -7.18 -29.51 27.77
CA VAL C 359 -8.35 -28.99 27.07
C VAL C 359 -9.44 -28.85 28.14
N ALA C 360 -9.52 -27.67 28.74
CA ALA C 360 -10.47 -27.42 29.82
C ALA C 360 -11.88 -27.38 29.25
N ASP C 361 -12.63 -28.46 29.46
CA ASP C 361 -14.01 -28.56 28.99
C ASP C 361 -14.92 -28.09 30.13
N TYR C 362 -15.23 -26.80 30.13
CA TYR C 362 -16.06 -26.22 31.18
C TYR C 362 -17.50 -26.71 31.12
N SER C 363 -17.93 -27.28 29.99
CA SER C 363 -19.28 -27.82 29.91
C SER C 363 -19.44 -29.04 30.81
N VAL C 364 -18.37 -29.78 31.05
CA VAL C 364 -18.44 -30.94 31.94
C VAL C 364 -18.60 -30.50 33.38
N LEU C 365 -18.09 -29.31 33.73
CA LEU C 365 -18.18 -28.82 35.10
C LEU C 365 -19.62 -28.56 35.52
N TYR C 366 -20.55 -28.45 34.57
CA TYR C 366 -21.95 -28.24 34.88
C TYR C 366 -22.68 -29.53 35.23
N ASN C 367 -21.98 -30.67 35.26
CA ASN C 367 -22.61 -31.94 35.62
C ASN C 367 -21.75 -32.80 36.53
N LEU C 368 -20.64 -32.25 37.08
CA LEU C 368 -19.79 -33.03 37.97
C LEU C 368 -20.46 -33.21 39.33
N ALA C 369 -20.75 -32.10 40.01
CA ALA C 369 -21.36 -32.11 41.33
C ALA C 369 -22.51 -31.11 41.37
N PRO C 370 -23.49 -31.33 42.25
CA PRO C 370 -24.59 -30.37 42.35
C PRO C 370 -24.16 -29.05 42.96
N PHE C 371 -23.48 -28.23 42.16
CA PHE C 371 -23.01 -26.93 42.64
C PHE C 371 -24.18 -26.02 42.95
N PHE C 372 -23.95 -25.07 43.86
CA PHE C 372 -24.95 -24.09 44.26
C PHE C 372 -24.58 -22.68 43.85
N THR C 373 -23.42 -22.48 43.23
CA THR C 373 -22.98 -21.16 42.80
C THR C 373 -22.04 -21.32 41.62
N PHE C 374 -22.37 -20.68 40.49
CA PHE C 374 -21.57 -20.76 39.28
C PHE C 374 -21.46 -19.38 38.64
N LYS C 375 -21.18 -18.37 39.47
CA LYS C 375 -21.08 -16.99 39.00
C LYS C 375 -19.67 -16.76 38.46
N CYS C 376 -19.56 -16.46 37.17
CA CYS C 376 -18.29 -16.15 36.54
C CYS C 376 -18.28 -14.66 36.17
N TYR C 377 -17.32 -13.91 36.74
CA TYR C 377 -17.30 -12.47 36.56
C TYR C 377 -16.69 -12.08 35.22
N GLY C 378 -15.70 -12.83 34.74
CA GLY C 378 -14.95 -12.43 33.57
C GLY C 378 -15.73 -12.46 32.27
N VAL C 379 -16.07 -13.65 31.79
CA VAL C 379 -16.74 -13.84 30.52
C VAL C 379 -17.87 -14.86 30.69
N SER C 380 -18.53 -15.16 29.58
CA SER C 380 -19.61 -16.14 29.57
C SER C 380 -19.05 -17.55 29.49
N PRO C 381 -19.68 -18.52 30.15
CA PRO C 381 -19.18 -19.90 30.06
C PRO C 381 -19.22 -20.48 28.66
N THR C 382 -20.16 -20.03 27.82
CA THR C 382 -20.21 -20.51 26.44
C THR C 382 -19.02 -20.02 25.64
N LYS C 383 -18.64 -18.76 25.82
CA LYS C 383 -17.48 -18.21 25.13
C LYS C 383 -16.16 -18.57 25.81
N LEU C 384 -16.20 -19.13 27.02
CA LEU C 384 -14.97 -19.51 27.71
C LEU C 384 -14.30 -20.71 27.05
N ASN C 385 -15.08 -21.57 26.39
CA ASN C 385 -14.54 -22.75 25.73
C ASN C 385 -13.84 -22.43 24.42
N ASP C 386 -13.78 -21.17 24.00
CA ASP C 386 -13.13 -20.79 22.76
C ASP C 386 -12.04 -19.74 22.99
N LEU C 387 -11.53 -19.64 24.21
CA LEU C 387 -10.48 -18.69 24.55
C LEU C 387 -9.31 -19.43 25.18
N CYS C 388 -8.12 -19.26 24.63
CA CYS C 388 -6.93 -19.90 25.16
C CYS C 388 -6.40 -19.15 26.37
N PHE C 389 -5.73 -19.88 27.26
CA PHE C 389 -5.13 -19.31 28.45
C PHE C 389 -3.80 -19.99 28.73
N THR C 390 -2.98 -19.32 29.53
CA THR C 390 -1.65 -19.85 29.86
C THR C 390 -1.74 -20.89 30.98
N ASN C 391 -2.26 -20.49 32.14
CA ASN C 391 -2.36 -21.37 33.28
C ASN C 391 -3.48 -20.87 34.19
N VAL C 392 -4.25 -21.80 34.74
CA VAL C 392 -5.37 -21.47 35.63
C VAL C 392 -4.97 -21.80 37.05
N TYR C 393 -5.20 -20.86 37.96
CA TYR C 393 -4.90 -21.03 39.38
C TYR C 393 -6.19 -21.45 40.10
N ALA C 394 -6.24 -22.71 40.53
CA ALA C 394 -7.37 -23.22 41.29
C ALA C 394 -7.09 -23.02 42.77
N ASP C 395 -7.97 -22.29 43.45
CA ASP C 395 -7.84 -22.01 44.88
C ASP C 395 -9.13 -22.43 45.57
N SER C 396 -9.04 -23.42 46.45
CA SER C 396 -10.20 -23.95 47.14
C SER C 396 -10.12 -23.66 48.63
N PHE C 397 -11.28 -23.51 49.25
CA PHE C 397 -11.37 -23.26 50.69
C PHE C 397 -12.77 -23.63 51.15
N VAL C 398 -13.01 -23.49 52.46
CA VAL C 398 -14.29 -23.82 53.06
C VAL C 398 -14.73 -22.65 53.93
N ILE C 399 -15.93 -22.12 53.65
CA ILE C 399 -16.52 -21.04 54.42
C ILE C 399 -17.96 -21.39 54.74
N ARG C 400 -18.59 -20.55 55.56
CA ARG C 400 -19.98 -20.75 55.94
C ARG C 400 -20.90 -20.32 54.80
N GLY C 401 -22.20 -20.57 54.98
CA GLY C 401 -23.17 -20.17 53.96
C GLY C 401 -23.39 -18.66 53.92
N ASP C 402 -23.33 -18.01 55.08
CA ASP C 402 -23.51 -16.56 55.16
C ASP C 402 -22.26 -15.80 54.73
N GLU C 403 -21.17 -16.49 54.40
CA GLU C 403 -19.93 -15.85 53.97
C GLU C 403 -19.68 -15.96 52.48
N VAL C 404 -20.51 -16.71 51.75
CA VAL C 404 -20.33 -16.86 50.31
C VAL C 404 -20.47 -15.51 49.61
N ARG C 405 -21.30 -14.62 50.15
CA ARG C 405 -21.44 -13.29 49.58
C ARG C 405 -20.17 -12.46 49.75
N GLN C 406 -19.32 -12.80 50.71
CA GLN C 406 -18.10 -12.03 50.94
C GLN C 406 -17.03 -12.28 49.89
N ILE C 407 -17.15 -13.36 49.12
CA ILE C 407 -16.17 -13.68 48.08
C ILE C 407 -16.63 -12.94 46.82
N ALA C 408 -16.05 -11.78 46.59
CA ALA C 408 -16.40 -10.93 45.47
C ALA C 408 -15.18 -10.12 45.07
N PRO C 409 -15.12 -9.65 43.82
CA PRO C 409 -13.98 -8.83 43.40
C PRO C 409 -13.97 -7.46 44.06
N GLY C 410 -13.63 -7.43 45.34
CA GLY C 410 -13.60 -6.19 46.10
C GLY C 410 -14.75 -6.09 47.08
N GLN C 411 -14.49 -6.41 48.34
CA GLN C 411 -15.50 -6.38 49.40
C GLN C 411 -14.81 -6.64 50.73
N THR C 412 -15.38 -6.09 51.80
CA THR C 412 -14.86 -6.27 53.14
C THR C 412 -15.64 -7.36 53.88
N GLY C 413 -15.04 -7.84 54.96
CA GLY C 413 -15.66 -8.88 55.77
C GLY C 413 -14.64 -9.59 56.61
N ASN C 414 -15.16 -10.43 57.52
CA ASN C 414 -14.29 -11.19 58.40
C ASN C 414 -13.42 -12.19 57.65
N ILE C 415 -13.82 -12.57 56.44
CA ILE C 415 -13.03 -13.47 55.61
C ILE C 415 -12.52 -12.80 54.34
N ALA C 416 -13.21 -11.76 53.86
CA ALA C 416 -12.84 -11.17 52.57
C ALA C 416 -11.54 -10.38 52.66
N ASP C 417 -11.23 -9.79 53.82
CA ASP C 417 -10.02 -9.00 53.99
C ASP C 417 -9.08 -9.60 55.03
N TYR C 418 -9.36 -10.80 55.53
CA TYR C 418 -8.51 -11.45 56.51
C TYR C 418 -7.95 -12.79 56.05
N ASN C 419 -8.58 -13.45 55.08
CA ASN C 419 -8.10 -14.75 54.63
C ASN C 419 -7.88 -14.83 53.13
N TYR C 420 -8.71 -14.17 52.34
CA TYR C 420 -8.58 -14.22 50.88
C TYR C 420 -9.31 -13.04 50.28
N LYS C 421 -8.60 -12.22 49.52
CA LYS C 421 -9.15 -11.02 48.90
C LYS C 421 -8.97 -11.09 47.39
N LEU C 422 -10.00 -10.67 46.65
CA LEU C 422 -9.97 -10.67 45.20
C LEU C 422 -10.00 -9.24 44.68
N PRO C 423 -9.03 -8.83 43.87
CA PRO C 423 -9.06 -7.48 43.30
C PRO C 423 -10.17 -7.31 42.28
N ASP C 424 -10.30 -6.12 41.70
CA ASP C 424 -11.33 -5.87 40.69
C ASP C 424 -10.83 -6.23 39.29
N ASP C 425 -10.30 -7.45 39.16
CA ASP C 425 -9.89 -7.96 37.86
C ASP C 425 -10.09 -9.47 37.73
N PHE C 426 -10.85 -10.08 38.64
CA PHE C 426 -11.03 -11.53 38.65
C PHE C 426 -11.85 -11.95 37.44
N THR C 427 -11.22 -12.67 36.51
CA THR C 427 -11.85 -13.12 35.28
C THR C 427 -12.30 -14.57 35.33
N GLY C 428 -12.29 -15.18 36.50
CA GLY C 428 -12.67 -16.58 36.67
C GLY C 428 -14.09 -16.74 37.16
N CYS C 429 -14.30 -17.76 37.98
CA CYS C 429 -15.61 -18.07 38.54
C CYS C 429 -15.48 -18.23 40.05
N VAL C 430 -16.64 -18.31 40.72
CA VAL C 430 -16.70 -18.42 42.17
C VAL C 430 -17.43 -19.71 42.53
N ILE C 431 -17.20 -20.75 41.72
CA ILE C 431 -17.88 -22.03 41.88
C ILE C 431 -17.82 -22.48 43.34
N ALA C 432 -18.99 -22.83 43.88
CA ALA C 432 -19.10 -23.22 45.27
C ALA C 432 -20.27 -24.19 45.43
N TRP C 433 -20.20 -24.99 46.48
CA TRP C 433 -21.27 -25.96 46.75
C TRP C 433 -21.23 -26.36 48.22
N ASN C 434 -22.40 -26.67 48.76
CA ASN C 434 -22.50 -27.12 50.14
C ASN C 434 -21.88 -28.51 50.30
N SER C 435 -21.14 -28.70 51.39
CA SER C 435 -20.49 -29.96 51.69
C SER C 435 -20.88 -30.46 53.08
N ASN C 436 -22.16 -30.35 53.41
CA ASN C 436 -22.66 -30.82 54.70
C ASN C 436 -23.17 -32.25 54.61
N LYS C 437 -22.32 -33.14 54.08
CA LYS C 437 -22.66 -34.55 53.97
C LYS C 437 -21.52 -35.42 54.50
N LEU C 438 -20.30 -34.90 54.41
CA LEU C 438 -19.12 -35.63 54.86
C LEU C 438 -18.15 -34.80 55.68
N ASP C 439 -18.36 -33.49 55.80
CA ASP C 439 -17.48 -32.60 56.54
C ASP C 439 -18.12 -32.11 57.84
N SER C 440 -19.01 -32.92 58.42
CA SER C 440 -19.70 -32.54 59.65
C SER C 440 -20.07 -33.79 60.41
N LYS C 441 -19.34 -34.07 61.49
CA LYS C 441 -19.65 -35.18 62.38
C LYS C 441 -19.73 -34.65 63.82
N VAL C 442 -20.47 -35.36 64.65
CA VAL C 442 -20.65 -34.94 66.05
C VAL C 442 -19.49 -35.55 66.84
N SER C 443 -18.35 -34.88 66.77
CA SER C 443 -17.21 -35.26 67.60
C SER C 443 -16.36 -34.07 68.04
N GLY C 444 -16.75 -32.84 67.72
CA GLY C 444 -15.91 -31.69 67.99
C GLY C 444 -15.14 -31.25 66.75
N ASN C 445 -15.60 -30.17 66.11
CA ASN C 445 -15.02 -29.71 64.87
C ASN C 445 -13.94 -28.66 65.15
N TYR C 446 -12.91 -29.11 65.86
CA TYR C 446 -11.75 -28.28 66.15
C TYR C 446 -10.62 -28.59 65.17
N ASN C 447 -10.89 -28.35 63.89
CA ASN C 447 -9.95 -28.64 62.82
C ASN C 447 -9.69 -27.44 61.92
N TYR C 448 -10.71 -26.60 61.67
CA TYR C 448 -10.57 -25.44 60.82
C TYR C 448 -10.33 -24.20 61.65
N LEU C 449 -10.20 -23.06 60.96
CA LEU C 449 -9.99 -21.76 61.60
C LEU C 449 -10.16 -20.70 60.53
N TYR C 450 -10.31 -19.44 60.97
CA TYR C 450 -10.52 -18.35 60.02
C TYR C 450 -9.73 -17.09 60.37
N ARG C 451 -8.80 -17.15 61.33
CA ARG C 451 -7.92 -16.03 61.68
C ARG C 451 -8.75 -14.78 62.04
N LEU C 452 -9.46 -14.91 63.17
CA LEU C 452 -10.32 -13.83 63.63
C LEU C 452 -9.52 -12.56 63.93
N PHE C 453 -8.27 -12.70 64.36
CA PHE C 453 -7.44 -11.56 64.72
C PHE C 453 -6.44 -11.27 63.62
N ARG C 454 -6.22 -9.98 63.38
CA ARG C 454 -5.27 -9.53 62.35
C ARG C 454 -4.90 -8.09 62.64
N LYS C 455 -3.79 -7.66 62.04
CA LYS C 455 -3.30 -6.29 62.20
C LYS C 455 -3.88 -5.34 61.16
N SER C 456 -3.95 -5.78 59.90
CA SER C 456 -4.46 -4.94 58.83
C SER C 456 -4.92 -5.84 57.69
N ASN C 457 -5.50 -5.21 56.67
CA ASN C 457 -5.97 -5.96 55.50
C ASN C 457 -4.79 -6.50 54.70
N LEU C 458 -4.85 -7.79 54.38
CA LEU C 458 -3.78 -8.43 53.65
C LEU C 458 -3.85 -8.06 52.17
N LYS C 459 -2.72 -8.23 51.49
CA LYS C 459 -2.69 -8.01 50.05
C LYS C 459 -3.56 -9.06 49.36
N PRO C 460 -4.37 -8.68 48.37
CA PRO C 460 -5.22 -9.66 47.68
C PRO C 460 -4.37 -10.72 46.98
N PHE C 461 -4.92 -11.93 46.91
CA PHE C 461 -4.23 -13.09 46.34
C PHE C 461 -2.92 -13.37 47.09
N GLU C 462 -3.07 -13.62 48.40
CA GLU C 462 -1.94 -13.92 49.26
C GLU C 462 -2.37 -14.91 50.33
N ARG C 463 -1.49 -15.87 50.63
CA ARG C 463 -1.75 -16.89 51.63
C ARG C 463 -0.80 -16.68 52.80
N ASP C 464 -1.35 -16.50 53.99
CA ASP C 464 -0.57 -16.21 55.20
C ASP C 464 -0.65 -17.44 56.10
N ILE C 465 0.38 -18.30 56.01
CA ILE C 465 0.48 -19.48 56.86
C ILE C 465 1.32 -19.08 58.07
N SER C 466 0.63 -18.58 59.10
CA SER C 466 1.29 -18.12 60.31
C SER C 466 0.58 -18.68 61.53
N THR C 467 1.33 -18.83 62.61
CA THR C 467 0.77 -19.36 63.86
C THR C 467 1.27 -18.61 65.09
N GLU C 468 1.90 -17.45 64.92
CA GLU C 468 2.41 -16.70 66.05
C GLU C 468 1.26 -16.08 66.84
N ILE C 469 1.50 -15.86 68.14
CA ILE C 469 0.48 -15.28 69.00
C ILE C 469 0.28 -13.81 68.63
N TYR C 470 -0.97 -13.40 68.51
CA TYR C 470 -1.29 -12.03 68.14
C TYR C 470 -0.87 -11.08 69.25
N GLN C 471 -0.04 -10.09 68.90
CA GLN C 471 0.44 -9.10 69.84
C GLN C 471 -0.32 -7.80 69.64
N ALA C 472 -1.07 -7.38 70.65
CA ALA C 472 -1.87 -6.15 70.57
C ALA C 472 -1.09 -4.95 71.10
N GLY C 473 0.14 -4.77 70.61
CA GLY C 473 0.96 -3.62 70.92
C GLY C 473 1.28 -3.40 72.38
N ASN C 474 2.06 -2.35 72.65
CA ASN C 474 2.39 -1.85 73.99
C ASN C 474 2.85 -2.94 74.94
N LYS C 475 3.36 -4.06 74.41
CA LYS C 475 3.91 -5.13 75.25
C LYS C 475 4.67 -6.13 74.40
N PRO C 476 5.88 -6.52 74.80
CA PRO C 476 6.62 -7.57 74.08
C PRO C 476 6.12 -8.94 74.49
N CYS C 477 5.42 -9.61 73.58
CA CYS C 477 4.86 -10.94 73.84
C CYS C 477 5.78 -11.98 73.22
N ASN C 478 6.65 -12.56 74.04
CA ASN C 478 7.50 -13.68 73.64
C ASN C 478 6.77 -15.01 73.71
N GLY C 479 5.45 -14.97 73.78
CA GLY C 479 4.62 -16.17 73.89
C GLY C 479 3.95 -16.25 75.25
N VAL C 480 2.70 -15.80 75.30
CA VAL C 480 1.89 -15.80 76.52
C VAL C 480 0.44 -15.67 76.10
N ALA C 481 -0.47 -16.12 76.96
CA ALA C 481 -1.91 -16.01 76.71
C ALA C 481 -2.59 -15.43 77.94
N GLY C 482 -2.56 -14.10 78.06
CA GLY C 482 -3.43 -13.42 79.02
C GLY C 482 -3.44 -11.91 78.93
N PHE C 483 -4.63 -11.35 78.77
CA PHE C 483 -4.92 -9.93 78.98
C PHE C 483 -4.21 -9.01 78.00
N ASN C 484 -3.28 -9.54 77.20
CA ASN C 484 -2.61 -8.72 76.17
C ASN C 484 -2.39 -9.44 74.85
N CYS C 485 -2.34 -10.76 74.83
CA CYS C 485 -1.99 -11.50 73.61
C CYS C 485 -2.73 -12.82 73.63
N TYR C 486 -3.50 -13.08 72.57
CA TYR C 486 -4.37 -14.24 72.51
C TYR C 486 -4.12 -15.00 71.20
N PHE C 487 -4.75 -16.16 71.09
CA PHE C 487 -4.65 -16.97 69.90
C PHE C 487 -5.37 -16.29 68.75
N PRO C 488 -4.67 -15.87 67.69
CA PRO C 488 -5.35 -15.18 66.57
C PRO C 488 -6.20 -16.10 65.71
N LEU C 489 -6.35 -17.38 66.07
CA LEU C 489 -7.12 -18.33 65.29
C LEU C 489 -8.27 -18.86 66.13
N ARG C 490 -9.40 -19.14 65.46
CA ARG C 490 -10.58 -19.64 66.13
C ARG C 490 -11.32 -20.58 65.18
N SER C 491 -11.72 -21.74 65.70
CA SER C 491 -12.37 -22.75 64.88
C SER C 491 -13.86 -22.43 64.71
N TYR C 492 -14.47 -23.12 63.75
CA TYR C 492 -15.90 -22.98 63.48
C TYR C 492 -16.69 -23.87 64.45
N SER C 493 -17.99 -23.94 64.24
CA SER C 493 -18.87 -24.76 65.07
C SER C 493 -19.85 -25.54 64.17
N PHE C 494 -19.31 -26.15 63.13
CA PHE C 494 -20.14 -26.90 62.19
C PHE C 494 -20.65 -28.17 62.83
N ARG C 495 -21.97 -28.33 62.86
CA ARG C 495 -22.62 -29.52 63.40
C ARG C 495 -23.69 -30.01 62.43
N PRO C 496 -23.88 -31.33 62.34
CA PRO C 496 -24.90 -31.84 61.41
C PRO C 496 -26.31 -31.40 61.75
N THR C 497 -26.64 -31.28 63.04
CA THR C 497 -27.98 -30.89 63.45
C THR C 497 -28.15 -29.38 63.43
N TYR C 498 -27.82 -28.76 62.30
CA TYR C 498 -27.98 -27.31 62.14
C TYR C 498 -28.75 -27.00 60.87
N GLY C 499 -28.90 -25.71 60.55
CA GLY C 499 -29.57 -25.27 59.36
C GLY C 499 -28.61 -24.65 58.35
N VAL C 500 -29.13 -24.43 57.15
CA VAL C 500 -28.32 -23.83 56.09
C VAL C 500 -27.96 -22.40 56.46
N GLY C 501 -26.80 -21.95 55.98
CA GLY C 501 -26.24 -20.65 56.30
C GLY C 501 -25.00 -20.73 57.17
N HIS C 502 -24.93 -21.73 58.06
CA HIS C 502 -23.76 -21.96 58.90
C HIS C 502 -23.21 -23.37 58.68
N GLN C 503 -23.36 -23.89 57.47
CA GLN C 503 -22.92 -25.22 57.09
C GLN C 503 -21.61 -25.15 56.31
N PRO C 504 -20.86 -26.26 56.23
CA PRO C 504 -19.62 -26.25 55.44
C PRO C 504 -19.88 -26.09 53.94
N TYR C 505 -19.45 -24.97 53.38
CA TYR C 505 -19.58 -24.69 51.96
C TYR C 505 -18.18 -24.61 51.35
N ARG C 506 -17.90 -25.52 50.42
CA ARG C 506 -16.61 -25.53 49.73
C ARG C 506 -16.69 -24.60 48.53
N VAL C 507 -15.81 -23.60 48.51
CA VAL C 507 -15.77 -22.60 47.45
C VAL C 507 -14.42 -22.72 46.75
N VAL C 508 -14.45 -22.85 45.41
CA VAL C 508 -13.25 -22.98 44.61
C VAL C 508 -13.30 -21.93 43.51
N VAL C 509 -12.25 -21.12 43.42
CA VAL C 509 -12.12 -20.10 42.38
C VAL C 509 -11.06 -20.55 41.40
N LEU C 510 -11.22 -20.11 40.15
CA LEU C 510 -10.32 -20.46 39.05
C LEU C 510 -9.82 -19.16 38.43
N SER C 511 -8.74 -18.63 38.98
CA SER C 511 -8.18 -17.39 38.47
C SER C 511 -7.49 -17.63 37.13
N PHE C 512 -7.73 -16.73 36.18
CA PHE C 512 -7.11 -16.79 34.86
C PHE C 512 -6.07 -15.69 34.72
N GLU C 513 -5.08 -15.94 33.87
CA GLU C 513 -4.01 -14.97 33.64
C GLU C 513 -3.49 -15.12 32.22
N LEU C 514 -2.96 -14.03 31.69
CA LEU C 514 -2.35 -14.01 30.34
C LEU C 514 -1.11 -13.14 30.41
N LEU C 515 0.04 -13.77 30.69
CA LEU C 515 1.31 -13.09 30.73
C LEU C 515 1.98 -13.17 29.36
N HIS C 516 3.26 -12.79 29.29
CA HIS C 516 4.02 -12.85 28.04
C HIS C 516 4.55 -14.28 27.81
N ALA C 517 3.61 -15.22 27.82
CA ALA C 517 3.90 -16.63 27.63
C ALA C 517 2.83 -17.25 26.73
N PRO C 518 3.20 -18.24 25.93
CA PRO C 518 2.20 -18.87 25.05
C PRO C 518 1.11 -19.56 25.85
N ALA C 519 -0.12 -19.43 25.37
CA ALA C 519 -1.27 -20.03 26.04
C ALA C 519 -1.27 -21.54 25.85
N THR C 520 -1.46 -22.27 26.95
CA THR C 520 -1.48 -23.72 26.92
C THR C 520 -2.91 -24.28 26.91
N VAL C 521 -3.71 -23.91 27.89
CA VAL C 521 -5.10 -24.40 27.97
C VAL C 521 -5.98 -23.54 27.08
N CYS C 522 -6.74 -24.18 26.20
CA CYS C 522 -7.65 -23.50 25.30
C CYS C 522 -9.09 -23.92 25.50
N GLY C 523 -9.37 -25.22 25.56
CA GLY C 523 -10.71 -25.71 25.73
C GLY C 523 -11.07 -26.74 24.67
N PRO C 524 -12.36 -27.09 24.62
CA PRO C 524 -12.80 -28.09 23.64
C PRO C 524 -12.68 -27.58 22.22
N LYS C 525 -12.67 -28.54 21.28
CA LYS C 525 -12.61 -28.23 19.86
C LYS C 525 -13.56 -29.17 19.14
N LYS C 526 -14.60 -28.60 18.53
CA LYS C 526 -15.58 -29.40 17.81
C LYS C 526 -14.96 -30.03 16.56
N SER C 527 -15.40 -31.25 16.25
CA SER C 527 -14.90 -31.98 15.09
C SER C 527 -16.04 -32.75 14.46
N THR C 528 -16.34 -32.46 13.20
CA THR C 528 -17.40 -33.13 12.47
C THR C 528 -16.83 -34.32 11.70
N ASN C 529 -17.65 -34.92 10.84
CA ASN C 529 -17.22 -36.06 10.05
C ASN C 529 -16.50 -35.56 8.80
N LEU C 530 -16.21 -36.46 7.86
CA LEU C 530 -15.50 -36.13 6.63
C LEU C 530 -16.26 -36.72 5.45
N VAL C 531 -16.60 -35.86 4.49
CA VAL C 531 -17.26 -36.28 3.26
C VAL C 531 -16.20 -36.58 2.22
N LYS C 532 -16.32 -37.73 1.56
CA LYS C 532 -15.37 -38.17 0.56
C LYS C 532 -15.96 -38.03 -0.84
N ASN C 533 -15.11 -37.65 -1.80
CA ASN C 533 -15.50 -37.51 -3.20
C ASN C 533 -16.63 -36.49 -3.37
N LYS C 534 -16.39 -35.29 -2.84
CA LYS C 534 -17.34 -34.20 -2.95
C LYS C 534 -16.63 -32.89 -2.69
N CYS C 535 -16.83 -31.92 -3.58
CA CYS C 535 -16.22 -30.60 -3.43
C CYS C 535 -16.87 -29.86 -2.28
N VAL C 536 -16.16 -29.77 -1.16
CA VAL C 536 -16.64 -29.10 0.05
C VAL C 536 -15.49 -28.32 0.68
N ASN C 537 -15.81 -27.57 1.73
CA ASN C 537 -14.83 -26.78 2.45
C ASN C 537 -14.18 -27.61 3.54
N PHE C 538 -12.96 -27.20 3.92
CA PHE C 538 -12.22 -27.84 4.98
C PHE C 538 -11.48 -26.79 5.79
N ASN C 539 -11.35 -27.06 7.09
CA ASN C 539 -10.72 -26.17 8.07
C ASN C 539 -9.76 -26.97 8.95
N PHE C 540 -8.88 -27.74 8.32
CA PHE C 540 -8.02 -28.68 9.02
C PHE C 540 -6.90 -27.92 9.72
N ASN C 541 -7.03 -27.75 11.04
CA ASN C 541 -5.99 -27.17 11.89
C ASN C 541 -5.50 -25.83 11.35
N GLY C 542 -6.46 -24.92 11.15
CA GLY C 542 -6.14 -23.60 10.66
C GLY C 542 -6.03 -23.55 9.15
N LEU C 543 -5.62 -24.66 8.54
CA LEU C 543 -5.51 -24.75 7.08
C LEU C 543 -6.92 -24.79 6.51
N LYS C 544 -7.37 -23.66 5.98
CA LYS C 544 -8.71 -23.52 5.44
C LYS C 544 -8.67 -23.51 3.91
N GLY C 545 -9.74 -24.02 3.32
CA GLY C 545 -9.83 -24.01 1.87
C GLY C 545 -11.02 -24.83 1.41
N THR C 546 -11.03 -25.13 0.11
CA THR C 546 -12.07 -25.93 -0.50
C THR C 546 -11.43 -26.96 -1.43
N GLY C 547 -12.12 -28.08 -1.62
CA GLY C 547 -11.61 -29.11 -2.50
C GLY C 547 -12.39 -30.40 -2.33
N VAL C 548 -11.90 -31.42 -3.02
CA VAL C 548 -12.51 -32.74 -3.04
C VAL C 548 -11.59 -33.67 -2.26
N LEU C 549 -11.95 -33.97 -1.02
CA LEU C 549 -11.14 -34.86 -0.18
C LEU C 549 -11.24 -36.28 -0.72
N THR C 550 -10.18 -36.75 -1.37
CA THR C 550 -10.14 -38.08 -1.95
C THR C 550 -9.12 -38.94 -1.21
N GLU C 551 -9.14 -40.24 -1.51
CA GLU C 551 -8.22 -41.19 -0.91
C GLU C 551 -6.95 -41.27 -1.75
N SER C 552 -5.81 -40.96 -1.12
CA SER C 552 -4.52 -40.96 -1.78
C SER C 552 -3.67 -42.12 -1.29
N ASN C 553 -2.56 -42.35 -1.99
CA ASN C 553 -1.61 -43.41 -1.66
C ASN C 553 -0.23 -42.84 -1.35
N LYS C 554 -0.19 -41.64 -0.78
CA LYS C 554 1.08 -41.01 -0.44
C LYS C 554 1.59 -41.51 0.90
N LYS C 555 2.91 -41.68 0.99
CA LYS C 555 3.55 -42.18 2.22
C LYS C 555 4.17 -40.99 2.94
N PHE C 556 3.37 -40.35 3.81
CA PHE C 556 3.85 -39.23 4.58
C PHE C 556 4.74 -39.71 5.72
N LEU C 557 5.63 -38.82 6.16
CA LEU C 557 6.49 -39.12 7.29
C LEU C 557 5.70 -39.05 8.59
N PRO C 558 6.13 -39.78 9.63
CA PRO C 558 5.34 -39.81 10.88
C PRO C 558 5.25 -38.47 11.60
N PHE C 559 6.06 -37.47 11.20
CA PHE C 559 5.98 -36.16 11.81
C PHE C 559 5.31 -35.11 10.94
N GLN C 560 5.25 -35.33 9.62
CA GLN C 560 4.65 -34.36 8.73
C GLN C 560 3.13 -34.38 8.84
N GLN C 561 2.53 -33.20 8.85
CA GLN C 561 1.08 -33.04 8.94
C GLN C 561 0.47 -32.47 7.66
N PHE C 562 0.99 -31.35 7.19
CA PHE C 562 0.47 -30.72 5.98
C PHE C 562 1.25 -31.23 4.77
N GLY C 563 1.04 -30.60 3.62
CA GLY C 563 1.73 -30.98 2.40
C GLY C 563 1.49 -30.00 1.27
N ARG C 564 2.55 -29.65 0.55
CA ARG C 564 2.47 -28.67 -0.53
C ARG C 564 2.85 -29.34 -1.85
N ASP C 565 2.94 -28.52 -2.90
CA ASP C 565 3.25 -28.98 -4.25
C ASP C 565 4.56 -28.34 -4.71
N ILE C 566 4.86 -28.51 -6.00
CA ILE C 566 6.08 -27.96 -6.57
C ILE C 566 6.14 -26.44 -6.38
N ALA C 567 5.01 -25.76 -6.60
CA ALA C 567 4.96 -24.29 -6.56
C ALA C 567 3.82 -23.82 -5.64
N ASP C 568 4.09 -23.83 -4.34
CA ASP C 568 3.31 -23.12 -3.32
C ASP C 568 1.80 -23.34 -3.48
N THR C 569 1.39 -24.59 -3.26
CA THR C 569 -0.03 -24.92 -3.26
C THR C 569 -0.23 -26.20 -2.45
N THR C 570 -1.14 -26.15 -1.48
CA THR C 570 -1.43 -27.33 -0.67
C THR C 570 -2.14 -28.37 -1.52
N ASP C 571 -1.64 -29.61 -1.47
CA ASP C 571 -2.19 -30.71 -2.25
C ASP C 571 -2.73 -31.86 -1.41
N ALA C 572 -2.15 -32.12 -0.24
CA ALA C 572 -2.59 -33.22 0.59
C ALA C 572 -2.20 -32.95 2.03
N VAL C 573 -3.08 -33.33 2.96
CA VAL C 573 -2.85 -33.12 4.38
C VAL C 573 -3.14 -34.42 5.12
N ARG C 574 -2.69 -34.47 6.38
CA ARG C 574 -2.92 -35.61 7.26
C ARG C 574 -4.12 -35.30 8.15
N ASP C 575 -5.03 -36.26 8.27
CA ASP C 575 -6.22 -36.07 9.09
C ASP C 575 -5.81 -36.04 10.57
N PRO C 576 -6.22 -35.00 11.32
CA PRO C 576 -5.91 -34.99 12.76
C PRO C 576 -6.54 -36.15 13.52
N GLN C 577 -7.55 -36.81 12.94
CA GLN C 577 -8.14 -38.00 13.52
C GLN C 577 -7.24 -39.21 13.23
N THR C 578 -7.81 -40.42 13.34
CA THR C 578 -7.08 -41.64 13.02
C THR C 578 -6.31 -41.49 11.72
N LEU C 579 -5.11 -42.07 11.70
CA LEU C 579 -4.16 -41.87 10.61
C LEU C 579 -4.73 -42.28 9.26
N GLU C 580 -4.92 -41.31 8.37
CA GLU C 580 -5.40 -41.55 7.03
C GLU C 580 -4.82 -40.50 6.10
N ILE C 581 -4.28 -40.94 4.97
CA ILE C 581 -3.64 -40.03 4.02
C ILE C 581 -4.68 -39.61 2.99
N LEU C 582 -5.08 -38.35 3.04
CA LEU C 582 -6.07 -37.79 2.13
C LEU C 582 -5.38 -37.00 1.02
N ASP C 583 -6.19 -36.57 0.05
CA ASP C 583 -5.72 -35.77 -1.07
C ASP C 583 -6.72 -34.64 -1.31
N ILE C 584 -6.22 -33.43 -1.42
CA ILE C 584 -7.04 -32.24 -1.61
C ILE C 584 -6.81 -31.74 -3.04
N THR C 585 -7.78 -32.01 -3.91
CA THR C 585 -7.76 -31.48 -5.26
C THR C 585 -8.78 -30.37 -5.38
N PRO C 586 -8.44 -29.24 -6.01
CA PRO C 586 -9.38 -28.12 -6.09
C PRO C 586 -10.70 -28.51 -6.74
N CYS C 587 -11.71 -27.67 -6.49
CA CYS C 587 -13.06 -27.94 -6.93
C CYS C 587 -13.16 -27.94 -8.45
N SER C 588 -14.32 -28.33 -8.95
CA SER C 588 -14.55 -28.41 -10.40
C SER C 588 -14.85 -27.02 -10.95
N PHE C 589 -14.00 -26.55 -11.86
CA PHE C 589 -14.18 -25.27 -12.51
C PHE C 589 -13.73 -25.37 -13.96
N GLY C 590 -14.27 -24.50 -14.80
CA GLY C 590 -13.89 -24.52 -16.20
C GLY C 590 -14.45 -23.33 -16.93
N GLY C 591 -14.10 -23.24 -18.21
CA GLY C 591 -14.59 -22.20 -19.09
C GLY C 591 -15.73 -22.71 -19.96
N VAL C 592 -16.75 -21.89 -20.12
CA VAL C 592 -17.93 -22.23 -20.90
C VAL C 592 -17.82 -21.53 -22.25
N SER C 593 -17.88 -22.31 -23.32
CA SER C 593 -17.85 -21.78 -24.68
C SER C 593 -19.14 -22.14 -25.39
N VAL C 594 -19.57 -21.27 -26.30
CA VAL C 594 -20.80 -21.46 -27.06
C VAL C 594 -20.45 -21.54 -28.54
N ILE C 595 -20.83 -22.65 -29.17
CA ILE C 595 -20.68 -22.83 -30.61
C ILE C 595 -22.00 -22.49 -31.26
N THR C 596 -21.99 -21.55 -32.20
CA THR C 596 -23.20 -21.05 -32.83
C THR C 596 -22.99 -20.97 -34.33
N PRO C 597 -23.90 -21.52 -35.14
CA PRO C 597 -23.76 -21.42 -36.60
C PRO C 597 -24.09 -20.05 -37.16
N GLY C 598 -24.40 -19.07 -36.32
CA GLY C 598 -24.72 -17.74 -36.79
C GLY C 598 -26.21 -17.45 -36.71
N THR C 599 -26.55 -16.20 -36.42
CA THR C 599 -27.94 -15.79 -36.31
C THR C 599 -28.49 -15.43 -37.69
N ASN C 600 -28.37 -16.36 -38.64
CA ASN C 600 -28.89 -16.17 -39.98
C ASN C 600 -29.64 -17.38 -40.52
N THR C 601 -29.50 -18.55 -39.91
CA THR C 601 -30.18 -19.76 -40.34
C THR C 601 -30.99 -20.43 -39.25
N SER C 602 -30.51 -20.39 -38.01
CA SER C 602 -31.21 -21.02 -36.90
C SER C 602 -30.71 -20.39 -35.59
N ASN C 603 -31.18 -20.93 -34.47
CA ASN C 603 -30.79 -20.44 -33.16
C ASN C 603 -30.26 -21.55 -32.26
N GLN C 604 -30.10 -22.77 -32.76
CA GLN C 604 -29.59 -23.86 -31.95
C GLN C 604 -28.09 -23.70 -31.73
N VAL C 605 -27.68 -23.76 -30.47
CA VAL C 605 -26.28 -23.58 -30.09
C VAL C 605 -25.82 -24.80 -29.31
N ALA C 606 -24.50 -24.93 -29.19
CA ALA C 606 -23.88 -26.00 -28.41
C ALA C 606 -23.06 -25.38 -27.29
N VAL C 607 -23.06 -26.04 -26.13
CA VAL C 607 -22.37 -25.54 -24.95
C VAL C 607 -21.24 -26.52 -24.62
N LEU C 608 -20.01 -26.00 -24.55
CA LEU C 608 -18.84 -26.80 -24.22
C LEU C 608 -18.29 -26.34 -22.87
N TYR C 609 -18.25 -27.25 -21.91
CA TYR C 609 -17.64 -27.02 -20.61
C TYR C 609 -16.25 -27.62 -20.61
N GLN C 610 -15.24 -26.78 -20.39
CA GLN C 610 -13.86 -27.24 -20.42
C GLN C 610 -13.45 -27.81 -19.07
N GLY C 611 -12.73 -28.93 -19.11
CA GLY C 611 -12.24 -29.56 -17.90
C GLY C 611 -13.32 -30.22 -17.06
N VAL C 612 -14.03 -31.18 -17.66
CA VAL C 612 -15.08 -31.92 -16.96
C VAL C 612 -15.34 -33.20 -17.73
N ASN C 613 -15.87 -34.16 -16.99
CA ASN C 613 -15.98 -35.52 -17.40
C ASN C 613 -17.45 -35.82 -17.52
N CYS C 614 -18.17 -34.84 -18.02
CA CYS C 614 -19.62 -34.94 -18.23
C CYS C 614 -20.36 -35.48 -17.01
N THR C 615 -19.70 -35.59 -15.85
CA THR C 615 -20.33 -36.14 -14.66
C THR C 615 -20.17 -35.22 -13.45
N GLU C 616 -19.81 -33.96 -13.69
CA GLU C 616 -19.62 -33.01 -12.58
C GLU C 616 -20.18 -31.63 -12.89
N VAL C 617 -20.93 -31.48 -13.99
CA VAL C 617 -21.50 -30.19 -14.34
C VAL C 617 -22.63 -29.82 -13.39
N ASN C 638 -27.73 -34.13 -27.20
CA ASN C 638 -26.92 -35.23 -26.66
C ASN C 638 -25.78 -34.70 -25.80
N VAL C 639 -24.99 -35.62 -25.25
CA VAL C 639 -23.87 -35.28 -24.38
C VAL C 639 -22.66 -36.09 -24.86
N PHE C 640 -21.56 -35.40 -25.16
CA PHE C 640 -20.35 -36.04 -25.63
C PHE C 640 -19.17 -35.60 -24.77
N GLN C 641 -18.20 -36.49 -24.61
CA GLN C 641 -17.00 -36.24 -23.83
C GLN C 641 -15.79 -36.29 -24.75
N THR C 642 -15.13 -35.15 -24.95
CA THR C 642 -13.94 -35.07 -25.78
C THR C 642 -12.78 -34.57 -24.95
N ARG C 643 -11.59 -34.57 -25.56
CA ARG C 643 -10.38 -34.11 -24.87
C ARG C 643 -10.46 -32.63 -24.49
N ALA C 644 -11.37 -31.87 -25.09
CA ALA C 644 -11.57 -30.47 -24.71
C ALA C 644 -12.54 -30.31 -23.56
N GLY C 645 -13.34 -31.35 -23.26
CA GLY C 645 -14.29 -31.26 -22.16
C GLY C 645 -15.58 -32.01 -22.43
N CYS C 646 -16.71 -31.36 -22.11
CA CYS C 646 -18.02 -31.96 -22.29
C CYS C 646 -18.86 -31.04 -23.18
N LEU C 647 -19.38 -31.61 -24.28
CA LEU C 647 -20.18 -30.87 -25.24
C LEU C 647 -21.64 -31.31 -25.12
N ILE C 648 -22.54 -30.33 -25.05
CA ILE C 648 -23.97 -30.58 -24.95
C ILE C 648 -24.68 -29.79 -26.04
N GLY C 649 -25.47 -30.47 -26.86
CA GLY C 649 -26.21 -29.80 -27.91
C GLY C 649 -25.99 -30.39 -29.28
N ALA C 650 -24.92 -31.16 -29.43
CA ALA C 650 -24.57 -31.78 -30.70
C ALA C 650 -24.45 -33.30 -30.53
N GLU C 651 -24.30 -33.99 -31.65
CA GLU C 651 -24.15 -35.43 -31.68
C GLU C 651 -22.91 -35.79 -32.49
N TYR C 652 -22.16 -36.79 -32.01
CA TYR C 652 -20.92 -37.20 -32.67
C TYR C 652 -21.26 -38.20 -33.76
N VAL C 653 -21.30 -37.71 -35.00
CA VAL C 653 -21.55 -38.58 -36.15
C VAL C 653 -20.26 -39.29 -36.53
N ASN C 654 -20.39 -40.55 -36.96
CA ASN C 654 -19.24 -41.36 -37.33
C ASN C 654 -18.70 -41.04 -38.71
N ASN C 655 -19.22 -40.01 -39.37
CA ASN C 655 -18.74 -39.62 -40.69
C ASN C 655 -17.53 -38.69 -40.54
N SER C 656 -17.08 -38.11 -41.64
CA SER C 656 -15.93 -37.22 -41.63
C SER C 656 -16.08 -36.18 -42.73
N TYR C 657 -15.96 -34.91 -42.36
CA TYR C 657 -16.06 -33.80 -43.29
C TYR C 657 -14.99 -32.77 -42.94
N GLU C 658 -14.95 -31.70 -43.73
CA GLU C 658 -14.02 -30.61 -43.44
C GLU C 658 -14.47 -29.83 -42.21
N CYS C 659 -13.50 -29.27 -41.50
CA CYS C 659 -13.80 -28.52 -40.29
C CYS C 659 -14.40 -27.17 -40.61
N ASP C 660 -15.46 -26.81 -39.89
CA ASP C 660 -16.11 -25.51 -40.02
C ASP C 660 -15.94 -24.66 -38.77
N ILE C 661 -16.18 -25.22 -37.59
CA ILE C 661 -15.99 -24.50 -36.33
C ILE C 661 -14.97 -25.27 -35.50
N PRO C 662 -13.75 -24.77 -35.35
CA PRO C 662 -12.72 -25.51 -34.60
C PRO C 662 -13.04 -25.53 -33.11
N ILE C 663 -13.16 -26.73 -32.55
CA ILE C 663 -13.43 -26.90 -31.13
C ILE C 663 -12.22 -27.45 -30.37
N GLY C 664 -11.38 -28.25 -31.01
CA GLY C 664 -10.23 -28.82 -30.34
C GLY C 664 -10.16 -30.32 -30.44
N ALA C 665 -8.96 -30.88 -30.27
CA ALA C 665 -8.72 -32.32 -30.33
C ALA C 665 -9.17 -32.93 -31.65
N GLY C 666 -9.16 -32.14 -32.71
CA GLY C 666 -9.54 -32.62 -34.02
C GLY C 666 -11.01 -32.95 -34.18
N ILE C 667 -11.87 -32.34 -33.36
CA ILE C 667 -13.30 -32.58 -33.41
C ILE C 667 -13.98 -31.23 -33.64
N CYS C 668 -14.50 -31.01 -34.84
CA CYS C 668 -15.18 -29.78 -35.17
C CYS C 668 -16.70 -30.02 -35.22
N ALA C 669 -17.45 -28.96 -35.51
CA ALA C 669 -18.89 -29.03 -35.55
C ALA C 669 -19.40 -28.24 -36.75
N SER C 670 -20.61 -28.59 -37.19
CA SER C 670 -21.25 -27.92 -38.30
C SER C 670 -22.76 -27.97 -38.11
N TYR C 671 -23.48 -27.29 -39.00
CA TYR C 671 -24.95 -27.26 -38.99
C TYR C 671 -25.42 -27.96 -40.26
N GLN C 672 -25.90 -29.20 -40.11
CA GLN C 672 -26.25 -30.00 -41.28
C GLN C 672 -27.66 -30.55 -41.19
N THR C 673 -28.03 -31.43 -42.11
CA THR C 673 -29.35 -32.03 -42.13
C THR C 673 -29.36 -33.36 -41.36
N SER C 686 -33.39 -33.54 -40.57
CA SER C 686 -33.58 -32.45 -39.61
C SER C 686 -32.31 -31.63 -39.46
N GLN C 687 -32.43 -30.32 -39.67
CA GLN C 687 -31.28 -29.43 -39.56
C GLN C 687 -30.89 -29.25 -38.09
N SER C 688 -29.66 -29.62 -37.76
CA SER C 688 -29.18 -29.54 -36.38
C SER C 688 -27.66 -29.46 -36.40
N ILE C 689 -27.10 -29.21 -35.22
CA ILE C 689 -25.65 -29.11 -35.04
C ILE C 689 -25.09 -30.50 -34.82
N ILE C 690 -24.14 -30.89 -35.66
CA ILE C 690 -23.47 -32.18 -35.55
C ILE C 690 -22.00 -31.94 -35.28
N ALA C 691 -21.36 -32.93 -34.66
CA ALA C 691 -19.94 -32.90 -34.36
C ALA C 691 -19.25 -34.08 -35.03
N TYR C 692 -18.04 -33.84 -35.54
CA TYR C 692 -17.35 -34.88 -36.31
C TYR C 692 -15.86 -34.61 -36.29
N THR C 693 -15.09 -35.68 -36.48
CA THR C 693 -13.65 -35.57 -36.61
C THR C 693 -13.29 -34.93 -37.93
N MET C 694 -12.23 -34.11 -37.92
CA MET C 694 -11.83 -33.41 -39.13
C MET C 694 -11.33 -34.39 -40.19
N SER C 695 -11.44 -33.97 -41.44
CA SER C 695 -10.96 -34.74 -42.58
C SER C 695 -9.73 -34.04 -43.16
N LEU C 696 -8.62 -34.76 -43.22
CA LEU C 696 -7.36 -34.21 -43.70
C LEU C 696 -7.27 -34.17 -45.21
N GLY C 697 -8.38 -34.38 -45.92
CA GLY C 697 -8.38 -34.36 -47.37
C GLY C 697 -8.91 -35.64 -47.98
N ALA C 698 -8.57 -35.88 -49.24
CA ALA C 698 -9.03 -37.08 -49.94
C ALA C 698 -8.15 -38.27 -49.54
N GLU C 699 -8.31 -39.39 -50.24
CA GLU C 699 -7.54 -40.61 -49.99
C GLU C 699 -7.03 -41.11 -51.34
N ASN C 700 -5.85 -40.64 -51.72
CA ASN C 700 -5.24 -40.99 -53.00
C ASN C 700 -3.94 -41.75 -52.77
N SER C 701 -3.69 -42.76 -53.60
CA SER C 701 -2.49 -43.58 -53.51
C SER C 701 -1.78 -43.54 -54.86
N VAL C 702 -0.57 -42.98 -54.88
CA VAL C 702 0.21 -42.91 -56.11
C VAL C 702 0.76 -44.30 -56.43
N ALA C 703 0.57 -44.74 -57.66
CA ALA C 703 1.01 -46.07 -58.10
C ALA C 703 2.48 -45.97 -58.50
N TYR C 704 3.37 -46.16 -57.53
CA TYR C 704 4.79 -46.13 -57.79
C TYR C 704 5.25 -47.43 -58.45
N SER C 705 6.19 -47.31 -59.39
CA SER C 705 6.70 -48.48 -60.09
C SER C 705 8.09 -48.15 -60.62
N ASN C 706 8.84 -49.13 -61.02
CA ASN C 706 10.16 -48.86 -61.47
C ASN C 706 10.14 -48.32 -62.89
N ASN C 707 9.15 -48.67 -63.68
CA ASN C 707 9.00 -48.10 -65.02
C ASN C 707 7.59 -47.52 -65.14
N SER C 708 7.44 -46.27 -64.72
CA SER C 708 6.15 -45.60 -64.77
C SER C 708 6.38 -44.09 -64.64
N ILE C 709 5.85 -43.33 -65.59
CA ILE C 709 6.00 -41.88 -65.60
C ILE C 709 4.67 -41.25 -66.00
N ALA C 710 4.31 -40.15 -65.34
CA ALA C 710 3.09 -39.42 -65.63
C ALA C 710 3.48 -38.08 -66.25
N ILE C 711 3.26 -37.94 -67.54
CA ILE C 711 3.58 -36.73 -68.29
C ILE C 711 2.28 -36.01 -68.61
N PRO C 712 2.14 -34.73 -68.29
CA PRO C 712 0.90 -34.02 -68.60
C PRO C 712 0.67 -33.90 -70.10
N THR C 713 -0.60 -33.85 -70.49
CA THR C 713 -0.99 -33.72 -71.88
C THR C 713 -1.78 -32.46 -72.19
N ASN C 714 -2.18 -31.72 -71.16
CA ASN C 714 -2.96 -30.51 -71.35
C ASN C 714 -2.91 -29.58 -70.18
N PHE C 715 -2.79 -28.31 -70.50
CA PHE C 715 -2.53 -27.30 -69.49
C PHE C 715 -3.83 -26.63 -69.06
N THR C 716 -3.87 -26.24 -67.79
CA THR C 716 -5.03 -25.62 -67.16
C THR C 716 -4.62 -24.39 -66.36
N ILE C 717 -3.86 -23.50 -67.02
CA ILE C 717 -3.38 -22.27 -66.38
C ILE C 717 -4.53 -21.55 -65.71
N SER C 718 -4.37 -21.26 -64.42
CA SER C 718 -5.39 -20.59 -63.62
C SER C 718 -4.81 -19.31 -63.03
N VAL C 719 -5.67 -18.58 -62.32
CA VAL C 719 -5.28 -17.33 -61.67
C VAL C 719 -5.78 -17.39 -60.23
N THR C 720 -4.87 -17.34 -59.28
CA THR C 720 -5.20 -17.29 -57.86
C THR C 720 -5.00 -15.88 -57.33
N THR C 721 -5.53 -15.63 -56.14
CA THR C 721 -5.47 -14.32 -55.52
C THR C 721 -4.99 -14.44 -54.07
N GLU C 722 -4.14 -13.50 -53.66
CA GLU C 722 -3.69 -13.42 -52.28
C GLU C 722 -3.77 -11.97 -51.81
N ILE C 723 -4.00 -11.80 -50.52
CA ILE C 723 -4.19 -10.49 -49.92
C ILE C 723 -3.10 -10.27 -48.88
N LEU C 724 -2.58 -9.03 -48.81
CA LEU C 724 -1.52 -8.71 -47.86
C LEU C 724 -1.69 -7.30 -47.31
N PRO C 725 -1.78 -7.15 -45.99
CA PRO C 725 -1.83 -5.80 -45.41
C PRO C 725 -0.51 -5.07 -45.60
N VAL C 726 -0.59 -3.80 -45.95
CA VAL C 726 0.60 -3.01 -46.26
C VAL C 726 0.71 -1.83 -45.31
N SER C 727 -0.42 -1.33 -44.83
CA SER C 727 -0.42 -0.12 -44.02
C SER C 727 -1.49 -0.23 -42.93
N MET C 728 -1.35 0.64 -41.93
CA MET C 728 -2.27 0.71 -40.81
C MET C 728 -2.62 2.17 -40.55
N THR C 729 -3.75 2.39 -39.88
CA THR C 729 -4.17 3.74 -39.55
C THR C 729 -3.19 4.38 -38.56
N LYS C 730 -2.91 5.66 -38.79
CA LYS C 730 -1.97 6.43 -37.98
C LYS C 730 -2.78 7.19 -36.93
N THR C 731 -2.57 6.83 -35.66
CA THR C 731 -3.28 7.44 -34.54
C THR C 731 -2.35 8.36 -33.75
N SER C 732 -2.96 9.30 -33.05
CA SER C 732 -2.22 10.23 -32.19
C SER C 732 -3.09 10.60 -31.01
N VAL C 733 -2.49 10.56 -29.81
CA VAL C 733 -3.21 10.83 -28.58
C VAL C 733 -2.70 12.15 -28.00
N ASP C 734 -3.35 12.59 -26.92
CA ASP C 734 -2.96 13.82 -26.24
C ASP C 734 -3.34 13.73 -24.77
N CYS C 735 -2.39 14.06 -23.89
CA CYS C 735 -2.66 14.00 -22.47
C CYS C 735 -3.60 15.11 -22.01
N THR C 736 -3.54 16.28 -22.64
CA THR C 736 -4.36 17.40 -22.22
C THR C 736 -5.84 17.20 -22.54
N MET C 737 -6.19 16.20 -23.33
CA MET C 737 -7.58 15.90 -23.66
C MET C 737 -8.04 14.54 -23.17
N TYR C 738 -7.16 13.53 -23.19
CA TYR C 738 -7.55 12.20 -22.74
C TYR C 738 -7.45 12.07 -21.22
N ILE C 739 -6.30 12.46 -20.66
CA ILE C 739 -6.12 12.35 -19.21
C ILE C 739 -7.01 13.36 -18.49
N CYS C 740 -6.99 14.61 -18.93
CA CYS C 740 -7.79 15.67 -18.35
C CYS C 740 -8.81 16.17 -19.37
N GLY C 741 -10.02 16.45 -18.91
CA GLY C 741 -11.05 16.95 -19.79
C GLY C 741 -11.74 18.20 -19.27
N ASP C 742 -11.59 19.31 -20.01
CA ASP C 742 -12.21 20.59 -19.68
C ASP C 742 -11.90 21.06 -18.27
N SER C 743 -10.70 20.75 -17.77
CA SER C 743 -10.30 21.12 -16.42
C SER C 743 -8.97 21.88 -16.46
N THR C 744 -8.63 22.47 -15.32
CA THR C 744 -7.38 23.22 -15.17
C THR C 744 -6.48 22.67 -14.08
N GLU C 745 -7.05 22.25 -12.94
CA GLU C 745 -6.23 21.69 -11.87
C GLU C 745 -5.66 20.33 -12.27
N CYS C 746 -6.39 19.56 -13.08
CA CYS C 746 -5.88 18.28 -13.55
C CYS C 746 -4.63 18.47 -14.40
N SER C 747 -4.64 19.47 -15.28
CA SER C 747 -3.47 19.74 -16.12
C SER C 747 -2.28 20.18 -15.28
N ASN C 748 -2.52 20.89 -14.17
CA ASN C 748 -1.42 21.28 -13.30
C ASN C 748 -0.88 20.10 -12.53
N LEU C 749 -1.75 19.23 -12.04
CA LEU C 749 -1.30 18.04 -11.31
C LEU C 749 -0.60 17.04 -12.23
N LEU C 750 -0.95 17.03 -13.52
CA LEU C 750 -0.31 16.11 -14.45
C LEU C 750 1.15 16.48 -14.70
N LEU C 751 1.50 17.76 -14.55
CA LEU C 751 2.88 18.18 -14.79
C LEU C 751 3.84 17.61 -13.75
N GLN C 752 3.34 17.33 -12.54
CA GLN C 752 4.18 16.76 -11.50
C GLN C 752 4.58 15.32 -11.79
N TYR C 753 3.85 14.64 -12.67
CA TYR C 753 4.20 13.27 -13.03
C TYR C 753 5.44 13.25 -13.91
N GLY C 754 5.90 12.05 -14.23
CA GLY C 754 7.09 11.87 -15.03
C GLY C 754 6.85 12.25 -16.49
N SER C 755 7.84 11.91 -17.31
CA SER C 755 7.79 12.19 -18.75
C SER C 755 7.04 11.10 -19.50
N PHE C 756 5.81 10.83 -19.08
CA PHE C 756 4.97 9.82 -19.71
C PHE C 756 4.06 10.38 -20.79
N CYS C 757 4.07 11.70 -20.99
CA CYS C 757 3.26 12.33 -22.02
C CYS C 757 4.09 12.85 -23.18
N THR C 758 5.41 12.69 -23.15
CA THR C 758 6.27 13.10 -24.25
C THR C 758 6.93 11.92 -24.97
N GLN C 759 7.00 10.75 -24.34
CA GLN C 759 7.54 9.57 -24.99
C GLN C 759 6.49 8.79 -25.76
N LEU C 760 5.24 8.78 -25.27
CA LEU C 760 4.18 8.10 -26.00
C LEU C 760 3.85 8.81 -27.30
N LYS C 761 3.87 10.15 -27.29
CA LYS C 761 3.68 10.89 -28.53
C LYS C 761 4.81 10.62 -29.52
N ARG C 762 6.04 10.49 -29.02
CA ARG C 762 7.16 10.16 -29.90
C ARG C 762 7.01 8.76 -30.47
N ALA C 763 6.54 7.81 -29.65
CA ALA C 763 6.32 6.45 -30.15
C ALA C 763 5.23 6.43 -31.22
N LEU C 764 4.15 7.20 -31.01
CA LEU C 764 3.10 7.26 -32.01
C LEU C 764 3.58 7.93 -33.29
N THR C 765 4.43 8.96 -33.16
CA THR C 765 5.00 9.59 -34.36
C THR C 765 5.90 8.62 -35.11
N GLY C 766 6.67 7.81 -34.37
CA GLY C 766 7.49 6.81 -35.03
C GLY C 766 6.66 5.76 -35.73
N ILE C 767 5.54 5.34 -35.11
CA ILE C 767 4.65 4.38 -35.75
C ILE C 767 4.06 4.98 -37.02
N ALA C 768 3.69 6.27 -36.97
CA ALA C 768 3.12 6.91 -38.15
C ALA C 768 4.16 7.02 -39.27
N VAL C 769 5.40 7.35 -38.93
CA VAL C 769 6.46 7.42 -39.93
C VAL C 769 6.72 6.04 -40.52
N GLU C 770 6.68 5.00 -39.70
CA GLU C 770 6.88 3.64 -40.21
C GLU C 770 5.75 3.25 -41.15
N GLN C 771 4.51 3.60 -40.80
CA GLN C 771 3.37 3.27 -41.66
C GLN C 771 3.44 4.03 -42.98
N ASP C 772 3.92 5.27 -42.94
CA ASP C 772 4.09 6.03 -44.17
C ASP C 772 5.25 5.51 -45.02
N LYS C 773 6.28 4.95 -44.39
CA LYS C 773 7.41 4.39 -45.12
C LYS C 773 7.11 3.02 -45.70
N ASN C 774 6.24 2.24 -45.05
CA ASN C 774 5.88 0.93 -45.58
C ASN C 774 5.17 1.02 -46.92
N THR C 775 4.51 2.14 -47.21
CA THR C 775 3.87 2.31 -48.50
C THR C 775 4.86 2.73 -49.59
N GLN C 776 6.02 3.28 -49.21
CA GLN C 776 7.03 3.68 -50.17
C GLN C 776 7.96 2.53 -50.57
N GLU C 777 7.86 1.39 -49.90
CA GLU C 777 8.69 0.22 -50.22
C GLU C 777 7.93 -0.90 -50.89
N VAL C 778 6.60 -0.81 -50.96
CA VAL C 778 5.77 -1.84 -51.58
C VAL C 778 5.18 -1.34 -52.91
N PHE C 779 4.48 -0.21 -52.88
CA PHE C 779 3.86 0.35 -54.07
C PHE C 779 4.79 1.29 -54.84
N ALA C 780 5.89 1.72 -54.24
CA ALA C 780 6.84 2.63 -54.87
C ALA C 780 8.15 1.89 -55.08
N GLN C 781 8.25 1.19 -56.21
CA GLN C 781 9.47 0.45 -56.55
C GLN C 781 10.01 0.81 -57.92
N VAL C 782 9.37 1.72 -58.65
CA VAL C 782 9.84 2.15 -59.96
C VAL C 782 9.93 3.67 -59.95
N LYS C 783 10.97 4.19 -60.62
CA LYS C 783 11.16 5.64 -60.68
C LYS C 783 10.17 6.29 -61.64
N GLN C 784 10.17 5.85 -62.89
CA GLN C 784 9.29 6.40 -63.89
C GLN C 784 7.88 5.82 -63.75
N ILE C 785 6.90 6.58 -64.25
CA ILE C 785 5.50 6.17 -64.23
C ILE C 785 5.08 5.90 -65.67
N TYR C 786 4.87 4.62 -65.99
CA TYR C 786 4.52 4.22 -67.34
C TYR C 786 3.00 4.24 -67.53
N LYS C 787 2.59 4.33 -68.80
CA LYS C 787 1.19 4.37 -69.16
C LYS C 787 0.91 3.35 -70.26
N THR C 788 -0.33 2.87 -70.28
CA THR C 788 -0.73 1.89 -71.28
C THR C 788 -0.98 2.58 -72.62
N PRO C 789 -0.65 1.93 -73.73
CA PRO C 789 -0.90 2.52 -75.06
C PRO C 789 -2.39 2.62 -75.32
N PRO C 790 -2.80 3.51 -76.25
CA PRO C 790 -4.24 3.63 -76.53
C PRO C 790 -4.84 2.36 -77.14
N ILE C 791 -4.22 1.84 -78.20
CA ILE C 791 -4.70 0.60 -78.79
C ILE C 791 -4.34 -0.56 -77.87
N LYS C 792 -5.34 -1.32 -77.44
CA LYS C 792 -5.17 -2.41 -76.49
C LYS C 792 -5.45 -3.73 -77.22
N TYR C 793 -4.41 -4.28 -77.85
CA TYR C 793 -4.48 -5.58 -78.51
C TYR C 793 -3.25 -6.37 -78.04
N PHE C 794 -3.40 -7.07 -76.93
CA PHE C 794 -2.30 -7.82 -76.32
C PHE C 794 -2.27 -9.27 -76.80
N GLY C 795 -2.28 -9.46 -78.12
CA GLY C 795 -2.22 -10.78 -78.71
C GLY C 795 -3.48 -11.61 -78.56
N GLY C 796 -4.45 -11.16 -77.77
CA GLY C 796 -5.67 -11.94 -77.56
C GLY C 796 -6.17 -11.86 -76.14
N PHE C 797 -5.32 -11.40 -75.22
CA PHE C 797 -5.70 -11.27 -73.84
C PHE C 797 -6.50 -9.99 -73.61
N ASN C 798 -7.20 -9.92 -72.49
CA ASN C 798 -8.12 -8.83 -72.26
C ASN C 798 -8.03 -8.38 -70.87
N PHE C 799 -7.16 -7.44 -70.67
CA PHE C 799 -6.83 -6.91 -69.36
C PHE C 799 -7.74 -5.76 -68.94
N SER C 800 -8.99 -5.75 -69.42
CA SER C 800 -9.89 -4.65 -69.14
C SER C 800 -10.28 -4.57 -67.67
N GLN C 801 -10.20 -5.69 -66.93
CA GLN C 801 -10.59 -5.69 -65.52
C GLN C 801 -9.47 -5.24 -64.60
N ILE C 802 -8.23 -5.20 -65.06
CA ILE C 802 -7.11 -4.76 -64.24
C ILE C 802 -6.60 -3.38 -64.65
N LEU C 803 -6.77 -2.98 -65.91
CA LEU C 803 -6.34 -1.66 -66.33
C LEU C 803 -7.32 -0.60 -65.84
N PRO C 804 -6.83 0.62 -65.59
CA PRO C 804 -7.74 1.67 -65.11
C PRO C 804 -8.74 2.07 -66.18
N ASP C 805 -9.88 2.60 -65.71
CA ASP C 805 -10.96 3.01 -66.60
C ASP C 805 -10.96 4.52 -66.73
N PRO C 806 -10.85 5.07 -67.94
CA PRO C 806 -10.83 6.54 -68.07
C PRO C 806 -12.18 7.20 -67.89
N SER C 807 -13.27 6.44 -67.96
CA SER C 807 -14.60 7.05 -67.83
C SER C 807 -14.85 7.54 -66.41
N LYS C 808 -14.62 6.68 -65.42
CA LYS C 808 -14.83 7.06 -64.03
C LYS C 808 -13.74 8.04 -63.59
N PRO C 809 -14.08 8.98 -62.70
CA PRO C 809 -13.11 10.01 -62.32
C PRO C 809 -11.98 9.52 -61.41
N SER C 810 -12.11 8.33 -60.83
CA SER C 810 -11.07 7.81 -59.93
C SER C 810 -9.93 7.13 -60.69
N LYS C 811 -10.12 6.80 -61.96
CA LYS C 811 -9.09 6.18 -62.79
C LYS C 811 -8.59 4.87 -62.17
N ARG C 812 -9.53 4.02 -61.79
CA ARG C 812 -9.24 2.73 -61.18
C ARG C 812 -9.78 1.60 -62.07
N SER C 813 -9.53 0.38 -61.64
CA SER C 813 -9.95 -0.82 -62.34
C SER C 813 -11.19 -1.42 -61.68
N PRO C 814 -11.99 -2.19 -62.43
CA PRO C 814 -13.17 -2.81 -61.82
C PRO C 814 -12.86 -3.70 -60.62
N ILE C 815 -11.71 -4.37 -60.63
CA ILE C 815 -11.32 -5.18 -59.47
C ILE C 815 -11.09 -4.28 -58.26
N GLU C 816 -10.37 -3.17 -58.46
CA GLU C 816 -10.16 -2.22 -57.37
C GLU C 816 -11.46 -1.59 -56.93
N ASP C 817 -12.38 -1.33 -57.87
CA ASP C 817 -13.67 -0.77 -57.52
C ASP C 817 -14.47 -1.74 -56.64
N LEU C 818 -14.41 -3.03 -56.97
CA LEU C 818 -15.11 -4.03 -56.16
C LEU C 818 -14.42 -4.23 -54.81
N LEU C 819 -13.11 -4.06 -54.75
CA LEU C 819 -12.40 -4.20 -53.48
C LEU C 819 -12.68 -3.03 -52.56
N PHE C 820 -12.80 -1.82 -53.10
CA PHE C 820 -13.06 -0.62 -52.31
C PHE C 820 -14.53 -0.49 -51.92
N ASN C 821 -15.34 -1.53 -52.12
CA ASN C 821 -16.74 -1.51 -51.73
C ASN C 821 -17.08 -2.57 -50.69
N LYS C 822 -16.10 -3.33 -50.22
CA LYS C 822 -16.33 -4.35 -49.20
C LYS C 822 -15.42 -4.20 -47.98
N VAL C 823 -14.56 -3.19 -47.95
CA VAL C 823 -13.66 -2.94 -46.82
C VAL C 823 -14.00 -1.58 -46.24
N THR C 824 -14.45 -1.57 -44.98
CA THR C 824 -14.82 -0.33 -44.32
C THR C 824 -13.59 0.36 -43.74
N ARG C 844 -24.08 12.04 -33.11
CA ARG C 844 -22.72 11.98 -33.61
C ARG C 844 -22.27 10.53 -33.81
N ASP C 845 -21.66 10.26 -34.95
CA ASP C 845 -21.18 8.92 -35.27
C ASP C 845 -19.93 8.61 -34.45
N LEU C 846 -19.46 7.35 -34.56
CA LEU C 846 -18.31 6.93 -33.79
C LEU C 846 -17.02 7.54 -34.31
N ILE C 847 -16.94 7.78 -35.63
CA ILE C 847 -15.72 8.35 -36.20
C ILE C 847 -15.43 9.73 -35.63
N CYS C 848 -16.48 10.55 -35.46
CA CYS C 848 -16.32 11.87 -34.86
C CYS C 848 -16.31 11.81 -33.34
N ALA C 849 -16.97 10.83 -32.74
CA ALA C 849 -16.93 10.69 -31.28
C ALA C 849 -15.53 10.35 -30.80
N GLN C 850 -14.83 9.47 -31.51
CA GLN C 850 -13.45 9.16 -31.16
C GLN C 850 -12.52 10.35 -31.40
N LYS C 851 -12.85 11.22 -32.37
CA LYS C 851 -12.03 12.40 -32.60
C LYS C 851 -12.25 13.44 -31.50
N PHE C 852 -13.48 13.62 -31.06
CA PHE C 852 -13.81 14.59 -30.03
C PHE C 852 -13.41 14.13 -28.63
N LYS C 853 -12.65 13.04 -28.51
CA LYS C 853 -12.18 12.55 -27.23
C LYS C 853 -10.68 12.72 -27.04
N GLY C 854 -9.99 13.27 -28.03
CA GLY C 854 -8.54 13.45 -28.00
C GLY C 854 -7.80 12.57 -28.99
N LEU C 855 -8.34 11.39 -29.28
CA LEU C 855 -7.70 10.50 -30.24
C LEU C 855 -7.96 10.98 -31.66
N THR C 856 -6.89 11.32 -32.37
CA THR C 856 -6.97 11.83 -33.73
C THR C 856 -6.35 10.83 -34.69
N VAL C 857 -6.84 10.85 -35.93
CA VAL C 857 -6.37 9.96 -36.99
C VAL C 857 -5.71 10.82 -38.05
N LEU C 858 -4.40 10.68 -38.18
CA LEU C 858 -3.67 11.46 -39.18
C LEU C 858 -3.94 10.91 -40.58
N PRO C 859 -4.05 11.76 -41.59
CA PRO C 859 -4.27 11.26 -42.94
C PRO C 859 -3.02 10.63 -43.50
N PRO C 860 -3.14 9.58 -44.31
CA PRO C 860 -1.95 8.94 -44.87
C PRO C 860 -1.22 9.87 -45.82
N LEU C 861 0.05 9.54 -46.06
CA LEU C 861 0.88 10.35 -46.95
C LEU C 861 0.50 10.13 -48.41
N LEU C 862 0.33 8.88 -48.81
CA LEU C 862 -0.04 8.54 -50.18
C LEU C 862 -1.54 8.33 -50.24
N THR C 863 -2.23 9.19 -50.99
CA THR C 863 -3.66 9.07 -51.15
C THR C 863 -4.00 7.87 -52.02
N ASP C 864 -5.31 7.59 -52.13
CA ASP C 864 -5.75 6.47 -52.95
C ASP C 864 -5.44 6.68 -54.42
N GLU C 865 -5.48 7.93 -54.88
CA GLU C 865 -5.18 8.21 -56.29
C GLU C 865 -3.72 7.90 -56.62
N MET C 866 -2.80 8.23 -55.71
CA MET C 866 -1.39 7.95 -55.96
C MET C 866 -1.11 6.46 -55.95
N ILE C 867 -1.76 5.70 -55.06
CA ILE C 867 -1.58 4.26 -55.04
C ILE C 867 -2.18 3.64 -56.31
N ALA C 868 -3.32 4.17 -56.77
CA ALA C 868 -3.90 3.68 -58.01
C ALA C 868 -2.98 3.96 -59.20
N GLN C 869 -2.35 5.14 -59.22
CA GLN C 869 -1.42 5.45 -60.31
C GLN C 869 -0.18 4.56 -60.24
N TYR C 870 0.30 4.27 -59.04
CA TYR C 870 1.43 3.35 -58.90
C TYR C 870 1.08 1.96 -59.41
N THR C 871 -0.10 1.46 -59.05
CA THR C 871 -0.53 0.14 -59.53
C THR C 871 -0.71 0.14 -61.04
N SER C 872 -1.26 1.21 -61.61
CA SER C 872 -1.41 1.28 -63.05
C SER C 872 -0.06 1.31 -63.76
N ALA C 873 0.91 2.03 -63.21
CA ALA C 873 2.25 2.05 -63.79
C ALA C 873 2.93 0.69 -63.69
N LEU C 874 2.78 0.01 -62.55
CA LEU C 874 3.33 -1.34 -62.42
C LEU C 874 2.69 -2.31 -63.42
N LEU C 875 1.38 -2.21 -63.61
CA LEU C 875 0.70 -3.07 -64.59
C LEU C 875 1.13 -2.75 -66.01
N ALA C 876 1.27 -1.47 -66.36
CA ALA C 876 1.73 -1.10 -67.68
C ALA C 876 3.18 -1.51 -67.94
N GLY C 877 4.01 -1.54 -66.90
CA GLY C 877 5.37 -2.01 -67.07
C GLY C 877 5.46 -3.53 -67.11
N THR C 878 4.51 -4.20 -66.47
CA THR C 878 4.53 -5.66 -66.45
C THR C 878 3.89 -6.25 -67.70
N ILE C 879 2.93 -5.56 -68.30
CA ILE C 879 2.25 -6.07 -69.49
C ILE C 879 3.01 -5.71 -70.76
N THR C 880 3.39 -4.44 -70.92
CA THR C 880 4.11 -4.03 -72.11
C THR C 880 5.51 -4.61 -72.15
N SER C 881 6.25 -4.45 -71.06
CA SER C 881 7.59 -5.00 -70.93
C SER C 881 7.55 -6.31 -70.15
N GLY C 882 8.72 -6.87 -69.88
CA GLY C 882 8.81 -8.09 -69.09
C GLY C 882 9.33 -7.83 -67.70
N TRP C 883 10.53 -8.32 -67.40
CA TRP C 883 11.20 -8.07 -66.14
C TRP C 883 12.35 -7.09 -66.29
N THR C 884 12.29 -6.21 -67.29
CA THR C 884 13.35 -5.25 -67.54
C THR C 884 13.08 -3.88 -66.94
N PHE C 885 11.83 -3.58 -66.59
CA PHE C 885 11.48 -2.29 -65.99
C PHE C 885 11.76 -2.24 -64.49
N GLY C 886 12.30 -3.31 -63.91
CA GLY C 886 12.64 -3.32 -62.50
C GLY C 886 14.13 -3.41 -62.27
N ALA C 887 14.86 -3.91 -63.26
CA ALA C 887 16.32 -4.02 -63.18
C ALA C 887 16.99 -2.76 -63.70
N GLY C 888 16.68 -2.37 -64.93
CA GLY C 888 17.24 -1.18 -65.53
C GLY C 888 16.21 -0.41 -66.34
N PRO C 889 16.58 -0.05 -67.57
CA PRO C 889 15.62 0.67 -68.42
C PRO C 889 14.50 -0.24 -68.89
N ALA C 890 13.32 0.36 -69.04
CA ALA C 890 12.13 -0.39 -69.45
C ALA C 890 12.21 -0.65 -70.95
N LEU C 891 12.46 -1.90 -71.32
CA LEU C 891 12.52 -2.29 -72.72
C LEU C 891 11.11 -2.56 -73.23
N GLN C 892 11.00 -3.07 -74.46
CA GLN C 892 9.73 -3.42 -75.06
C GLN C 892 9.79 -4.82 -75.65
N ILE C 893 8.68 -5.54 -75.58
CA ILE C 893 8.59 -6.90 -76.08
C ILE C 893 7.12 -7.26 -76.24
N PRO C 894 6.73 -7.89 -77.36
CA PRO C 894 5.32 -8.29 -77.52
C PRO C 894 4.90 -9.28 -76.43
N PHE C 895 3.66 -9.12 -75.98
CA PHE C 895 3.17 -9.97 -74.89
C PHE C 895 3.08 -11.44 -75.25
N PRO C 896 2.62 -11.85 -76.44
CA PRO C 896 2.72 -13.28 -76.79
C PRO C 896 4.14 -13.81 -76.76
N MET C 897 5.12 -13.00 -77.14
CA MET C 897 6.52 -13.40 -77.00
C MET C 897 7.06 -13.15 -75.60
N GLN C 898 6.45 -12.23 -74.84
CA GLN C 898 6.89 -12.00 -73.48
C GLN C 898 6.52 -13.17 -72.58
N MET C 899 5.36 -13.80 -72.83
CA MET C 899 4.98 -14.98 -72.08
C MET C 899 5.76 -16.22 -72.49
N ALA C 900 6.40 -16.20 -73.66
CA ALA C 900 7.22 -17.34 -74.07
C ALA C 900 8.41 -17.52 -73.13
N TYR C 901 9.08 -16.43 -72.77
CA TYR C 901 10.20 -16.52 -71.83
C TYR C 901 9.73 -16.96 -70.45
N ARG C 902 8.50 -16.60 -70.07
CA ARG C 902 7.97 -17.04 -68.78
C ARG C 902 7.62 -18.52 -68.80
N PHE C 903 7.09 -19.02 -69.92
CA PHE C 903 6.85 -20.45 -70.05
C PHE C 903 8.16 -21.23 -70.10
N ASN C 904 9.20 -20.66 -70.69
CA ASN C 904 10.51 -21.31 -70.75
C ASN C 904 11.28 -21.22 -69.44
N GLY C 905 10.64 -20.80 -68.36
CA GLY C 905 11.30 -20.71 -67.07
C GLY C 905 10.88 -21.80 -66.11
N ILE C 906 9.86 -22.57 -66.49
CA ILE C 906 9.36 -23.67 -65.68
C ILE C 906 9.68 -25.03 -66.27
N GLY C 907 10.32 -25.07 -67.45
CA GLY C 907 10.67 -26.30 -68.12
C GLY C 907 9.96 -26.50 -69.45
N VAL C 908 8.76 -25.94 -69.58
CA VAL C 908 8.02 -26.06 -70.83
C VAL C 908 8.70 -25.23 -71.92
N THR C 909 8.87 -25.82 -73.10
CA THR C 909 9.47 -25.09 -74.19
C THR C 909 8.51 -24.07 -74.78
N GLN C 910 9.00 -23.28 -75.72
CA GLN C 910 8.23 -22.20 -76.31
C GLN C 910 7.38 -22.64 -77.51
N ASN C 911 7.46 -23.91 -77.90
CA ASN C 911 6.64 -24.41 -78.99
C ASN C 911 5.24 -24.81 -78.54
N VAL C 912 4.87 -24.53 -77.29
CA VAL C 912 3.54 -24.83 -76.80
C VAL C 912 2.64 -23.60 -76.74
N LEU C 913 3.21 -22.42 -76.46
CA LEU C 913 2.44 -21.18 -76.39
C LEU C 913 2.10 -20.61 -77.75
N TYR C 914 3.05 -20.61 -78.69
CA TYR C 914 2.80 -20.08 -80.01
C TYR C 914 1.81 -20.94 -80.80
N GLU C 915 1.62 -22.20 -80.41
CA GLU C 915 0.68 -23.09 -81.08
C GLU C 915 -0.66 -23.15 -80.38
N ASN C 916 -0.77 -22.64 -79.15
CA ASN C 916 -2.01 -22.62 -78.39
C ASN C 916 -2.28 -21.25 -77.81
N GLN C 917 -2.03 -20.20 -78.61
CA GLN C 917 -2.21 -18.84 -78.11
C GLN C 917 -3.68 -18.54 -77.83
N LYS C 918 -4.57 -18.98 -78.72
CA LYS C 918 -6.00 -18.73 -78.51
C LYS C 918 -6.51 -19.45 -77.27
N LEU C 919 -6.09 -20.70 -77.06
CA LEU C 919 -6.50 -21.42 -75.87
C LEU C 919 -5.98 -20.78 -74.60
N ILE C 920 -4.72 -20.31 -74.62
CA ILE C 920 -4.16 -19.63 -73.46
C ILE C 920 -4.93 -18.35 -73.18
N ALA C 921 -5.25 -17.58 -74.22
CA ALA C 921 -6.01 -16.35 -74.02
C ALA C 921 -7.40 -16.63 -73.46
N ASN C 922 -8.07 -17.66 -73.97
CA ASN C 922 -9.39 -18.00 -73.48
C ASN C 922 -9.34 -18.45 -72.02
N GLN C 923 -8.33 -19.25 -71.66
CA GLN C 923 -8.19 -19.70 -70.28
C GLN C 923 -7.89 -18.52 -69.36
N PHE C 924 -7.07 -17.58 -69.80
CA PHE C 924 -6.77 -16.41 -68.98
C PHE C 924 -8.01 -15.54 -68.79
N ASN C 925 -8.80 -15.35 -69.86
CA ASN C 925 -10.02 -14.58 -69.74
C ASN C 925 -11.02 -15.25 -68.80
N SER C 926 -11.14 -16.58 -68.89
CA SER C 926 -12.02 -17.30 -67.99
C SER C 926 -11.56 -17.21 -66.54
N ALA C 927 -10.24 -17.27 -66.32
CA ALA C 927 -9.71 -17.14 -64.98
C ALA C 927 -9.95 -15.75 -64.40
N ILE C 928 -9.79 -14.72 -65.23
CA ILE C 928 -10.07 -13.36 -64.78
C ILE C 928 -11.56 -13.20 -64.46
N GLY C 929 -12.42 -13.78 -65.29
CA GLY C 929 -13.85 -13.72 -65.03
C GLY C 929 -14.24 -14.43 -63.74
N LYS C 930 -13.58 -15.57 -63.46
CA LYS C 930 -13.87 -16.29 -62.22
C LYS C 930 -13.32 -15.55 -61.01
N ILE C 931 -12.18 -14.87 -61.16
CA ILE C 931 -11.64 -14.06 -60.06
C ILE C 931 -12.57 -12.88 -59.78
N GLN C 932 -13.15 -12.31 -60.83
CA GLN C 932 -14.10 -11.22 -60.63
C GLN C 932 -15.30 -11.66 -59.81
N ASP C 933 -15.75 -12.90 -60.01
CA ASP C 933 -16.87 -13.43 -59.24
C ASP C 933 -16.46 -13.94 -57.87
N SER C 934 -15.17 -14.27 -57.69
CA SER C 934 -14.70 -14.73 -56.38
C SER C 934 -14.73 -13.60 -55.35
N LEU C 935 -14.69 -12.35 -55.80
CA LEU C 935 -14.77 -11.19 -54.92
C LEU C 935 -16.19 -10.68 -54.74
N SER C 936 -17.17 -11.57 -54.81
CA SER C 936 -18.58 -11.19 -54.71
C SER C 936 -18.95 -10.94 -53.25
N SER C 937 -20.25 -10.88 -52.97
CA SER C 937 -20.74 -10.55 -51.64
C SER C 937 -20.35 -11.58 -50.58
N THR C 938 -19.64 -12.65 -50.95
CA THR C 938 -19.14 -13.62 -50.00
C THR C 938 -18.28 -12.93 -48.94
N PRO C 939 -18.68 -12.96 -47.67
CA PRO C 939 -17.92 -12.21 -46.65
C PRO C 939 -16.52 -12.75 -46.41
N SER C 940 -16.31 -14.05 -46.61
CA SER C 940 -15.01 -14.64 -46.31
C SER C 940 -14.04 -14.50 -47.49
N ALA C 941 -13.89 -13.29 -48.00
CA ALA C 941 -12.91 -13.00 -49.05
C ALA C 941 -11.83 -12.06 -48.58
N LEU C 942 -12.19 -10.87 -48.09
CA LEU C 942 -11.22 -9.92 -47.56
C LEU C 942 -11.21 -10.00 -46.03
N GLY C 943 -10.75 -11.16 -45.53
CA GLY C 943 -10.72 -11.40 -44.11
C GLY C 943 -9.57 -10.72 -43.40
N LYS C 944 -8.37 -10.85 -43.96
CA LYS C 944 -7.18 -10.27 -43.33
C LYS C 944 -7.13 -8.75 -43.47
N LEU C 945 -7.91 -8.17 -44.38
CA LEU C 945 -8.01 -6.71 -44.45
C LEU C 945 -9.02 -6.19 -43.44
N GLN C 946 -10.14 -6.89 -43.27
CA GLN C 946 -11.10 -6.50 -42.24
C GLN C 946 -10.59 -6.75 -40.85
N ASP C 947 -9.66 -7.70 -40.67
CA ASP C 947 -9.16 -8.02 -39.34
C ASP C 947 -8.43 -6.83 -38.74
N VAL C 948 -7.51 -6.22 -39.49
CA VAL C 948 -6.75 -5.09 -38.95
C VAL C 948 -7.64 -3.88 -38.74
N VAL C 949 -8.66 -3.70 -39.61
CA VAL C 949 -9.58 -2.58 -39.42
C VAL C 949 -10.39 -2.76 -38.15
N ASN C 950 -10.92 -3.97 -37.91
CA ASN C 950 -11.66 -4.23 -36.69
C ASN C 950 -10.77 -4.10 -35.47
N HIS C 951 -9.50 -4.51 -35.58
CA HIS C 951 -8.59 -4.37 -34.46
C HIS C 951 -8.32 -2.91 -34.13
N ASN C 952 -8.07 -2.10 -35.16
CA ASN C 952 -7.84 -0.68 -34.93
C ASN C 952 -9.10 0.02 -34.42
N ALA C 953 -10.27 -0.48 -34.80
CA ALA C 953 -11.51 0.11 -34.29
C ALA C 953 -11.73 -0.25 -32.83
N GLN C 954 -11.52 -1.52 -32.46
CA GLN C 954 -11.73 -1.92 -31.08
C GLN C 954 -10.67 -1.35 -30.15
N ALA C 955 -9.45 -1.13 -30.66
CA ALA C 955 -8.41 -0.52 -29.84
C ALA C 955 -8.78 0.90 -29.42
N LEU C 956 -9.57 1.59 -30.24
CA LEU C 956 -10.07 2.92 -29.87
C LEU C 956 -11.36 2.85 -29.08
N ASN C 957 -12.25 1.89 -29.40
CA ASN C 957 -13.49 1.76 -28.65
C ASN C 957 -13.24 1.39 -27.20
N THR C 958 -12.40 0.38 -26.96
CA THR C 958 -12.09 -0.01 -25.59
C THR C 958 -11.29 1.07 -24.86
N LEU C 959 -10.51 1.86 -25.60
CA LEU C 959 -9.76 2.95 -24.98
C LEU C 959 -10.66 4.11 -24.56
N VAL C 960 -11.70 4.42 -25.34
CA VAL C 960 -12.61 5.49 -24.98
C VAL C 960 -13.69 5.03 -24.01
N LYS C 961 -13.96 3.72 -23.93
CA LYS C 961 -14.93 3.24 -22.96
C LYS C 961 -14.37 3.13 -21.55
N GLN C 962 -13.05 3.20 -21.39
CA GLN C 962 -12.45 3.13 -20.06
C GLN C 962 -12.42 4.47 -19.36
N LEU C 963 -12.79 5.56 -20.04
CA LEU C 963 -12.84 6.87 -19.40
C LEU C 963 -14.06 7.03 -18.51
N SER C 964 -15.07 6.20 -18.67
CA SER C 964 -16.27 6.24 -17.84
C SER C 964 -16.22 5.27 -16.67
N SER C 965 -15.09 4.59 -16.47
CA SER C 965 -14.91 3.63 -15.39
C SER C 965 -13.98 4.21 -14.33
N LYS C 966 -14.42 4.16 -13.07
CA LYS C 966 -13.61 4.66 -11.98
C LYS C 966 -12.58 3.62 -11.56
N PHE C 967 -11.41 4.11 -11.13
CA PHE C 967 -10.31 3.24 -10.69
C PHE C 967 -10.03 3.38 -9.20
N GLY C 968 -11.05 3.69 -8.40
CA GLY C 968 -10.87 3.83 -6.98
C GLY C 968 -11.31 5.18 -6.44
N ALA C 969 -12.11 5.90 -7.23
CA ALA C 969 -12.62 7.20 -6.86
C ALA C 969 -14.11 7.12 -6.59
N ILE C 970 -14.70 8.26 -6.19
CA ILE C 970 -16.12 8.33 -5.89
C ILE C 970 -16.94 8.81 -7.08
N SER C 971 -16.31 9.10 -8.21
CA SER C 971 -17.02 9.57 -9.39
C SER C 971 -16.16 9.28 -10.62
N SER C 972 -16.74 9.53 -11.79
CA SER C 972 -16.06 9.31 -13.06
C SER C 972 -15.78 10.59 -13.82
N VAL C 973 -16.69 11.57 -13.78
CA VAL C 973 -16.47 12.83 -14.47
C VAL C 973 -15.35 13.59 -13.77
N LEU C 974 -14.54 14.30 -14.55
CA LEU C 974 -13.39 15.01 -14.00
C LEU C 974 -13.83 16.13 -13.07
N ASN C 975 -14.86 16.89 -13.45
CA ASN C 975 -15.33 18.01 -12.65
C ASN C 975 -16.34 17.56 -11.61
N ASP C 976 -15.98 16.54 -10.85
CA ASP C 976 -16.79 16.07 -9.72
C ASP C 976 -15.99 15.93 -8.44
N ILE C 977 -14.73 15.53 -8.52
CA ILE C 977 -13.91 15.40 -7.31
C ILE C 977 -13.45 16.77 -6.83
N PHE C 978 -13.14 17.67 -7.76
CA PHE C 978 -12.70 19.02 -7.42
C PHE C 978 -13.87 19.95 -7.11
N SER C 979 -15.09 19.42 -6.91
CA SER C 979 -16.25 20.24 -6.62
C SER C 979 -17.01 19.78 -5.39
N ARG C 980 -16.59 18.71 -4.73
CA ARG C 980 -17.26 18.23 -3.53
C ARG C 980 -16.32 17.82 -2.42
N LEU C 981 -15.00 17.90 -2.62
CA LEU C 981 -14.03 17.46 -1.63
C LEU C 981 -13.02 18.57 -1.39
N ASP C 982 -12.19 18.37 -0.37
CA ASP C 982 -11.14 19.30 0.00
C ASP C 982 -9.84 18.96 -0.71
N PRO C 983 -8.96 19.94 -0.91
CA PRO C 983 -7.69 19.69 -1.61
C PRO C 983 -6.87 18.57 -0.99
N PRO C 984 -6.74 18.50 0.36
CA PRO C 984 -5.94 17.40 0.92
C PRO C 984 -6.47 16.02 0.56
N GLU C 985 -7.76 15.88 0.27
CA GLU C 985 -8.29 14.62 -0.23
C GLU C 985 -8.47 14.60 -1.74
N ALA C 986 -8.64 15.76 -2.37
CA ALA C 986 -8.76 15.81 -3.82
C ALA C 986 -7.45 15.42 -4.50
N GLU C 987 -6.32 15.95 -4.01
CA GLU C 987 -5.03 15.61 -4.58
C GLU C 987 -4.62 14.16 -4.33
N VAL C 988 -5.40 13.42 -3.53
CA VAL C 988 -5.12 12.02 -3.26
C VAL C 988 -6.07 11.10 -4.02
N GLN C 989 -7.36 11.45 -4.06
CA GLN C 989 -8.32 10.59 -4.74
C GLN C 989 -8.32 10.79 -6.25
N ILE C 990 -7.89 11.96 -6.73
CA ILE C 990 -7.85 12.20 -8.17
C ILE C 990 -6.63 11.53 -8.81
N ASP C 991 -5.55 11.30 -8.05
CA ASP C 991 -4.39 10.65 -8.60
C ASP C 991 -4.67 9.20 -8.95
N ARG C 992 -5.61 8.57 -8.25
CA ARG C 992 -5.97 7.18 -8.55
C ARG C 992 -6.61 7.03 -9.92
N LEU C 993 -7.21 8.10 -10.46
CA LEU C 993 -7.74 8.08 -11.81
C LEU C 993 -6.69 8.44 -12.84
N ILE C 994 -5.83 9.39 -12.53
CA ILE C 994 -4.76 9.77 -13.46
C ILE C 994 -3.80 8.61 -13.67
N THR C 995 -3.46 7.89 -12.59
CA THR C 995 -2.57 6.74 -12.73
C THR C 995 -3.22 5.64 -13.57
N GLY C 996 -4.51 5.39 -13.37
CA GLY C 996 -5.19 4.39 -14.17
C GLY C 996 -5.26 4.77 -15.64
N ARG C 997 -5.52 6.04 -15.92
CA ARG C 997 -5.57 6.49 -17.31
C ARG C 997 -4.19 6.42 -17.96
N LEU C 998 -3.13 6.74 -17.20
CA LEU C 998 -1.78 6.61 -17.74
C LEU C 998 -1.44 5.16 -18.02
N GLN C 999 -1.84 4.25 -17.13
CA GLN C 999 -1.59 2.83 -17.37
C GLN C 999 -2.35 2.33 -18.59
N SER C 1000 -3.60 2.79 -18.76
CA SER C 1000 -4.37 2.40 -19.93
C SER C 1000 -3.74 2.93 -21.21
N LEU C 1001 -3.26 4.17 -21.17
CA LEU C 1001 -2.60 4.73 -22.35
C LEU C 1001 -1.31 3.99 -22.67
N GLN C 1002 -0.55 3.60 -21.64
CA GLN C 1002 0.66 2.83 -21.87
C GLN C 1002 0.34 1.46 -22.46
N THR C 1003 -0.72 0.82 -21.98
CA THR C 1003 -1.14 -0.46 -22.54
C THR C 1003 -1.55 -0.31 -24.00
N TYR C 1004 -2.27 0.78 -24.32
CA TYR C 1004 -2.65 1.03 -25.70
C TYR C 1004 -1.42 1.26 -26.57
N VAL C 1005 -0.44 2.00 -26.05
CA VAL C 1005 0.78 2.25 -26.82
C VAL C 1005 1.54 0.95 -27.07
N THR C 1006 1.60 0.07 -26.07
CA THR C 1006 2.28 -1.20 -26.25
C THR C 1006 1.57 -2.07 -27.27
N GLN C 1007 0.22 -2.13 -27.21
CA GLN C 1007 -0.52 -2.89 -28.20
C GLN C 1007 -0.33 -2.31 -29.60
N GLN C 1008 -0.28 -0.98 -29.71
CA GLN C 1008 -0.05 -0.36 -31.00
C GLN C 1008 1.36 -0.66 -31.52
N LEU C 1009 2.34 -0.73 -30.62
CA LEU C 1009 3.69 -1.08 -31.04
C LEU C 1009 3.75 -2.53 -31.55
N ILE C 1010 3.09 -3.45 -30.86
CA ILE C 1010 3.07 -4.84 -31.32
C ILE C 1010 2.35 -4.95 -32.67
N ARG C 1011 1.22 -4.25 -32.80
CA ARG C 1011 0.50 -4.26 -34.08
C ARG C 1011 1.33 -3.65 -35.19
N ALA C 1012 2.10 -2.60 -34.88
CA ALA C 1012 2.94 -1.98 -35.89
C ALA C 1012 4.09 -2.90 -36.29
N ALA C 1013 4.62 -3.65 -35.35
CA ALA C 1013 5.65 -4.64 -35.69
C ALA C 1013 5.08 -5.72 -36.60
N GLU C 1014 3.88 -6.21 -36.30
CA GLU C 1014 3.25 -7.20 -37.16
C GLU C 1014 2.99 -6.64 -38.55
N ILE C 1015 2.50 -5.40 -38.62
CA ILE C 1015 2.24 -4.76 -39.91
C ILE C 1015 3.54 -4.53 -40.67
N ARG C 1016 4.63 -4.23 -39.97
CA ARG C 1016 5.92 -4.06 -40.64
C ARG C 1016 6.42 -5.37 -41.21
N ALA C 1017 6.26 -6.46 -40.47
CA ALA C 1017 6.62 -7.77 -41.01
C ALA C 1017 5.78 -8.11 -42.24
N SER C 1018 4.47 -7.87 -42.16
CA SER C 1018 3.60 -8.14 -43.30
C SER C 1018 3.96 -7.28 -44.50
N ALA C 1019 4.34 -6.02 -44.25
CA ALA C 1019 4.70 -5.13 -45.34
C ALA C 1019 6.03 -5.53 -45.98
N ASN C 1020 6.98 -6.00 -45.17
CA ASN C 1020 8.22 -6.50 -45.74
C ASN C 1020 7.96 -7.74 -46.59
N LEU C 1021 7.10 -8.64 -46.12
CA LEU C 1021 6.74 -9.81 -46.91
C LEU C 1021 6.05 -9.39 -48.22
N ALA C 1022 5.17 -8.40 -48.14
CA ALA C 1022 4.46 -7.94 -49.33
C ALA C 1022 5.40 -7.28 -50.32
N ALA C 1023 6.38 -6.52 -49.82
CA ALA C 1023 7.36 -5.91 -50.71
C ALA C 1023 8.24 -6.97 -51.37
N THR C 1024 8.64 -7.99 -50.61
CA THR C 1024 9.42 -9.08 -51.20
C THR C 1024 8.63 -9.80 -52.28
N LYS C 1025 7.35 -10.05 -52.02
CA LYS C 1025 6.52 -10.72 -53.03
C LYS C 1025 6.30 -9.83 -54.25
N MET C 1026 6.15 -8.53 -54.04
CA MET C 1026 5.99 -7.60 -55.16
C MET C 1026 7.25 -7.54 -56.01
N SER C 1027 8.41 -7.61 -55.38
CA SER C 1027 9.66 -7.51 -56.11
C SER C 1027 10.09 -8.83 -56.76
N GLU C 1028 9.63 -9.97 -56.22
CA GLU C 1028 10.05 -11.26 -56.77
C GLU C 1028 8.99 -11.92 -57.65
N CYS C 1029 7.74 -11.49 -57.58
CA CYS C 1029 6.67 -12.06 -58.38
C CYS C 1029 6.20 -11.15 -59.51
N VAL C 1030 6.13 -9.84 -59.26
CA VAL C 1030 5.67 -8.91 -60.28
C VAL C 1030 6.82 -8.42 -61.15
N LEU C 1031 7.96 -8.12 -60.55
CA LEU C 1031 9.12 -7.62 -61.29
C LEU C 1031 9.93 -8.73 -61.95
N GLY C 1032 9.38 -9.93 -62.06
CA GLY C 1032 10.08 -11.03 -62.68
C GLY C 1032 9.53 -12.36 -62.23
N GLN C 1033 9.89 -13.40 -62.98
CA GLN C 1033 9.44 -14.74 -62.68
C GLN C 1033 10.35 -15.36 -61.62
N SER C 1034 9.74 -15.93 -60.58
CA SER C 1034 10.47 -16.55 -59.48
C SER C 1034 10.24 -18.06 -59.51
N LYS C 1035 11.31 -18.81 -59.25
CA LYS C 1035 11.26 -20.26 -59.21
C LYS C 1035 11.09 -20.79 -57.79
N ARG C 1036 10.44 -20.02 -56.92
CA ARG C 1036 10.17 -20.41 -55.55
C ARG C 1036 8.76 -20.94 -55.44
N VAL C 1037 8.62 -22.17 -54.93
CA VAL C 1037 7.31 -22.80 -54.84
C VAL C 1037 6.48 -22.11 -53.77
N ASP C 1038 5.21 -21.84 -54.10
CA ASP C 1038 4.20 -21.31 -53.19
C ASP C 1038 4.45 -19.85 -52.83
N PHE C 1039 5.58 -19.30 -53.28
CA PHE C 1039 5.88 -17.90 -52.97
C PHE C 1039 5.09 -16.94 -53.86
N CYS C 1040 4.78 -17.36 -55.09
CA CYS C 1040 3.99 -16.53 -55.99
C CYS C 1040 2.77 -17.29 -56.48
N GLY C 1041 2.07 -17.94 -55.56
CA GLY C 1041 0.88 -18.69 -55.90
C GLY C 1041 1.15 -20.18 -55.97
N LYS C 1042 0.10 -20.96 -55.68
CA LYS C 1042 0.21 -22.42 -55.70
C LYS C 1042 0.34 -22.91 -57.14
N GLY C 1043 1.50 -23.44 -57.50
CA GLY C 1043 1.77 -23.96 -58.82
C GLY C 1043 3.02 -23.32 -59.39
N TYR C 1044 3.22 -23.51 -60.70
CA TYR C 1044 4.36 -22.93 -61.39
C TYR C 1044 4.08 -21.46 -61.66
N HIS C 1045 4.84 -20.58 -61.02
CA HIS C 1045 4.63 -19.15 -61.17
C HIS C 1045 5.01 -18.69 -62.58
N LEU C 1046 4.15 -17.86 -63.15
CA LEU C 1046 4.38 -17.30 -64.48
C LEU C 1046 4.32 -15.78 -64.51
N MET C 1047 3.39 -15.17 -63.77
CA MET C 1047 3.20 -13.73 -63.82
C MET C 1047 2.37 -13.31 -62.62
N SER C 1048 2.50 -12.04 -62.24
CA SER C 1048 1.77 -11.51 -61.09
C SER C 1048 1.30 -10.09 -61.40
N PHE C 1049 0.08 -9.78 -60.97
CA PHE C 1049 -0.53 -8.47 -61.17
C PHE C 1049 -0.90 -7.88 -59.81
N PRO C 1050 -0.41 -6.70 -59.47
CA PRO C 1050 -0.79 -6.07 -58.20
C PRO C 1050 -2.01 -5.16 -58.34
N GLN C 1051 -2.81 -5.13 -57.29
CA GLN C 1051 -3.97 -4.26 -57.20
C GLN C 1051 -4.03 -3.65 -55.81
N SER C 1052 -4.56 -2.43 -55.73
CA SER C 1052 -4.66 -1.75 -54.46
C SER C 1052 -5.94 -2.15 -53.72
N ALA C 1053 -5.96 -1.88 -52.42
CA ALA C 1053 -7.13 -2.12 -51.59
C ALA C 1053 -6.97 -1.30 -50.32
N PRO C 1054 -8.07 -0.96 -49.63
CA PRO C 1054 -7.95 -0.15 -48.42
C PRO C 1054 -6.98 -0.76 -47.41
N HIS C 1055 -5.84 -0.11 -47.23
CA HIS C 1055 -4.76 -0.58 -46.35
C HIS C 1055 -4.37 -2.02 -46.70
N GLY C 1056 -4.12 -2.26 -47.98
CA GLY C 1056 -3.71 -3.59 -48.40
C GLY C 1056 -3.44 -3.67 -49.89
N VAL C 1057 -2.80 -4.77 -50.27
CA VAL C 1057 -2.49 -5.08 -51.66
C VAL C 1057 -3.04 -6.46 -51.98
N VAL C 1058 -3.38 -6.67 -53.25
CA VAL C 1058 -3.92 -7.93 -53.73
C VAL C 1058 -3.08 -8.38 -54.92
N PHE C 1059 -2.46 -9.55 -54.79
CA PHE C 1059 -1.67 -10.12 -55.87
C PHE C 1059 -2.48 -11.18 -56.60
N LEU C 1060 -2.60 -11.02 -57.92
CA LEU C 1060 -3.21 -12.01 -58.79
C LEU C 1060 -2.08 -12.78 -59.47
N HIS C 1061 -1.93 -14.05 -59.12
CA HIS C 1061 -0.84 -14.89 -59.61
C HIS C 1061 -1.36 -15.83 -60.69
N VAL C 1062 -0.70 -15.82 -61.84
CA VAL C 1062 -1.03 -16.73 -62.94
C VAL C 1062 -0.19 -17.98 -62.74
N THR C 1063 -0.86 -19.09 -62.43
CA THR C 1063 -0.20 -20.35 -62.11
C THR C 1063 -0.43 -21.37 -63.21
N TYR C 1064 0.61 -22.15 -63.50
CA TYR C 1064 0.55 -23.22 -64.50
C TYR C 1064 0.20 -24.53 -63.79
N VAL C 1065 -1.03 -25.00 -63.97
CA VAL C 1065 -1.52 -26.21 -63.33
C VAL C 1065 -1.71 -27.26 -64.41
N PRO C 1066 -0.88 -28.31 -64.46
CA PRO C 1066 -1.08 -29.38 -65.43
C PRO C 1066 -2.30 -30.22 -65.09
N ALA C 1067 -2.85 -30.85 -66.13
CA ALA C 1067 -4.01 -31.71 -65.96
C ALA C 1067 -4.02 -32.73 -67.11
N GLN C 1068 -5.01 -33.62 -67.07
CA GLN C 1068 -5.17 -34.68 -68.06
C GLN C 1068 -3.91 -35.53 -68.18
N GLU C 1069 -3.57 -36.18 -67.07
CA GLU C 1069 -2.38 -37.01 -67.00
C GLU C 1069 -2.60 -38.34 -67.71
N LYS C 1070 -1.50 -39.04 -67.99
CA LYS C 1070 -1.57 -40.35 -68.63
C LYS C 1070 -0.27 -41.09 -68.32
N ASN C 1071 -0.40 -42.41 -68.15
CA ASN C 1071 0.73 -43.24 -67.75
C ASN C 1071 1.56 -43.65 -68.97
N PHE C 1072 2.87 -43.76 -68.77
CA PHE C 1072 3.79 -44.19 -69.81
C PHE C 1072 4.85 -45.09 -69.18
N THR C 1073 5.49 -45.88 -70.05
CA THR C 1073 6.59 -46.75 -69.64
C THR C 1073 7.91 -46.01 -69.88
N THR C 1074 8.66 -45.78 -68.81
CA THR C 1074 9.90 -45.01 -68.86
C THR C 1074 11.10 -45.94 -68.74
N ALA C 1075 12.28 -45.35 -68.91
CA ALA C 1075 13.54 -46.05 -68.79
C ALA C 1075 14.64 -45.04 -68.57
N PRO C 1076 15.68 -45.38 -67.81
CA PRO C 1076 16.77 -44.40 -67.60
C PRO C 1076 17.46 -43.98 -68.88
N ALA C 1077 17.86 -44.93 -69.72
CA ALA C 1077 18.53 -44.64 -70.97
C ALA C 1077 18.39 -45.83 -71.90
N ILE C 1078 18.84 -45.64 -73.15
CA ILE C 1078 18.85 -46.70 -74.14
C ILE C 1078 20.29 -46.97 -74.55
N CYS C 1079 20.49 -48.09 -75.24
CA CYS C 1079 21.81 -48.52 -75.68
C CYS C 1079 21.78 -48.76 -77.17
N HIS C 1080 22.61 -48.02 -77.91
CA HIS C 1080 22.72 -48.17 -79.36
C HIS C 1080 24.19 -48.25 -79.74
N ASP C 1081 24.49 -49.13 -80.70
CA ASP C 1081 25.86 -49.34 -81.19
C ASP C 1081 26.81 -49.68 -80.05
N GLY C 1082 26.28 -50.27 -78.97
CA GLY C 1082 27.07 -50.65 -77.83
C GLY C 1082 27.22 -49.58 -76.77
N LYS C 1083 26.95 -48.32 -77.09
CA LYS C 1083 27.10 -47.22 -76.15
C LYS C 1083 25.74 -46.71 -75.68
N ALA C 1084 25.70 -46.21 -74.46
CA ALA C 1084 24.47 -45.71 -73.88
C ALA C 1084 24.23 -44.26 -74.30
N HIS C 1085 22.96 -43.87 -74.33
CA HIS C 1085 22.55 -42.52 -74.70
C HIS C 1085 21.60 -41.98 -73.64
N PHE C 1086 22.03 -40.92 -72.95
CA PHE C 1086 21.24 -40.28 -71.91
C PHE C 1086 20.64 -38.98 -72.42
N PRO C 1087 19.39 -38.69 -72.08
CA PRO C 1087 18.74 -37.47 -72.57
C PRO C 1087 19.40 -36.22 -72.02
N ARG C 1088 19.48 -35.19 -72.87
CA ARG C 1088 20.01 -33.90 -72.42
C ARG C 1088 18.98 -33.13 -71.60
N GLU C 1089 17.77 -32.95 -72.14
CA GLU C 1089 16.70 -32.26 -71.43
C GLU C 1089 15.38 -32.89 -71.87
N GLY C 1090 14.89 -33.85 -71.08
CA GLY C 1090 13.65 -34.51 -71.41
C GLY C 1090 13.47 -35.77 -70.59
N VAL C 1091 12.65 -36.68 -71.11
CA VAL C 1091 12.34 -37.93 -70.44
C VAL C 1091 11.93 -38.95 -71.50
N PHE C 1092 12.41 -40.18 -71.32
CA PHE C 1092 12.07 -41.25 -72.25
C PHE C 1092 10.74 -41.89 -71.86
N VAL C 1093 9.82 -41.96 -72.82
CA VAL C 1093 8.53 -42.59 -72.63
C VAL C 1093 8.33 -43.64 -73.71
N SER C 1094 7.33 -44.50 -73.50
CA SER C 1094 7.03 -45.57 -74.44
C SER C 1094 5.54 -45.82 -74.44
N ASN C 1095 5.00 -45.92 -75.65
CA ASN C 1095 3.60 -46.13 -75.92
C ASN C 1095 3.32 -47.57 -76.22
N GLY C 1096 4.22 -48.44 -75.80
CA GLY C 1096 4.01 -49.86 -75.88
C GLY C 1096 4.89 -50.54 -76.91
N THR C 1097 5.17 -49.85 -78.01
CA THR C 1097 5.97 -50.42 -79.09
C THR C 1097 7.06 -49.51 -79.61
N HIS C 1098 7.08 -48.23 -79.23
CA HIS C 1098 8.12 -47.31 -79.66
C HIS C 1098 8.54 -46.43 -78.49
N TRP C 1099 9.83 -46.10 -78.44
CA TRP C 1099 10.39 -45.26 -77.40
C TRP C 1099 10.63 -43.86 -77.96
N PHE C 1100 10.04 -42.86 -77.31
CA PHE C 1100 10.18 -41.47 -77.70
C PHE C 1100 10.73 -40.66 -76.54
N VAL C 1101 11.09 -39.41 -76.83
CA VAL C 1101 11.59 -38.47 -75.83
C VAL C 1101 10.64 -37.28 -75.78
N THR C 1102 10.17 -36.96 -74.58
CA THR C 1102 9.22 -35.87 -74.38
C THR C 1102 9.76 -34.91 -73.34
N GLN C 1103 9.04 -33.80 -73.16
CA GLN C 1103 9.41 -32.82 -72.15
C GLN C 1103 9.00 -33.32 -70.77
N ARG C 1104 9.54 -32.66 -69.75
CA ARG C 1104 9.28 -33.06 -68.37
C ARG C 1104 7.99 -32.48 -67.82
N ASN C 1105 7.35 -31.55 -68.53
CA ASN C 1105 6.11 -30.94 -68.08
C ASN C 1105 5.02 -30.89 -69.14
N PHE C 1106 5.26 -31.45 -70.32
CA PHE C 1106 4.27 -31.44 -71.39
C PHE C 1106 4.59 -32.57 -72.36
N TYR C 1107 3.56 -33.26 -72.83
CA TYR C 1107 3.73 -34.40 -73.72
C TYR C 1107 4.02 -33.90 -75.13
N GLU C 1108 5.17 -34.32 -75.68
CA GLU C 1108 5.55 -33.95 -77.04
C GLU C 1108 6.42 -35.07 -77.60
N PRO C 1109 5.82 -36.02 -78.31
CA PRO C 1109 6.58 -37.17 -78.81
C PRO C 1109 7.55 -36.75 -79.92
N GLN C 1110 8.82 -37.10 -79.75
CA GLN C 1110 9.85 -36.80 -80.72
C GLN C 1110 10.74 -38.02 -80.89
N ILE C 1111 11.26 -38.20 -82.11
CA ILE C 1111 12.15 -39.32 -82.39
C ILE C 1111 13.48 -39.10 -81.69
N ILE C 1112 14.14 -40.20 -81.34
CA ILE C 1112 15.42 -40.16 -80.62
C ILE C 1112 16.51 -39.94 -81.66
N THR C 1113 16.99 -38.71 -81.77
CA THR C 1113 18.06 -38.34 -82.68
C THR C 1113 19.31 -37.96 -81.90
N THR C 1114 20.41 -37.78 -82.64
CA THR C 1114 21.67 -37.37 -82.01
C THR C 1114 21.71 -35.86 -81.81
N ASP C 1115 20.68 -35.31 -81.19
CA ASP C 1115 20.61 -33.90 -80.87
C ASP C 1115 20.19 -33.60 -79.45
N ASN C 1116 19.48 -34.52 -78.78
CA ASN C 1116 19.08 -34.35 -77.40
C ASN C 1116 19.56 -35.49 -76.51
N THR C 1117 20.39 -36.39 -77.04
CA THR C 1117 20.92 -37.52 -76.29
C THR C 1117 22.43 -37.54 -76.42
N PHE C 1118 23.12 -37.56 -75.29
CA PHE C 1118 24.58 -37.60 -75.27
C PHE C 1118 25.07 -38.98 -74.83
N VAL C 1119 26.28 -39.31 -75.26
CA VAL C 1119 26.90 -40.60 -74.98
C VAL C 1119 27.89 -40.42 -73.84
N SER C 1120 27.72 -41.22 -72.78
CA SER C 1120 28.64 -41.16 -71.65
C SER C 1120 28.59 -42.52 -70.94
N GLY C 1121 29.60 -43.36 -71.19
CA GLY C 1121 29.72 -44.64 -70.54
C GLY C 1121 29.19 -45.78 -71.40
N ASN C 1122 29.46 -46.99 -70.93
CA ASN C 1122 29.03 -48.21 -71.60
C ASN C 1122 27.77 -48.77 -70.94
N CYS C 1123 27.19 -49.77 -71.61
CA CYS C 1123 25.90 -50.33 -71.18
C CYS C 1123 26.09 -51.55 -70.28
N ASP C 1124 26.81 -51.34 -69.18
CA ASP C 1124 26.99 -52.40 -68.20
C ASP C 1124 26.98 -51.90 -66.76
N VAL C 1125 26.68 -50.62 -66.52
CA VAL C 1125 26.72 -50.07 -65.18
C VAL C 1125 25.37 -49.47 -64.83
N VAL C 1126 24.61 -49.08 -65.85
CA VAL C 1126 23.30 -48.47 -65.64
C VAL C 1126 22.26 -49.57 -65.43
N ILE C 1127 21.52 -49.48 -64.34
CA ILE C 1127 20.50 -50.47 -64.00
C ILE C 1127 19.17 -50.01 -64.59
N GLY C 1128 18.57 -50.88 -65.40
CA GLY C 1128 17.30 -50.58 -66.04
C GLY C 1128 17.38 -50.09 -67.47
N ILE C 1129 18.57 -50.13 -68.08
CA ILE C 1129 18.71 -49.64 -69.44
C ILE C 1129 18.04 -50.61 -70.41
N VAL C 1130 17.36 -50.05 -71.40
CA VAL C 1130 16.64 -50.83 -72.41
C VAL C 1130 17.41 -50.78 -73.72
N ASN C 1131 17.02 -51.59 -74.66
CA ASN C 1131 17.68 -51.46 -75.90
C ASN C 1131 16.80 -50.59 -76.68
N ASN C 1132 17.34 -50.13 -77.78
CA ASN C 1132 16.63 -49.40 -78.82
C ASN C 1132 17.64 -48.99 -79.89
N THR C 1133 17.20 -48.17 -80.84
CA THR C 1133 18.05 -47.68 -81.92
C THR C 1133 17.94 -46.16 -81.97
N VAL C 1134 19.09 -45.49 -82.01
CA VAL C 1134 19.14 -44.03 -82.10
C VAL C 1134 19.26 -43.65 -83.57
N TYR C 1135 18.19 -43.07 -84.11
CA TYR C 1135 18.18 -42.67 -85.51
C TYR C 1135 18.95 -41.36 -85.67
N ASP C 1136 20.09 -41.42 -86.36
CA ASP C 1136 20.83 -40.19 -86.56
C ASP C 1136 20.54 -39.60 -87.93
N PRO C 1137 20.42 -38.27 -88.03
CA PRO C 1137 20.11 -37.66 -89.33
C PRO C 1137 21.27 -37.68 -90.31
N LEU C 1138 22.48 -38.06 -89.87
CA LEU C 1138 23.63 -38.05 -90.77
C LEU C 1138 23.62 -39.25 -91.72
N GLN C 1139 23.08 -40.38 -91.27
CA GLN C 1139 23.08 -41.58 -92.13
C GLN C 1139 22.23 -41.42 -93.38
N PRO C 1140 20.99 -40.91 -93.33
CA PRO C 1140 20.24 -40.74 -94.59
C PRO C 1140 20.87 -39.74 -95.54
N GLU C 1141 21.33 -38.60 -95.02
CA GLU C 1141 21.92 -37.57 -95.88
C GLU C 1141 23.29 -37.97 -96.39
N LEU C 1142 23.96 -38.93 -95.76
CA LEU C 1142 25.26 -39.39 -96.22
C LEU C 1142 25.17 -40.39 -97.36
N ASP C 1143 23.98 -40.91 -97.66
CA ASP C 1143 23.79 -41.88 -98.73
C ASP C 1143 23.81 -41.12 -100.06
N SER C 1144 25.02 -40.84 -100.54
CA SER C 1144 25.20 -40.13 -101.80
C SER C 1144 25.21 -41.10 -102.97
N VAL D 3 8.58 34.97 63.10
CA VAL D 3 8.70 35.00 64.55
C VAL D 3 9.81 35.94 64.97
N LEU D 4 9.47 36.98 65.71
CA LEU D 4 10.42 37.98 66.19
C LEU D 4 10.58 37.86 67.70
N THR D 5 11.54 38.63 68.23
CA THR D 5 11.84 38.64 69.65
C THR D 5 11.57 40.03 70.21
N GLN D 6 10.65 40.11 71.17
CA GLN D 6 10.28 41.36 71.82
C GLN D 6 10.18 41.12 73.32
N PRO D 7 10.51 42.12 74.14
CA PRO D 7 10.41 41.95 75.60
C PRO D 7 8.96 41.84 76.02
N PRO D 8 8.65 40.92 76.94
CA PRO D 8 7.26 40.81 77.43
C PRO D 8 6.67 42.12 77.91
N SER D 9 7.34 42.81 78.83
CA SER D 9 6.85 44.05 79.38
C SER D 9 8.02 44.98 79.65
N ALA D 10 7.70 46.25 79.90
CA ALA D 10 8.72 47.27 80.19
C ALA D 10 8.06 48.35 81.03
N SER D 11 8.34 48.33 82.34
CA SER D 11 7.77 49.29 83.27
C SER D 11 8.79 49.95 84.19
N GLY D 12 9.97 49.37 84.39
CA GLY D 12 10.96 49.99 85.25
C GLY D 12 11.56 51.23 84.60
N SER D 13 11.83 52.24 85.44
CA SER D 13 12.37 53.52 85.02
C SER D 13 11.51 54.14 83.91
N PRO D 14 10.30 54.61 84.23
CA PRO D 14 9.40 55.11 83.19
C PRO D 14 9.95 56.39 82.55
N GLY D 15 10.09 56.34 81.22
CA GLY D 15 10.49 57.52 80.47
C GLY D 15 11.92 57.98 80.68
N GLN D 16 12.78 57.14 81.24
CA GLN D 16 14.18 57.50 81.44
C GLN D 16 15.15 56.53 80.78
N SER D 17 14.90 55.23 80.87
CA SER D 17 15.77 54.23 80.24
C SER D 17 14.97 53.09 79.62
N VAL D 18 13.76 53.38 79.13
CA VAL D 18 12.92 52.34 78.56
C VAL D 18 13.53 51.80 77.28
N THR D 19 13.67 52.68 76.27
CA THR D 19 14.31 52.40 74.98
C THR D 19 14.02 50.98 74.48
N ILE D 20 12.73 50.68 74.33
CA ILE D 20 12.33 49.37 73.84
C ILE D 20 12.78 49.19 72.40
N SER D 21 12.96 47.93 72.01
CA SER D 21 13.34 47.57 70.66
C SER D 21 12.76 46.19 70.34
N CYS D 22 13.25 45.58 69.25
CA CYS D 22 12.80 44.24 68.86
C CYS D 22 14.01 43.51 68.27
N THR D 23 14.56 42.57 69.04
CA THR D 23 15.70 41.78 68.60
C THR D 23 15.20 40.56 67.81
N GLY D 24 16.11 39.63 67.53
CA GLY D 24 15.76 38.45 66.77
C GLY D 24 15.84 38.59 65.27
N THR D 25 16.69 39.48 64.77
CA THR D 25 16.84 39.69 63.34
C THR D 25 18.01 38.89 62.76
N SER D 26 19.19 39.01 63.37
CA SER D 26 20.40 38.28 62.95
C SER D 26 20.78 38.57 61.50
N SER D 27 20.34 39.70 60.95
CA SER D 27 20.65 40.06 59.57
C SER D 27 20.70 41.58 59.49
N ASP D 28 20.65 42.10 58.27
CA ASP D 28 20.68 43.55 58.01
C ASP D 28 19.34 44.06 57.52
N PHE D 29 18.25 43.52 58.09
CA PHE D 29 16.89 43.92 57.75
C PHE D 29 16.59 43.72 56.26
N GLY D 30 17.20 42.72 55.65
CA GLY D 30 16.97 42.41 54.25
C GLY D 30 17.44 43.49 53.30
N GLY D 31 16.50 44.14 52.61
CA GLY D 31 16.84 45.17 51.66
C GLY D 31 16.60 46.58 52.19
N TYR D 32 15.49 47.18 51.79
CA TYR D 32 15.12 48.51 52.25
C TYR D 32 14.91 48.53 53.76
N ASN D 33 15.78 49.26 54.47
CA ASN D 33 15.72 49.32 55.93
C ASN D 33 14.62 50.29 56.35
N SER D 34 13.40 49.77 56.40
CA SER D 34 12.22 50.52 56.78
C SER D 34 11.50 49.75 57.89
N VAL D 35 11.79 50.10 59.14
CA VAL D 35 11.18 49.45 60.30
C VAL D 35 10.16 50.43 60.88
N SER D 36 8.89 50.05 60.83
CA SER D 36 7.81 50.88 61.33
C SER D 36 7.48 50.52 62.78
N TRP D 37 6.82 51.46 63.46
CA TRP D 37 6.42 51.29 64.85
C TRP D 37 4.95 51.66 64.98
N TYR D 38 4.15 50.69 65.42
CA TYR D 38 2.71 50.87 65.59
C TYR D 38 2.37 50.92 67.07
N GLN D 39 1.49 51.84 67.43
CA GLN D 39 1.03 52.03 68.81
C GLN D 39 -0.43 51.55 68.88
N GLN D 40 -0.61 50.29 69.25
CA GLN D 40 -1.95 49.73 69.40
C GLN D 40 -2.53 50.15 70.73
N HIS D 41 -3.66 50.85 70.69
CA HIS D 41 -4.37 51.33 71.87
C HIS D 41 -5.71 50.63 72.01
N PRO D 42 -6.10 50.23 73.21
CA PRO D 42 -7.41 49.59 73.39
C PRO D 42 -8.54 50.53 73.01
N GLY D 43 -9.51 50.01 72.26
CA GLY D 43 -10.60 50.82 71.76
C GLY D 43 -10.44 51.18 70.30
N LYS D 44 -10.02 52.42 70.03
CA LYS D 44 -9.86 52.88 68.67
C LYS D 44 -8.71 52.13 67.97
N ALA D 45 -8.61 52.36 66.66
CA ALA D 45 -7.59 51.70 65.87
C ALA D 45 -6.21 52.26 66.19
N PRO D 46 -5.16 51.46 66.00
CA PRO D 46 -3.80 51.96 66.25
C PRO D 46 -3.44 53.10 65.33
N LYS D 47 -2.38 53.83 65.70
CA LYS D 47 -1.91 54.98 64.96
C LYS D 47 -0.41 54.84 64.69
N LEU D 48 0.00 55.23 63.50
CA LEU D 48 1.42 55.17 63.13
C LEU D 48 2.22 56.18 63.93
N MET D 49 3.43 55.79 64.34
CA MET D 49 4.34 56.65 65.07
C MET D 49 5.56 57.06 64.26
N ILE D 50 6.20 56.08 63.61
CA ILE D 50 7.38 56.35 62.78
C ILE D 50 7.56 55.18 61.82
N TYR D 51 7.98 55.49 60.61
CA TYR D 51 8.12 54.49 59.54
C TYR D 51 9.58 54.17 59.23
N GLU D 52 10.44 55.17 59.16
CA GLU D 52 11.85 54.97 58.90
C GLU D 52 12.64 55.09 60.20
N VAL D 53 13.97 55.06 60.10
CA VAL D 53 14.81 55.25 61.29
C VAL D 53 14.83 56.71 61.71
N SER D 54 14.50 57.63 60.82
CA SER D 54 14.44 59.05 61.12
C SER D 54 13.27 59.65 60.33
N LYS D 55 13.21 60.98 60.29
CA LYS D 55 12.17 61.72 59.59
C LYS D 55 10.77 61.32 60.08
N ARG D 56 10.53 61.61 61.35
CA ARG D 56 9.25 61.28 61.96
C ARG D 56 8.13 62.07 61.29
N PRO D 57 6.94 61.47 61.15
CA PRO D 57 5.83 62.18 60.49
C PRO D 57 5.22 63.24 61.38
N SER D 58 4.15 63.87 60.90
CA SER D 58 3.47 64.93 61.64
C SER D 58 2.77 64.33 62.86
N GLY D 59 3.32 64.57 64.04
CA GLY D 59 2.74 64.05 65.27
C GLY D 59 3.46 64.52 66.51
N VAL D 60 3.59 63.66 67.50
CA VAL D 60 4.30 64.02 68.73
C VAL D 60 5.79 64.11 68.44
N PRO D 61 6.46 65.19 68.82
CA PRO D 61 7.89 65.35 68.53
C PRO D 61 8.83 64.86 69.62
N ASP D 62 8.33 64.21 70.67
CA ASP D 62 9.14 63.73 71.77
C ASP D 62 9.51 62.25 71.63
N ARG D 63 9.34 61.68 70.43
CA ARG D 63 9.70 60.28 70.18
C ARG D 63 10.38 60.22 68.81
N PHE D 64 11.71 60.15 68.82
CA PHE D 64 12.48 60.10 67.59
C PHE D 64 13.76 59.31 67.87
N SER D 65 14.73 59.41 66.96
CA SER D 65 16.03 58.75 67.08
C SER D 65 15.88 57.23 67.19
N GLY D 66 15.28 56.67 66.15
CA GLY D 66 15.12 55.22 66.07
C GLY D 66 16.26 54.56 65.33
N SER D 67 17.49 54.73 65.83
CA SER D 67 18.66 54.21 65.17
C SER D 67 18.73 52.69 65.29
N LYS D 68 19.29 52.05 64.26
CA LYS D 68 19.46 50.60 64.24
C LYS D 68 20.83 50.26 64.82
N SER D 69 20.82 49.86 66.10
CA SER D 69 22.05 49.47 66.78
C SER D 69 22.19 47.95 66.72
N GLY D 70 23.39 47.50 66.38
CA GLY D 70 23.65 46.07 66.26
C GLY D 70 22.77 45.44 65.20
N ASN D 71 21.78 44.67 65.65
CA ASN D 71 20.81 44.06 64.73
C ASN D 71 19.37 44.38 65.14
N THR D 72 19.15 45.48 65.85
CA THR D 72 17.80 45.84 66.28
C THR D 72 17.66 47.37 66.27
N ALA D 73 16.46 47.83 65.91
CA ALA D 73 16.15 49.25 65.86
C ALA D 73 15.70 49.70 67.24
N SER D 74 16.55 50.45 67.94
CA SER D 74 16.27 50.90 69.30
C SER D 74 15.53 52.24 69.22
N LEU D 75 14.20 52.18 69.27
CA LEU D 75 13.38 53.39 69.23
C LEU D 75 13.51 54.14 70.54
N THR D 76 14.16 55.29 70.51
CA THR D 76 14.35 56.10 71.71
C THR D 76 13.01 56.70 72.14
N VAL D 77 12.50 56.25 73.29
CA VAL D 77 11.22 56.71 73.82
C VAL D 77 11.37 57.48 75.11
N SER D 78 12.60 57.61 75.64
CA SER D 78 12.81 58.33 76.88
C SER D 78 12.46 59.81 76.72
N GLY D 79 11.96 60.40 77.81
CA GLY D 79 11.59 61.79 77.78
C GLY D 79 10.30 62.09 77.04
N LEU D 80 9.48 61.08 76.79
CA LEU D 80 8.23 61.29 76.05
C LEU D 80 7.13 61.80 76.97
N GLN D 81 6.73 60.97 77.94
CA GLN D 81 5.69 61.32 78.91
C GLN D 81 5.72 60.27 80.01
N ALA D 82 4.80 60.40 80.97
CA ALA D 82 4.74 59.50 82.12
C ALA D 82 3.32 58.98 82.33
N GLU D 83 2.51 58.92 81.27
CA GLU D 83 1.14 58.40 81.37
C GLU D 83 0.76 57.86 80.00
N ASP D 84 0.77 56.54 79.86
CA ASP D 84 0.43 55.90 78.60
C ASP D 84 0.03 54.47 78.86
N GLU D 85 -0.96 53.99 78.11
CA GLU D 85 -1.45 52.61 78.19
C GLU D 85 -1.70 52.12 76.77
N ALA D 86 -0.67 51.51 76.17
CA ALA D 86 -0.76 51.02 74.79
C ALA D 86 0.29 49.93 74.62
N ASP D 87 0.42 49.44 73.39
CA ASP D 87 1.38 48.39 73.06
C ASP D 87 2.16 48.82 71.82
N TYR D 88 3.49 48.70 71.89
CA TYR D 88 4.35 49.07 70.77
C TYR D 88 4.75 47.83 69.99
N TYR D 89 4.51 47.85 68.69
CA TYR D 89 4.86 46.75 67.80
C TYR D 89 5.82 47.25 66.73
N CYS D 90 6.80 46.42 66.38
CA CYS D 90 7.78 46.75 65.37
C CYS D 90 7.63 45.79 64.19
N SER D 91 8.05 46.26 63.02
CA SER D 91 7.92 45.51 61.78
C SER D 91 9.31 45.30 61.16
N SER D 92 9.57 44.08 60.74
CA SER D 92 10.85 43.72 60.13
C SER D 92 10.64 42.47 59.27
N TYR D 93 11.74 41.84 58.86
CA TYR D 93 11.72 40.63 58.04
C TYR D 93 10.97 40.88 56.73
N ALA D 94 11.56 41.76 55.93
CA ALA D 94 10.97 42.22 54.67
C ALA D 94 11.23 41.27 53.51
N GLY D 95 11.53 40.00 53.77
CA GLY D 95 11.76 39.07 52.69
C GLY D 95 10.54 38.90 51.79
N SER D 96 10.80 38.37 50.59
CA SER D 96 9.76 38.23 49.58
C SER D 96 8.74 37.19 50.02
N ASN D 97 7.47 37.60 50.09
CA ASN D 97 6.35 36.73 50.44
C ASN D 97 6.56 36.07 51.80
N ASN D 98 6.68 36.92 52.82
CA ASN D 98 6.87 36.49 54.20
C ASN D 98 5.92 37.27 55.10
N PHE D 99 4.87 36.61 55.57
CA PHE D 99 3.87 37.25 56.42
C PHE D 99 4.32 37.22 57.87
N ASP D 100 3.42 37.60 58.78
CA ASP D 100 3.70 37.63 60.22
C ASP D 100 4.90 38.53 60.53
N VAL D 101 4.88 39.75 59.97
CA VAL D 101 5.98 40.69 60.18
C VAL D 101 5.90 41.41 61.51
N PHE D 102 4.77 41.32 62.21
CA PHE D 102 4.61 42.00 63.49
C PHE D 102 5.36 41.24 64.58
N GLY D 103 5.39 41.85 65.78
CA GLY D 103 6.03 41.26 66.93
C GLY D 103 5.03 40.91 68.03
N THR D 104 5.57 40.33 69.09
CA THR D 104 4.76 39.92 70.22
C THR D 104 4.32 41.15 71.03
N GLY D 105 3.36 40.93 71.92
CA GLY D 105 2.84 41.99 72.76
C GLY D 105 3.82 42.50 73.79
N THR D 106 4.26 43.75 73.64
CA THR D 106 5.20 44.38 74.56
C THR D 106 4.44 45.42 75.37
N LYS D 107 4.36 45.19 76.69
CA LYS D 107 3.65 46.09 77.59
C LYS D 107 4.57 47.24 77.95
N VAL D 108 4.40 48.38 77.29
CA VAL D 108 5.25 49.55 77.49
C VAL D 108 4.55 50.60 78.35
N THR D 109 3.57 50.20 79.16
CA THR D 109 2.87 51.13 80.03
C THR D 109 3.82 51.73 81.07
N VAL D 110 4.10 53.03 80.94
CA VAL D 110 5.02 53.68 81.87
C VAL D 110 4.35 53.93 83.22
N LEU D 111 3.02 54.06 83.23
CA LEU D 111 2.27 54.30 84.46
C LEU D 111 1.30 53.17 84.77
N GLY D 112 0.54 52.72 83.78
CA GLY D 112 -0.42 51.65 83.99
C GLY D 112 -1.80 52.15 84.37
N GLY D 113 -1.90 52.82 85.52
CA GLY D 113 -3.16 53.35 85.98
C GLY D 113 -3.66 54.51 85.15
N GLY D 114 -2.89 55.59 85.10
CA GLY D 114 -3.26 56.76 84.34
C GLY D 114 -2.19 57.23 83.39
N GLY D 124 -7.59 60.65 62.41
CA GLY D 124 -8.03 59.41 61.80
C GLY D 124 -9.53 59.29 61.68
N GLY D 125 -10.25 60.17 62.40
CA GLY D 125 -11.69 60.15 62.40
C GLY D 125 -12.31 60.66 61.10
N SER D 126 -12.09 61.93 60.81
CA SER D 126 -12.65 62.56 59.61
C SER D 126 -11.62 62.76 58.52
N GLU D 127 -10.50 62.02 58.56
CA GLU D 127 -9.46 62.15 57.55
C GLU D 127 -9.99 61.74 56.17
N VAL D 128 -10.35 60.47 56.01
CA VAL D 128 -10.90 59.99 54.75
C VAL D 128 -12.27 59.36 54.98
N GLN D 129 -12.31 58.28 55.74
CA GLN D 129 -13.53 57.53 56.05
C GLN D 129 -13.17 56.40 57.00
N LEU D 130 -14.19 55.85 57.67
CA LEU D 130 -14.01 54.69 58.54
C LEU D 130 -15.34 53.96 58.64
N VAL D 131 -15.47 52.86 57.88
CA VAL D 131 -16.67 52.03 57.92
C VAL D 131 -16.27 50.56 57.89
N GLU D 132 -17.15 49.72 58.42
CA GLU D 132 -16.94 48.27 58.44
C GLU D 132 -18.27 47.60 58.15
N SER D 133 -18.31 46.28 58.38
CA SER D 133 -19.52 45.51 58.14
C SER D 133 -20.31 45.22 59.41
N GLY D 134 -19.66 45.20 60.57
CA GLY D 134 -20.34 44.92 61.81
C GLY D 134 -20.80 43.48 61.92
N GLY D 135 -19.86 42.55 61.99
CA GLY D 135 -20.17 41.14 62.06
C GLY D 135 -20.62 40.68 63.43
N GLY D 136 -21.80 41.13 63.86
CA GLY D 136 -22.32 40.74 65.16
C GLY D 136 -22.95 39.36 65.10
N LEU D 137 -22.49 38.47 65.98
CA LEU D 137 -22.99 37.10 66.07
C LEU D 137 -22.85 36.36 64.74
N ILE D 138 -21.60 36.20 64.32
CA ILE D 138 -21.31 35.55 63.06
C ILE D 138 -21.55 34.05 63.17
N GLN D 139 -22.36 33.51 62.28
CA GLN D 139 -22.58 32.08 62.24
C GLN D 139 -21.32 31.37 61.76
N PRO D 140 -20.92 30.27 62.41
CA PRO D 140 -19.70 29.57 61.99
C PRO D 140 -19.86 29.00 60.58
N GLY D 141 -19.05 29.53 59.67
CA GLY D 141 -19.12 29.15 58.28
C GLY D 141 -19.77 30.22 57.42
N GLY D 142 -20.45 29.81 56.35
CA GLY D 142 -21.10 30.78 55.49
C GLY D 142 -20.10 31.66 54.75
N SER D 143 -20.53 32.88 54.45
CA SER D 143 -19.69 33.84 53.73
C SER D 143 -20.14 35.24 54.11
N LEU D 144 -19.33 35.93 54.91
CA LEU D 144 -19.59 37.30 55.33
C LEU D 144 -18.62 38.24 54.63
N ARG D 145 -19.12 39.39 54.19
CA ARG D 145 -18.34 40.36 53.44
C ARG D 145 -18.10 41.58 54.30
N LEU D 146 -16.86 42.03 54.37
CA LEU D 146 -16.47 43.20 55.15
C LEU D 146 -15.82 44.21 54.22
N SER D 147 -16.30 45.45 54.25
CA SER D 147 -15.83 46.51 53.37
C SER D 147 -15.30 47.68 54.19
N CYS D 148 -14.47 48.49 53.53
CA CYS D 148 -13.87 49.69 54.11
C CYS D 148 -14.00 50.86 53.15
N ALA D 149 -15.22 51.08 52.65
CA ALA D 149 -15.51 52.14 51.69
C ALA D 149 -14.92 53.48 52.14
N ALA D 150 -14.09 54.06 51.28
CA ALA D 150 -13.42 55.33 51.56
C ALA D 150 -13.88 56.36 50.55
N SER D 151 -14.56 57.40 51.03
CA SER D 151 -15.04 58.48 50.18
C SER D 151 -13.93 59.46 49.80
N GLY D 152 -12.72 59.29 50.32
CA GLY D 152 -11.61 60.16 50.01
C GLY D 152 -10.64 59.54 49.02
N PHE D 153 -9.55 58.98 49.53
CA PHE D 153 -8.56 58.34 48.67
C PHE D 153 -9.20 57.18 47.90
N THR D 154 -8.63 56.90 46.73
CA THR D 154 -9.17 55.86 45.88
C THR D 154 -9.04 54.49 46.54
N VAL D 155 -10.12 53.71 46.49
CA VAL D 155 -10.17 52.41 47.14
C VAL D 155 -9.82 51.33 46.13
N SER D 156 -9.35 51.74 44.95
CA SER D 156 -9.04 50.80 43.88
C SER D 156 -7.67 50.98 43.27
N SER D 157 -6.90 51.99 43.69
CA SER D 157 -5.58 52.24 43.13
C SER D 157 -4.46 52.06 44.13
N ASN D 158 -4.67 52.40 45.39
CA ASN D 158 -3.63 52.28 46.40
C ASN D 158 -3.51 50.83 46.87
N TYR D 159 -2.37 50.53 47.50
CA TYR D 159 -2.06 49.18 47.98
C TYR D 159 -2.57 49.07 49.41
N MET D 160 -3.70 48.38 49.59
CA MET D 160 -4.29 48.19 50.90
C MET D 160 -4.00 46.77 51.40
N SER D 161 -4.36 46.52 52.66
CA SER D 161 -4.12 45.23 53.28
C SER D 161 -5.15 44.98 54.37
N TRP D 162 -5.18 43.74 54.85
CA TRP D 162 -6.09 43.31 55.91
C TRP D 162 -5.29 42.57 56.97
N VAL D 163 -5.39 43.03 58.22
CA VAL D 163 -4.66 42.45 59.33
C VAL D 163 -5.64 42.19 60.47
N ARG D 164 -5.58 40.98 61.03
CA ARG D 164 -6.46 40.62 62.14
C ARG D 164 -5.64 40.45 63.42
N GLN D 165 -6.30 40.71 64.55
CA GLN D 165 -5.67 40.56 65.85
C GLN D 165 -6.70 40.02 66.85
N ALA D 166 -6.23 39.17 67.75
CA ALA D 166 -7.07 38.56 68.76
C ALA D 166 -6.67 39.04 70.16
N PRO D 167 -7.60 39.01 71.12
CA PRO D 167 -7.26 39.37 72.51
C PRO D 167 -6.05 38.60 73.03
N GLY D 168 -5.03 39.33 73.45
CA GLY D 168 -3.80 38.72 73.96
C GLY D 168 -2.71 38.48 72.93
N LYS D 169 -3.07 37.91 71.79
CA LYS D 169 -2.10 37.65 70.74
C LYS D 169 -1.85 38.90 69.92
N GLY D 170 -0.67 38.96 69.29
CA GLY D 170 -0.29 40.09 68.48
C GLY D 170 -0.88 40.05 67.09
N LEU D 171 -0.58 41.09 66.32
CA LEU D 171 -1.07 41.19 64.96
C LEU D 171 -0.24 40.32 64.02
N GLU D 172 -0.80 40.08 62.83
CA GLU D 172 -0.11 39.30 61.81
C GLU D 172 -0.75 39.58 60.46
N TRP D 173 0.05 39.50 59.41
CA TRP D 173 -0.43 39.78 58.06
C TRP D 173 -1.40 38.71 57.60
N VAL D 174 -2.60 39.13 57.19
CA VAL D 174 -3.65 38.18 56.84
C VAL D 174 -3.99 38.27 55.37
N SER D 175 -3.88 39.46 54.78
CA SER D 175 -4.25 39.62 53.38
C SER D 175 -3.50 40.81 52.79
N VAL D 176 -2.88 40.60 51.63
CA VAL D 176 -2.20 41.65 50.88
C VAL D 176 -2.75 41.63 49.46
N ILE D 177 -3.10 42.81 48.95
CA ILE D 177 -3.66 42.94 47.61
C ILE D 177 -2.96 44.11 46.91
N TYR D 178 -2.41 43.84 45.72
CA TYR D 178 -1.72 44.87 44.95
C TYR D 178 -2.72 45.71 44.16
N SER D 179 -2.23 46.43 43.15
CA SER D 179 -3.06 47.34 42.38
C SER D 179 -4.21 46.62 41.68
N GLY D 180 -3.88 45.73 40.73
CA GLY D 180 -4.92 45.04 39.99
C GLY D 180 -4.57 43.64 39.52
N GLY D 181 -3.38 43.16 39.87
CA GLY D 181 -2.91 41.89 39.32
C GLY D 181 -2.27 40.95 40.32
N SER D 182 -2.69 41.02 41.59
CA SER D 182 -2.14 40.12 42.60
C SER D 182 -3.19 39.90 43.68
N THR D 183 -3.36 38.65 44.08
CA THR D 183 -4.33 38.24 45.11
C THR D 183 -3.65 37.29 46.10
N TYR D 184 -2.47 37.68 46.57
CA TYR D 184 -1.73 36.82 47.50
C TYR D 184 -2.48 36.69 48.82
N TYR D 185 -2.43 35.49 49.40
CA TYR D 185 -3.05 35.19 50.67
C TYR D 185 -1.98 34.81 51.69
N ALA D 186 -2.32 34.95 52.96
CA ALA D 186 -1.38 34.64 54.03
C ALA D 186 -1.22 33.13 54.19
N ASP D 187 -0.24 32.75 55.00
CA ASP D 187 0.03 31.33 55.26
C ASP D 187 -0.94 30.72 56.26
N SER D 188 -1.66 31.54 57.03
CA SER D 188 -2.61 31.02 58.00
C SER D 188 -3.81 30.39 57.31
N VAL D 189 -4.34 31.05 56.27
CA VAL D 189 -5.49 30.50 55.56
C VAL D 189 -5.05 29.42 54.57
N LYS D 190 -3.89 29.60 53.95
CA LYS D 190 -3.28 28.63 53.03
C LYS D 190 -4.18 28.31 51.84
N GLY D 191 -5.17 29.16 51.55
CA GLY D 191 -6.01 28.95 50.39
C GLY D 191 -7.49 29.07 50.66
N ARG D 192 -7.90 28.87 51.92
CA ARG D 192 -9.32 28.94 52.26
C ARG D 192 -9.88 30.36 52.22
N PHE D 193 -9.04 31.37 51.98
CA PHE D 193 -9.48 32.75 51.91
C PHE D 193 -9.38 33.23 50.47
N THR D 194 -10.45 33.83 49.96
CA THR D 194 -10.52 34.32 48.59
C THR D 194 -10.88 35.80 48.61
N ILE D 195 -9.97 36.65 48.16
CA ILE D 195 -10.22 38.08 48.11
C ILE D 195 -10.90 38.42 46.78
N SER D 196 -11.94 39.24 46.86
CA SER D 196 -12.70 39.65 45.67
C SER D 196 -12.97 41.14 45.76
N ARG D 197 -12.50 41.89 44.76
CA ARG D 197 -12.67 43.33 44.74
C ARG D 197 -14.08 43.70 44.28
N ASP D 198 -14.66 44.70 44.94
CA ASP D 198 -15.97 45.22 44.57
C ASP D 198 -15.82 46.17 43.39
N ASN D 199 -16.87 46.94 43.10
CA ASN D 199 -16.82 47.92 42.01
C ASN D 199 -15.64 48.86 42.18
N SER D 200 -15.01 49.20 41.05
CA SER D 200 -13.78 49.98 41.07
C SER D 200 -14.00 51.43 41.50
N GLU D 201 -15.24 51.89 41.64
CA GLU D 201 -15.51 53.27 42.00
C GLU D 201 -16.44 53.39 43.22
N ASN D 202 -16.77 52.29 43.89
CA ASN D 202 -17.64 52.33 45.05
C ASN D 202 -16.91 51.95 46.33
N THR D 203 -16.32 50.77 46.40
CA THR D 203 -15.66 50.27 47.60
C THR D 203 -14.86 49.03 47.23
N LEU D 204 -14.29 48.39 48.25
CA LEU D 204 -13.55 47.14 48.08
C LEU D 204 -13.80 46.30 49.33
N TYR D 205 -14.53 45.20 49.17
CA TYR D 205 -14.93 44.35 50.27
C TYR D 205 -14.13 43.05 50.27
N LEU D 206 -14.34 42.25 51.31
CA LEU D 206 -13.64 40.99 51.52
C LEU D 206 -14.65 39.85 51.52
N GLN D 207 -14.17 38.64 51.80
CA GLN D 207 -15.01 37.46 51.83
C GLN D 207 -14.47 36.48 52.86
N MET D 208 -15.37 35.88 53.63
CA MET D 208 -14.97 34.97 54.69
C MET D 208 -14.58 33.59 54.14
N ASN D 209 -15.45 33.01 53.32
CA ASN D 209 -15.20 31.73 52.66
C ASN D 209 -14.97 30.60 53.67
N SER D 210 -16.01 30.33 54.47
CA SER D 210 -16.07 29.14 55.32
C SER D 210 -14.91 29.11 56.32
N LEU D 211 -14.95 30.06 57.24
CA LEU D 211 -13.93 30.16 58.30
C LEU D 211 -13.76 28.85 59.05
N ARG D 212 -12.59 28.66 59.66
CA ARG D 212 -12.26 27.42 60.37
C ARG D 212 -12.12 27.67 61.87
N ALA D 213 -13.02 28.48 62.42
CA ALA D 213 -13.12 28.81 63.84
C ALA D 213 -11.93 29.63 64.35
N GLU D 214 -10.95 29.95 63.49
CA GLU D 214 -9.83 30.79 63.88
C GLU D 214 -9.98 32.23 63.42
N ASP D 215 -11.05 32.55 62.68
CA ASP D 215 -11.30 33.90 62.19
C ASP D 215 -12.07 34.75 63.19
N THR D 216 -12.09 34.37 64.46
CA THR D 216 -12.80 35.13 65.48
C THR D 216 -12.09 36.45 65.82
N ALA D 217 -10.83 36.60 65.43
CA ALA D 217 -10.09 37.81 65.71
C ALA D 217 -10.69 39.00 64.97
N VAL D 218 -10.49 40.19 65.53
CA VAL D 218 -11.03 41.41 64.94
C VAL D 218 -10.16 41.83 63.76
N TYR D 219 -10.80 42.36 62.72
CA TYR D 219 -10.15 42.72 61.48
C TYR D 219 -9.82 44.20 61.43
N TYR D 220 -8.87 44.54 60.56
CA TYR D 220 -8.52 45.93 60.30
C TYR D 220 -8.10 46.04 58.84
N CYS D 221 -8.81 46.89 58.10
CA CYS D 221 -8.51 47.15 56.69
C CYS D 221 -7.67 48.41 56.61
N ALA D 222 -6.38 48.24 56.38
CA ALA D 222 -5.45 49.35 56.32
C ALA D 222 -5.29 49.83 54.88
N ARG D 223 -5.30 51.14 54.69
CA ARG D 223 -5.17 51.72 53.36
C ARG D 223 -3.77 51.56 52.78
N GLY D 224 -2.78 51.24 53.61
CA GLY D 224 -1.43 51.09 53.13
C GLY D 224 -0.81 49.80 53.65
N GLU D 225 0.26 49.39 52.98
CA GLU D 225 0.97 48.17 53.37
C GLU D 225 1.68 48.37 54.70
N ILE D 226 2.00 47.26 55.36
CA ILE D 226 2.60 47.30 56.68
C ILE D 226 4.13 47.20 56.57
N GLN D 227 4.61 46.10 56.00
CA GLN D 227 6.06 45.92 55.89
C GLN D 227 6.64 46.79 54.77
N PRO D 228 6.09 46.76 53.53
CA PRO D 228 6.56 47.71 52.51
C PRO D 228 5.76 49.03 52.56
N TYR D 229 5.77 49.66 53.73
CA TYR D 229 4.96 50.85 53.94
C TYR D 229 5.56 52.05 53.21
N TYR D 230 4.70 52.79 52.53
CA TYR D 230 5.07 54.03 51.87
C TYR D 230 4.42 55.20 52.60
N TYR D 231 4.95 56.40 52.36
CA TYR D 231 4.47 57.59 53.08
C TYR D 231 2.97 57.78 52.88
N TYR D 232 2.50 57.72 51.63
CA TYR D 232 1.08 57.79 51.31
C TYR D 232 0.40 59.05 51.85
N GLY D 233 1.18 60.11 52.06
CA GLY D 233 0.64 61.34 52.60
C GLY D 233 0.34 61.28 54.08
N MET D 234 -0.52 60.34 54.48
CA MET D 234 -0.88 60.17 55.88
C MET D 234 -1.35 58.75 56.10
N ASP D 235 -1.15 58.26 57.33
CA ASP D 235 -1.55 56.91 57.71
C ASP D 235 -2.87 57.00 58.49
N VAL D 236 -3.94 56.52 57.88
CA VAL D 236 -5.27 56.55 58.47
C VAL D 236 -5.75 55.11 58.61
N TRP D 237 -6.23 54.76 59.81
CA TRP D 237 -6.75 53.44 60.10
C TRP D 237 -8.25 53.51 60.36
N GLY D 238 -8.83 52.35 60.65
CA GLY D 238 -10.25 52.27 60.94
C GLY D 238 -10.51 51.28 62.05
N GLN D 239 -11.54 51.57 62.84
CA GLN D 239 -11.89 50.70 63.96
C GLN D 239 -12.39 49.36 63.46
N GLY D 240 -12.09 48.30 64.21
CA GLY D 240 -12.50 46.96 63.86
C GLY D 240 -13.79 46.54 64.54
N THR D 241 -14.23 45.33 64.18
CA THR D 241 -15.45 44.75 64.73
C THR D 241 -15.16 43.34 65.22
N THR D 242 -15.92 42.93 66.23
CA THR D 242 -15.77 41.60 66.82
C THR D 242 -16.58 40.59 66.02
N VAL D 243 -15.91 39.52 65.57
CA VAL D 243 -16.58 38.49 64.80
C VAL D 243 -17.53 37.70 65.68
N THR D 244 -17.05 37.22 66.83
CA THR D 244 -17.84 36.48 67.81
C THR D 244 -18.49 35.25 67.17
N VAL D 245 -17.62 34.33 66.74
CA VAL D 245 -18.10 33.09 66.14
C VAL D 245 -18.80 32.24 67.19
N SER D 246 -19.69 31.37 66.71
CA SER D 246 -20.49 30.48 67.55
C SER D 246 -20.30 29.03 67.13
N SER D 247 -19.05 28.64 66.90
CA SER D 247 -18.74 27.28 66.49
C SER D 247 -18.88 26.30 67.66
N VAL E 3 15.65 9.36 38.69
CA VAL E 3 16.41 8.13 38.59
C VAL E 3 17.71 8.36 37.83
N LEU E 4 18.81 7.89 38.39
CA LEU E 4 20.13 8.03 37.79
C LEU E 4 20.82 6.68 37.74
N THR E 5 21.35 6.32 36.58
CA THR E 5 22.05 5.06 36.40
C THR E 5 23.54 5.27 36.64
N GLN E 6 24.12 4.47 37.54
CA GLN E 6 25.53 4.58 37.88
C GLN E 6 26.07 3.19 38.18
N PRO E 7 27.29 2.88 37.71
CA PRO E 7 27.91 1.60 38.02
C PRO E 7 27.90 1.33 39.52
N PRO E 8 27.40 0.16 39.93
CA PRO E 8 27.33 -0.14 41.37
C PRO E 8 28.71 -0.30 42.00
N SER E 9 29.57 -1.09 41.36
CA SER E 9 30.92 -1.34 41.89
C SER E 9 31.84 -1.56 40.70
N ALA E 10 32.61 -0.52 40.35
CA ALA E 10 33.56 -0.60 39.25
C ALA E 10 34.91 -1.08 39.78
N SER E 11 35.94 -1.03 38.93
CA SER E 11 37.28 -1.44 39.30
C SER E 11 38.28 -0.49 38.67
N GLY E 12 39.57 -0.76 38.88
CA GLY E 12 40.61 0.06 38.33
C GLY E 12 42.00 -0.31 38.82
N THR E 13 43.02 0.12 38.09
CA THR E 13 44.40 -0.15 38.44
C THR E 13 45.15 1.15 38.72
N PRO E 14 46.13 1.13 39.62
CA PRO E 14 46.87 2.36 39.92
C PRO E 14 47.74 2.80 38.76
N GLY E 15 48.05 4.09 38.76
CA GLY E 15 48.87 4.68 37.71
C GLY E 15 48.11 5.29 36.56
N GLN E 16 47.17 4.55 35.99
CA GLN E 16 46.36 5.05 34.89
C GLN E 16 45.14 5.79 35.42
N ARG E 17 44.20 6.11 34.54
CA ARG E 17 43.00 6.83 34.89
C ARG E 17 41.77 6.01 34.55
N VAL E 18 40.67 6.29 35.26
CA VAL E 18 39.40 5.61 35.03
C VAL E 18 38.36 6.64 34.62
N THR E 19 37.15 6.18 34.31
CA THR E 19 36.07 7.06 33.87
C THR E 19 34.75 6.56 34.45
N ILE E 20 34.29 7.22 35.51
CA ILE E 20 33.00 6.91 36.12
C ILE E 20 31.93 7.75 35.43
N SER E 21 30.84 7.11 35.01
CA SER E 21 29.78 7.77 34.28
C SER E 21 28.49 7.75 35.08
N CYS E 22 27.60 8.68 34.76
CA CYS E 22 26.28 8.77 35.39
C CYS E 22 25.27 9.16 34.32
N SER E 23 24.32 8.27 34.04
CA SER E 23 23.33 8.49 33.00
C SER E 23 22.01 8.96 33.60
N GLY E 24 21.35 9.89 32.92
CA GLY E 24 20.07 10.40 33.38
C GLY E 24 19.29 11.00 32.23
N SER E 25 17.99 11.11 32.42
CA SER E 25 17.12 11.67 31.40
C SER E 25 17.32 13.18 31.31
N SER E 26 16.73 13.77 30.27
CA SER E 26 16.83 15.21 30.05
C SER E 26 15.97 16.01 31.03
N SER E 27 15.19 15.36 31.87
CA SER E 27 14.34 16.09 32.82
C SER E 27 15.12 16.54 34.05
N ASN E 28 16.19 15.83 34.41
CA ASN E 28 17.00 16.16 35.57
C ASN E 28 18.41 16.60 35.20
N ILE E 29 19.10 15.83 34.36
CA ILE E 29 20.46 16.20 33.96
C ILE E 29 20.43 17.18 32.80
N GLY E 30 19.52 16.97 31.84
CA GLY E 30 19.44 17.84 30.68
C GLY E 30 19.02 19.26 30.99
N SER E 31 18.37 19.48 32.13
CA SER E 31 17.89 20.80 32.51
C SER E 31 18.60 21.38 33.72
N ASN E 32 19.53 20.65 34.33
CA ASN E 32 20.24 21.11 35.51
C ASN E 32 21.70 20.68 35.39
N THR E 33 22.43 20.79 36.51
CA THR E 33 23.84 20.42 36.57
C THR E 33 24.03 19.26 37.54
N VAL E 34 24.88 18.32 37.16
CA VAL E 34 25.15 17.17 38.01
C VAL E 34 26.21 17.53 39.04
N ASN E 35 26.08 16.93 40.23
CA ASN E 35 27.02 17.14 41.32
C ASN E 35 27.63 15.81 41.72
N TRP E 36 28.95 15.77 41.84
CA TRP E 36 29.68 14.57 42.22
C TRP E 36 30.17 14.74 43.65
N TYR E 37 29.81 13.79 44.52
CA TYR E 37 30.20 13.81 45.92
C TYR E 37 31.09 12.61 46.23
N GLN E 38 32.13 12.84 47.02
CA GLN E 38 33.06 11.80 47.43
C GLN E 38 32.91 11.57 48.93
N GLN E 39 32.85 10.30 49.32
CA GLN E 39 32.68 9.92 50.72
C GLN E 39 33.65 8.81 51.06
N LEU E 40 34.54 9.07 52.02
CA LEU E 40 35.46 8.06 52.50
C LEU E 40 34.74 7.08 53.42
N PRO E 41 35.11 5.80 53.40
CA PRO E 41 34.44 4.82 54.26
C PRO E 41 34.72 5.05 55.73
N GLY E 42 33.70 5.46 56.49
CA GLY E 42 33.85 5.69 57.90
C GLY E 42 33.64 7.13 58.32
N THR E 43 34.10 8.07 57.50
CA THR E 43 34.00 9.49 57.79
C THR E 43 32.82 10.11 57.06
N ALA E 44 32.59 11.39 57.34
CA ALA E 44 31.50 12.11 56.71
C ALA E 44 31.84 12.42 55.25
N PRO E 45 30.83 12.53 54.39
CA PRO E 45 31.08 12.85 52.98
C PRO E 45 31.63 14.25 52.82
N LYS E 46 31.97 14.59 51.58
CA LYS E 46 32.48 15.91 51.25
C LYS E 46 32.22 16.19 49.78
N LEU E 47 32.08 17.48 49.46
CA LEU E 47 31.84 17.88 48.08
C LEU E 47 33.08 17.66 47.23
N LEU E 48 32.88 17.09 46.04
CA LEU E 48 33.98 16.83 45.11
C LEU E 48 33.92 17.71 43.87
N ILE E 49 32.81 17.72 43.16
CA ILE E 49 32.66 18.51 41.94
C ILE E 49 31.26 19.09 41.90
N TYR E 50 31.15 20.41 41.75
CA TYR E 50 29.89 21.10 41.65
C TYR E 50 29.80 21.85 40.32
N SER E 51 28.61 21.82 39.72
CA SER E 51 28.30 22.47 38.45
C SER E 51 29.11 21.94 37.29
N ASN E 52 29.88 20.86 37.49
CA ASN E 52 30.63 20.19 36.44
C ASN E 52 31.66 21.09 35.76
N ASN E 53 31.93 22.25 36.35
CA ASN E 53 32.92 23.16 35.77
C ASN E 53 33.97 23.62 36.78
N GLN E 54 33.58 23.83 38.03
CA GLN E 54 34.49 24.31 39.07
C GLN E 54 34.68 23.24 40.14
N ARG E 55 35.69 23.46 40.98
CA ARG E 55 36.02 22.57 42.07
C ARG E 55 36.25 23.39 43.33
N PRO E 56 35.95 22.83 44.50
CA PRO E 56 36.18 23.57 45.75
C PRO E 56 37.66 23.82 45.99
N SER E 57 37.93 24.61 47.03
CA SER E 57 39.32 24.94 47.36
C SER E 57 40.06 23.74 47.92
N GLY E 58 39.37 22.85 48.63
CA GLY E 58 40.02 21.67 49.18
C GLY E 58 40.28 20.59 48.15
N VAL E 59 39.44 20.51 47.12
CA VAL E 59 39.59 19.50 46.08
C VAL E 59 40.70 19.92 45.14
N PRO E 60 41.74 19.13 44.97
CA PRO E 60 42.83 19.47 44.06
C PRO E 60 42.42 19.27 42.60
N ASP E 61 43.38 19.48 41.70
CA ASP E 61 43.16 19.31 40.28
C ASP E 61 43.19 17.86 39.82
N ARG E 62 43.21 16.91 40.76
CA ARG E 62 43.23 15.49 40.43
C ARG E 62 41.89 14.95 39.98
N PHE E 63 40.85 15.79 39.93
CA PHE E 63 39.52 15.37 39.52
C PHE E 63 39.00 16.30 38.44
N SER E 64 38.17 15.76 37.55
CA SER E 64 37.57 16.54 36.49
C SER E 64 36.22 15.93 36.11
N GLY E 65 35.32 16.79 35.65
CA GLY E 65 33.99 16.34 35.27
C GLY E 65 33.54 17.02 34.00
N SER E 66 32.71 16.30 33.24
CA SER E 66 32.17 16.81 31.98
C SER E 66 30.70 16.45 31.89
N LYS E 67 29.95 17.26 31.14
CA LYS E 67 28.52 17.09 30.96
C LYS E 67 28.18 17.02 29.47
N SER E 68 28.93 16.22 28.74
CA SER E 68 28.69 16.04 27.31
C SER E 68 27.39 15.29 27.10
N GLY E 69 26.38 15.98 26.57
CA GLY E 69 25.09 15.35 26.35
C GLY E 69 24.23 15.36 27.60
N THR E 70 23.44 14.29 27.76
CA THR E 70 22.54 14.12 28.89
C THR E 70 23.13 13.25 29.99
N SER E 71 24.44 13.02 29.98
CA SER E 71 25.10 12.19 30.97
C SER E 71 26.36 12.90 31.46
N ALA E 72 26.74 12.58 32.70
CA ALA E 72 27.94 13.14 33.31
C ALA E 72 29.07 12.13 33.28
N SER E 73 30.29 12.62 33.11
CA SER E 73 31.48 11.78 33.00
C SER E 73 32.55 12.31 33.94
N LEU E 74 33.04 11.43 34.81
CA LEU E 74 34.10 11.76 35.76
C LEU E 74 35.44 11.24 35.24
N ALA E 75 36.52 11.93 35.61
CA ALA E 75 37.85 11.54 35.21
C ALA E 75 38.83 11.89 36.32
N ILE E 76 39.63 10.92 36.74
CA ILE E 76 40.61 11.08 37.80
C ILE E 76 41.97 10.72 37.21
N SER E 77 42.71 11.73 36.76
CA SER E 77 44.02 11.50 36.16
C SER E 77 45.04 11.19 37.24
N GLY E 78 45.55 9.96 37.25
CA GLY E 78 46.56 9.56 38.22
C GLY E 78 45.98 9.28 39.59
N LEU E 79 45.11 8.27 39.68
CA LEU E 79 44.52 7.91 40.96
C LEU E 79 45.54 7.19 41.84
N GLN E 80 45.25 7.16 43.14
CA GLN E 80 46.12 6.52 44.12
C GLN E 80 45.24 5.84 45.17
N SER E 81 45.87 5.41 46.26
CA SER E 81 45.13 4.76 47.33
C SER E 81 44.23 5.72 48.09
N GLU E 82 44.55 7.01 48.09
CA GLU E 82 43.72 7.98 48.78
C GLU E 82 42.40 8.24 48.07
N ASP E 83 42.31 7.94 46.78
CA ASP E 83 41.09 8.14 46.00
C ASP E 83 40.15 6.96 46.09
N GLU E 84 40.39 6.01 46.99
CA GLU E 84 39.51 4.85 47.17
C GLU E 84 38.37 5.28 48.08
N ALA E 85 37.29 5.74 47.47
CA ALA E 85 36.12 6.21 48.21
C ALA E 85 34.88 5.98 47.36
N ASP E 86 33.73 6.31 47.93
CA ASP E 86 32.45 6.17 47.25
C ASP E 86 32.10 7.45 46.52
N TYR E 87 31.66 7.32 45.27
CA TYR E 87 31.30 8.46 44.43
C TYR E 87 29.81 8.43 44.18
N TYR E 88 29.13 9.55 44.43
CA TYR E 88 27.69 9.65 44.28
C TYR E 88 27.35 10.80 43.33
N CYS E 89 26.38 10.55 42.46
CA CYS E 89 25.87 11.56 41.54
C CYS E 89 24.53 12.08 42.03
N ALA E 90 24.37 13.41 42.01
CA ALA E 90 23.15 14.04 42.48
C ALA E 90 22.67 15.06 41.46
N ALA E 91 21.36 15.17 41.31
CA ALA E 91 20.79 16.11 40.34
C ALA E 91 19.39 16.51 40.78
N TRP E 92 19.04 17.76 40.56
CA TRP E 92 17.72 18.27 40.88
C TRP E 92 16.82 18.15 39.66
N ASP E 93 15.76 17.36 39.78
CA ASP E 93 14.81 17.19 38.68
C ASP E 93 13.80 18.33 38.67
N ASP E 94 13.23 18.58 37.50
CA ASP E 94 12.25 19.66 37.34
C ASP E 94 10.92 19.37 38.01
N SER E 95 10.74 18.19 38.60
CA SER E 95 9.52 17.84 39.31
C SER E 95 9.63 18.08 40.81
N LEU E 96 10.46 19.05 41.21
CA LEU E 96 10.66 19.42 42.61
C LEU E 96 11.15 18.24 43.43
N ASN E 97 12.31 17.73 43.06
CA ASN E 97 12.93 16.62 43.78
C ASN E 97 14.43 16.62 43.51
N TRP E 98 15.16 15.94 44.38
CA TRP E 98 16.62 15.86 44.32
C TRP E 98 16.99 14.37 44.30
N VAL E 99 17.32 13.85 43.13
CA VAL E 99 17.61 12.43 42.97
C VAL E 99 19.13 12.22 43.09
N PHE E 100 19.52 11.30 43.96
CA PHE E 100 20.92 10.94 44.15
C PHE E 100 21.24 9.67 43.39
N GLY E 101 22.52 9.33 43.35
CA GLY E 101 23.00 8.14 42.68
C GLY E 101 22.94 6.91 43.56
N GLY E 102 23.70 5.90 43.16
CA GLY E 102 23.73 4.65 43.90
C GLY E 102 25.06 4.42 44.60
N GLY E 103 26.15 4.91 44.01
CA GLY E 103 27.46 4.73 44.58
C GLY E 103 28.39 3.93 43.68
N THR E 104 29.67 4.29 43.66
CA THR E 104 30.67 3.63 42.83
C THR E 104 31.81 3.16 43.73
N LYS E 105 31.89 1.86 43.95
CA LYS E 105 32.95 1.27 44.77
C LYS E 105 34.22 1.20 43.95
N LEU E 106 34.90 2.35 43.84
CA LEU E 106 36.15 2.47 43.10
C LEU E 106 37.30 2.05 44.01
N THR E 107 37.33 0.75 44.31
CA THR E 107 38.34 0.16 45.18
C THR E 107 39.52 -0.33 44.35
N VAL E 108 40.73 -0.10 44.87
CA VAL E 108 41.96 -0.53 44.22
C VAL E 108 42.88 -1.10 45.30
N LEU E 109 43.23 -2.38 45.18
CA LEU E 109 44.10 -3.04 46.14
C LEU E 109 45.55 -3.01 45.66
N GLY E 110 46.05 -1.80 45.44
CA GLY E 110 47.41 -1.60 44.99
C GLY E 110 47.63 -2.01 43.55
N GLU E 125 36.73 27.15 58.88
CA GLU E 125 36.50 25.91 59.60
C GLU E 125 35.32 26.05 60.55
N VAL E 126 34.15 25.58 60.12
CA VAL E 126 32.92 25.64 60.89
C VAL E 126 32.38 24.24 61.03
N GLN E 127 32.09 23.83 62.27
CA GLN E 127 31.56 22.50 62.53
C GLN E 127 30.05 22.49 62.30
N LEU E 128 29.57 21.46 61.60
CA LEU E 128 28.16 21.28 61.29
C LEU E 128 27.60 20.04 61.96
N VAL E 129 28.00 19.80 63.21
CA VAL E 129 27.55 18.61 63.93
C VAL E 129 26.10 18.76 64.32
N GLU E 130 25.34 17.67 64.24
CA GLU E 130 23.94 17.64 64.61
C GLU E 130 23.67 16.43 65.50
N SER E 131 22.51 16.44 66.14
CA SER E 131 22.12 15.36 67.04
C SER E 131 20.59 15.34 67.13
N GLY E 132 20.08 14.42 67.95
CA GLY E 132 18.65 14.31 68.15
C GLY E 132 18.10 12.96 67.70
N GLY E 133 18.95 11.94 67.69
CA GLY E 133 18.54 10.61 67.29
C GLY E 133 18.05 9.75 68.44
N GLY E 134 18.49 8.51 68.49
CA GLY E 134 18.10 7.61 69.55
C GLY E 134 16.89 6.76 69.17
N VAL E 135 16.84 5.56 69.74
CA VAL E 135 15.73 4.65 69.48
C VAL E 135 14.49 5.15 70.19
N VAL E 136 13.37 5.21 69.47
CA VAL E 136 12.11 5.69 70.00
C VAL E 136 11.03 4.66 69.70
N GLN E 137 9.83 4.93 70.23
CA GLN E 137 8.70 4.05 69.98
C GLN E 137 8.25 4.15 68.53
N PRO E 138 7.95 3.02 67.87
CA PRO E 138 7.47 3.09 66.49
C PRO E 138 6.14 3.83 66.39
N GLY E 139 5.84 4.28 65.18
CA GLY E 139 4.67 5.11 64.95
C GLY E 139 4.98 6.58 65.12
N GLY E 140 5.42 6.97 66.32
CA GLY E 140 5.85 8.32 66.59
C GLY E 140 7.36 8.47 66.48
N SER E 141 7.81 9.70 66.73
CA SER E 141 9.23 10.02 66.67
C SER E 141 9.47 11.32 67.43
N LEU E 142 10.69 11.82 67.38
CA LEU E 142 11.09 13.05 68.04
C LEU E 142 11.59 14.04 66.98
N ARG E 143 12.12 15.17 67.45
CA ARG E 143 12.63 16.21 66.57
C ARG E 143 14.10 15.95 66.25
N LEU E 144 14.53 16.45 65.09
CA LEU E 144 15.91 16.33 64.63
C LEU E 144 16.57 17.70 64.73
N SER E 145 17.58 17.81 65.57
CA SER E 145 18.26 19.08 65.83
C SER E 145 19.51 19.19 64.96
N CYS E 146 19.99 20.43 64.84
CA CYS E 146 21.20 20.73 64.09
C CYS E 146 21.72 22.08 64.56
N ALA E 147 23.03 22.26 64.44
CA ALA E 147 23.66 23.49 64.94
C ALA E 147 24.96 23.72 64.20
N ALA E 148 25.52 24.92 64.42
CA ALA E 148 26.79 25.32 63.83
C ALA E 148 27.41 26.38 64.71
N SER E 149 28.42 27.08 64.19
CA SER E 149 29.12 28.10 64.97
C SER E 149 29.54 29.22 64.01
N GLY E 150 28.72 30.26 63.90
CA GLY E 150 29.05 31.44 63.13
C GLY E 150 29.35 31.17 61.67
N PHE E 151 28.34 30.76 60.89
CA PHE E 151 28.52 30.48 59.48
C PHE E 151 27.49 31.21 58.62
N ARG E 152 26.87 32.26 59.14
CA ARG E 152 25.88 33.07 58.41
C ARG E 152 24.71 32.20 57.94
N PHE E 153 23.98 31.69 58.93
CA PHE E 153 22.87 30.79 58.67
C PHE E 153 21.81 31.43 57.78
N ASP E 154 21.68 32.76 57.82
CA ASP E 154 20.64 33.42 57.03
C ASP E 154 20.98 33.39 55.54
N ASP E 155 22.27 33.39 55.19
CA ASP E 155 22.69 33.44 53.80
C ASP E 155 23.03 32.06 53.22
N HIS E 156 22.51 31.00 53.84
CA HIS E 156 22.79 29.65 53.36
C HIS E 156 21.56 28.78 53.56
N ALA E 157 21.39 27.82 52.66
CA ALA E 157 20.30 26.86 52.72
C ALA E 157 20.75 25.57 53.39
N MET E 158 19.78 24.77 53.82
CA MET E 158 20.07 23.53 54.54
C MET E 158 19.33 22.37 53.87
N HIS E 159 20.00 21.22 53.85
CA HIS E 159 19.43 20.00 53.30
C HIS E 159 19.47 18.89 54.35
N TRP E 160 18.61 17.90 54.19
CA TRP E 160 18.61 16.70 55.01
C TRP E 160 18.94 15.52 54.11
N VAL E 161 20.17 15.03 54.21
CA VAL E 161 20.65 13.93 53.38
C VAL E 161 20.98 12.77 54.33
N ARG E 162 20.05 11.84 54.46
CA ARG E 162 20.24 10.69 55.34
C ARG E 162 20.96 9.57 54.59
N GLN E 163 21.63 8.71 55.36
CA GLN E 163 22.39 7.60 54.80
C GLN E 163 22.19 6.38 55.69
N ALA E 164 21.56 5.34 55.14
CA ALA E 164 21.38 4.10 55.88
C ALA E 164 22.71 3.37 56.02
N PRO E 165 22.91 2.64 57.12
CA PRO E 165 24.17 1.89 57.29
C PRO E 165 24.34 0.85 56.19
N GLY E 166 25.38 1.03 55.38
CA GLY E 166 25.67 0.13 54.29
C GLY E 166 25.02 0.49 52.98
N LYS E 167 23.91 1.23 53.00
CA LYS E 167 23.20 1.60 51.80
C LYS E 167 23.71 2.96 51.31
N GLY E 168 23.06 3.52 50.29
CA GLY E 168 23.44 4.79 49.72
C GLY E 168 22.80 5.96 50.45
N LEU E 169 22.89 7.13 49.82
CA LEU E 169 22.35 8.37 50.36
C LEU E 169 21.15 8.81 49.53
N GLU E 170 20.31 9.64 50.15
CA GLU E 170 19.14 10.18 49.48
C GLU E 170 18.73 11.47 50.17
N TRP E 171 18.10 12.36 49.39
CA TRP E 171 17.69 13.66 49.89
C TRP E 171 16.29 13.59 50.49
N VAL E 172 16.13 14.17 51.68
CA VAL E 172 14.87 14.12 52.41
C VAL E 172 14.11 15.42 52.23
N SER E 173 14.69 16.53 52.68
CA SER E 173 14.03 17.82 52.62
C SER E 173 15.07 18.91 52.45
N VAL E 174 14.60 20.10 52.07
CA VAL E 174 15.46 21.25 51.82
C VAL E 174 14.74 22.52 52.24
N ILE E 175 15.43 23.35 53.02
CA ILE E 175 14.95 24.67 53.41
C ILE E 175 15.90 25.72 52.87
N SER E 176 15.35 26.78 52.29
CA SER E 176 16.16 27.83 51.71
C SER E 176 16.68 28.77 52.80
N GLY E 177 17.64 29.62 52.41
CA GLY E 177 18.19 30.59 53.35
C GLY E 177 17.20 31.67 53.73
N ASP E 178 16.23 31.95 52.86
CA ASP E 178 15.23 32.97 53.17
C ASP E 178 14.30 32.51 54.28
N GLY E 179 14.04 31.21 54.39
CA GLY E 179 13.15 30.69 55.39
C GLY E 179 11.70 30.64 55.01
N GLY E 180 11.39 30.67 53.72
CA GLY E 180 10.01 30.63 53.27
C GLY E 180 9.58 29.27 52.75
N SER E 181 9.54 29.13 51.44
CA SER E 181 9.11 27.86 50.84
C SER E 181 10.19 26.80 50.99
N THR E 182 9.80 25.65 51.54
CA THR E 182 10.69 24.51 51.68
C THR E 182 10.12 23.35 50.87
N TYR E 183 10.98 22.38 50.56
CA TYR E 183 10.58 21.24 49.74
C TYR E 183 10.86 19.93 50.46
N TYR E 184 10.00 18.95 50.22
CA TYR E 184 10.12 17.61 50.77
C TYR E 184 10.23 16.60 49.64
N ALA E 185 10.61 15.38 49.99
CA ALA E 185 10.73 14.31 49.02
C ALA E 185 9.37 13.71 48.70
N ASP E 186 9.35 12.70 47.83
CA ASP E 186 8.11 12.05 47.44
C ASP E 186 7.58 11.10 48.51
N SER E 187 8.42 10.67 49.44
CA SER E 187 8.01 9.76 50.50
C SER E 187 7.86 10.42 51.86
N VAL E 188 8.55 11.54 52.10
CA VAL E 188 8.48 12.23 53.38
C VAL E 188 7.57 13.45 53.32
N LYS E 189 6.79 13.59 52.27
CA LYS E 189 5.91 14.75 52.12
C LYS E 189 4.70 14.63 53.05
N GLY E 190 4.36 15.73 53.70
CA GLY E 190 3.20 15.78 54.56
C GLY E 190 3.50 15.46 56.02
N ARG E 191 4.08 14.29 56.27
CA ARG E 191 4.36 13.84 57.63
C ARG E 191 5.67 14.40 58.18
N PHE E 192 6.30 15.36 57.49
CA PHE E 192 7.51 16.00 57.95
C PHE E 192 7.30 17.50 58.01
N SER E 193 7.93 18.14 59.01
CA SER E 193 7.83 19.58 59.19
C SER E 193 9.23 20.12 59.48
N ILE E 194 9.79 20.84 58.52
CA ILE E 194 11.12 21.43 58.65
C ILE E 194 10.97 22.94 58.79
N SER E 195 11.70 23.52 59.73
CA SER E 195 11.61 24.96 59.98
C SER E 195 12.86 25.40 60.73
N ARG E 196 13.01 26.73 60.82
CA ARG E 196 14.15 27.32 61.51
C ARG E 196 13.66 28.29 62.58
N ASP E 197 14.57 29.04 63.19
CA ASP E 197 14.23 30.00 64.23
C ASP E 197 15.12 31.22 64.10
N ASP E 198 14.66 32.32 64.71
CA ASP E 198 15.42 33.57 64.70
C ASP E 198 16.58 33.56 65.69
N SER E 199 16.78 32.47 66.43
CA SER E 199 17.87 32.34 67.37
C SER E 199 19.16 31.97 66.64
N LYS E 200 20.17 31.53 67.40
CA LYS E 200 21.43 31.10 66.81
C LYS E 200 21.22 29.94 65.84
N ASN E 201 22.29 29.59 65.13
CA ASN E 201 22.25 28.57 64.09
C ASN E 201 21.60 27.29 64.58
N SER E 202 20.45 26.95 63.99
CA SER E 202 19.69 25.79 64.40
C SER E 202 18.76 25.39 63.27
N LEU E 203 18.19 24.18 63.39
CA LEU E 203 17.27 23.65 62.40
C LEU E 203 16.41 22.60 63.07
N TYR E 204 15.09 22.73 62.93
CA TYR E 204 14.13 21.84 63.59
C TYR E 204 13.37 21.05 62.54
N LEU E 205 13.51 19.72 62.57
CA LEU E 205 12.81 18.82 61.67
C LEU E 205 12.02 17.82 62.50
N GLN E 206 10.70 17.98 62.49
CA GLN E 206 9.80 17.07 63.19
C GLN E 206 9.29 15.99 62.22
N MET E 207 9.35 14.74 62.65
CA MET E 207 8.92 13.61 61.85
C MET E 207 7.64 13.03 62.41
N ASN E 208 6.78 12.54 61.52
CA ASN E 208 5.51 11.94 61.91
C ASN E 208 5.26 10.70 61.05
N SER E 209 4.36 9.85 61.53
CA SER E 209 3.97 8.61 60.85
C SER E 209 5.20 7.73 60.57
N LEU E 210 5.84 7.31 61.65
CA LEU E 210 7.03 6.48 61.54
C LEU E 210 6.65 5.08 61.07
N ARG E 211 7.23 4.66 59.95
CA ARG E 211 6.96 3.34 59.37
C ARG E 211 8.12 2.38 59.55
N THR E 212 9.04 2.69 60.47
CA THR E 212 10.19 1.88 60.86
C THR E 212 11.24 1.77 59.76
N GLU E 213 11.00 2.31 58.57
CA GLU E 213 11.98 2.31 57.49
C GLU E 213 12.76 3.62 57.46
N ASP E 214 13.35 3.99 58.61
CA ASP E 214 14.07 5.25 58.71
C ASP E 214 15.43 5.09 59.40
N THR E 215 16.03 3.90 59.37
CA THR E 215 17.33 3.69 59.99
C THR E 215 18.43 4.33 59.14
N ALA E 216 18.80 5.56 59.46
CA ALA E 216 19.81 6.29 58.72
C ALA E 216 20.51 7.25 59.68
N LEU E 217 21.25 8.20 59.11
CA LEU E 217 22.01 9.17 59.91
C LEU E 217 21.44 10.58 59.86
N TYR E 218 20.71 10.93 58.81
CA TYR E 218 20.08 12.25 58.66
C TYR E 218 21.12 13.38 58.73
N TYR E 219 22.00 13.39 57.74
CA TYR E 219 23.03 14.42 57.65
C TYR E 219 22.40 15.79 57.47
N CYS E 220 22.79 16.73 58.34
CA CYS E 220 22.34 18.12 58.25
C CYS E 220 23.32 18.87 57.34
N ALA E 221 23.08 18.75 56.03
CA ALA E 221 24.01 19.25 55.03
C ALA E 221 23.87 20.75 54.85
N LYS E 222 25.02 21.43 54.82
CA LYS E 222 25.09 22.86 54.60
C LYS E 222 25.28 23.15 53.11
N ASP E 223 24.61 24.19 52.63
CA ASP E 223 24.68 24.61 51.24
C ASP E 223 25.28 26.01 51.14
N ARG E 224 25.39 26.51 49.92
CA ARG E 224 25.95 27.83 49.67
C ARG E 224 24.97 28.81 49.04
N SER E 225 23.92 28.33 48.38
CA SER E 225 22.94 29.21 47.75
C SER E 225 22.04 29.83 48.82
N TYR E 226 21.13 30.70 48.37
CA TYR E 226 20.18 31.38 49.25
C TYR E 226 18.75 30.88 49.06
N GLY E 227 18.24 30.91 47.83
CA GLY E 227 16.91 30.44 47.57
C GLY E 227 16.85 28.93 47.43
N PRO E 228 15.65 28.42 47.21
CA PRO E 228 15.49 26.97 47.04
C PRO E 228 16.13 26.52 45.74
N PRO E 229 16.68 25.30 45.70
CA PRO E 229 17.36 24.84 44.48
C PRO E 229 16.41 24.50 43.35
N ASP E 230 15.54 25.44 42.98
CA ASP E 230 14.63 25.25 41.85
C ASP E 230 14.76 26.43 40.88
N VAL E 231 15.10 27.60 41.41
CA VAL E 231 15.29 28.77 40.56
C VAL E 231 16.76 28.96 40.20
N PHE E 232 17.68 28.56 41.09
CA PHE E 232 19.12 28.66 40.84
C PHE E 232 19.60 27.29 40.42
N ASN E 233 19.61 27.04 39.11
CA ASN E 233 19.99 25.75 38.55
C ASN E 233 21.42 25.69 38.08
N TYR E 234 22.26 26.65 38.50
CA TYR E 234 23.67 26.64 38.15
C TYR E 234 24.60 26.91 39.32
N GLU E 235 24.09 27.39 40.45
CA GLU E 235 24.90 27.67 41.63
C GLU E 235 24.63 26.70 42.78
N TYR E 236 23.55 25.93 42.72
CA TYR E 236 23.21 25.03 43.81
C TYR E 236 24.28 23.96 43.98
N GLY E 237 24.65 23.72 45.24
CA GLY E 237 25.66 22.71 45.56
C GLY E 237 25.46 22.19 46.96
N MET E 238 26.56 21.91 47.65
CA MET E 238 26.49 21.41 49.02
C MET E 238 27.85 21.62 49.66
N ASP E 239 27.89 22.34 50.78
CA ASP E 239 29.15 22.67 51.45
C ASP E 239 29.60 21.48 52.31
N VAL E 240 30.56 21.73 53.19
CA VAL E 240 31.11 20.65 54.02
C VAL E 240 30.02 20.04 54.87
N TRP E 241 30.07 18.71 55.01
CA TRP E 241 29.06 17.96 55.75
C TRP E 241 29.29 18.11 57.25
N GLY E 242 28.56 17.36 58.04
CA GLY E 242 28.70 17.40 59.48
C GLY E 242 28.51 16.03 60.09
N GLN E 243 29.09 15.85 61.27
CA GLN E 243 29.00 14.58 61.97
C GLN E 243 27.57 14.36 62.46
N GLY E 244 26.88 13.37 61.88
CA GLY E 244 25.52 13.10 62.24
C GLY E 244 25.39 11.99 63.28
N THR E 245 24.24 11.95 63.93
CA THR E 245 23.95 10.93 64.94
C THR E 245 23.37 9.70 64.29
N THR E 246 23.53 8.56 64.97
CA THR E 246 23.05 7.27 64.47
C THR E 246 21.73 6.95 65.15
N VAL E 247 20.63 7.22 64.45
CA VAL E 247 19.29 6.93 64.94
C VAL E 247 18.83 5.61 64.35
N THR E 248 18.54 4.63 65.21
CA THR E 248 18.10 3.30 64.79
C THR E 248 16.79 3.00 65.52
N VAL E 249 15.67 3.14 64.81
CA VAL E 249 14.37 2.86 65.40
C VAL E 249 14.21 1.36 65.64
N SER E 250 14.36 0.55 64.58
CA SER E 250 14.26 -0.90 64.66
C SER E 250 12.92 -1.34 65.27
N SER E 251 11.87 -0.60 64.95
CA SER E 251 10.51 -0.88 65.44
C SER E 251 10.45 -0.94 66.96
N VAL F 3 -35.35 -8.20 66.08
CA VAL F 3 -36.39 -8.11 67.10
C VAL F 3 -36.44 -9.40 67.90
N LEU F 4 -36.18 -9.30 69.19
CA LEU F 4 -36.18 -10.44 70.10
C LEU F 4 -37.36 -10.33 71.07
N THR F 5 -37.55 -11.40 71.84
CA THR F 5 -38.64 -11.48 72.80
C THR F 5 -38.05 -11.61 74.21
N GLN F 6 -38.36 -10.66 75.07
CA GLN F 6 -37.91 -10.65 76.45
C GLN F 6 -39.08 -10.31 77.36
N PRO F 7 -39.11 -10.87 78.57
CA PRO F 7 -40.20 -10.58 79.49
C PRO F 7 -40.16 -9.13 79.96
N PRO F 8 -41.30 -8.44 79.95
CA PRO F 8 -41.32 -7.05 80.43
C PRO F 8 -40.70 -6.87 81.81
N SER F 9 -41.14 -7.65 82.80
CA SER F 9 -40.62 -7.54 84.15
C SER F 9 -40.57 -8.92 84.78
N ALA F 10 -39.85 -9.00 85.91
CA ALA F 10 -39.72 -10.26 86.64
C ALA F 10 -39.44 -9.92 88.10
N SER F 11 -40.46 -10.03 88.95
CA SER F 11 -40.31 -9.72 90.37
C SER F 11 -40.89 -10.78 91.29
N GLY F 12 -41.79 -11.64 90.83
CA GLY F 12 -42.35 -12.67 91.69
C GLY F 12 -41.35 -13.76 91.99
N SER F 13 -41.47 -14.33 93.20
CA SER F 13 -40.59 -15.37 93.70
C SER F 13 -39.13 -14.96 93.60
N PRO F 14 -38.67 -14.01 94.43
CA PRO F 14 -37.29 -13.50 94.31
C PRO F 14 -36.27 -14.59 94.63
N GLY F 15 -35.39 -14.85 93.67
CA GLY F 15 -34.28 -15.76 93.88
C GLY F 15 -34.65 -17.22 94.04
N GLN F 16 -35.87 -17.61 93.68
CA GLN F 16 -36.28 -19.00 93.78
C GLN F 16 -36.69 -19.61 92.46
N SER F 17 -37.48 -18.89 91.64
CA SER F 17 -37.91 -19.41 90.35
C SER F 17 -37.88 -18.31 89.28
N VAL F 18 -36.94 -17.37 89.38
CA VAL F 18 -36.88 -16.27 88.42
C VAL F 18 -36.50 -16.79 87.04
N THR F 19 -35.30 -17.36 86.94
CA THR F 19 -34.76 -18.01 85.72
C THR F 19 -35.19 -17.30 84.45
N ILE F 20 -34.85 -16.00 84.37
CA ILE F 20 -35.19 -15.22 83.19
C ILE F 20 -34.38 -15.70 81.99
N SER F 21 -34.92 -15.47 80.80
CA SER F 21 -34.27 -15.82 79.56
C SER F 21 -34.72 -14.83 78.48
N CYS F 22 -34.45 -15.17 77.22
CA CYS F 22 -34.87 -14.34 76.09
C CYS F 22 -35.29 -15.27 74.96
N THR F 23 -36.60 -15.37 74.73
CA THR F 23 -37.15 -16.21 73.68
C THR F 23 -37.19 -15.43 72.37
N GLY F 24 -37.85 -16.00 71.37
CA GLY F 24 -37.96 -15.36 70.08
C GLY F 24 -36.84 -15.67 69.10
N THR F 25 -36.20 -16.83 69.26
CA THR F 25 -35.11 -17.24 68.37
C THR F 25 -35.59 -18.15 67.25
N SER F 26 -36.32 -19.22 67.59
CA SER F 26 -36.88 -20.18 66.63
C SER F 26 -35.79 -20.82 65.76
N SER F 27 -34.55 -20.85 66.23
CA SER F 27 -33.45 -21.44 65.49
C SER F 27 -32.44 -21.97 66.49
N ASP F 28 -31.22 -22.25 66.03
CA ASP F 28 -30.14 -22.78 66.85
C ASP F 28 -29.06 -21.73 67.10
N PHE F 29 -29.49 -20.47 67.29
CA PHE F 29 -28.59 -19.34 67.56
C PHE F 29 -27.59 -19.13 66.43
N GLY F 30 -27.97 -19.48 65.20
CA GLY F 30 -27.12 -19.28 64.05
C GLY F 30 -25.86 -20.13 64.07
N GLY F 31 -24.71 -19.49 64.23
CA GLY F 31 -23.44 -20.18 64.23
C GLY F 31 -22.86 -20.38 65.62
N TYR F 32 -21.90 -19.54 66.00
CA TYR F 32 -21.27 -19.63 67.29
C TYR F 32 -22.28 -19.42 68.42
N ASN F 33 -22.53 -20.45 69.21
CA ASN F 33 -23.49 -20.39 70.31
C ASN F 33 -22.85 -19.67 71.50
N SER F 34 -22.75 -18.35 71.37
CA SER F 34 -22.17 -17.49 72.40
C SER F 34 -23.20 -16.40 72.73
N VAL F 35 -23.98 -16.62 73.78
CA VAL F 35 -25.00 -15.68 74.22
C VAL F 35 -24.49 -14.99 75.48
N SER F 36 -24.25 -13.69 75.38
CA SER F 36 -23.76 -12.90 76.50
C SER F 36 -24.93 -12.31 77.30
N TRP F 37 -24.64 -11.95 78.54
CA TRP F 37 -25.64 -11.37 79.44
C TRP F 37 -25.05 -10.10 80.06
N TYR F 38 -25.69 -8.96 79.79
CA TYR F 38 -25.26 -7.67 80.29
C TYR F 38 -26.20 -7.21 81.39
N GLN F 39 -25.63 -6.70 82.48
CA GLN F 39 -26.38 -6.19 83.62
C GLN F 39 -26.28 -4.67 83.62
N GLN F 40 -27.22 -4.02 82.92
CA GLN F 40 -27.24 -2.57 82.86
C GLN F 40 -27.76 -2.01 84.17
N HIS F 41 -26.94 -1.18 84.83
CA HIS F 41 -27.26 -0.55 86.09
C HIS F 41 -27.36 0.96 85.91
N PRO F 42 -28.34 1.61 86.55
CA PRO F 42 -28.43 3.08 86.45
C PRO F 42 -27.19 3.74 87.05
N GLY F 43 -26.65 4.72 86.31
CA GLY F 43 -25.43 5.37 86.72
C GLY F 43 -24.21 4.89 85.95
N LYS F 44 -23.43 4.03 86.57
CA LYS F 44 -22.21 3.52 85.93
C LYS F 44 -22.55 2.66 84.73
N ALA F 45 -21.53 2.34 83.95
CA ALA F 45 -21.71 1.54 82.74
C ALA F 45 -22.07 0.10 83.10
N PRO F 46 -22.76 -0.61 82.20
CA PRO F 46 -23.08 -2.01 82.47
C PRO F 46 -21.83 -2.88 82.56
N LYS F 47 -22.00 -4.06 83.15
CA LYS F 47 -20.91 -5.01 83.35
C LYS F 47 -21.33 -6.37 82.83
N LEU F 48 -20.38 -7.07 82.19
CA LEU F 48 -20.64 -8.40 81.68
C LEU F 48 -20.81 -9.39 82.83
N MET F 49 -21.75 -10.32 82.67
CA MET F 49 -22.01 -11.36 83.65
C MET F 49 -21.55 -12.73 83.19
N ILE F 50 -21.88 -13.12 81.97
CA ILE F 50 -21.47 -14.41 81.42
C ILE F 50 -21.56 -14.32 79.89
N TYR F 51 -20.61 -14.95 79.22
CA TYR F 51 -20.50 -14.89 77.77
C TYR F 51 -20.91 -16.18 77.07
N GLU F 52 -20.53 -17.34 77.61
CA GLU F 52 -20.92 -18.62 77.04
C GLU F 52 -22.04 -19.23 77.88
N VAL F 53 -22.43 -20.47 77.53
CA VAL F 53 -23.42 -21.17 78.32
C VAL F 53 -22.86 -21.61 79.66
N SER F 54 -21.53 -21.73 79.77
CA SER F 54 -20.87 -22.10 81.01
C SER F 54 -19.56 -21.30 81.09
N LYS F 55 -18.70 -21.70 82.03
CA LYS F 55 -17.39 -21.06 82.24
C LYS F 55 -17.55 -19.57 82.51
N ARG F 56 -18.21 -19.27 83.63
CA ARG F 56 -18.45 -17.89 84.02
C ARG F 56 -17.12 -17.18 84.28
N PRO F 57 -17.02 -15.90 83.95
CA PRO F 57 -15.76 -15.16 84.17
C PRO F 57 -15.54 -14.83 85.64
N SER F 58 -14.47 -14.10 85.92
CA SER F 58 -14.14 -13.71 87.29
C SER F 58 -15.17 -12.72 87.80
N GLY F 59 -16.05 -13.18 88.69
CA GLY F 59 -17.09 -12.32 89.25
C GLY F 59 -17.91 -13.02 90.31
N VAL F 60 -19.21 -12.74 90.34
CA VAL F 60 -20.10 -13.39 91.31
C VAL F 60 -20.28 -14.86 90.93
N PRO F 61 -20.09 -15.80 91.85
CA PRO F 61 -20.22 -17.22 91.52
C PRO F 61 -21.60 -17.82 91.75
N ASP F 62 -22.61 -17.01 92.07
CA ASP F 62 -23.96 -17.50 92.33
C ASP F 62 -24.88 -17.32 91.13
N ARG F 63 -24.32 -17.09 89.94
CA ARG F 63 -25.11 -16.95 88.71
C ARG F 63 -24.36 -17.68 87.60
N PHE F 64 -24.81 -18.90 87.30
CA PHE F 64 -24.19 -19.72 86.26
C PHE F 64 -25.26 -20.61 85.66
N SER F 65 -24.82 -21.64 84.91
CA SER F 65 -25.71 -22.63 84.31
C SER F 65 -26.70 -21.96 83.34
N GLY F 66 -26.13 -21.29 82.33
CA GLY F 66 -26.93 -20.67 81.29
C GLY F 66 -27.15 -21.59 80.11
N SER F 67 -27.76 -22.74 80.36
CA SER F 67 -27.95 -23.74 79.31
C SER F 67 -29.00 -23.28 78.30
N LYS F 68 -28.81 -23.71 77.06
CA LYS F 68 -29.73 -23.38 75.97
C LYS F 68 -30.84 -24.42 75.94
N SER F 69 -31.93 -24.13 76.64
CA SER F 69 -33.08 -25.01 76.69
C SER F 69 -34.06 -24.63 75.59
N GLY F 70 -34.54 -25.63 74.85
CA GLY F 70 -35.43 -25.37 73.74
C GLY F 70 -34.77 -24.50 72.69
N ASN F 71 -35.19 -23.25 72.61
CA ASN F 71 -34.59 -22.28 71.70
C ASN F 71 -34.22 -20.99 72.43
N THR F 72 -33.95 -21.08 73.74
CA THR F 72 -33.60 -19.90 74.52
C THR F 72 -32.60 -20.28 75.59
N ALA F 73 -31.68 -19.36 75.88
CA ALA F 73 -30.67 -19.57 76.91
C ALA F 73 -31.25 -19.19 78.26
N SER F 74 -31.53 -20.18 79.10
CA SER F 74 -32.14 -19.96 80.40
C SER F 74 -31.04 -19.68 81.41
N LEU F 75 -30.78 -18.41 81.68
CA LEU F 75 -29.77 -18.01 82.65
C LEU F 75 -30.27 -18.29 84.05
N THR F 76 -29.75 -19.34 84.68
CA THR F 76 -30.16 -19.71 86.03
C THR F 76 -29.66 -18.66 87.02
N VAL F 77 -30.57 -17.86 87.55
CA VAL F 77 -30.25 -16.79 88.49
C VAL F 77 -30.80 -17.06 89.88
N SER F 78 -31.48 -18.18 90.09
CA SER F 78 -32.05 -18.49 91.39
C SER F 78 -30.95 -18.68 92.43
N GLY F 79 -31.24 -18.29 93.66
CA GLY F 79 -30.28 -18.40 94.74
C GLY F 79 -29.15 -17.40 94.68
N LEU F 80 -29.32 -16.30 93.94
CA LEU F 80 -28.26 -15.29 93.83
C LEU F 80 -28.27 -14.36 95.03
N GLN F 81 -29.35 -13.59 95.18
CA GLN F 81 -29.52 -12.65 96.29
C GLN F 81 -30.98 -12.21 96.30
N ALA F 82 -31.30 -11.26 97.19
CA ALA F 82 -32.65 -10.76 97.34
C ALA F 82 -32.69 -9.23 97.34
N GLU F 83 -31.71 -8.60 96.70
CA GLU F 83 -31.65 -7.14 96.61
C GLU F 83 -30.87 -6.77 95.36
N ASP F 84 -31.59 -6.35 94.31
CA ASP F 84 -30.95 -6.00 93.05
C ASP F 84 -31.87 -5.05 92.29
N GLU F 85 -31.27 -4.05 91.65
CA GLU F 85 -32.01 -3.08 90.83
C GLU F 85 -31.18 -2.84 89.56
N ALA F 86 -31.45 -3.62 88.53
CA ALA F 86 -30.74 -3.52 87.26
C ALA F 86 -31.61 -4.11 86.17
N ASP F 87 -31.07 -4.19 84.95
CA ASP F 87 -31.77 -4.75 83.81
C ASP F 87 -30.87 -5.76 83.11
N TYR F 88 -31.39 -6.96 82.89
CA TYR F 88 -30.64 -8.02 82.23
C TYR F 88 -30.96 -8.03 80.74
N TYR F 89 -29.91 -7.97 79.91
CA TYR F 89 -30.06 -8.01 78.46
C TYR F 89 -29.26 -9.19 77.92
N CYS F 90 -29.80 -9.84 76.88
CA CYS F 90 -29.15 -10.98 76.26
C CYS F 90 -28.83 -10.64 74.80
N SER F 91 -27.86 -11.36 74.25
CA SER F 91 -27.40 -11.15 72.88
C SER F 91 -27.52 -12.45 72.10
N SER F 92 -28.07 -12.35 70.89
CA SER F 92 -28.26 -13.51 70.02
C SER F 92 -28.35 -13.01 68.58
N TYR F 93 -28.79 -13.88 67.67
CA TYR F 93 -28.95 -13.57 66.25
C TYR F 93 -27.61 -13.13 65.65
N ALA F 94 -26.68 -14.08 65.63
CA ALA F 94 -25.30 -13.84 65.22
C ALA F 94 -25.12 -13.90 63.70
N GLY F 95 -26.19 -13.69 62.93
CA GLY F 95 -26.06 -13.70 61.49
C GLY F 95 -25.09 -12.63 60.98
N SER F 96 -24.64 -12.83 59.74
CA SER F 96 -23.65 -11.96 59.15
C SER F 96 -24.24 -10.57 58.92
N ASN F 97 -23.64 -9.57 59.59
CA ASN F 97 -24.03 -8.16 59.45
C ASN F 97 -25.51 -7.96 59.79
N ASN F 98 -25.85 -8.29 61.04
CA ASN F 98 -27.20 -8.14 61.56
C ASN F 98 -27.13 -7.44 62.91
N PHE F 99 -27.59 -6.18 62.95
CA PHE F 99 -27.53 -5.38 64.16
C PHE F 99 -28.75 -5.68 65.03
N ASP F 100 -28.94 -4.87 66.07
CA ASP F 100 -30.06 -5.02 67.02
C ASP F 100 -30.05 -6.39 67.67
N VAL F 101 -28.87 -6.79 68.18
CA VAL F 101 -28.73 -8.08 68.83
C VAL F 101 -29.15 -8.07 70.29
N PHE F 102 -29.36 -6.89 70.88
CA PHE F 102 -29.76 -6.79 72.27
C PHE F 102 -31.25 -7.11 72.42
N GLY F 103 -31.74 -7.06 73.66
CA GLY F 103 -33.12 -7.31 73.96
C GLY F 103 -33.81 -6.09 74.56
N THR F 104 -35.10 -6.26 74.81
CA THR F 104 -35.91 -5.20 75.39
C THR F 104 -35.64 -5.08 76.89
N GLY F 105 -36.20 -4.03 77.49
CA GLY F 105 -36.04 -3.79 78.91
C GLY F 105 -36.72 -4.83 79.78
N THR F 106 -35.93 -5.64 80.48
CA THR F 106 -36.45 -6.68 81.36
C THR F 106 -36.16 -6.26 82.80
N LYS F 107 -37.23 -5.96 83.55
CA LYS F 107 -37.10 -5.53 84.94
C LYS F 107 -36.96 -6.77 85.82
N VAL F 108 -35.73 -7.08 86.22
CA VAL F 108 -35.44 -8.26 87.02
C VAL F 108 -35.22 -7.90 88.49
N THR F 109 -35.77 -6.77 88.94
CA THR F 109 -35.63 -6.36 90.33
C THR F 109 -36.32 -7.35 91.26
N VAL F 110 -35.53 -8.10 92.04
CA VAL F 110 -36.10 -9.08 92.96
C VAL F 110 -36.76 -8.38 94.15
N LEU F 111 -36.27 -7.20 94.51
CA LEU F 111 -36.80 -6.43 95.62
C LEU F 111 -37.36 -5.08 95.20
N GLY F 112 -36.65 -4.36 94.34
CA GLY F 112 -37.12 -3.06 93.88
C GLY F 112 -36.62 -1.92 94.74
N GLY F 113 -37.00 -1.91 96.02
CA GLY F 113 -36.58 -0.86 96.93
C GLY F 113 -35.12 -0.95 97.31
N GLY F 114 -34.73 -2.06 97.93
CA GLY F 114 -33.35 -2.27 98.35
C GLY F 114 -32.64 -3.33 97.54
N GLY F 124 -13.65 -1.74 86.80
CA GLY F 124 -13.77 -1.05 85.52
C GLY F 124 -13.21 0.35 85.54
N GLY F 125 -13.10 0.92 86.74
CA GLY F 125 -12.61 2.29 86.85
C GLY F 125 -11.13 2.41 86.56
N SER F 126 -10.31 1.63 87.27
CA SER F 126 -8.87 1.67 87.10
C SER F 126 -8.32 0.50 86.30
N GLU F 127 -9.19 -0.28 85.64
CA GLU F 127 -8.73 -1.41 84.86
C GLU F 127 -7.85 -0.96 83.69
N VAL F 128 -8.42 -0.23 82.74
CA VAL F 128 -7.64 0.30 81.63
C VAL F 128 -7.80 1.82 81.57
N GLN F 129 -9.03 2.30 81.32
CA GLN F 129 -9.35 3.71 81.20
C GLN F 129 -10.85 3.84 80.95
N LEU F 130 -11.37 5.05 81.18
CA LEU F 130 -12.75 5.36 80.84
C LEU F 130 -12.87 6.87 80.66
N VAL F 131 -13.01 7.33 79.42
CA VAL F 131 -13.14 8.75 79.11
C VAL F 131 -14.15 8.91 77.97
N GLU F 132 -14.75 10.10 77.92
CA GLU F 132 -15.69 10.45 76.87
C GLU F 132 -15.44 11.91 76.47
N SER F 133 -16.37 12.47 75.70
CA SER F 133 -16.25 13.85 75.24
C SER F 133 -17.04 14.84 76.10
N GLY F 134 -18.14 14.40 76.71
CA GLY F 134 -18.95 15.29 77.52
C GLY F 134 -19.68 16.33 76.69
N GLY F 135 -20.59 15.89 75.83
CA GLY F 135 -21.32 16.78 74.96
C GLY F 135 -22.49 17.48 75.62
N GLY F 136 -22.21 18.44 76.50
CA GLY F 136 -23.27 19.17 77.17
C GLY F 136 -23.86 20.22 76.26
N LEU F 137 -25.19 20.16 76.09
CA LEU F 137 -25.94 21.10 75.26
C LEU F 137 -25.41 21.11 73.82
N ILE F 138 -25.55 19.96 73.17
CA ILE F 138 -25.07 19.82 71.80
C ILE F 138 -26.01 20.57 70.85
N GLN F 139 -25.42 21.42 70.02
CA GLN F 139 -26.21 22.13 69.02
C GLN F 139 -26.72 21.14 67.97
N PRO F 140 -27.99 21.26 67.57
CA PRO F 140 -28.53 20.33 66.57
C PRO F 140 -27.80 20.47 65.24
N GLY F 141 -27.11 19.39 64.84
CA GLY F 141 -26.31 19.41 63.64
C GLY F 141 -24.83 19.48 63.94
N GLY F 142 -24.07 20.09 63.03
CA GLY F 142 -22.64 20.23 63.25
C GLY F 142 -21.93 18.88 63.20
N SER F 143 -20.82 18.79 63.94
CA SER F 143 -20.02 17.58 63.99
C SER F 143 -19.29 17.54 65.32
N LEU F 144 -19.72 16.65 66.21
CA LEU F 144 -19.09 16.47 67.52
C LEU F 144 -18.34 15.15 67.54
N ARG F 145 -17.15 15.16 68.13
CA ARG F 145 -16.28 14.00 68.17
C ARG F 145 -16.21 13.46 69.60
N LEU F 146 -16.38 12.15 69.74
CA LEU F 146 -16.34 11.49 71.03
C LEU F 146 -15.24 10.43 71.01
N SER F 147 -14.35 10.48 71.99
CA SER F 147 -13.21 9.57 72.06
C SER F 147 -13.24 8.79 73.37
N CYS F 148 -12.57 7.63 73.36
CA CYS F 148 -12.44 6.75 74.50
C CYS F 148 -10.99 6.31 74.67
N ALA F 149 -10.09 7.29 74.68
CA ALA F 149 -8.66 7.06 74.81
C ALA F 149 -8.35 6.12 75.97
N ALA F 150 -7.67 5.02 75.66
CA ALA F 150 -7.32 4.00 76.65
C ALA F 150 -5.80 3.91 76.76
N SER F 151 -5.29 4.18 77.97
CA SER F 151 -3.86 4.09 78.23
C SER F 151 -3.38 2.65 78.40
N GLY F 152 -4.29 1.68 78.39
CA GLY F 152 -3.92 0.28 78.55
C GLY F 152 -3.91 -0.46 77.22
N PHE F 153 -4.99 -1.20 76.96
CA PHE F 153 -5.11 -1.93 75.71
C PHE F 153 -5.00 -0.99 74.51
N THR F 154 -4.46 -1.53 73.41
CA THR F 154 -4.25 -0.72 72.22
C THR F 154 -5.58 -0.28 71.64
N VAL F 155 -5.68 1.01 71.30
CA VAL F 155 -6.92 1.59 70.80
C VAL F 155 -6.94 1.50 69.27
N SER F 156 -5.99 0.76 68.69
CA SER F 156 -5.89 0.64 67.25
C SER F 156 -5.76 -0.80 66.75
N SER F 157 -5.66 -1.78 67.65
CA SER F 157 -5.53 -3.17 67.25
C SER F 157 -6.71 -4.04 67.67
N ASN F 158 -7.34 -3.74 68.80
CA ASN F 158 -8.45 -4.55 69.27
C ASN F 158 -9.73 -4.19 68.51
N TYR F 159 -10.75 -5.02 68.68
CA TYR F 159 -12.04 -4.85 68.00
C TYR F 159 -13.00 -4.16 68.96
N MET F 160 -13.22 -2.86 68.74
CA MET F 160 -14.10 -2.06 69.58
C MET F 160 -15.42 -1.80 68.85
N SER F 161 -16.38 -1.26 69.60
CA SER F 161 -17.70 -0.97 69.05
C SER F 161 -18.32 0.20 69.81
N TRP F 162 -19.41 0.70 69.25
CA TRP F 162 -20.15 1.82 69.84
C TRP F 162 -21.63 1.46 69.91
N VAL F 163 -22.20 1.53 71.11
CA VAL F 163 -23.60 1.17 71.35
C VAL F 163 -24.26 2.31 72.10
N ARG F 164 -25.44 2.74 71.63
CA ARG F 164 -26.16 3.82 72.27
C ARG F 164 -27.46 3.29 72.89
N GLN F 165 -27.89 3.96 73.95
CA GLN F 165 -29.13 3.60 74.65
C GLN F 165 -29.85 4.88 75.08
N ALA F 166 -31.18 4.85 74.97
CA ALA F 166 -32.02 5.97 75.34
C ALA F 166 -32.89 5.63 76.53
N PRO F 167 -33.32 6.64 77.30
CA PRO F 167 -34.24 6.39 78.41
C PRO F 167 -35.47 5.59 78.00
N GLY F 168 -35.67 4.44 78.64
CA GLY F 168 -36.80 3.57 78.33
C GLY F 168 -36.53 2.50 77.30
N LYS F 169 -35.92 2.88 76.18
CA LYS F 169 -35.62 1.92 75.12
C LYS F 169 -34.34 1.15 75.45
N GLY F 170 -34.23 -0.04 74.87
CA GLY F 170 -33.09 -0.89 75.09
C GLY F 170 -31.90 -0.52 74.22
N LEU F 171 -30.82 -1.27 74.40
CA LEU F 171 -29.59 -1.03 73.65
C LEU F 171 -29.70 -1.62 72.25
N GLU F 172 -28.82 -1.15 71.36
CA GLU F 172 -28.77 -1.64 69.99
C GLU F 172 -27.42 -1.27 69.39
N TRP F 173 -26.94 -2.12 68.49
CA TRP F 173 -25.64 -1.92 67.87
C TRP F 173 -25.67 -0.70 66.96
N VAL F 174 -24.74 0.23 67.17
CA VAL F 174 -24.75 1.48 66.44
C VAL F 174 -23.52 1.60 65.53
N SER F 175 -22.40 1.02 65.97
CA SER F 175 -21.17 1.12 65.18
C SER F 175 -20.28 -0.08 65.46
N VAL F 176 -19.85 -0.74 64.39
CA VAL F 176 -18.91 -1.86 64.47
C VAL F 176 -17.73 -1.55 63.56
N ILE F 177 -16.52 -1.77 64.07
CA ILE F 177 -15.30 -1.51 63.32
C ILE F 177 -14.31 -2.63 63.62
N TYR F 178 -13.74 -3.22 62.58
CA TYR F 178 -12.76 -4.29 62.71
C TYR F 178 -11.37 -3.72 63.02
N SER F 179 -10.33 -4.52 62.79
CA SER F 179 -8.97 -4.14 63.13
C SER F 179 -8.54 -2.86 62.41
N GLY F 180 -8.43 -2.91 61.09
CA GLY F 180 -7.99 -1.75 60.34
C GLY F 180 -8.54 -1.64 58.93
N GLY F 181 -9.50 -2.50 58.58
CA GLY F 181 -9.98 -2.52 57.21
C GLY F 181 -11.49 -2.64 57.08
N SER F 182 -12.23 -2.12 58.06
CA SER F 182 -13.68 -2.16 58.00
C SER F 182 -14.25 -0.93 58.70
N THR F 183 -15.27 -0.33 58.08
CA THR F 183 -15.95 0.84 58.61
C THR F 183 -17.46 0.65 58.49
N TYR F 184 -17.95 -0.51 58.92
CA TYR F 184 -19.36 -0.82 58.82
C TYR F 184 -20.18 0.09 59.73
N TYR F 185 -21.36 0.46 59.26
CA TYR F 185 -22.30 1.27 60.02
C TYR F 185 -23.60 0.51 60.24
N ALA F 186 -24.35 0.94 61.25
CA ALA F 186 -25.61 0.30 61.58
C ALA F 186 -26.69 0.71 60.59
N ASP F 187 -27.83 0.00 60.66
CA ASP F 187 -28.95 0.30 59.77
C ASP F 187 -29.73 1.52 60.21
N SER F 188 -29.50 2.02 61.43
CA SER F 188 -30.22 3.19 61.89
C SER F 188 -29.75 4.44 61.17
N VAL F 189 -28.44 4.63 61.05
CA VAL F 189 -27.91 5.81 60.37
C VAL F 189 -28.00 5.66 58.85
N LYS F 190 -27.79 4.45 58.35
CA LYS F 190 -27.91 4.12 56.93
C LYS F 190 -26.97 4.95 56.05
N GLY F 191 -25.96 5.57 56.63
CA GLY F 191 -25.00 6.31 55.85
C GLY F 191 -24.65 7.68 56.39
N ARG F 192 -25.54 8.26 57.21
CA ARG F 192 -25.30 9.59 57.75
C ARG F 192 -24.22 9.61 58.83
N PHE F 193 -23.69 8.46 59.23
CA PHE F 193 -22.64 8.37 60.22
C PHE F 193 -21.35 7.91 59.54
N THR F 194 -20.27 8.66 59.75
CA THR F 194 -18.98 8.37 59.13
C THR F 194 -17.94 8.18 60.25
N ILE F 195 -17.49 6.94 60.43
CA ILE F 195 -16.49 6.64 61.44
C ILE F 195 -15.11 6.98 60.88
N SER F 196 -14.32 7.69 61.68
CA SER F 196 -12.97 8.09 61.28
C SER F 196 -12.03 7.82 62.45
N ARG F 197 -11.00 7.00 62.20
CA ARG F 197 -10.05 6.64 63.24
C ARG F 197 -9.05 7.78 63.45
N ASP F 198 -8.72 8.02 64.72
CA ASP F 198 -7.74 9.04 65.09
C ASP F 198 -6.33 8.46 64.91
N ASN F 199 -5.33 9.12 65.46
CA ASN F 199 -3.96 8.65 65.38
C ASN F 199 -3.84 7.24 65.93
N SER F 200 -2.99 6.43 65.28
CA SER F 200 -2.87 5.02 65.61
C SER F 200 -2.24 4.76 66.97
N GLU F 201 -1.68 5.77 67.62
CA GLU F 201 -1.01 5.58 68.90
C GLU F 201 -1.53 6.51 70.00
N ASN F 202 -2.60 7.26 69.74
CA ASN F 202 -3.15 8.17 70.73
C ASN F 202 -4.54 7.75 71.21
N THR F 203 -5.49 7.62 70.29
CA THR F 203 -6.88 7.29 70.65
C THR F 203 -7.63 6.94 69.37
N LEU F 204 -8.94 6.75 69.50
CA LEU F 204 -9.83 6.50 68.37
C LEU F 204 -11.16 7.16 68.68
N TYR F 205 -11.52 8.17 67.89
CA TYR F 205 -12.72 8.96 68.13
C TYR F 205 -13.76 8.68 67.05
N LEU F 206 -14.94 9.28 67.23
CA LEU F 206 -16.07 9.10 66.35
C LEU F 206 -16.44 10.46 65.74
N GLN F 207 -17.53 10.47 64.97
CA GLN F 207 -17.99 11.69 64.31
C GLN F 207 -19.50 11.66 64.18
N MET F 208 -20.14 12.80 64.46
CA MET F 208 -21.60 12.86 64.46
C MET F 208 -22.15 13.00 63.05
N ASN F 209 -21.62 13.96 62.28
CA ASN F 209 -21.99 14.19 60.89
C ASN F 209 -23.50 14.50 60.75
N SER F 210 -23.90 15.62 61.34
CA SER F 210 -25.22 16.21 61.13
C SER F 210 -26.34 15.24 61.53
N LEU F 211 -26.40 14.98 62.84
CA LEU F 211 -27.42 14.09 63.41
C LEU F 211 -28.83 14.50 62.99
N ARG F 212 -29.76 13.55 63.05
CA ARG F 212 -31.13 13.77 62.61
C ARG F 212 -32.09 13.74 63.80
N ALA F 213 -31.70 14.36 64.91
CA ALA F 213 -32.46 14.50 66.14
C ALA F 213 -32.74 13.17 66.84
N GLU F 214 -32.25 12.06 66.32
CA GLU F 214 -32.41 10.75 66.95
C GLU F 214 -31.18 10.31 67.72
N ASP F 215 -30.10 11.10 67.70
CA ASP F 215 -28.87 10.78 68.39
C ASP F 215 -28.84 11.30 69.83
N THR F 216 -30.01 11.58 70.40
CA THR F 216 -30.07 12.06 71.79
C THR F 216 -29.68 11.00 72.80
N ALA F 217 -29.68 9.73 72.42
CA ALA F 217 -29.33 8.65 73.32
C ALA F 217 -27.87 8.77 73.76
N VAL F 218 -27.57 8.17 74.91
CA VAL F 218 -26.22 8.21 75.46
C VAL F 218 -25.39 7.10 74.81
N TYR F 219 -24.12 7.39 74.56
CA TYR F 219 -23.23 6.49 73.86
C TYR F 219 -22.38 5.68 74.84
N TYR F 220 -21.83 4.58 74.34
CA TYR F 220 -20.92 3.75 75.09
C TYR F 220 -19.92 3.13 74.12
N CYS F 221 -18.63 3.40 74.34
CA CYS F 221 -17.55 2.88 73.52
C CYS F 221 -17.00 1.64 74.22
N ALA F 222 -17.35 0.46 73.70
CA ALA F 222 -16.91 -0.79 74.28
C ALA F 222 -15.65 -1.29 73.61
N ARG F 223 -14.69 -1.76 74.41
CA ARG F 223 -13.42 -2.24 73.90
C ARG F 223 -13.53 -3.59 73.20
N GLY F 224 -14.67 -4.28 73.34
CA GLY F 224 -14.83 -5.58 72.73
C GLY F 224 -16.18 -5.68 72.03
N GLU F 225 -16.25 -6.63 71.09
CA GLU F 225 -17.47 -6.86 70.35
C GLU F 225 -18.55 -7.42 71.27
N ILE F 226 -19.81 -7.25 70.84
CA ILE F 226 -20.95 -7.65 71.66
C ILE F 226 -21.43 -9.04 71.24
N GLN F 227 -21.85 -9.17 69.98
CA GLN F 227 -22.35 -10.46 69.52
C GLN F 227 -21.19 -11.43 69.26
N PRO F 228 -20.15 -11.05 68.49
CA PRO F 228 -18.97 -11.93 68.39
C PRO F 228 -17.96 -11.66 69.49
N TYR F 229 -18.41 -11.76 70.74
CA TYR F 229 -17.59 -11.40 71.87
C TYR F 229 -16.49 -12.43 72.10
N TYR F 230 -15.27 -11.94 72.33
CA TYR F 230 -14.13 -12.76 72.68
C TYR F 230 -13.75 -12.48 74.14
N TYR F 231 -12.99 -13.40 74.71
CA TYR F 231 -12.64 -13.30 76.14
C TYR F 231 -11.94 -11.99 76.44
N TYR F 232 -10.88 -11.67 75.67
CA TYR F 232 -10.17 -10.40 75.79
C TYR F 232 -9.62 -10.16 77.20
N GLY F 233 -9.40 -11.24 77.95
CA GLY F 233 -8.91 -11.11 79.31
C GLY F 233 -9.98 -10.65 80.29
N MET F 234 -10.56 -9.48 80.04
CA MET F 234 -11.60 -8.95 80.91
C MET F 234 -12.46 -7.98 80.10
N ASP F 235 -13.72 -7.86 80.50
CA ASP F 235 -14.68 -6.96 79.86
C ASP F 235 -14.76 -5.68 80.67
N VAL F 236 -14.27 -4.59 80.11
CA VAL F 236 -14.26 -3.28 80.76
C VAL F 236 -15.07 -2.31 79.92
N TRP F 237 -15.98 -1.58 80.57
CA TRP F 237 -16.81 -0.58 79.92
C TRP F 237 -16.47 0.80 80.46
N GLY F 238 -17.14 1.80 79.92
CA GLY F 238 -16.94 3.17 80.34
C GLY F 238 -18.27 3.91 80.43
N GLN F 239 -18.32 4.86 81.35
CA GLN F 239 -19.54 5.64 81.54
C GLN F 239 -19.86 6.45 80.30
N GLY F 240 -21.16 6.67 80.07
CA GLY F 240 -21.62 7.40 78.91
C GLY F 240 -21.84 8.88 79.18
N THR F 241 -22.16 9.60 78.12
CA THR F 241 -22.42 11.03 78.17
C THR F 241 -23.74 11.35 77.50
N THR F 242 -24.40 12.38 77.99
CA THR F 242 -25.69 12.80 77.44
C THR F 242 -25.47 13.82 76.33
N VAL F 243 -26.04 13.54 75.16
CA VAL F 243 -25.92 14.46 74.03
C VAL F 243 -26.76 15.70 74.26
N THR F 244 -28.03 15.51 74.62
CA THR F 244 -28.95 16.61 74.91
C THR F 244 -29.06 17.57 73.72
N VAL F 245 -29.59 17.03 72.61
CA VAL F 245 -29.78 17.84 71.42
C VAL F 245 -30.89 18.86 71.66
N SER F 246 -30.83 19.96 70.91
CA SER F 246 -31.78 21.07 71.01
C SER F 246 -32.41 21.36 69.67
N SER F 247 -32.84 20.30 68.98
CA SER F 247 -33.48 20.44 67.67
C SER F 247 -34.91 20.95 67.82
N VAL G 3 -35.54 -8.75 29.81
CA VAL G 3 -36.44 -9.07 28.72
C VAL G 3 -36.18 -10.48 28.20
N LEU G 4 -37.25 -11.26 28.04
CA LEU G 4 -37.15 -12.64 27.56
C LEU G 4 -38.15 -12.84 26.44
N THR G 5 -37.70 -13.42 25.34
CA THR G 5 -38.55 -13.70 24.19
C THR G 5 -39.07 -15.13 24.28
N GLN G 6 -40.39 -15.29 24.12
CA GLN G 6 -41.05 -16.58 24.23
C GLN G 6 -42.22 -16.59 23.25
N PRO G 7 -42.42 -17.69 22.52
CA PRO G 7 -43.55 -17.77 21.59
C PRO G 7 -44.87 -17.60 22.31
N PRO G 8 -45.81 -16.85 21.72
CA PRO G 8 -47.10 -16.60 22.39
C PRO G 8 -47.91 -17.87 22.61
N SER G 9 -48.17 -18.62 21.53
CA SER G 9 -48.99 -19.82 21.63
C SER G 9 -48.59 -20.75 20.47
N ALA G 10 -47.85 -21.81 20.79
CA ALA G 10 -47.46 -22.78 19.79
C ALA G 10 -48.60 -23.77 19.54
N SER G 11 -48.32 -24.79 18.72
CA SER G 11 -49.30 -25.82 18.40
C SER G 11 -48.61 -27.17 18.44
N GLY G 12 -49.41 -28.22 18.28
CA GLY G 12 -48.88 -29.58 18.30
C GLY G 12 -49.95 -30.65 18.37
N THR G 13 -49.59 -31.86 17.96
CA THR G 13 -50.49 -33.01 17.96
C THR G 13 -50.10 -33.99 19.07
N PRO G 14 -51.05 -34.74 19.62
CA PRO G 14 -50.71 -35.71 20.66
C PRO G 14 -49.84 -36.84 20.12
N GLY G 15 -49.10 -37.46 21.02
CA GLY G 15 -48.20 -38.54 20.70
C GLY G 15 -46.76 -38.12 20.42
N GLN G 16 -46.59 -37.05 19.64
CA GLN G 16 -45.26 -36.56 19.31
C GLN G 16 -44.80 -35.58 20.40
N ARG G 17 -43.69 -34.89 20.14
CA ARG G 17 -43.13 -33.94 21.08
C ARG G 17 -42.99 -32.57 20.45
N VAL G 18 -42.96 -31.54 21.29
CA VAL G 18 -42.79 -30.16 20.84
C VAL G 18 -41.51 -29.60 21.46
N THR G 19 -41.18 -28.35 21.13
CA THR G 19 -39.96 -27.72 21.62
C THR G 19 -40.26 -26.24 21.89
N ILE G 20 -40.44 -25.90 23.16
CA ILE G 20 -40.67 -24.53 23.57
C ILE G 20 -39.32 -23.89 23.90
N SER G 21 -39.07 -22.71 23.34
CA SER G 21 -37.81 -22.03 23.51
C SER G 21 -38.00 -20.71 24.25
N CYS G 22 -36.92 -20.24 24.88
CA CYS G 22 -36.91 -18.98 25.61
C CYS G 22 -35.58 -18.30 25.34
N SER G 23 -35.61 -17.18 24.62
CA SER G 23 -34.42 -16.46 24.24
C SER G 23 -34.16 -15.32 25.22
N GLY G 24 -32.88 -15.13 25.57
CA GLY G 24 -32.50 -14.06 26.47
C GLY G 24 -31.07 -13.63 26.22
N SER G 25 -30.77 -12.41 26.65
CA SER G 25 -29.44 -11.86 26.48
C SER G 25 -28.45 -12.53 27.44
N SER G 26 -27.17 -12.26 27.23
CA SER G 26 -26.12 -12.82 28.09
C SER G 26 -26.09 -12.19 29.47
N SER G 27 -26.86 -11.12 29.70
CA SER G 27 -26.86 -10.48 31.01
C SER G 27 -27.70 -11.24 32.02
N ASN G 28 -28.70 -11.99 31.56
CA ASN G 28 -29.60 -12.74 32.44
C ASN G 28 -29.45 -14.24 32.28
N ILE G 29 -29.52 -14.76 31.06
CA ILE G 29 -29.39 -16.20 30.85
C ILE G 29 -27.92 -16.60 30.76
N GLY G 30 -27.10 -15.76 30.13
CA GLY G 30 -25.69 -16.08 29.96
C GLY G 30 -24.90 -16.09 31.24
N SER G 31 -25.46 -15.54 32.33
CA SER G 31 -24.77 -15.48 33.61
C SER G 31 -25.51 -16.19 34.73
N ASN G 32 -26.69 -16.76 34.44
CA ASN G 32 -27.49 -17.43 35.46
C ASN G 32 -28.12 -18.67 34.82
N THR G 33 -29.08 -19.26 35.53
CA THR G 33 -29.79 -20.44 35.07
C THR G 33 -31.27 -20.13 34.87
N VAL G 34 -31.83 -20.64 33.78
CA VAL G 34 -33.24 -20.40 33.49
C VAL G 34 -34.10 -21.37 34.31
N ASN G 35 -35.29 -20.91 34.69
CA ASN G 35 -36.24 -21.71 35.43
C ASN G 35 -37.55 -21.79 34.65
N TRP G 36 -38.04 -23.00 34.44
CA TRP G 36 -39.29 -23.24 33.73
C TRP G 36 -40.38 -23.59 34.73
N TYR G 37 -41.48 -22.85 34.69
CA TYR G 37 -42.60 -23.06 35.59
C TYR G 37 -43.85 -23.45 34.79
N GLN G 38 -44.62 -24.38 35.34
CA GLN G 38 -45.87 -24.84 34.74
C GLN G 38 -47.03 -24.42 35.62
N GLN G 39 -48.08 -23.89 34.98
CA GLN G 39 -49.25 -23.40 35.70
C GLN G 39 -50.51 -23.91 35.00
N LEU G 40 -51.31 -24.69 35.73
CA LEU G 40 -52.59 -25.15 35.19
C LEU G 40 -53.61 -24.02 35.24
N PRO G 41 -54.47 -23.91 34.23
CA PRO G 41 -55.47 -22.82 34.23
C PRO G 41 -56.50 -22.98 35.34
N GLY G 42 -56.47 -22.08 36.32
CA GLY G 42 -57.42 -22.13 37.41
C GLY G 42 -56.77 -22.36 38.77
N THR G 43 -55.73 -23.18 38.80
CA THR G 43 -55.03 -23.52 40.03
C THR G 43 -53.73 -22.73 40.15
N ALA G 44 -53.07 -22.90 41.28
CA ALA G 44 -51.81 -22.21 41.53
C ALA G 44 -50.69 -22.80 40.69
N PRO G 45 -49.69 -22.01 40.33
CA PRO G 45 -48.56 -22.52 39.55
C PRO G 45 -47.75 -23.53 40.36
N LYS G 46 -46.75 -24.12 39.69
CA LYS G 46 -45.87 -25.08 40.32
C LYS G 46 -44.56 -25.13 39.55
N LEU G 47 -43.49 -25.49 40.26
CA LEU G 47 -42.18 -25.59 39.64
C LEU G 47 -42.12 -26.80 38.71
N LEU G 48 -41.52 -26.59 37.53
CA LEU G 48 -41.34 -27.65 36.55
C LEU G 48 -39.88 -28.06 36.37
N ILE G 49 -39.00 -27.11 36.08
CA ILE G 49 -37.58 -27.39 35.87
C ILE G 49 -36.77 -26.26 36.48
N TYR G 50 -35.83 -26.61 37.36
CA TYR G 50 -34.94 -25.65 37.99
C TYR G 50 -33.50 -25.97 37.65
N SER G 51 -32.70 -24.90 37.48
CA SER G 51 -31.28 -24.97 37.16
C SER G 51 -30.99 -25.67 35.84
N ASN G 52 -32.02 -25.95 35.03
CA ASN G 52 -31.94 -26.54 33.70
C ASN G 52 -31.33 -27.93 33.69
N ASN G 53 -31.06 -28.53 34.83
CA ASN G 53 -30.45 -29.86 34.86
C ASN G 53 -31.23 -30.85 35.72
N GLN G 54 -31.80 -30.41 36.83
CA GLN G 54 -32.51 -31.28 37.75
C GLN G 54 -34.01 -30.96 37.72
N ARG G 55 -34.79 -31.89 38.28
CA ARG G 55 -36.23 -31.77 38.35
C ARG G 55 -36.68 -32.14 39.75
N PRO G 56 -37.76 -31.54 40.24
CA PRO G 56 -38.27 -31.89 41.58
C PRO G 56 -38.79 -33.31 41.63
N SER G 57 -39.13 -33.74 42.85
CA SER G 57 -39.63 -35.10 43.04
C SER G 57 -41.02 -35.28 42.43
N GLY G 58 -41.84 -34.22 42.44
CA GLY G 58 -43.17 -34.34 41.88
C GLY G 58 -43.20 -34.31 40.36
N VAL G 59 -42.25 -33.64 39.74
CA VAL G 59 -42.18 -33.55 38.28
C VAL G 59 -41.64 -34.87 37.73
N PRO G 60 -42.39 -35.55 36.87
CA PRO G 60 -41.92 -36.82 36.30
C PRO G 60 -40.86 -36.57 35.23
N ASP G 61 -40.43 -37.66 34.60
CA ASP G 61 -39.41 -37.61 33.56
C ASP G 61 -39.98 -37.18 32.21
N ARG G 62 -41.23 -36.72 32.15
CA ARG G 62 -41.84 -36.29 30.91
C ARG G 62 -41.39 -34.91 30.46
N PHE G 63 -40.47 -34.28 31.18
CA PHE G 63 -39.99 -32.94 30.86
C PHE G 63 -38.47 -32.92 30.88
N SER G 64 -37.90 -32.11 29.98
CA SER G 64 -36.44 -31.96 29.92
C SER G 64 -36.11 -30.56 29.46
N GLY G 65 -34.97 -30.07 29.89
CA GLY G 65 -34.53 -28.72 29.54
C GLY G 65 -33.06 -28.70 29.20
N SER G 66 -32.70 -27.76 28.32
CA SER G 66 -31.32 -27.60 27.88
C SER G 66 -31.00 -26.12 27.81
N LYS G 67 -29.71 -25.80 27.97
CA LYS G 67 -29.23 -24.42 27.98
C LYS G 67 -28.13 -24.24 26.93
N SER G 68 -28.37 -24.74 25.72
CA SER G 68 -27.42 -24.61 24.64
C SER G 68 -27.35 -23.14 24.20
N GLY G 69 -26.21 -22.49 24.47
CA GLY G 69 -26.06 -21.10 24.12
C GLY G 69 -26.69 -20.17 25.13
N THR G 70 -27.16 -19.03 24.65
CA THR G 70 -27.78 -18.01 25.48
C THR G 70 -29.30 -18.15 25.56
N SER G 71 -29.85 -19.27 25.08
CA SER G 71 -31.29 -19.50 25.11
C SER G 71 -31.57 -20.87 25.71
N ALA G 72 -32.74 -20.99 26.33
CA ALA G 72 -33.17 -22.25 26.93
C ALA G 72 -34.16 -22.95 26.02
N SER G 73 -34.12 -24.28 26.04
CA SER G 73 -34.96 -25.11 25.19
C SER G 73 -35.66 -26.17 26.04
N LEU G 74 -36.98 -26.22 25.93
CA LEU G 74 -37.80 -27.20 26.64
C LEU G 74 -38.20 -28.32 25.70
N ALA G 75 -38.35 -29.52 26.26
CA ALA G 75 -38.76 -30.68 25.48
C ALA G 75 -39.68 -31.55 26.32
N ILE G 76 -40.83 -31.89 25.78
CA ILE G 76 -41.82 -32.73 26.47
C ILE G 76 -42.07 -33.93 25.57
N SER G 77 -41.37 -35.03 25.85
CA SER G 77 -41.49 -36.23 25.04
C SER G 77 -42.80 -36.94 25.36
N GLY G 78 -43.69 -37.02 24.38
CA GLY G 78 -44.96 -37.70 24.55
C GLY G 78 -45.98 -36.89 25.33
N LEU G 79 -46.37 -35.74 24.80
CA LEU G 79 -47.35 -34.90 25.47
C LEU G 79 -48.73 -35.53 25.40
N GLN G 80 -49.61 -35.07 26.29
CA GLN G 80 -50.98 -35.57 26.36
C GLN G 80 -51.90 -34.40 26.71
N SER G 81 -53.15 -34.71 27.05
CA SER G 81 -54.10 -33.67 27.39
C SER G 81 -53.78 -33.05 28.76
N GLU G 82 -53.09 -33.78 29.62
CA GLU G 82 -52.73 -33.25 30.93
C GLU G 82 -51.63 -32.21 30.85
N ASP G 83 -50.85 -32.20 29.77
CA ASP G 83 -49.77 -31.24 29.59
C ASP G 83 -50.24 -29.93 28.98
N GLU G 84 -51.54 -29.68 28.92
CA GLU G 84 -52.08 -28.44 28.39
C GLU G 84 -52.11 -27.41 29.52
N ALA G 85 -51.02 -26.68 29.67
CA ALA G 85 -50.88 -25.69 30.72
C ALA G 85 -50.02 -24.54 30.22
N ASP G 86 -49.85 -23.53 31.07
CA ASP G 86 -49.04 -22.37 30.75
C ASP G 86 -47.60 -22.61 31.18
N TYR G 87 -46.66 -22.31 30.29
CA TYR G 87 -45.23 -22.50 30.54
C TYR G 87 -44.56 -21.14 30.57
N TYR G 88 -43.93 -20.82 31.71
CA TYR G 88 -43.27 -19.54 31.90
C TYR G 88 -41.77 -19.74 32.12
N CYS G 89 -41.00 -18.78 31.66
CA CYS G 89 -39.55 -18.76 31.85
C CYS G 89 -39.17 -17.63 32.79
N ALA G 90 -38.24 -17.90 33.70
CA ALA G 90 -37.81 -16.91 34.68
C ALA G 90 -36.29 -16.96 34.81
N ALA G 91 -35.70 -15.78 35.05
CA ALA G 91 -34.25 -15.70 35.18
C ALA G 91 -33.90 -14.48 36.01
N TRP G 92 -32.86 -14.62 36.85
CA TRP G 92 -32.37 -13.52 37.67
C TRP G 92 -31.28 -12.79 36.90
N ASP G 93 -31.55 -11.53 36.57
CA ASP G 93 -30.58 -10.73 35.85
C ASP G 93 -29.53 -10.16 36.81
N ASP G 94 -28.35 -9.86 36.25
CA ASP G 94 -27.25 -9.34 37.05
C ASP G 94 -27.49 -7.90 37.54
N SER G 95 -28.59 -7.27 37.15
CA SER G 95 -28.92 -5.92 37.60
C SER G 95 -29.89 -5.93 38.79
N LEU G 96 -29.84 -7.00 39.60
CA LEU G 96 -30.68 -7.14 40.78
C LEU G 96 -32.16 -7.07 40.43
N ASN G 97 -32.60 -8.02 39.61
CA ASN G 97 -33.99 -8.12 39.22
C ASN G 97 -34.28 -9.54 38.76
N TRP G 98 -35.56 -9.88 38.73
CA TRP G 98 -36.04 -11.21 38.35
C TRP G 98 -37.00 -11.05 37.18
N VAL G 99 -36.53 -11.33 35.98
CA VAL G 99 -37.33 -11.14 34.77
C VAL G 99 -38.02 -12.45 34.42
N PHE G 100 -39.34 -12.39 34.24
CA PHE G 100 -40.15 -13.54 33.86
C PHE G 100 -40.42 -13.53 32.36
N GLY G 101 -40.99 -14.62 31.89
CA GLY G 101 -41.34 -14.78 30.49
C GLY G 101 -42.71 -14.22 30.16
N GLY G 102 -43.25 -14.67 29.04
CA GLY G 102 -44.56 -14.23 28.60
C GLY G 102 -45.61 -15.31 28.70
N GLY G 103 -45.22 -16.56 28.48
CA GLY G 103 -46.14 -17.68 28.54
C GLY G 103 -46.24 -18.44 27.24
N THR G 104 -46.56 -19.73 27.31
CA THR G 104 -46.69 -20.58 26.14
C THR G 104 -48.00 -21.34 26.25
N LYS G 105 -49.00 -20.93 25.47
CA LYS G 105 -50.31 -21.61 25.45
C LYS G 105 -50.19 -22.85 24.58
N LEU G 106 -49.58 -23.89 25.15
CA LEU G 106 -49.41 -25.16 24.46
C LEU G 106 -50.71 -25.98 24.56
N THR G 107 -51.72 -25.49 23.85
CA THR G 107 -53.03 -26.12 23.84
C THR G 107 -53.14 -27.08 22.66
N VAL G 108 -53.69 -28.26 22.93
CA VAL G 108 -53.90 -29.28 21.90
C VAL G 108 -55.28 -29.88 22.12
N LEU G 109 -56.15 -29.80 21.11
CA LEU G 109 -57.50 -30.33 21.20
C LEU G 109 -57.56 -31.74 20.61
N GLY G 110 -56.75 -32.63 21.19
CA GLY G 110 -56.70 -34.00 20.74
C GLY G 110 -56.03 -34.18 19.39
N GLU G 125 -45.86 -32.19 52.50
CA GLU G 125 -47.03 -31.38 52.16
C GLU G 125 -47.17 -30.21 53.13
N VAL G 126 -46.79 -29.02 52.68
CA VAL G 126 -46.87 -27.81 53.48
C VAL G 126 -47.70 -26.78 52.72
N GLN G 127 -48.70 -26.22 53.38
CA GLN G 127 -49.56 -25.22 52.77
C GLN G 127 -48.91 -23.85 52.86
N LEU G 128 -48.90 -23.13 51.75
CA LEU G 128 -48.32 -21.80 51.66
C LEU G 128 -49.39 -20.75 51.34
N VAL G 129 -50.56 -20.89 51.97
CA VAL G 129 -51.67 -19.98 51.69
C VAL G 129 -51.37 -18.61 52.31
N GLU G 130 -51.77 -17.55 51.62
CA GLU G 130 -51.61 -16.19 52.08
C GLU G 130 -52.92 -15.43 51.89
N SER G 131 -53.00 -14.27 52.54
CA SER G 131 -54.19 -13.43 52.46
C SER G 131 -53.79 -11.99 52.77
N GLY G 132 -54.78 -11.10 52.77
CA GLY G 132 -54.55 -9.70 53.05
C GLY G 132 -54.90 -8.80 51.88
N GLY G 133 -55.80 -9.25 51.02
CA GLY G 133 -56.22 -8.47 49.87
C GLY G 133 -57.42 -7.60 50.15
N GLY G 134 -58.37 -7.59 49.23
CA GLY G 134 -59.58 -6.80 49.40
C GLY G 134 -59.47 -5.43 48.76
N VAL G 135 -60.62 -4.92 48.32
CA VAL G 135 -60.66 -3.60 47.69
C VAL G 135 -60.48 -2.52 48.75
N VAL G 136 -59.57 -1.58 48.49
CA VAL G 136 -59.27 -0.50 49.42
C VAL G 136 -59.32 0.82 48.67
N GLN G 137 -59.16 1.90 49.42
CA GLN G 137 -59.17 3.23 48.84
C GLN G 137 -57.90 3.44 48.00
N PRO G 138 -58.01 4.01 46.80
CA PRO G 138 -56.81 4.28 46.01
C PRO G 138 -55.87 5.26 46.70
N GLY G 139 -54.62 5.27 46.24
CA GLY G 139 -53.60 6.07 46.87
C GLY G 139 -52.93 5.33 48.00
N GLY G 140 -53.71 4.90 48.99
CA GLY G 140 -53.22 4.09 50.08
C GLY G 140 -53.49 2.61 49.85
N SER G 141 -53.05 1.81 50.83
CA SER G 141 -53.22 0.37 50.76
C SER G 141 -53.06 -0.20 52.17
N LEU G 142 -53.11 -1.52 52.26
CA LEU G 142 -52.96 -2.24 53.52
C LEU G 142 -51.76 -3.16 53.43
N ARG G 143 -51.58 -3.99 54.47
CA ARG G 143 -50.48 -4.93 54.52
C ARG G 143 -50.85 -6.24 53.85
N LEU G 144 -49.85 -6.94 53.34
CA LEU G 144 -50.02 -8.24 52.71
C LEU G 144 -49.45 -9.32 53.62
N SER G 145 -50.30 -10.24 54.05
CA SER G 145 -49.92 -11.28 54.99
C SER G 145 -49.60 -12.58 54.24
N CYS G 146 -48.94 -13.49 54.96
CA CYS G 146 -48.60 -14.80 54.43
C CYS G 146 -48.29 -15.71 55.62
N ALA G 147 -48.46 -17.01 55.40
CA ALA G 147 -48.28 -17.97 56.48
C ALA G 147 -47.97 -19.34 55.88
N ALA G 148 -47.59 -20.26 56.76
CA ALA G 148 -47.28 -21.63 56.38
C ALA G 148 -47.49 -22.52 57.61
N SER G 149 -46.99 -23.75 57.55
CA SER G 149 -47.16 -24.70 58.66
C SER G 149 -45.95 -25.63 58.66
N GLY G 150 -44.99 -25.36 59.54
CA GLY G 150 -43.86 -26.24 59.75
C GLY G 150 -43.02 -26.50 58.52
N PHE G 151 -42.32 -25.48 58.02
CA PHE G 151 -41.46 -25.66 56.86
C PHE G 151 -40.10 -25.01 57.03
N ARG G 152 -39.69 -24.71 58.27
CA ARG G 152 -38.38 -24.13 58.58
C ARG G 152 -38.19 -22.81 57.83
N PHE G 153 -39.02 -21.84 58.21
CA PHE G 153 -39.01 -20.52 57.57
C PHE G 153 -37.64 -19.86 57.65
N ASP G 154 -36.85 -20.17 58.68
CA ASP G 154 -35.55 -19.55 58.83
C ASP G 154 -34.55 -20.03 57.78
N ASP G 155 -34.73 -21.25 57.27
CA ASP G 155 -33.80 -21.85 56.33
C ASP G 155 -34.31 -21.80 54.89
N HIS G 156 -35.24 -20.90 54.58
CA HIS G 156 -35.77 -20.80 53.24
C HIS G 156 -36.11 -19.34 52.94
N ALA G 157 -36.09 -19.00 51.65
CA ALA G 157 -36.41 -17.66 51.18
C ALA G 157 -37.83 -17.62 50.62
N MET G 158 -38.36 -16.40 50.50
CA MET G 158 -39.70 -16.20 49.99
C MET G 158 -39.71 -15.13 48.90
N HIS G 159 -40.60 -15.30 47.94
CA HIS G 159 -40.76 -14.37 46.83
C HIS G 159 -42.20 -13.88 46.76
N TRP G 160 -42.39 -12.71 46.18
CA TRP G 160 -43.70 -12.16 45.89
C TRP G 160 -43.88 -12.13 44.37
N VAL G 161 -44.68 -13.07 43.85
CA VAL G 161 -44.90 -13.19 42.41
C VAL G 161 -46.39 -12.98 42.18
N ARG G 162 -46.76 -11.78 41.77
CA ARG G 162 -48.16 -11.44 41.52
C ARG G 162 -48.55 -11.80 40.09
N GLN G 163 -49.84 -12.02 39.88
CA GLN G 163 -50.37 -12.39 38.57
C GLN G 163 -51.69 -11.68 38.36
N ALA G 164 -51.74 -10.79 37.38
CA ALA G 164 -52.98 -10.09 37.07
C ALA G 164 -53.98 -11.06 36.45
N PRO G 165 -55.28 -10.82 36.64
CA PRO G 165 -56.29 -11.70 36.04
C PRO G 165 -56.21 -11.70 34.52
N GLY G 166 -55.88 -12.85 33.96
CA GLY G 166 -55.73 -13.00 32.53
C GLY G 166 -54.35 -12.69 31.99
N LYS G 167 -53.55 -11.94 32.73
CA LYS G 167 -52.20 -11.58 32.29
C LYS G 167 -51.19 -12.58 32.84
N GLY G 168 -49.91 -12.30 32.66
CA GLY G 168 -48.85 -13.17 33.12
C GLY G 168 -48.44 -12.87 34.55
N LEU G 169 -47.29 -13.43 34.93
CA LEU G 169 -46.75 -13.28 36.26
C LEU G 169 -45.50 -12.40 36.23
N GLU G 170 -45.19 -11.81 37.37
CA GLU G 170 -44.00 -10.98 37.50
C GLU G 170 -43.55 -10.97 38.96
N TRP G 171 -42.26 -10.80 39.17
CA TRP G 171 -41.66 -10.83 40.49
C TRP G 171 -41.67 -9.44 41.11
N VAL G 172 -42.06 -9.37 42.39
CA VAL G 172 -42.19 -8.10 43.08
C VAL G 172 -41.01 -7.89 44.02
N SER G 173 -40.84 -8.79 44.99
CA SER G 173 -39.80 -8.63 45.99
C SER G 173 -39.35 -10.00 46.48
N VAL G 174 -38.19 -10.00 47.14
CA VAL G 174 -37.58 -11.22 47.66
C VAL G 174 -37.12 -10.98 49.08
N ILE G 175 -37.29 -11.98 49.95
CA ILE G 175 -36.74 -11.96 51.30
C ILE G 175 -35.95 -13.25 51.51
N SER G 176 -34.71 -13.10 51.97
CA SER G 176 -33.83 -14.24 52.18
C SER G 176 -34.11 -14.91 53.52
N GLY G 177 -33.60 -16.13 53.66
CA GLY G 177 -33.79 -16.86 54.91
C GLY G 177 -33.02 -16.26 56.08
N ASP G 178 -31.90 -15.61 55.79
CA ASP G 178 -31.11 -14.99 56.87
C ASP G 178 -31.81 -13.75 57.41
N GLY G 179 -32.55 -13.04 56.57
CA GLY G 179 -33.21 -11.83 57.00
C GLY G 179 -32.40 -10.56 56.86
N GLY G 180 -31.41 -10.53 55.98
CA GLY G 180 -30.58 -9.37 55.80
C GLY G 180 -30.93 -8.56 54.58
N SER G 181 -30.15 -8.71 53.51
CA SER G 181 -30.39 -7.95 52.29
C SER G 181 -31.65 -8.44 51.59
N THR G 182 -32.43 -7.49 51.06
CA THR G 182 -33.64 -7.79 50.31
C THR G 182 -33.64 -6.97 49.03
N TYR G 183 -34.42 -7.42 48.05
CA TYR G 183 -34.51 -6.77 46.76
C TYR G 183 -35.96 -6.64 46.32
N TYR G 184 -36.22 -5.59 45.56
CA TYR G 184 -37.53 -5.29 44.98
C TYR G 184 -37.41 -5.22 43.47
N ALA G 185 -38.56 -5.05 42.81
CA ALA G 185 -38.58 -4.90 41.37
C ALA G 185 -38.19 -3.49 40.97
N ASP G 186 -38.16 -3.23 39.66
CA ASP G 186 -37.76 -1.93 39.15
C ASP G 186 -38.86 -0.88 39.31
N SER G 187 -40.10 -1.29 39.49
CA SER G 187 -41.22 -0.36 39.63
C SER G 187 -41.75 -0.24 41.05
N VAL G 188 -41.57 -1.26 41.88
CA VAL G 188 -42.06 -1.24 43.25
C VAL G 188 -40.99 -0.82 44.24
N LYS G 189 -39.87 -0.31 43.76
CA LYS G 189 -38.78 0.09 44.64
C LYS G 189 -39.13 1.36 45.41
N GLY G 190 -38.80 1.37 46.70
CA GLY G 190 -39.03 2.55 47.52
C GLY G 190 -40.36 2.54 48.26
N ARG G 191 -41.45 2.42 47.51
CA ARG G 191 -42.79 2.47 48.09
C ARG G 191 -43.26 1.12 48.63
N PHE G 192 -42.38 0.13 48.71
CA PHE G 192 -42.69 -1.18 49.25
C PHE G 192 -41.75 -1.50 50.40
N SER G 193 -42.26 -2.19 51.42
CA SER G 193 -41.46 -2.56 52.58
C SER G 193 -41.79 -4.00 52.95
N ILE G 194 -40.83 -4.90 52.74
CA ILE G 194 -41.00 -6.32 53.06
C ILE G 194 -40.19 -6.64 54.31
N SER G 195 -40.78 -7.43 55.20
CA SER G 195 -40.13 -7.76 56.46
C SER G 195 -40.75 -9.04 57.01
N ARG G 196 -40.07 -9.61 58.01
CA ARG G 196 -40.54 -10.81 58.69
C ARG G 196 -40.60 -10.57 60.19
N ASP G 197 -40.84 -11.63 60.96
CA ASP G 197 -40.92 -11.52 62.41
C ASP G 197 -40.41 -12.80 63.03
N ASP G 198 -40.03 -12.71 64.31
CA ASP G 198 -39.53 -13.86 65.06
C ASP G 198 -40.64 -14.81 65.51
N SER G 199 -41.89 -14.52 65.16
CA SER G 199 -43.01 -15.38 65.52
C SER G 199 -43.08 -16.56 64.55
N LYS G 200 -44.21 -17.25 64.55
CA LYS G 200 -44.41 -18.38 63.65
C LYS G 200 -44.34 -17.92 62.19
N ASN G 201 -44.35 -18.89 61.29
CA ASN G 201 -44.16 -18.65 59.86
C ASN G 201 -45.11 -17.55 59.37
N SER G 202 -44.52 -16.44 58.93
CA SER G 202 -45.28 -15.28 58.49
C SER G 202 -44.40 -14.42 57.61
N LEU G 203 -45.04 -13.46 56.93
CA LEU G 203 -44.33 -12.54 56.04
C LEU G 203 -45.18 -11.31 55.85
N TYR G 204 -44.60 -10.13 56.06
CA TYR G 204 -45.30 -8.86 55.98
C TYR G 204 -44.77 -8.06 54.79
N LEU G 205 -45.69 -7.47 54.03
CA LEU G 205 -45.35 -6.65 52.88
C LEU G 205 -46.29 -5.44 52.85
N GLN G 206 -45.76 -4.27 53.21
CA GLN G 206 -46.53 -3.03 53.21
C GLN G 206 -46.32 -2.30 51.90
N MET G 207 -47.42 -1.84 51.30
CA MET G 207 -47.41 -1.13 50.02
C MET G 207 -47.75 0.33 50.24
N ASN G 208 -47.12 1.20 49.45
CA ASN G 208 -47.36 2.64 49.52
C ASN G 208 -47.44 3.20 48.11
N SER G 209 -48.02 4.39 48.00
CA SER G 209 -48.19 5.09 46.72
C SER G 209 -48.93 4.22 45.71
N LEU G 210 -50.16 3.87 46.06
CA LEU G 210 -50.98 3.02 45.20
C LEU G 210 -51.41 3.80 43.96
N ARG G 211 -50.96 3.33 42.79
CA ARG G 211 -51.29 3.97 41.52
C ARG G 211 -52.42 3.24 40.78
N THR G 212 -53.16 2.39 41.49
CA THR G 212 -54.33 1.63 41.01
C THR G 212 -53.98 0.57 39.98
N GLU G 213 -52.72 0.49 39.54
CA GLU G 213 -52.29 -0.55 38.60
C GLU G 213 -51.70 -1.75 39.34
N ASP G 214 -52.46 -2.28 40.30
CA ASP G 214 -51.97 -3.41 41.10
C ASP G 214 -52.99 -4.53 41.23
N THR G 215 -53.89 -4.66 40.26
CA THR G 215 -54.90 -5.73 40.29
C THR G 215 -54.23 -7.05 39.94
N ALA G 216 -53.84 -7.80 40.97
CA ALA G 216 -53.16 -9.08 40.78
C ALA G 216 -53.51 -9.99 41.96
N LEU G 217 -52.75 -11.07 42.11
CA LEU G 217 -52.97 -12.04 43.17
C LEU G 217 -51.91 -12.03 44.25
N TYR G 218 -50.69 -11.60 43.93
CA TYR G 218 -49.59 -11.50 44.89
C TYR G 218 -49.30 -12.85 45.56
N TYR G 219 -48.85 -13.79 44.74
CA TYR G 219 -48.49 -15.12 45.23
C TYR G 219 -47.31 -15.03 46.19
N CYS G 220 -47.49 -15.60 47.38
CA CYS G 220 -46.42 -15.70 48.38
C CYS G 220 -45.67 -17.01 48.14
N ALA G 221 -44.73 -16.97 47.19
CA ALA G 221 -44.07 -18.18 46.73
C ALA G 221 -42.94 -18.58 47.66
N LYS G 222 -42.82 -19.88 47.90
CA LYS G 222 -41.77 -20.44 48.73
C LYS G 222 -40.59 -20.85 47.86
N ASP G 223 -39.39 -20.61 48.37
CA ASP G 223 -38.15 -20.98 47.69
C ASP G 223 -37.41 -22.03 48.51
N ARG G 224 -36.23 -22.41 48.00
CA ARG G 224 -35.39 -23.41 48.67
C ARG G 224 -34.03 -22.89 49.11
N SER G 225 -33.55 -21.80 48.54
CA SER G 225 -32.25 -21.26 48.92
C SER G 225 -32.34 -20.57 50.28
N TYR G 226 -31.18 -20.09 50.76
CA TYR G 226 -31.10 -19.40 52.04
C TYR G 226 -30.82 -17.92 51.90
N GLY G 227 -29.76 -17.55 51.18
CA GLY G 227 -29.46 -16.17 50.94
C GLY G 227 -30.24 -15.60 49.77
N PRO G 228 -29.99 -14.33 49.46
CA PRO G 228 -30.65 -13.69 48.33
C PRO G 228 -30.21 -14.33 47.02
N PRO G 229 -31.13 -14.51 46.06
CA PRO G 229 -30.77 -15.16 44.81
C PRO G 229 -29.91 -14.28 43.90
N ASP G 230 -28.79 -13.79 44.42
CA ASP G 230 -27.87 -13.00 43.62
C ASP G 230 -26.45 -13.56 43.74
N VAL G 231 -26.16 -14.21 44.87
CA VAL G 231 -24.86 -14.83 45.10
C VAL G 231 -24.94 -16.30 44.75
N PHE G 232 -26.13 -16.89 44.93
CA PHE G 232 -26.37 -18.30 44.63
C PHE G 232 -27.06 -18.37 43.27
N ASN G 233 -26.26 -18.42 42.21
CA ASN G 233 -26.77 -18.40 40.84
C ASN G 233 -26.95 -19.80 40.26
N TYR G 234 -26.92 -20.83 41.10
CA TYR G 234 -27.13 -22.19 40.62
C TYR G 234 -28.09 -23.00 41.50
N GLU G 235 -28.42 -22.53 42.70
CA GLU G 235 -29.35 -23.22 43.58
C GLU G 235 -30.70 -22.53 43.69
N TYR G 236 -30.80 -21.26 43.28
CA TYR G 236 -32.05 -20.53 43.42
C TYR G 236 -33.16 -21.18 42.60
N GLY G 237 -34.32 -21.34 43.23
CA GLY G 237 -35.48 -21.92 42.56
C GLY G 237 -36.75 -21.38 43.15
N MET G 238 -37.80 -22.22 43.19
CA MET G 238 -39.07 -21.81 43.76
C MET G 238 -39.87 -23.07 44.08
N ASP G 239 -40.20 -23.27 45.35
CA ASP G 239 -40.89 -24.46 45.79
C ASP G 239 -42.39 -24.34 45.50
N VAL G 240 -43.18 -25.23 46.10
CA VAL G 240 -44.61 -25.26 45.85
C VAL G 240 -45.23 -23.92 46.19
N TRP G 241 -46.16 -23.47 45.34
CA TRP G 241 -46.82 -22.18 45.51
C TRP G 241 -47.90 -22.28 46.58
N GLY G 242 -48.71 -21.23 46.70
CA GLY G 242 -49.79 -21.22 47.67
C GLY G 242 -50.99 -20.47 47.14
N GLN G 243 -52.15 -20.76 47.73
CA GLN G 243 -53.40 -20.11 47.34
C GLN G 243 -53.35 -18.64 47.71
N GLY G 244 -53.35 -17.77 46.70
CA GLY G 244 -53.30 -16.34 46.94
C GLY G 244 -54.66 -15.68 46.91
N THR G 245 -54.74 -14.51 47.52
CA THR G 245 -55.97 -13.73 47.57
C THR G 245 -56.08 -12.84 46.34
N THR G 246 -57.32 -12.55 45.95
CA THR G 246 -57.60 -11.73 44.78
C THR G 246 -57.84 -10.30 45.24
N VAL G 247 -56.81 -9.47 45.21
CA VAL G 247 -56.92 -8.07 45.59
C VAL G 247 -57.19 -7.25 44.34
N THR G 248 -58.32 -6.55 44.32
CA THR G 248 -58.73 -5.71 43.20
C THR G 248 -59.02 -4.32 43.72
N VAL G 249 -58.06 -3.41 43.55
CA VAL G 249 -58.26 -2.03 43.99
C VAL G 249 -59.29 -1.33 43.13
N SER G 250 -59.07 -1.31 41.81
CA SER G 250 -59.99 -0.71 40.84
C SER G 250 -60.30 0.75 41.17
N SER G 251 -59.31 1.46 41.72
CA SER G 251 -59.44 2.86 42.09
C SER G 251 -60.61 3.10 43.04
C1 NAG H . -1.47 -5.35 -84.23
C2 NAG H . -1.26 -5.53 -85.73
C3 NAG H . -2.27 -4.68 -86.46
C4 NAG H . -3.66 -5.11 -86.04
C5 NAG H . -3.78 -4.95 -84.53
C6 NAG H . -5.14 -5.42 -84.06
C7 NAG H . 1.02 -6.05 -86.30
C8 NAG H . 2.16 -5.63 -87.19
N2 NAG H . 0.07 -5.14 -86.13
O3 NAG H . -2.10 -4.88 -87.87
O4 NAG H . -4.64 -4.30 -86.69
O5 NAG H . -2.79 -5.73 -83.89
O6 NAG H . -5.22 -6.83 -84.31
O7 NAG H . 0.98 -7.15 -85.78
C1 NAG I . 29.60 1.24 -73.56
C2 NAG I . 30.36 1.43 -74.85
C3 NAG I . 31.77 1.90 -74.56
C4 NAG I . 31.72 3.18 -73.78
C5 NAG I . 30.92 2.94 -72.51
C6 NAG I . 30.79 4.22 -71.70
C7 NAG I . 29.71 -0.03 -76.60
C8 NAG I . 29.21 -1.43 -76.79
N2 NAG I . 30.46 0.17 -75.54
O3 NAG I . 32.44 2.12 -75.81
O4 NAG I . 33.05 3.62 -73.46
O5 NAG I . 29.61 2.47 -72.85
O6 NAG I . 32.11 4.76 -71.48
O7 NAG I . 29.47 0.87 -77.39
C1 NAG J . 43.87 0.70 -56.56
C2 NAG J . 45.23 0.97 -57.17
C3 NAG J . 46.10 1.76 -56.20
C4 NAG J . 45.39 3.05 -55.88
C5 NAG J . 44.03 2.71 -55.31
C6 NAG J . 43.23 3.98 -54.98
C7 NAG J . 45.68 -0.78 -58.69
C8 NAG J . 46.08 -2.22 -58.86
N2 NAG J . 45.89 -0.26 -57.49
O3 NAG J . 47.37 2.03 -56.80
O4 NAG J . 46.17 3.82 -54.96
O5 NAG J . 43.28 1.95 -56.25
O6 NAG J . 44.01 4.85 -54.15
O7 NAG J . 45.19 -0.12 -59.59
C1 NAG K . 21.48 -5.30 -91.89
C2 NAG K . 22.61 -4.30 -91.93
C3 NAG K . 23.51 -4.52 -93.11
C4 NAG K . 23.99 -5.94 -93.10
C5 NAG K . 22.81 -6.89 -93.04
C6 NAG K . 23.38 -8.30 -93.01
C7 NAG K . 21.01 -2.70 -92.75
C8 NAG K . 21.26 -2.35 -94.19
N2 NAG K . 22.07 -2.97 -91.99
O3 NAG K . 24.62 -3.63 -93.03
O4 NAG K . 24.74 -6.19 -94.29
O5 NAG K . 21.98 -6.62 -91.90
O6 NAG K . 22.44 -9.21 -93.57
O7 NAG K . 19.87 -2.73 -92.30
C1 NAG L . 5.52 -17.39 -97.11
C2 NAG L . 4.43 -16.36 -96.90
C3 NAG L . 3.09 -16.98 -97.19
C4 NAG L . 3.09 -17.49 -98.61
C5 NAG L . 4.22 -18.49 -98.77
C6 NAG L . 4.25 -19.02 -100.19
C7 NAG L . 5.08 -14.80 -95.21
C8 NAG L . 5.12 -14.46 -93.76
N2 NAG L . 4.41 -15.89 -95.54
O3 NAG L . 2.08 -15.97 -97.03
O4 NAG L . 1.84 -18.11 -98.89
O5 NAG L . 5.46 -17.85 -98.45
O6 NAG L . 2.99 -19.64 -100.51
O7 NAG L . 5.64 -14.13 -96.06
C1 NAG M . 7.47 -18.06 40.01
C2 NAG M . 6.35 -17.28 39.35
C3 NAG M . 6.90 -16.00 38.76
C4 NAG M . 7.56 -15.21 39.87
C5 NAG M . 8.65 -16.07 40.52
C6 NAG M . 9.31 -15.33 41.67
C7 NAG M . 6.45 -18.97 37.60
C8 NAG M . 6.96 -18.44 36.29
N2 NAG M . 5.75 -18.10 38.33
O3 NAG M . 5.84 -15.24 38.19
O4 NAG M . 8.12 -14.03 39.33
O5 NAG M . 8.07 -17.27 41.02
O6 NAG M . 9.90 -14.12 41.19
O7 NAG M . 6.66 -20.11 37.95
C1 NAG N . 10.10 -44.85 -1.16
C2 NAG N . 10.51 -45.96 -0.22
C3 NAG N . 10.54 -47.29 -0.94
C4 NAG N . 9.21 -47.55 -1.61
C5 NAG N . 8.84 -46.39 -2.52
C6 NAG N . 7.44 -46.57 -3.10
C7 NAG N . 12.90 -45.85 -0.51
C8 NAG N . 14.02 -46.69 0.04
N2 NAG N . 11.84 -45.73 0.27
O3 NAG N . 10.81 -48.33 0.01
O4 NAG N . 9.30 -48.76 -2.38
O5 NAG N . 8.87 -45.16 -1.78
O6 NAG N . 7.36 -47.81 -3.81
O7 NAG N . 12.98 -45.33 -1.61
C1 NAG O . 39.25 28.62 6.10
C2 NAG O . 39.42 29.25 4.72
C3 NAG O . 40.68 28.73 4.06
C4 NAG O . 41.86 29.01 4.97
C5 NAG O . 41.62 28.39 6.34
C6 NAG O . 42.76 28.72 7.28
C7 NAG O . 37.13 29.62 4.01
C8 NAG O . 36.00 29.16 3.16
N2 NAG O . 38.28 28.96 3.89
O3 NAG O . 40.85 29.39 2.81
O4 NAG O . 43.04 28.45 4.40
O5 NAG O . 40.39 28.89 6.90
O6 NAG O . 44.02 28.68 6.60
O7 NAG O . 37.01 30.54 4.80
C1 NAG P . 42.54 0.40 -14.52
C2 NAG P . 43.88 0.46 -13.83
C3 NAG P . 44.97 0.89 -14.79
C4 NAG P . 44.96 -0.02 -16.00
C5 NAG P . 43.58 -0.06 -16.62
C6 NAG P . 43.55 -1.07 -17.77
C7 NAG P . 43.49 0.98 -11.49
C8 NAG P . 44.63 0.93 -10.53
N2 NAG P . 43.81 1.38 -12.72
O3 NAG P . 46.24 0.82 -14.13
O4 NAG P . 45.91 0.44 -16.96
O5 NAG P . 42.60 -0.44 -15.66
O6 NAG P . 43.71 -2.38 -17.23
O7 NAG P . 42.35 0.68 -11.20
C1 NAG Q . 49.16 -13.00 -63.94
C2 NAG Q . 50.42 -13.17 -63.11
C3 NAG Q . 50.87 -11.82 -62.61
C4 NAG Q . 51.12 -10.94 -63.82
C5 NAG Q . 49.84 -10.84 -64.63
C6 NAG Q . 50.04 -9.97 -65.85
C7 NAG Q . 50.34 -15.34 -62.10
C8 NAG Q . 50.08 -16.14 -60.86
N2 NAG Q . 50.17 -14.03 -61.98
O3 NAG Q . 52.08 -11.96 -61.87
O4 NAG Q . 51.50 -9.63 -63.39
O5 NAG Q . 49.44 -12.15 -65.04
O6 NAG Q . 51.01 -10.57 -66.71
O7 NAG Q . 50.68 -15.84 -63.15
C1 NAG R . 34.18 -41.84 -53.57
C2 NAG R . 35.08 -42.95 -54.07
C3 NAG R . 34.64 -44.28 -53.52
C4 NAG R . 34.68 -44.20 -52.01
C5 NAG R . 33.78 -43.07 -51.57
C6 NAG R . 33.81 -42.90 -50.05
C7 NAG R . 35.82 -42.18 -56.20
C8 NAG R . 35.29 -41.71 -57.52
N2 NAG R . 35.03 -42.98 -55.51
O3 NAG R . 35.53 -45.29 -53.97
O4 NAG R . 34.23 -45.44 -51.46
O5 NAG R . 34.23 -41.86 -52.15
O6 NAG R . 33.38 -44.12 -49.43
O7 NAG R . 36.90 -41.86 -55.77
C1 NAG S . 16.84 -50.48 -43.72
C2 NAG S . 17.46 -51.86 -43.76
C3 NAG S . 16.91 -52.70 -42.62
C4 NAG S . 17.21 -51.99 -41.32
C5 NAG S . 16.60 -50.61 -41.36
C6 NAG S . 16.90 -49.86 -40.07
C7 NAG S . 16.07 -52.24 -45.73
C8 NAG S . 14.81 -52.88 -45.27
N2 NAG S . 17.16 -52.50 -45.02
O3 NAG S . 17.54 -53.97 -42.64
O4 NAG S . 16.66 -52.74 -40.23
O5 NAG S . 17.12 -49.89 -42.46
O6 NAG S . 16.56 -50.70 -38.96
O7 NAG S . 16.12 -51.51 -46.70
C1 NAG T . 46.35 -36.69 -70.03
C2 NAG T . 47.50 -37.67 -69.90
C3 NAG T . 47.69 -38.42 -71.19
C4 NAG T . 46.41 -39.14 -71.54
C5 NAG T . 45.28 -38.12 -71.62
C6 NAG T . 43.96 -38.81 -71.93
C7 NAG T . 49.04 -36.67 -68.34
C8 NAG T . 50.48 -36.29 -68.13
N2 NAG T . 48.71 -36.94 -69.59
O3 NAG T . 48.72 -39.39 -71.03
O4 NAG T . 46.59 -39.80 -72.78
O5 NAG T . 45.16 -37.41 -70.38
O6 NAG T . 44.06 -39.45 -73.20
O7 NAG T . 48.24 -36.72 -67.42
C1 NAG U . 49.05 -20.09 -82.03
C2 NAG U . 50.08 -19.23 -81.32
C3 NAG U . 50.35 -17.97 -82.12
C4 NAG U . 50.85 -18.39 -83.49
C5 NAG U . 49.80 -19.27 -84.15
C6 NAG U . 50.26 -19.79 -85.50
C7 NAG U . 49.95 -19.76 -79.02
C8 NAG U . 49.17 -19.62 -77.74
N2 NAG U . 49.65 -18.91 -79.99
O3 NAG U . 51.33 -17.17 -81.46
O4 NAG U . 51.09 -17.20 -84.27
O5 NAG U . 49.56 -20.41 -83.33
O6 NAG U . 50.73 -18.71 -86.32
O7 NAG U . 50.79 -20.63 -79.19
C1 NAG V . -38.29 8.94 -37.54
C2 NAG V . -38.79 7.91 -38.52
C3 NAG V . -38.98 8.56 -39.87
C4 NAG V . -39.94 9.72 -39.71
C5 NAG V . -39.38 10.68 -38.68
C6 NAG V . -40.33 11.87 -38.47
C7 NAG V . -37.93 5.78 -37.79
C8 NAG V . -37.41 4.48 -38.35
N2 NAG V . -37.86 6.81 -38.60
O3 NAG V . -39.51 7.60 -40.80
O4 NAG V . -40.11 10.39 -40.96
O5 NAG V . -39.20 10.02 -37.43
O6 NAG V . -39.72 12.81 -37.58
O7 NAG V . -38.39 5.85 -36.66
C1 NAG W . -9.14 -40.68 17.98
C2 NAG W . -7.87 -41.27 17.39
C3 NAG W . -8.17 -42.43 16.48
C4 NAG W . -8.95 -43.47 17.24
C5 NAG W . -10.19 -42.84 17.83
C6 NAG W . -10.93 -43.87 18.68
C7 NAG W . -6.19 -39.57 17.16
C8 NAG W . -5.18 -39.03 16.19
N2 NAG W . -7.18 -40.26 16.62
O3 NAG W . -6.93 -42.99 16.05
O4 NAG W . -9.33 -44.52 16.34
O5 NAG W . -9.85 -41.73 18.65
O6 NAG W . -11.28 -44.98 17.86
O7 NAG W . -6.12 -39.39 18.37
C1 NAG X . 9.54 -52.57 -58.96
C2 NAG X . 10.68 -53.43 -58.44
C3 NAG X . 10.28 -54.13 -57.17
C4 NAG X . 9.79 -53.10 -56.17
C5 NAG X . 8.68 -52.25 -56.75
C6 NAG X . 8.29 -51.10 -55.83
C7 NAG X . 11.81 -54.05 -60.44
C8 NAG X . 11.42 -54.60 -61.78
N2 NAG X . 11.04 -54.42 -59.42
O3 NAG X . 11.42 -54.82 -56.65
O4 NAG X . 9.34 -53.76 -54.99
O5 NAG X . 9.11 -51.66 -57.97
O6 NAG X . 9.36 -50.15 -55.75
O7 NAG X . 12.76 -53.31 -60.29
C1 NAG Y . -7.27 -29.24 -73.35
C2 NAG Y . -7.78 -29.93 -74.60
C3 NAG Y . -8.62 -28.96 -75.38
C4 NAG Y . -9.76 -28.53 -74.49
C5 NAG Y . -9.19 -27.88 -73.25
C6 NAG Y . -10.30 -27.43 -72.32
C7 NAG Y . -5.49 -29.87 -75.50
C8 NAG Y . -5.38 -28.60 -76.28
N2 NAG Y . -6.69 -30.43 -75.41
O3 NAG Y . -9.11 -29.59 -76.56
O4 NAG Y . -10.60 -27.61 -75.20
O5 NAG Y . -8.38 -28.83 -72.58
O6 NAG Y . -11.20 -26.56 -73.01
O7 NAG Y . -4.52 -30.37 -74.96
C1 NAG Z . -12.85 -7.65 -71.83
C2 NAG Z . -13.81 -7.63 -73.00
C3 NAG Z . -15.03 -6.80 -72.68
C4 NAG Z . -15.69 -7.35 -71.43
C5 NAG Z . -14.68 -7.36 -70.30
C6 NAG Z . -15.28 -7.97 -69.04
C7 NAG Z . -12.26 -7.63 -74.85
C8 NAG Z . -11.44 -6.73 -75.71
N2 NAG Z . -13.18 -7.01 -74.13
O3 NAG Z . -15.94 -6.88 -73.77
O4 NAG Z . -16.82 -6.54 -71.09
O5 NAG Z . -13.54 -8.13 -70.68
O6 NAG Z . -15.56 -9.35 -69.27
O7 NAG Z . -12.10 -8.82 -74.82
C1 NAG AA . 3.02 -45.97 -80.83
C2 NAG AA . 1.75 -45.75 -81.62
C3 NAG AA . 1.91 -46.25 -83.03
C4 NAG AA . 3.08 -45.54 -83.66
C5 NAG AA . 4.32 -45.76 -82.81
C6 NAG AA . 5.47 -45.00 -83.42
C7 NAG AA . 0.84 -47.64 -80.41
C8 NAG AA . 0.63 -48.84 -81.28
N2 NAG AA . 0.66 -46.46 -80.98
O3 NAG AA . 0.73 -45.95 -83.77
O4 NAG AA . 3.30 -46.08 -84.96
O5 NAG AA . 4.10 -45.31 -81.48
O6 NAG AA . 5.84 -45.64 -84.65
O7 NAG AA . 1.14 -47.74 -79.23
C1 NAG BA . 20.30 -55.62 -76.15
C2 NAG BA . 19.78 -56.63 -75.14
C3 NAG BA . 20.98 -57.36 -74.56
C4 NAG BA . 21.75 -57.99 -75.70
C5 NAG BA . 22.18 -56.93 -76.69
C6 NAG BA . 22.91 -57.55 -77.87
C7 NAG BA . 18.77 -56.39 -72.94
C8 NAG BA . 19.13 -55.48 -71.81
N2 NAG BA . 19.01 -55.92 -74.15
O3 NAG BA . 20.56 -58.40 -73.68
O4 NAG BA . 22.90 -58.66 -75.16
O5 NAG BA . 21.04 -56.26 -77.18
O6 NAG BA . 23.99 -58.36 -77.39
O7 NAG BA . 18.29 -57.50 -72.77
#